data_8GWE
#
_entry.id   8GWE
#
_cell.length_a   1.00
_cell.length_b   1.00
_cell.length_c   1.00
_cell.angle_alpha   90.00
_cell.angle_beta   90.00
_cell.angle_gamma   90.00
#
_symmetry.space_group_name_H-M   'P 1'
#
loop_
_entity.id
_entity.type
_entity.pdbx_description
1 polymer 'RNA-directed RNA polymerase'
2 polymer 'Non-structural protein 8'
3 polymer 'Replicase polyprotein 1a'
4 polymer 'Helicase nsp13'
5 polymer 'Non-structural protein 9'
6 polymer "RNA (5'-R(P*AP*UP*UP*A)-3')"
7 polymer primer
8 polymer template
9 non-polymer 'ZINC ION'
10 non-polymer 'PHOSPHOAMINOPHOSPHONIC ACID-GUANYLATE ESTER'
11 non-polymer 'MAGNESIUM ION'
12 water water
#
loop_
_entity_poly.entity_id
_entity_poly.type
_entity_poly.pdbx_seq_one_letter_code
_entity_poly.pdbx_strand_id
1 'polypeptide(L)'
;SADAQSFLNRVCGVSAARLTPCGTGTSTDVVYRAFDIYNDKVAGFAKFLKTNCCRFQEKDEDDNLIDSYFVVKRHTFSNY
QHEETIYNLLKDCPAVAKHDFFKFRIDGDMVPHISRQRLTKYTMADLVYALRHFDEGNCDTLKEILVTYNCCDDDYFNKK
DWYDFVENPDILRVYANLGERVRQALLKTVQFCDAMRNAGIVGVLTLDNQDLNGNWYDFGDFIQTTPGSGVPVVDSYYSL
LMPILTLTRALTAESHVDTDLTKPYIKWDLLKYDFTEERLKLFDRYFKYWDQTYHPNCVNCLDDRCILHCANFNVLFSTV
FPPTSFGPLVRKIFVDGVPFVVSTGYHFRELGVVHNQDVNLHSSRLSFKELLVYAADPAMHAASGNLLLDKRTTCFSVAA
LTNNVAFQTVKPGNFNKDFYDFAVSKGFFKEGSSVELKHFFFAQDGNAAISDYDYYRYNLPTMCDIRQLLFVVEVVDKYF
DCYDGGCINANQVIVNNLDKSAGFPFNKWGKARLYYDSMSYEDQDALFAYTKRNVIPTITQMNLKYAISAKNRARTVAGV
SICSTMTNRQFHQKLLKSIAATRGATVVIGTSKFYGGWHNMLKTVYSDVENPHLMGWDYPKCDRAMPNMLRIMASLVLAR
KHTTCCSLSHRFYRLANECAQVLSEMVMCGGSLYVKPGGTSSGDATTAYANSVFNICQAVTANVNALLSTDGNKIADKYV
RNLQHRLYECLYRNRDVDTDFVNEFYAYLRKHFSMMILSDDAVVCFNSTYASQGLVASIKNFKSVLYYQNNVFMSEAKCW
TETDLTKGPHEFCSQHTMLVKQGDDYVYLPYPDPSRILGAGCFVDDIVKTDGTLMIERFVSLAIDAYPLTKHPNQEYADV
FHLYLQYIRKLHDELTGHMLDMYSVMLTNDNTSRYWEPEFYEAMYTPHTVLQ
;
A
2 'polypeptide(L)'
;AIASEFSSLPSYAAFATAQEAYEQAVANGDSEVVLKKLKKSLNVAKSEFDRDAAMQRKLEKMADQAMTQMYKQARSEDKR
AKVTSAMQTMLFTMLRKLDNDALNNIINNARDGCVPLNIIPLTTAAKLMVVIPDYNTYKNTCDGTTFTYASALWEIQQVV
DADSKIVQLSEISMDNSPNLAWPLIVTALRANSAVKLQ
;
B,D
3 'polypeptide(L)' SKMSDVKCTSVVLLSVLQQLRVESSSKLWAQCVQLHNDILLAKDTTEAFEKMVSLLSVLLSMQGAVDINKLCEEMLDN C
4 'polypeptide(L)'
;AVGACVLCNSQTSLRCGACIRRPFLCCKCCYDHVISTSHKLVLSVNPYVCNAPGCDVTDVTQLYLGGMSYYCKSHKPPIS
FPLCANGQVFGLYKNTCVGSDNVTDFNAIATCDWTNAGDYILANTCTERLKLFAAETLKATEETFKLSYGIATVREVLSD
RELHLSWEVGKPRPPLNRNYVFTGYRVTKNSKVQIGEYTFEKGDYGDAVVYRGTTTYKLNVGDYFVLTSHTVMPLSAPTL
VPQEHYVRITGLYPTLNISDEFSSNVANYQKVGMQKYSTLQGPPGTGKSHFAIGLALYYPSARIVYTACSHAAVDALCEK
ALKYLPIDKCSRIIPARARVECFDKFKVNSTLEQYVFCTVNALPETTADIVVFDEISMATNYDLSVVNARLRAKHYVYIG
DPAQLPAPRTLLTKGTLEPEYFNSVCRLMKTIGPDMFLGTCRRCPAEIVDTVSALVYDNKLKAHKDKSAQCFKMFYKGVI
THDVSSAINRPQIGVVREFLTRNPAWRKAVFISPYNSQNAVASKILGLPTQTVDSSQGSEYDYVIFTQTTETAHSCNVNR
FNVAITRAKVGILCIMSDRDLYDKLQFTSLEIP
;
E,F
5 'polypeptide(L)'
;NNELSPVALRQMSCAAGTTQTACTDDNALAYYNTTKGGRFVLALLSDLQDLKWARFPKSDGTGTIYTELEPPCRFVTDTP
KGPKVKYLYFIKGLNNLNRGMVLGSLAATVRLQ
;
G
6 'polyribonucleotide' AUUA H
7 'polyribonucleotide' GCGGUAGUAGCAUGCUAGGGAGCAG I
8 'polyribonucleotide' UGACUGCUCCCUAGCAUGCUACUACCG J
#
loop_
_chem_comp.id
_chem_comp.type
_chem_comp.name
_chem_comp.formula
A RNA linking ADENOSINE-5'-MONOPHOSPHATE 'C10 H14 N5 O7 P'
C RNA linking CYTIDINE-5'-MONOPHOSPHATE 'C9 H14 N3 O8 P'
G RNA linking GUANOSINE-5'-MONOPHOSPHATE 'C10 H14 N5 O8 P'
GNP non-polymer 'PHOSPHOAMINOPHOSPHONIC ACID-GUANYLATE ESTER' 'C10 H17 N6 O13 P3'
MG non-polymer 'MAGNESIUM ION' 'Mg 2'
U RNA linking URIDINE-5'-MONOPHOSPHATE 'C9 H13 N2 O9 P'
ZN non-polymer 'ZINC ION' 'Zn 2'
#
# COMPACT_ATOMS: atom_id res chain seq x y z
N SER A 1 -19.93 -19.60 -90.20
CA SER A 1 -21.07 -20.35 -90.73
C SER A 1 -21.45 -21.49 -89.80
N ALA A 2 -22.73 -21.55 -89.44
CA ALA A 2 -23.25 -22.53 -88.49
C ALA A 2 -22.40 -22.53 -87.22
N ASP A 3 -21.84 -23.69 -86.89
CA ASP A 3 -20.92 -23.88 -85.76
C ASP A 3 -21.24 -22.98 -84.57
N ALA A 4 -20.75 -21.74 -84.60
CA ALA A 4 -20.90 -20.83 -83.48
C ALA A 4 -22.37 -20.58 -83.14
N GLN A 5 -23.22 -20.39 -84.14
CA GLN A 5 -24.63 -20.14 -83.92
C GLN A 5 -25.44 -21.42 -83.79
N SER A 6 -24.83 -22.58 -84.03
CA SER A 6 -25.44 -23.86 -83.73
C SER A 6 -24.97 -24.46 -82.42
N PHE A 7 -23.68 -24.36 -82.11
CA PHE A 7 -23.19 -24.68 -80.78
C PHE A 7 -23.86 -23.81 -79.72
N LEU A 8 -24.18 -22.56 -80.07
CA LEU A 8 -24.83 -21.66 -79.11
C LEU A 8 -26.21 -22.19 -78.72
N ASN A 9 -27.01 -22.59 -79.71
CA ASN A 9 -28.34 -23.09 -79.37
C ASN A 9 -28.34 -24.56 -78.98
N ARG A 10 -27.21 -25.26 -79.11
CA ARG A 10 -27.13 -26.59 -78.50
C ARG A 10 -26.75 -26.50 -77.02
N VAL A 11 -25.80 -25.62 -76.68
CA VAL A 11 -25.51 -25.34 -75.28
C VAL A 11 -26.73 -24.73 -74.61
N CYS A 12 -27.43 -23.87 -75.35
CA CYS A 12 -28.72 -23.35 -74.90
C CYS A 12 -29.65 -24.51 -74.59
N GLY A 13 -30.12 -24.58 -73.35
CA GLY A 13 -30.82 -25.78 -72.92
C GLY A 13 -32.30 -25.76 -73.25
N VAL A 14 -33.15 -25.95 -72.25
CA VAL A 14 -34.58 -26.03 -72.47
C VAL A 14 -35.33 -25.11 -71.52
N SER A 15 -34.61 -24.35 -70.70
CA SER A 15 -35.31 -23.57 -69.68
C SER A 15 -35.63 -22.14 -70.13
N ALA A 16 -34.61 -21.30 -70.26
CA ALA A 16 -34.79 -20.02 -70.94
C ALA A 16 -33.63 -19.73 -71.88
N ALA A 17 -32.41 -20.00 -71.40
CA ALA A 17 -31.18 -19.92 -72.18
C ALA A 17 -31.05 -18.66 -73.02
N ARG A 18 -31.02 -17.49 -72.40
CA ARG A 18 -30.66 -16.25 -73.10
C ARG A 18 -29.16 -16.05 -72.93
N LEU A 19 -28.39 -16.55 -73.88
CA LEU A 19 -26.94 -16.65 -73.74
C LEU A 19 -26.23 -15.66 -74.67
N THR A 20 -24.99 -15.34 -74.29
CA THR A 20 -24.09 -14.51 -75.09
C THR A 20 -22.66 -15.01 -74.91
N PRO A 21 -21.92 -15.21 -75.99
CA PRO A 21 -20.57 -15.78 -75.86
C PRO A 21 -19.61 -14.81 -75.17
N CYS A 22 -18.59 -15.38 -74.53
CA CYS A 22 -17.58 -14.59 -73.82
C CYS A 22 -16.39 -14.38 -74.76
N GLY A 23 -16.64 -13.68 -75.85
CA GLY A 23 -15.61 -13.34 -76.81
C GLY A 23 -14.91 -14.53 -77.43
N THR A 24 -15.69 -15.51 -77.88
CA THR A 24 -15.13 -16.72 -78.49
C THR A 24 -16.01 -17.10 -79.67
N GLY A 25 -15.57 -18.10 -80.43
CA GLY A 25 -16.37 -18.69 -81.47
C GLY A 25 -16.79 -20.09 -81.08
N THR A 26 -16.08 -21.10 -81.60
CA THR A 26 -16.26 -22.46 -81.12
C THR A 26 -15.04 -22.93 -80.32
N SER A 27 -14.06 -22.05 -80.10
CA SER A 27 -12.83 -22.39 -79.41
C SER A 27 -12.97 -22.19 -77.91
N THR A 28 -11.93 -22.59 -77.18
CA THR A 28 -11.93 -22.55 -75.73
C THR A 28 -11.57 -21.15 -75.22
N ASP A 29 -11.67 -20.98 -73.91
CA ASP A 29 -11.35 -19.73 -73.24
C ASP A 29 -10.29 -20.00 -72.18
N VAL A 30 -9.36 -19.05 -72.03
CA VAL A 30 -8.22 -19.18 -71.14
C VAL A 30 -8.33 -18.14 -70.03
N VAL A 31 -8.18 -18.59 -68.78
CA VAL A 31 -8.27 -17.73 -67.61
C VAL A 31 -7.13 -18.07 -66.65
N TYR A 32 -7.00 -17.27 -65.59
CA TYR A 32 -5.95 -17.42 -64.59
C TYR A 32 -6.61 -17.56 -63.23
N ARG A 33 -6.64 -18.79 -62.70
CA ARG A 33 -7.40 -19.06 -61.49
C ARG A 33 -6.58 -19.93 -60.56
N ALA A 34 -7.08 -20.09 -59.33
CA ALA A 34 -6.38 -20.81 -58.28
C ALA A 34 -6.93 -22.23 -58.12
N PHE A 35 -6.05 -23.20 -57.94
CA PHE A 35 -6.42 -24.60 -57.81
C PHE A 35 -5.69 -25.21 -56.61
N ASP A 36 -6.11 -26.43 -56.25
CA ASP A 36 -5.47 -27.19 -55.17
C ASP A 36 -5.12 -28.55 -55.75
N ILE A 37 -3.83 -28.77 -56.01
CA ILE A 37 -3.39 -29.88 -56.85
C ILE A 37 -2.60 -30.89 -56.03
N TYR A 38 -2.80 -32.16 -56.36
CA TYR A 38 -1.97 -33.26 -55.87
C TYR A 38 -2.05 -34.42 -56.84
N ASN A 39 -1.06 -34.57 -57.71
CA ASN A 39 -1.13 -35.57 -58.77
C ASN A 39 0.19 -36.32 -58.95
N ASP A 40 0.88 -36.60 -57.85
CA ASP A 40 2.08 -37.43 -57.70
C ASP A 40 3.35 -36.81 -58.27
N LYS A 41 3.26 -35.68 -58.97
CA LYS A 41 4.46 -35.01 -59.45
C LYS A 41 4.42 -33.52 -59.14
N VAL A 42 3.21 -32.99 -58.93
CA VAL A 42 3.02 -31.61 -58.54
C VAL A 42 2.10 -31.57 -57.32
N ALA A 43 2.27 -30.54 -56.51
CA ALA A 43 1.42 -30.32 -55.34
C ALA A 43 1.52 -28.86 -54.95
N GLY A 44 0.49 -28.38 -54.25
CA GLY A 44 0.48 -27.03 -53.75
C GLY A 44 -0.89 -26.39 -53.92
N PHE A 45 -0.95 -25.10 -53.57
CA PHE A 45 -2.17 -24.29 -53.66
C PHE A 45 -1.76 -22.97 -54.31
N ALA A 46 -1.80 -22.94 -55.65
CA ALA A 46 -1.28 -21.82 -56.42
C ALA A 46 -2.26 -21.47 -57.54
N LYS A 47 -1.88 -20.48 -58.34
CA LYS A 47 -2.71 -19.96 -59.42
C LYS A 47 -2.15 -20.47 -60.75
N PHE A 48 -2.82 -21.47 -61.33
CA PHE A 48 -2.44 -21.99 -62.63
C PHE A 48 -3.24 -21.31 -63.73
N LEU A 49 -3.17 -21.85 -64.96
CA LEU A 49 -3.83 -21.22 -66.09
C LEU A 49 -4.76 -22.23 -66.74
N LYS A 50 -6.06 -22.03 -66.59
CA LYS A 50 -7.06 -22.91 -67.17
C LYS A 50 -7.07 -22.77 -68.70
N THR A 51 -7.34 -23.89 -69.38
CA THR A 51 -7.19 -23.92 -70.83
C THR A 51 -8.41 -24.40 -71.60
N ASN A 52 -9.15 -25.40 -71.13
CA ASN A 52 -10.19 -26.05 -71.93
C ASN A 52 -11.57 -25.74 -71.34
N CYS A 53 -12.14 -24.62 -71.77
CA CYS A 53 -13.47 -24.21 -71.32
C CYS A 53 -14.01 -23.16 -72.28
N CYS A 54 -15.31 -23.25 -72.55
CA CYS A 54 -16.04 -22.22 -73.26
C CYS A 54 -17.17 -21.71 -72.37
N ARG A 55 -17.23 -20.40 -72.16
CA ARG A 55 -18.14 -19.80 -71.20
C ARG A 55 -19.14 -18.90 -71.92
N PHE A 56 -20.41 -19.02 -71.55
CA PHE A 56 -21.49 -18.21 -72.10
C PHE A 56 -22.22 -17.54 -70.94
N GLN A 57 -22.16 -16.21 -70.90
CA GLN A 57 -22.92 -15.49 -69.89
C GLN A 57 -24.40 -15.45 -70.27
N GLU A 58 -25.25 -15.28 -69.25
CA GLU A 58 -26.69 -15.34 -69.42
C GLU A 58 -27.30 -13.96 -69.19
N LYS A 59 -28.30 -13.62 -70.01
CA LYS A 59 -29.01 -12.36 -69.89
C LYS A 59 -30.39 -12.60 -69.27
N ASP A 60 -31.16 -11.52 -69.17
CA ASP A 60 -32.53 -11.60 -68.66
C ASP A 60 -33.43 -10.65 -69.44
N GLU A 61 -34.60 -10.34 -68.88
CA GLU A 61 -35.67 -9.61 -69.56
C GLU A 61 -35.19 -8.31 -70.20
N ASP A 62 -34.45 -7.49 -69.44
CA ASP A 62 -34.08 -6.17 -69.92
C ASP A 62 -32.72 -6.15 -70.61
N ASP A 63 -32.23 -7.33 -71.00
CA ASP A 63 -31.02 -7.46 -71.82
C ASP A 63 -29.81 -6.81 -71.14
N ASN A 64 -29.64 -7.08 -69.85
CA ASN A 64 -28.45 -6.70 -69.11
C ASN A 64 -27.84 -7.93 -68.47
N LEU A 65 -26.51 -8.02 -68.49
CA LEU A 65 -25.82 -9.23 -68.09
C LEU A 65 -26.06 -9.54 -66.61
N ILE A 66 -26.04 -10.84 -66.30
CA ILE A 66 -26.31 -11.33 -64.95
C ILE A 66 -25.18 -12.26 -64.54
N ASP A 67 -25.15 -12.63 -63.25
CA ASP A 67 -24.09 -13.46 -62.69
C ASP A 67 -24.47 -14.93 -62.85
N SER A 68 -24.52 -15.39 -64.09
CA SER A 68 -24.80 -16.79 -64.39
C SER A 68 -24.05 -17.17 -65.66
N TYR A 69 -23.33 -18.28 -65.62
CA TYR A 69 -22.49 -18.71 -66.72
C TYR A 69 -22.76 -20.17 -67.07
N PHE A 70 -22.59 -20.50 -68.35
CA PHE A 70 -22.68 -21.87 -68.84
C PHE A 70 -21.28 -22.27 -69.27
N VAL A 71 -20.67 -23.18 -68.52
CA VAL A 71 -19.29 -23.61 -68.77
C VAL A 71 -19.35 -24.99 -69.41
N VAL A 72 -18.88 -25.09 -70.65
CA VAL A 72 -18.87 -26.34 -71.39
C VAL A 72 -17.43 -26.69 -71.74
N LYS A 73 -17.03 -27.93 -71.46
CA LYS A 73 -15.67 -28.39 -71.69
C LYS A 73 -15.67 -29.65 -72.54
N ARG A 74 -14.59 -29.87 -73.27
CA ARG A 74 -14.41 -31.05 -74.11
C ARG A 74 -13.22 -31.85 -73.61
N HIS A 75 -13.29 -33.17 -73.76
CA HIS A 75 -12.25 -34.08 -73.26
C HIS A 75 -12.46 -35.44 -73.92
N THR A 76 -11.76 -36.45 -73.41
CA THR A 76 -11.78 -37.77 -73.99
C THR A 76 -13.15 -38.43 -73.79
N PHE A 77 -13.26 -39.65 -74.32
CA PHE A 77 -14.52 -40.39 -74.30
C PHE A 77 -14.73 -41.21 -73.03
N SER A 78 -13.65 -41.66 -72.38
CA SER A 78 -13.79 -42.45 -71.16
C SER A 78 -14.23 -41.59 -69.99
N ASN A 79 -13.65 -40.39 -69.84
CA ASN A 79 -14.08 -39.47 -68.80
C ASN A 79 -15.54 -39.09 -68.99
N TYR A 80 -16.00 -39.02 -70.24
CA TYR A 80 -17.40 -38.76 -70.52
C TYR A 80 -18.30 -39.78 -69.84
N GLN A 81 -18.03 -41.07 -70.08
CA GLN A 81 -18.86 -42.13 -69.49
C GLN A 81 -18.72 -42.16 -67.98
N HIS A 82 -17.50 -42.00 -67.47
CA HIS A 82 -17.29 -42.04 -66.03
C HIS A 82 -18.06 -40.93 -65.32
N GLU A 83 -17.94 -39.70 -65.81
CA GLU A 83 -18.64 -38.58 -65.21
C GLU A 83 -20.15 -38.74 -65.36
N GLU A 84 -20.60 -39.25 -66.50
CA GLU A 84 -22.03 -39.47 -66.68
C GLU A 84 -22.58 -40.46 -65.66
N THR A 85 -21.85 -41.56 -65.44
CA THR A 85 -22.30 -42.56 -64.46
C THR A 85 -22.33 -41.97 -63.05
N ILE A 86 -21.27 -41.28 -62.65
CA ILE A 86 -21.23 -40.72 -61.30
C ILE A 86 -22.33 -39.69 -61.10
N TYR A 87 -22.54 -38.82 -62.10
CA TYR A 87 -23.61 -37.83 -62.01
C TYR A 87 -24.98 -38.48 -61.94
N ASN A 88 -25.20 -39.54 -62.74
CA ASN A 88 -26.47 -40.25 -62.68
C ASN A 88 -26.70 -40.82 -61.29
N LEU A 89 -25.64 -41.27 -60.64
CA LEU A 89 -25.78 -41.73 -59.25
C LEU A 89 -26.03 -40.57 -58.29
N LEU A 90 -25.52 -39.37 -58.60
CA LEU A 90 -25.54 -38.26 -57.66
C LEU A 90 -26.48 -37.12 -58.08
N LYS A 91 -27.37 -37.33 -59.05
CA LYS A 91 -28.09 -36.19 -59.63
C LYS A 91 -29.21 -35.68 -58.74
N ASP A 92 -29.69 -36.47 -57.78
CA ASP A 92 -30.85 -36.06 -56.99
C ASP A 92 -30.49 -35.18 -55.79
N CYS A 93 -29.22 -34.95 -55.52
CA CYS A 93 -28.85 -34.06 -54.44
C CYS A 93 -29.17 -32.62 -54.79
N PRO A 94 -29.71 -31.85 -53.85
CA PRO A 94 -30.03 -30.44 -54.13
C PRO A 94 -28.81 -29.53 -54.04
N ALA A 95 -27.63 -30.12 -53.82
CA ALA A 95 -26.39 -29.36 -53.70
C ALA A 95 -25.44 -29.67 -54.85
N VAL A 96 -25.95 -30.22 -55.94
CA VAL A 96 -25.14 -30.59 -57.10
C VAL A 96 -25.63 -29.79 -58.29
N ALA A 97 -24.70 -29.15 -59.01
CA ALA A 97 -25.07 -28.37 -60.19
C ALA A 97 -25.65 -29.29 -61.26
N LYS A 98 -26.43 -28.68 -62.16
CA LYS A 98 -27.16 -29.42 -63.18
C LYS A 98 -26.24 -29.61 -64.38
N HIS A 99 -25.91 -30.87 -64.68
CA HIS A 99 -25.04 -31.19 -65.80
C HIS A 99 -25.88 -31.51 -67.04
N ASP A 100 -25.21 -31.48 -68.19
CA ASP A 100 -25.87 -31.77 -69.46
C ASP A 100 -24.87 -32.38 -70.44
N PHE A 101 -25.05 -33.64 -70.78
CA PHE A 101 -24.12 -34.37 -71.64
C PHE A 101 -24.69 -34.47 -73.05
N PHE A 102 -23.92 -34.00 -74.03
CA PHE A 102 -24.33 -34.07 -75.42
C PHE A 102 -23.11 -34.29 -76.28
N LYS A 103 -23.35 -34.50 -77.58
CA LYS A 103 -22.27 -34.71 -78.53
C LYS A 103 -22.48 -33.77 -79.72
N PHE A 104 -21.38 -33.20 -80.20
CA PHE A 104 -21.42 -32.22 -81.27
C PHE A 104 -20.16 -32.36 -82.11
N ARG A 105 -20.29 -32.14 -83.41
CA ARG A 105 -19.16 -32.31 -84.32
C ARG A 105 -18.51 -30.96 -84.61
N ILE A 106 -17.18 -30.92 -84.45
CA ILE A 106 -16.38 -29.77 -84.85
C ILE A 106 -15.73 -29.99 -86.21
N ASP A 107 -15.62 -31.24 -86.64
CA ASP A 107 -15.03 -31.63 -87.92
C ASP A 107 -15.77 -32.87 -88.40
N GLY A 108 -15.17 -33.63 -89.30
CA GLY A 108 -15.75 -34.89 -89.72
C GLY A 108 -15.96 -35.84 -88.56
N ASP A 109 -15.21 -35.65 -87.48
CA ASP A 109 -15.37 -36.44 -86.27
C ASP A 109 -16.37 -35.77 -85.32
N MET A 110 -16.85 -36.56 -84.36
CA MET A 110 -17.77 -36.08 -83.33
C MET A 110 -17.08 -36.17 -81.97
N VAL A 111 -17.05 -35.05 -81.24
CA VAL A 111 -16.39 -35.01 -79.94
C VAL A 111 -17.44 -34.74 -78.86
N PRO A 112 -17.25 -35.26 -77.64
CA PRO A 112 -18.25 -35.05 -76.59
C PRO A 112 -17.97 -33.83 -75.72
N HIS A 113 -19.04 -33.16 -75.27
CA HIS A 113 -18.93 -32.02 -74.37
C HIS A 113 -19.76 -32.25 -73.12
N ILE A 114 -19.31 -31.66 -72.02
CA ILE A 114 -20.05 -31.65 -70.76
C ILE A 114 -20.32 -30.20 -70.41
N SER A 115 -21.59 -29.86 -70.20
CA SER A 115 -22.01 -28.49 -69.94
C SER A 115 -22.58 -28.38 -68.55
N ARG A 116 -22.10 -27.40 -67.79
CA ARG A 116 -22.62 -27.08 -66.47
C ARG A 116 -23.35 -25.74 -66.52
N GLN A 117 -24.46 -25.67 -65.78
CA GLN A 117 -25.43 -24.58 -65.95
C GLN A 117 -25.49 -23.73 -64.68
N ARG A 118 -25.51 -22.41 -64.88
CA ARG A 118 -25.81 -21.44 -63.84
C ARG A 118 -24.76 -21.40 -62.73
N LEU A 119 -23.48 -21.48 -63.11
CA LEU A 119 -22.41 -21.27 -62.15
C LEU A 119 -22.13 -19.78 -62.00
N THR A 120 -21.30 -19.44 -61.02
CA THR A 120 -20.85 -18.07 -60.80
C THR A 120 -19.50 -17.88 -61.49
N LYS A 121 -18.98 -16.65 -61.44
CA LYS A 121 -17.72 -16.36 -62.11
C LYS A 121 -16.53 -16.90 -61.32
N TYR A 122 -16.59 -16.84 -60.00
CA TYR A 122 -15.48 -17.25 -59.15
C TYR A 122 -15.90 -18.38 -58.22
N THR A 123 -14.93 -19.18 -57.80
CA THR A 123 -15.16 -20.29 -56.90
C THR A 123 -14.80 -19.89 -55.48
N MET A 124 -14.90 -20.83 -54.52
CA MET A 124 -14.47 -20.57 -53.16
C MET A 124 -12.97 -20.50 -53.01
N ALA A 125 -12.22 -21.30 -53.78
CA ALA A 125 -10.77 -21.24 -53.76
C ALA A 125 -10.24 -19.87 -54.18
N ASP A 126 -10.91 -19.20 -55.12
CA ASP A 126 -10.50 -17.86 -55.51
C ASP A 126 -10.61 -16.90 -54.34
N LEU A 127 -11.71 -16.96 -53.59
CA LEU A 127 -11.89 -16.09 -52.43
C LEU A 127 -10.85 -16.39 -51.36
N VAL A 128 -10.62 -17.67 -51.08
CA VAL A 128 -9.65 -18.04 -50.05
C VAL A 128 -8.25 -17.57 -50.44
N TYR A 129 -7.88 -17.78 -51.71
CA TYR A 129 -6.56 -17.34 -52.17
C TYR A 129 -6.44 -15.82 -52.12
N ALA A 130 -7.49 -15.10 -52.51
CA ALA A 130 -7.45 -13.64 -52.49
C ALA A 130 -7.27 -13.12 -51.07
N LEU A 131 -7.94 -13.73 -50.10
CA LEU A 131 -7.83 -13.26 -48.72
C LEU A 131 -6.58 -13.75 -48.01
N ARG A 132 -5.96 -14.84 -48.46
CA ARG A 132 -4.79 -15.38 -47.79
C ARG A 132 -3.47 -15.00 -48.46
N HIS A 133 -3.52 -14.28 -49.59
CA HIS A 133 -2.31 -13.83 -50.28
C HIS A 133 -2.49 -12.36 -50.66
N PHE A 134 -2.91 -11.56 -49.69
CA PHE A 134 -3.27 -10.17 -49.97
C PHE A 134 -2.07 -9.36 -50.44
N ASP A 135 -2.33 -8.51 -51.44
CA ASP A 135 -1.32 -7.60 -51.96
C ASP A 135 -2.07 -6.38 -52.49
N GLU A 136 -1.91 -5.24 -51.82
CA GLU A 136 -2.65 -4.04 -52.21
C GLU A 136 -2.24 -3.50 -53.57
N GLY A 137 -1.10 -3.93 -54.11
CA GLY A 137 -0.71 -3.51 -55.44
C GLY A 137 -1.63 -4.03 -56.53
N ASN A 138 -2.11 -5.26 -56.39
CA ASN A 138 -3.04 -5.85 -57.35
C ASN A 138 -3.99 -6.77 -56.61
N CYS A 139 -5.22 -6.30 -56.39
CA CYS A 139 -6.24 -7.09 -55.72
C CYS A 139 -7.57 -6.99 -56.48
N ASP A 140 -7.51 -7.16 -57.80
CA ASP A 140 -8.70 -6.98 -58.63
C ASP A 140 -9.79 -8.00 -58.30
N THR A 141 -9.39 -9.26 -58.05
CA THR A 141 -10.37 -10.30 -57.78
C THR A 141 -11.17 -10.00 -56.52
N LEU A 142 -10.48 -9.57 -55.45
CA LEU A 142 -11.17 -9.27 -54.20
C LEU A 142 -12.15 -8.11 -54.38
N LYS A 143 -11.73 -7.06 -55.09
CA LYS A 143 -12.61 -5.91 -55.32
C LYS A 143 -13.83 -6.33 -56.15
N GLU A 144 -13.61 -7.13 -57.20
CA GLU A 144 -14.73 -7.58 -58.02
C GLU A 144 -15.71 -8.41 -57.20
N ILE A 145 -15.19 -9.34 -56.38
CA ILE A 145 -16.04 -10.17 -55.55
C ILE A 145 -16.82 -9.32 -54.55
N LEU A 146 -16.18 -8.32 -53.97
CA LEU A 146 -16.85 -7.45 -53.00
C LEU A 146 -17.95 -6.63 -53.65
N VAL A 147 -17.74 -6.15 -54.88
CA VAL A 147 -18.76 -5.30 -55.49
C VAL A 147 -19.88 -6.11 -56.14
N THR A 148 -19.64 -7.36 -56.53
CA THR A 148 -20.69 -8.12 -57.19
C THR A 148 -21.70 -8.70 -56.21
N TYR A 149 -21.45 -8.61 -54.91
CA TYR A 149 -22.34 -9.18 -53.91
C TYR A 149 -22.86 -8.14 -52.92
N ASN A 150 -22.83 -6.86 -53.29
CA ASN A 150 -23.40 -5.77 -52.50
C ASN A 150 -22.80 -5.69 -51.10
N CYS A 151 -21.49 -5.94 -51.01
CA CYS A 151 -20.77 -5.67 -49.77
C CYS A 151 -20.38 -4.19 -49.66
N CYS A 152 -20.02 -3.58 -50.78
CA CYS A 152 -19.73 -2.15 -50.83
C CYS A 152 -20.04 -1.67 -52.24
N ASP A 153 -19.58 -0.47 -52.59
CA ASP A 153 -19.74 0.07 -53.93
C ASP A 153 -18.38 0.40 -54.51
N ASP A 154 -18.34 0.63 -55.82
CA ASP A 154 -17.07 0.78 -56.53
C ASP A 154 -16.29 2.01 -56.09
N ASP A 155 -16.95 3.00 -55.50
CA ASP A 155 -16.28 4.20 -55.04
C ASP A 155 -15.75 4.07 -53.62
N TYR A 156 -15.97 2.91 -52.97
CA TYR A 156 -15.40 2.68 -51.66
C TYR A 156 -13.88 2.56 -51.73
N PHE A 157 -13.36 2.09 -52.87
CA PHE A 157 -11.94 1.89 -53.06
C PHE A 157 -11.20 3.15 -53.48
N ASN A 158 -11.92 4.23 -53.78
CA ASN A 158 -11.27 5.52 -54.03
C ASN A 158 -10.60 6.08 -52.78
N LYS A 159 -11.04 5.64 -51.60
CA LYS A 159 -10.36 5.96 -50.36
C LYS A 159 -8.97 5.34 -50.34
N LYS A 160 -8.06 5.89 -49.54
CA LYS A 160 -6.76 5.30 -49.33
C LYS A 160 -6.73 4.72 -47.92
N ASP A 161 -5.96 3.63 -47.75
CA ASP A 161 -5.97 2.83 -46.54
C ASP A 161 -7.35 2.25 -46.30
N TRP A 162 -8.06 1.91 -47.38
CA TRP A 162 -9.35 1.25 -47.26
C TRP A 162 -9.21 -0.18 -46.77
N TYR A 163 -8.04 -0.79 -46.95
CA TYR A 163 -7.79 -2.18 -46.55
C TYR A 163 -7.18 -2.30 -45.16
N ASP A 164 -6.67 -1.22 -44.60
CA ASP A 164 -5.97 -1.28 -43.32
C ASP A 164 -6.94 -1.66 -42.20
N PHE A 165 -6.39 -2.28 -41.16
CA PHE A 165 -7.19 -2.66 -40.01
C PHE A 165 -7.14 -1.64 -38.88
N VAL A 166 -6.01 -0.98 -38.68
CA VAL A 166 -5.88 0.06 -37.66
C VAL A 166 -6.53 1.35 -38.13
N GLU A 167 -6.15 1.82 -39.31
CA GLU A 167 -6.90 2.87 -40.00
C GLU A 167 -8.06 2.23 -40.76
N ASN A 168 -9.19 2.94 -40.80
CA ASN A 168 -10.41 2.44 -41.40
C ASN A 168 -10.83 1.09 -40.82
N PRO A 169 -11.34 1.07 -39.58
CA PRO A 169 -11.81 -0.20 -39.02
C PRO A 169 -13.19 -0.61 -39.54
N ASP A 170 -13.68 0.11 -40.56
CA ASP A 170 -14.94 -0.22 -41.21
C ASP A 170 -14.80 -1.37 -42.21
N ILE A 171 -13.59 -1.73 -42.59
CA ILE A 171 -13.38 -2.88 -43.45
C ILE A 171 -13.83 -4.17 -42.79
N LEU A 172 -13.85 -4.22 -41.45
CA LEU A 172 -14.42 -5.37 -40.77
C LEU A 172 -15.92 -5.51 -41.06
N ARG A 173 -16.66 -4.40 -40.98
CA ARG A 173 -18.07 -4.42 -41.34
C ARG A 173 -18.25 -4.75 -42.82
N VAL A 174 -17.36 -4.26 -43.66
CA VAL A 174 -17.43 -4.59 -45.09
C VAL A 174 -17.23 -6.09 -45.32
N TYR A 175 -16.25 -6.68 -44.65
CA TYR A 175 -15.97 -8.11 -44.82
C TYR A 175 -17.07 -8.98 -44.21
N ALA A 176 -17.74 -8.50 -43.17
CA ALA A 176 -18.71 -9.34 -42.46
C ALA A 176 -19.99 -9.54 -43.24
N ASN A 177 -20.01 -9.17 -44.52
CA ASN A 177 -21.18 -9.32 -45.38
C ASN A 177 -21.16 -10.61 -46.19
N LEU A 178 -20.09 -11.41 -46.10
CA LEU A 178 -20.00 -12.68 -46.80
C LEU A 178 -20.26 -13.88 -45.90
N GLY A 179 -20.55 -13.63 -44.62
CA GLY A 179 -20.68 -14.73 -43.68
C GLY A 179 -21.84 -15.65 -43.99
N GLU A 180 -22.97 -15.08 -44.43
CA GLU A 180 -24.12 -15.90 -44.79
C GLU A 180 -23.86 -16.77 -46.01
N ARG A 181 -23.17 -16.23 -47.02
CA ARG A 181 -22.76 -17.04 -48.16
C ARG A 181 -21.87 -18.20 -47.72
N VAL A 182 -20.91 -17.92 -46.83
CA VAL A 182 -20.02 -18.97 -46.36
C VAL A 182 -20.81 -20.03 -45.58
N ARG A 183 -21.76 -19.60 -44.76
CA ARG A 183 -22.54 -20.55 -43.97
C ARG A 183 -23.41 -21.45 -44.86
N GLN A 184 -24.04 -20.86 -45.88
CA GLN A 184 -24.80 -21.67 -46.82
C GLN A 184 -23.91 -22.65 -47.57
N ALA A 185 -22.70 -22.22 -47.93
CA ALA A 185 -21.75 -23.13 -48.56
C ALA A 185 -21.41 -24.30 -47.64
N LEU A 186 -21.22 -24.03 -46.35
CA LEU A 186 -20.94 -25.10 -45.39
C LEU A 186 -22.09 -26.09 -45.30
N LEU A 187 -23.33 -25.58 -45.23
CA LEU A 187 -24.49 -26.47 -45.18
C LEU A 187 -24.60 -27.33 -46.44
N LYS A 188 -24.38 -26.73 -47.62
CA LYS A 188 -24.42 -27.51 -48.84
C LYS A 188 -23.30 -28.54 -48.90
N THR A 189 -22.14 -28.22 -48.34
CA THR A 189 -21.06 -29.20 -48.27
C THR A 189 -21.46 -30.39 -47.41
N VAL A 190 -22.12 -30.15 -46.28
CA VAL A 190 -22.58 -31.25 -45.44
C VAL A 190 -23.60 -32.10 -46.19
N GLN A 191 -24.52 -31.46 -46.91
CA GLN A 191 -25.48 -32.20 -47.72
C GLN A 191 -24.78 -33.08 -48.75
N PHE A 192 -23.78 -32.53 -49.42
CA PHE A 192 -23.05 -33.28 -50.45
C PHE A 192 -22.33 -34.48 -49.84
N CYS A 193 -21.74 -34.30 -48.65
CA CYS A 193 -21.08 -35.42 -47.99
C CYS A 193 -22.07 -36.51 -47.63
N ASP A 194 -23.25 -36.13 -47.13
CA ASP A 194 -24.27 -37.13 -46.83
C ASP A 194 -24.69 -37.90 -48.08
N ALA A 195 -24.89 -37.18 -49.19
CA ALA A 195 -25.27 -37.84 -50.43
C ALA A 195 -24.18 -38.80 -50.92
N MET A 196 -22.92 -38.38 -50.82
CA MET A 196 -21.83 -39.25 -51.24
C MET A 196 -21.74 -40.49 -50.38
N ARG A 197 -21.95 -40.35 -49.06
CA ARG A 197 -21.93 -41.52 -48.19
C ARG A 197 -23.07 -42.47 -48.53
N ASN A 198 -24.26 -41.94 -48.79
CA ASN A 198 -25.39 -42.80 -49.09
C ASN A 198 -25.29 -43.47 -50.46
N ALA A 199 -24.66 -42.83 -51.43
CA ALA A 199 -24.55 -43.40 -52.77
C ALA A 199 -23.38 -44.36 -52.94
N GLY A 200 -22.43 -44.37 -52.00
CA GLY A 200 -21.28 -45.26 -52.11
C GLY A 200 -20.21 -44.77 -53.06
N ILE A 201 -19.76 -43.53 -52.87
CA ILE A 201 -18.77 -42.92 -53.74
C ILE A 201 -17.63 -42.40 -52.89
N VAL A 202 -16.41 -42.64 -53.36
CA VAL A 202 -15.19 -42.26 -52.65
C VAL A 202 -14.49 -41.16 -53.44
N GLY A 203 -14.15 -40.08 -52.77
CA GLY A 203 -13.46 -38.98 -53.42
C GLY A 203 -12.99 -37.97 -52.39
N VAL A 204 -12.15 -37.04 -52.86
CA VAL A 204 -11.57 -36.00 -52.03
C VAL A 204 -12.12 -34.66 -52.48
N LEU A 205 -12.55 -33.85 -51.51
CA LEU A 205 -13.24 -32.58 -51.78
C LEU A 205 -12.24 -31.44 -51.74
N THR A 206 -12.23 -30.62 -52.79
CA THR A 206 -11.36 -29.46 -52.88
C THR A 206 -12.19 -28.18 -53.01
N LEU A 207 -11.53 -27.05 -52.78
CA LEU A 207 -12.21 -25.76 -52.76
C LEU A 207 -12.55 -25.25 -54.15
N ASP A 208 -11.88 -25.73 -55.20
CA ASP A 208 -12.07 -25.23 -56.55
C ASP A 208 -13.17 -25.97 -57.31
N ASN A 209 -13.82 -26.94 -56.67
CA ASN A 209 -14.95 -27.64 -57.26
C ASN A 209 -16.29 -27.13 -56.72
N GLN A 210 -16.28 -26.02 -56.01
CA GLN A 210 -17.49 -25.42 -55.46
C GLN A 210 -17.49 -23.93 -55.78
N ASP A 211 -18.62 -23.43 -56.27
CA ASP A 211 -18.75 -22.02 -56.59
C ASP A 211 -19.29 -21.25 -55.40
N LEU A 212 -19.44 -19.95 -55.58
CA LEU A 212 -19.86 -19.10 -54.46
C LEU A 212 -21.34 -19.20 -54.13
N ASN A 213 -22.11 -20.06 -54.82
CA ASN A 213 -23.48 -20.35 -54.43
C ASN A 213 -23.60 -21.64 -53.63
N GLY A 214 -22.56 -22.48 -53.61
CA GLY A 214 -22.53 -23.70 -52.82
C GLY A 214 -22.63 -24.97 -53.64
N ASN A 215 -22.92 -24.84 -54.94
CA ASN A 215 -23.10 -26.01 -55.78
C ASN A 215 -21.78 -26.71 -56.06
N TRP A 216 -21.86 -28.02 -56.28
CA TRP A 216 -20.71 -28.88 -56.49
C TRP A 216 -20.74 -29.47 -57.90
N TYR A 217 -19.56 -29.80 -58.41
CA TYR A 217 -19.43 -30.42 -59.72
C TYR A 217 -18.09 -31.16 -59.78
N ASP A 218 -17.68 -31.51 -61.01
CA ASP A 218 -16.36 -32.10 -61.26
C ASP A 218 -16.13 -33.42 -60.53
N PHE A 219 -16.82 -34.47 -60.96
CA PHE A 219 -16.69 -35.80 -60.36
C PHE A 219 -15.69 -36.66 -61.14
N GLY A 220 -14.64 -36.04 -61.64
CA GLY A 220 -13.69 -36.74 -62.50
C GLY A 220 -12.65 -37.58 -61.81
N ASP A 221 -12.46 -37.39 -60.51
CA ASP A 221 -11.49 -38.16 -59.74
C ASP A 221 -12.15 -39.05 -58.68
N PHE A 222 -13.43 -39.34 -58.84
CA PHE A 222 -14.15 -40.18 -57.90
C PHE A 222 -14.14 -41.63 -58.39
N ILE A 223 -14.49 -42.54 -57.47
CA ILE A 223 -14.63 -43.96 -57.78
C ILE A 223 -15.95 -44.43 -57.19
N GLN A 224 -16.26 -45.71 -57.39
CA GLN A 224 -17.52 -46.29 -56.97
C GLN A 224 -17.29 -47.43 -56.00
N THR A 225 -18.20 -47.54 -55.03
CA THR A 225 -18.14 -48.61 -54.03
C THR A 225 -19.57 -49.07 -53.77
N THR A 226 -19.77 -50.04 -52.88
CA THR A 226 -21.09 -50.54 -52.57
C THR A 226 -21.89 -49.48 -51.84
N PRO A 227 -23.20 -49.36 -52.11
CA PRO A 227 -23.99 -48.30 -51.50
C PRO A 227 -23.96 -48.37 -49.98
N GLY A 228 -23.93 -47.18 -49.35
CA GLY A 228 -23.87 -47.08 -47.92
C GLY A 228 -22.48 -47.11 -47.33
N SER A 229 -21.45 -47.31 -48.16
CA SER A 229 -20.07 -47.41 -47.69
C SER A 229 -19.18 -46.38 -48.39
N GLY A 230 -19.70 -45.19 -48.64
CA GLY A 230 -18.91 -44.12 -49.18
C GLY A 230 -18.13 -43.38 -48.12
N VAL A 231 -17.08 -42.68 -48.56
CA VAL A 231 -16.22 -41.95 -47.63
C VAL A 231 -15.61 -40.74 -48.33
N PRO A 232 -16.00 -39.53 -47.95
CA PRO A 232 -15.32 -38.32 -48.45
C PRO A 232 -14.13 -37.92 -47.59
N VAL A 233 -13.13 -37.34 -48.24
CA VAL A 233 -11.94 -36.83 -47.56
C VAL A 233 -12.01 -35.31 -47.57
N VAL A 234 -12.09 -34.70 -46.39
CA VAL A 234 -12.39 -33.28 -46.27
C VAL A 234 -11.36 -32.55 -45.43
N ASP A 235 -10.11 -33.03 -45.41
CA ASP A 235 -9.06 -32.41 -44.62
C ASP A 235 -8.61 -31.07 -45.16
N SER A 236 -8.13 -31.03 -46.41
CA SER A 236 -7.61 -29.80 -46.98
C SER A 236 -8.68 -28.72 -47.10
N TYR A 237 -9.90 -29.12 -47.44
CA TYR A 237 -11.01 -28.19 -47.60
C TYR A 237 -11.23 -27.37 -46.34
N TYR A 238 -11.58 -28.04 -45.23
CA TYR A 238 -11.81 -27.35 -43.97
C TYR A 238 -10.54 -26.65 -43.47
N SER A 239 -9.39 -27.31 -43.58
CA SER A 239 -8.16 -26.74 -43.06
C SER A 239 -7.80 -25.43 -43.75
N LEU A 240 -7.95 -25.35 -45.08
CA LEU A 240 -7.67 -24.12 -45.79
C LEU A 240 -8.76 -23.07 -45.59
N LEU A 241 -10.03 -23.50 -45.44
CA LEU A 241 -11.11 -22.54 -45.29
C LEU A 241 -11.20 -21.95 -43.89
N MET A 242 -10.57 -22.60 -42.89
CA MET A 242 -10.74 -22.18 -41.50
C MET A 242 -10.42 -20.71 -41.22
N PRO A 243 -9.33 -20.11 -41.69
CA PRO A 243 -9.05 -18.71 -41.32
C PRO A 243 -10.09 -17.72 -41.82
N ILE A 244 -10.86 -18.06 -42.86
CA ILE A 244 -11.87 -17.14 -43.39
C ILE A 244 -13.15 -17.13 -42.56
N LEU A 245 -13.37 -18.16 -41.73
CA LEU A 245 -14.60 -18.26 -40.95
C LEU A 245 -14.73 -17.18 -39.89
N THR A 246 -13.61 -16.65 -39.38
CA THR A 246 -13.65 -15.59 -38.38
C THR A 246 -13.49 -14.19 -38.97
N LEU A 247 -12.84 -14.05 -40.12
CA LEU A 247 -12.73 -12.75 -40.76
C LEU A 247 -14.10 -12.24 -41.19
N THR A 248 -14.93 -13.12 -41.76
CA THR A 248 -16.25 -12.75 -42.24
C THR A 248 -17.35 -12.96 -41.20
N ARG A 249 -17.01 -13.52 -40.04
CA ARG A 249 -17.98 -13.79 -38.98
C ARG A 249 -19.16 -14.59 -39.51
N ALA A 250 -18.89 -15.80 -39.99
CA ALA A 250 -19.91 -16.60 -40.67
C ALA A 250 -20.99 -17.14 -39.75
N LEU A 251 -20.72 -17.22 -38.44
CA LEU A 251 -21.63 -17.83 -37.49
C LEU A 251 -22.45 -16.80 -36.71
N THR A 252 -22.67 -15.62 -37.29
CA THR A 252 -23.44 -14.58 -36.62
C THR A 252 -24.92 -14.97 -36.51
N ALA A 253 -25.43 -15.73 -37.48
CA ALA A 253 -26.85 -16.05 -37.53
C ALA A 253 -27.27 -17.01 -36.43
N GLU A 254 -26.29 -17.58 -35.71
CA GLU A 254 -26.56 -18.55 -34.66
C GLU A 254 -26.94 -17.91 -33.33
N SER A 255 -26.87 -16.58 -33.23
CA SER A 255 -27.28 -15.88 -32.02
C SER A 255 -28.71 -15.36 -32.10
N HIS A 256 -29.43 -15.67 -33.17
CA HIS A 256 -30.81 -15.23 -33.33
C HIS A 256 -31.77 -16.38 -32.98
N VAL A 257 -33.06 -16.06 -32.93
CA VAL A 257 -34.04 -16.97 -32.33
C VAL A 257 -34.14 -18.27 -33.12
N ASP A 258 -34.30 -18.19 -34.44
CA ASP A 258 -34.51 -19.36 -35.26
C ASP A 258 -33.43 -19.47 -36.33
N THR A 259 -32.22 -19.06 -36.00
CA THR A 259 -31.11 -19.00 -36.94
C THR A 259 -31.50 -18.17 -38.16
N ASP A 260 -32.22 -17.09 -37.90
CA ASP A 260 -32.72 -16.20 -38.94
C ASP A 260 -32.25 -14.79 -38.64
N LEU A 261 -31.66 -14.13 -39.63
CA LEU A 261 -31.07 -12.81 -39.45
C LEU A 261 -32.11 -11.69 -39.34
N THR A 262 -33.41 -12.03 -39.33
CA THR A 262 -34.46 -11.04 -39.23
C THR A 262 -35.26 -11.14 -37.94
N LYS A 263 -34.83 -11.99 -37.00
CA LYS A 263 -35.53 -12.17 -35.74
C LYS A 263 -34.65 -11.68 -34.59
N PRO A 264 -35.22 -11.37 -33.42
CA PRO A 264 -34.43 -10.87 -32.31
C PRO A 264 -33.44 -11.92 -31.78
N TYR A 265 -32.61 -11.48 -30.85
CA TYR A 265 -31.56 -12.33 -30.31
C TYR A 265 -32.13 -13.33 -29.30
N ILE A 266 -31.34 -14.39 -29.05
CA ILE A 266 -31.69 -15.33 -28.00
C ILE A 266 -31.40 -14.72 -26.64
N LYS A 267 -32.27 -14.99 -25.67
CA LYS A 267 -32.16 -14.45 -24.33
C LYS A 267 -31.82 -15.57 -23.36
N TRP A 268 -30.53 -15.84 -23.20
CA TRP A 268 -30.07 -16.79 -22.20
C TRP A 268 -30.18 -16.18 -20.81
N ASP A 269 -30.42 -17.03 -19.82
CA ASP A 269 -30.40 -16.58 -18.44
C ASP A 269 -28.96 -16.28 -18.01
N LEU A 270 -28.82 -15.30 -17.13
CA LEU A 270 -27.50 -14.85 -16.70
C LEU A 270 -26.76 -15.86 -15.85
N LEU A 271 -27.46 -16.88 -15.34
CA LEU A 271 -26.86 -17.86 -14.43
C LEU A 271 -26.30 -19.08 -15.15
N LYS A 272 -26.37 -19.13 -16.48
CA LYS A 272 -25.92 -20.28 -17.25
C LYS A 272 -24.48 -20.08 -17.69
N TYR A 273 -23.65 -21.11 -17.49
CA TYR A 273 -22.23 -21.01 -17.82
C TYR A 273 -21.64 -22.27 -18.44
N ASP A 274 -22.44 -23.29 -18.72
CA ASP A 274 -21.87 -24.55 -19.19
C ASP A 274 -21.71 -24.59 -20.70
N PHE A 275 -22.82 -24.50 -21.43
CA PHE A 275 -22.82 -24.46 -22.90
C PHE A 275 -22.07 -25.63 -23.52
N THR A 276 -21.98 -26.76 -22.83
CA THR A 276 -21.27 -27.92 -23.31
C THR A 276 -22.01 -28.68 -24.40
N GLU A 277 -23.35 -28.57 -24.44
CA GLU A 277 -24.15 -29.23 -25.46
C GLU A 277 -24.28 -28.41 -26.73
N GLU A 278 -24.32 -27.08 -26.60
CA GLU A 278 -24.41 -26.23 -27.78
C GLU A 278 -23.17 -26.38 -28.66
N ARG A 279 -21.99 -26.52 -28.04
CA ARG A 279 -20.76 -26.71 -28.80
C ARG A 279 -20.80 -28.01 -29.60
N LEU A 280 -21.28 -29.08 -28.97
CA LEU A 280 -21.42 -30.36 -29.67
C LEU A 280 -22.43 -30.26 -30.80
N LYS A 281 -23.55 -29.57 -30.57
CA LYS A 281 -24.54 -29.41 -31.64
C LYS A 281 -23.97 -28.62 -32.81
N LEU A 282 -23.21 -27.56 -32.53
CA LEU A 282 -22.59 -26.78 -33.60
C LEU A 282 -21.58 -27.63 -34.38
N PHE A 283 -20.77 -28.42 -33.67
CA PHE A 283 -19.80 -29.27 -34.34
C PHE A 283 -20.49 -30.29 -35.23
N ASP A 284 -21.57 -30.90 -34.72
CA ASP A 284 -22.30 -31.88 -35.52
C ASP A 284 -23.03 -31.25 -36.69
N ARG A 285 -23.39 -29.97 -36.59
CA ARG A 285 -24.10 -29.30 -37.66
C ARG A 285 -23.18 -28.81 -38.78
N TYR A 286 -21.99 -28.29 -38.44
CA TYR A 286 -21.13 -27.69 -39.45
C TYR A 286 -19.89 -28.50 -39.79
N PHE A 287 -19.47 -29.44 -38.94
CA PHE A 287 -18.24 -30.19 -39.13
C PHE A 287 -18.49 -31.68 -38.93
N LYS A 288 -19.54 -32.19 -39.57
CA LYS A 288 -19.98 -33.56 -39.30
C LYS A 288 -18.94 -34.60 -39.70
N TYR A 289 -18.29 -34.43 -40.84
CA TYR A 289 -17.39 -35.46 -41.36
C TYR A 289 -15.93 -35.21 -41.06
N TRP A 290 -15.62 -34.19 -40.25
CA TRP A 290 -14.28 -34.04 -39.72
C TRP A 290 -14.01 -35.14 -38.70
N ASP A 291 -13.13 -36.07 -39.05
CA ASP A 291 -12.93 -37.31 -38.29
C ASP A 291 -11.73 -37.16 -37.36
N GLN A 292 -11.96 -36.52 -36.21
CA GLN A 292 -11.00 -36.48 -35.12
C GLN A 292 -11.75 -36.04 -33.89
N THR A 293 -11.57 -36.78 -32.79
CA THR A 293 -12.37 -36.55 -31.60
C THR A 293 -12.22 -35.11 -31.10
N TYR A 294 -13.34 -34.51 -30.74
CA TYR A 294 -13.41 -33.12 -30.29
C TYR A 294 -13.83 -33.08 -28.84
N HIS A 295 -13.03 -32.43 -28.00
CA HIS A 295 -13.33 -32.30 -26.58
C HIS A 295 -13.78 -30.88 -26.28
N PRO A 296 -15.05 -30.65 -25.94
CA PRO A 296 -15.46 -29.28 -25.58
C PRO A 296 -14.69 -28.72 -24.40
N ASN A 297 -14.32 -29.55 -23.44
CA ASN A 297 -13.51 -29.14 -22.30
C ASN A 297 -12.11 -29.72 -22.48
N CYS A 298 -11.10 -28.85 -22.53
CA CYS A 298 -9.74 -29.26 -22.84
C CYS A 298 -9.05 -29.97 -21.67
N VAL A 299 -9.76 -30.23 -20.58
CA VAL A 299 -9.21 -31.01 -19.47
C VAL A 299 -9.18 -32.50 -19.77
N ASN A 300 -9.88 -32.95 -20.82
CA ASN A 300 -9.92 -34.35 -21.20
C ASN A 300 -9.00 -34.67 -22.37
N CYS A 301 -8.17 -33.73 -22.81
CA CYS A 301 -7.30 -33.93 -23.95
C CYS A 301 -6.16 -34.88 -23.58
N LEU A 302 -5.52 -35.44 -24.62
CA LEU A 302 -4.48 -36.44 -24.44
C LEU A 302 -3.08 -35.84 -24.42
N ASP A 303 -2.83 -34.77 -25.16
CA ASP A 303 -1.54 -34.08 -25.13
C ASP A 303 -1.72 -32.64 -25.59
N ASP A 304 -0.61 -31.94 -25.82
CA ASP A 304 -0.67 -30.55 -26.25
C ASP A 304 -1.20 -30.37 -27.67
N ARG A 305 -0.93 -31.32 -28.57
CA ARG A 305 -1.47 -31.25 -29.92
C ARG A 305 -2.99 -31.33 -29.90
N CYS A 306 -3.55 -32.24 -29.10
CA CYS A 306 -5.00 -32.30 -28.96
C CYS A 306 -5.56 -31.04 -28.32
N ILE A 307 -4.83 -30.46 -27.36
CA ILE A 307 -5.26 -29.20 -26.75
C ILE A 307 -5.36 -28.11 -27.80
N LEU A 308 -4.35 -28.00 -28.67
CA LEU A 308 -4.39 -27.02 -29.74
C LEU A 308 -5.56 -27.28 -30.67
N HIS A 309 -5.75 -28.55 -31.05
CA HIS A 309 -6.81 -28.91 -31.99
C HIS A 309 -8.18 -28.53 -31.46
N CYS A 310 -8.46 -28.84 -30.19
CA CYS A 310 -9.76 -28.54 -29.62
C CYS A 310 -9.94 -27.07 -29.26
N ALA A 311 -8.88 -26.38 -28.82
CA ALA A 311 -8.97 -24.95 -28.58
C ALA A 311 -9.22 -24.16 -29.85
N ASN A 312 -8.75 -24.66 -31.00
CA ASN A 312 -9.05 -23.99 -32.27
C ASN A 312 -10.55 -23.97 -32.52
N PHE A 313 -11.25 -25.08 -32.26
CA PHE A 313 -12.69 -25.11 -32.45
C PHE A 313 -13.40 -24.30 -31.37
N ASN A 314 -12.89 -24.34 -30.14
CA ASN A 314 -13.51 -23.57 -29.06
C ASN A 314 -13.45 -22.08 -29.34
N VAL A 315 -12.35 -21.61 -29.94
CA VAL A 315 -12.23 -20.19 -30.28
C VAL A 315 -13.36 -19.76 -31.21
N LEU A 316 -13.66 -20.57 -32.23
CA LEU A 316 -14.74 -20.23 -33.15
C LEU A 316 -16.10 -20.33 -32.47
N PHE A 317 -16.33 -21.37 -31.67
CA PHE A 317 -17.65 -21.57 -31.09
C PHE A 317 -17.96 -20.61 -29.95
N SER A 318 -16.95 -20.02 -29.33
CA SER A 318 -17.20 -19.15 -28.18
C SER A 318 -17.71 -17.76 -28.56
N THR A 319 -17.73 -17.42 -29.85
CA THR A 319 -18.18 -16.10 -30.28
C THR A 319 -19.71 -15.98 -30.33
N VAL A 320 -20.43 -17.08 -30.11
CA VAL A 320 -21.88 -17.04 -30.16
C VAL A 320 -22.51 -16.74 -28.80
N PHE A 321 -21.93 -17.27 -27.73
CA PHE A 321 -22.46 -17.21 -26.38
C PHE A 321 -22.25 -15.84 -25.76
N PRO A 322 -23.08 -15.46 -24.79
CA PRO A 322 -22.99 -14.11 -24.21
C PRO A 322 -21.67 -13.90 -23.49
N PRO A 323 -21.15 -12.67 -23.50
CA PRO A 323 -19.83 -12.40 -22.90
C PRO A 323 -19.83 -12.28 -21.38
N THR A 324 -20.99 -12.36 -20.72
CA THR A 324 -21.04 -12.28 -19.26
C THR A 324 -20.97 -13.63 -18.59
N SER A 325 -20.85 -14.71 -19.37
CA SER A 325 -20.77 -16.07 -18.84
C SER A 325 -19.34 -16.60 -18.84
N PHE A 326 -18.37 -15.72 -19.05
CA PHE A 326 -16.97 -16.11 -19.09
C PHE A 326 -16.24 -15.51 -17.88
N GLY A 327 -15.25 -16.25 -17.38
CA GLY A 327 -14.45 -15.77 -16.28
C GLY A 327 -14.56 -16.65 -15.05
N PRO A 328 -14.21 -16.09 -13.89
CA PRO A 328 -14.26 -16.87 -12.65
C PRO A 328 -15.67 -17.28 -12.28
N LEU A 329 -15.78 -18.45 -11.65
CA LEU A 329 -17.03 -18.94 -11.09
C LEU A 329 -16.89 -18.96 -9.57
N VAL A 330 -17.79 -18.28 -8.89
CA VAL A 330 -17.69 -18.08 -7.45
C VAL A 330 -18.80 -18.86 -6.76
N ARG A 331 -18.63 -19.07 -5.46
CA ARG A 331 -19.65 -19.70 -4.62
C ARG A 331 -19.37 -19.27 -3.18
N LYS A 332 -20.24 -19.70 -2.26
CA LYS A 332 -20.22 -19.25 -0.89
C LYS A 332 -19.65 -20.35 0.01
N ILE A 333 -18.63 -20.01 0.78
CA ILE A 333 -18.03 -20.90 1.76
C ILE A 333 -18.11 -20.26 3.13
N PHE A 334 -17.98 -21.09 4.17
CA PHE A 334 -18.15 -20.65 5.54
C PHE A 334 -16.84 -20.85 6.31
N VAL A 335 -16.39 -19.81 6.99
CA VAL A 335 -15.21 -19.87 7.85
C VAL A 335 -15.65 -19.41 9.23
N ASP A 336 -15.76 -20.36 10.16
CA ASP A 336 -16.19 -20.11 11.54
C ASP A 336 -17.54 -19.40 11.58
N GLY A 337 -18.45 -19.90 10.73
CA GLY A 337 -19.81 -19.43 10.72
C GLY A 337 -20.08 -18.15 9.96
N VAL A 338 -19.06 -17.53 9.37
CA VAL A 338 -19.26 -16.30 8.59
C VAL A 338 -19.17 -16.68 7.11
N PRO A 339 -19.97 -16.07 6.23
CA PRO A 339 -19.92 -16.46 4.82
C PRO A 339 -18.93 -15.66 4.00
N PHE A 340 -18.18 -16.35 3.14
CA PHE A 340 -17.26 -15.70 2.21
C PHE A 340 -17.77 -15.82 0.78
N VAL A 341 -17.05 -15.22 -0.16
CA VAL A 341 -17.30 -15.43 -1.59
C VAL A 341 -15.94 -15.61 -2.25
N VAL A 342 -15.68 -16.82 -2.75
CA VAL A 342 -14.37 -17.17 -3.31
C VAL A 342 -14.58 -17.82 -4.67
N SER A 343 -13.52 -17.82 -5.48
CA SER A 343 -13.54 -18.39 -6.82
C SER A 343 -13.07 -19.84 -6.76
N THR A 344 -13.87 -20.73 -7.34
CA THR A 344 -13.60 -22.16 -7.31
C THR A 344 -13.69 -22.75 -8.72
N GLY A 345 -13.21 -22.01 -9.70
CA GLY A 345 -13.19 -22.49 -11.07
C GLY A 345 -13.02 -21.34 -12.04
N TYR A 346 -13.09 -21.69 -13.32
CA TYR A 346 -12.92 -20.71 -14.39
C TYR A 346 -13.62 -21.24 -15.63
N HIS A 347 -14.04 -20.30 -16.48
CA HIS A 347 -14.68 -20.61 -17.76
C HIS A 347 -13.93 -19.86 -18.85
N PHE A 348 -13.02 -20.56 -19.53
CA PHE A 348 -12.20 -19.95 -20.57
C PHE A 348 -12.92 -19.96 -21.91
N ARG A 349 -12.58 -18.98 -22.76
CA ARG A 349 -13.09 -18.99 -24.12
C ARG A 349 -12.44 -20.08 -24.96
N GLU A 350 -11.23 -20.49 -24.60
CA GLU A 350 -10.49 -21.50 -25.34
C GLU A 350 -10.49 -22.87 -24.67
N LEU A 351 -10.34 -22.92 -23.36
CA LEU A 351 -10.15 -24.19 -22.65
C LEU A 351 -11.43 -24.74 -22.03
N GLY A 352 -12.57 -24.07 -22.20
CA GLY A 352 -13.81 -24.59 -21.65
C GLY A 352 -13.92 -24.35 -20.16
N VAL A 353 -14.64 -25.26 -19.49
CA VAL A 353 -14.95 -25.16 -18.07
C VAL A 353 -13.91 -25.94 -17.27
N VAL A 354 -13.35 -25.30 -16.25
CA VAL A 354 -12.35 -25.92 -15.38
C VAL A 354 -12.81 -25.76 -13.94
N HIS A 355 -12.78 -26.85 -13.17
CA HIS A 355 -13.19 -26.86 -11.78
C HIS A 355 -11.98 -27.13 -10.88
N ASN A 356 -11.96 -26.47 -9.73
CA ASN A 356 -10.89 -26.69 -8.77
C ASN A 356 -11.01 -28.07 -8.13
N GLN A 357 -9.87 -28.58 -7.65
CA GLN A 357 -9.80 -29.94 -7.12
C GLN A 357 -9.78 -30.01 -5.59
N ASP A 358 -9.32 -28.97 -4.91
CA ASP A 358 -9.25 -28.95 -3.46
C ASP A 358 -10.00 -27.72 -2.94
N VAL A 359 -11.30 -27.87 -2.73
CA VAL A 359 -12.14 -26.81 -2.19
C VAL A 359 -12.89 -27.37 -0.99
N ASN A 360 -12.79 -26.68 0.15
CA ASN A 360 -13.47 -27.08 1.38
C ASN A 360 -14.42 -25.97 1.79
N LEU A 361 -15.70 -26.31 1.98
CA LEU A 361 -16.71 -25.31 2.30
C LEU A 361 -16.63 -24.88 3.76
N HIS A 362 -16.66 -25.84 4.68
CA HIS A 362 -16.57 -25.55 6.10
C HIS A 362 -15.14 -25.74 6.58
N SER A 363 -14.59 -24.72 7.22
CA SER A 363 -13.20 -24.77 7.68
C SER A 363 -13.04 -23.89 8.91
N SER A 364 -11.97 -24.15 9.67
CA SER A 364 -11.63 -23.33 10.82
C SER A 364 -10.88 -22.09 10.36
N ARG A 365 -10.27 -21.37 11.30
CA ARG A 365 -9.51 -20.17 10.97
C ARG A 365 -8.37 -20.51 10.01
N LEU A 366 -8.21 -19.68 9.00
CA LEU A 366 -7.34 -19.95 7.86
C LEU A 366 -5.90 -19.51 8.15
N SER A 367 -4.97 -20.07 7.37
CA SER A 367 -3.55 -19.82 7.54
C SER A 367 -3.08 -18.64 6.71
N PHE A 368 -1.75 -18.47 6.61
CA PHE A 368 -1.15 -17.37 5.88
C PHE A 368 -1.31 -17.48 4.37
N LYS A 369 -1.03 -18.66 3.79
CA LYS A 369 -1.16 -18.81 2.35
C LYS A 369 -2.61 -18.77 1.89
N GLU A 370 -3.55 -19.25 2.70
CA GLU A 370 -4.96 -19.07 2.39
C GLU A 370 -5.36 -17.60 2.38
N LEU A 371 -4.84 -16.82 3.33
CA LEU A 371 -5.07 -15.38 3.32
C LEU A 371 -4.50 -14.75 2.06
N LEU A 372 -3.30 -15.17 1.67
CA LEU A 372 -2.68 -14.63 0.46
C LEU A 372 -3.50 -14.96 -0.78
N VAL A 373 -4.02 -16.19 -0.85
CA VAL A 373 -4.81 -16.60 -2.00
C VAL A 373 -6.14 -15.84 -2.04
N TYR A 374 -6.82 -15.70 -0.90
CA TYR A 374 -8.10 -15.02 -0.85
C TYR A 374 -7.99 -13.51 -1.01
N ALA A 375 -6.82 -12.94 -0.73
CA ALA A 375 -6.62 -11.50 -0.90
C ALA A 375 -6.23 -11.13 -2.33
N ALA A 376 -5.88 -12.10 -3.16
CA ALA A 376 -5.54 -11.85 -4.55
C ALA A 376 -6.69 -12.15 -5.51
N ASP A 377 -7.73 -12.85 -5.04
CA ASP A 377 -8.88 -13.17 -5.88
C ASP A 377 -9.69 -11.91 -6.14
N PRO A 378 -10.09 -11.68 -7.40
CA PRO A 378 -10.95 -10.52 -7.69
C PRO A 378 -12.39 -10.71 -7.28
N ALA A 379 -12.76 -11.88 -6.77
CA ALA A 379 -14.15 -12.18 -6.46
C ALA A 379 -14.69 -11.24 -5.39
N MET A 380 -14.00 -11.15 -4.26
CA MET A 380 -14.47 -10.30 -3.16
C MET A 380 -14.45 -8.83 -3.54
N HIS A 381 -13.40 -8.39 -4.23
CA HIS A 381 -13.30 -6.99 -4.63
C HIS A 381 -14.43 -6.61 -5.58
N ALA A 382 -14.74 -7.49 -6.52
CA ALA A 382 -15.82 -7.20 -7.46
C ALA A 382 -17.18 -7.28 -6.79
N ALA A 383 -17.36 -8.23 -5.87
CA ALA A 383 -18.66 -8.41 -5.22
C ALA A 383 -18.94 -7.36 -4.15
N SER A 384 -17.93 -6.66 -3.65
CA SER A 384 -18.13 -5.64 -2.63
C SER A 384 -17.92 -4.24 -3.22
N GLY A 385 -18.27 -4.07 -4.50
CA GLY A 385 -18.11 -2.80 -5.17
C GLY A 385 -19.38 -2.40 -5.91
N ASN A 386 -19.33 -1.19 -6.45
CA ASN A 386 -20.47 -0.62 -7.17
C ASN A 386 -20.43 -1.01 -8.64
N LEU A 387 -21.61 -1.03 -9.25
CA LEU A 387 -21.70 -1.23 -10.69
C LEU A 387 -21.10 -0.04 -11.43
N LEU A 388 -20.54 -0.30 -12.60
CA LEU A 388 -19.90 0.75 -13.38
C LEU A 388 -20.24 0.57 -14.84
N LEU A 389 -20.70 1.66 -15.47
CA LEU A 389 -20.95 1.71 -16.91
C LEU A 389 -20.10 2.82 -17.49
N ASP A 390 -19.03 2.44 -18.19
CA ASP A 390 -18.05 3.39 -18.71
C ASP A 390 -18.24 3.50 -20.21
N LYS A 391 -18.48 4.73 -20.69
CA LYS A 391 -18.68 4.98 -22.10
C LYS A 391 -17.46 5.55 -22.80
N ARG A 392 -16.35 5.75 -22.08
CA ARG A 392 -15.12 6.21 -22.72
C ARG A 392 -14.49 5.13 -23.60
N THR A 393 -14.64 3.86 -23.23
CA THR A 393 -14.06 2.75 -23.96
C THR A 393 -15.15 1.77 -24.36
N THR A 394 -14.81 0.84 -25.24
CA THR A 394 -15.74 -0.17 -25.72
C THR A 394 -15.45 -1.54 -25.12
N CYS A 395 -14.53 -1.64 -24.16
CA CYS A 395 -14.22 -2.90 -23.51
C CYS A 395 -15.18 -3.16 -22.36
N PHE A 396 -15.36 -4.44 -22.03
CA PHE A 396 -16.27 -4.81 -20.96
C PHE A 396 -15.78 -4.28 -19.63
N SER A 397 -16.73 -3.78 -18.82
CA SER A 397 -16.43 -3.20 -17.52
C SER A 397 -17.14 -3.99 -16.43
N VAL A 398 -16.51 -4.10 -15.27
CA VAL A 398 -17.01 -4.96 -14.21
C VAL A 398 -17.56 -4.15 -13.05
N ALA A 399 -16.71 -3.39 -12.38
CA ALA A 399 -17.10 -2.68 -11.17
C ALA A 399 -16.12 -1.55 -10.88
N ALA A 400 -16.56 -0.65 -10.00
CA ALA A 400 -15.75 0.45 -9.50
C ALA A 400 -15.49 0.25 -8.02
N LEU A 401 -14.22 0.28 -7.62
CA LEU A 401 -13.84 -0.04 -6.26
C LEU A 401 -14.02 1.12 -5.28
N THR A 402 -14.15 2.35 -5.78
CA THR A 402 -14.33 3.51 -4.91
C THR A 402 -15.49 4.36 -5.41
N ASN A 403 -15.68 5.53 -4.79
CA ASN A 403 -16.72 6.47 -5.21
C ASN A 403 -16.20 7.58 -6.11
N ASN A 404 -14.93 7.54 -6.48
CA ASN A 404 -14.33 8.57 -7.33
C ASN A 404 -13.50 7.93 -8.42
N VAL A 405 -13.37 8.64 -9.53
CA VAL A 405 -12.56 8.22 -10.66
C VAL A 405 -11.24 8.99 -10.63
N ALA A 406 -10.14 8.26 -10.75
CA ALA A 406 -8.80 8.84 -10.65
C ALA A 406 -8.27 9.19 -12.02
N PHE A 407 -7.80 10.42 -12.17
CA PHE A 407 -7.18 10.90 -13.41
C PHE A 407 -5.70 11.17 -13.13
N GLN A 408 -4.83 10.55 -13.91
CA GLN A 408 -3.40 10.61 -13.69
C GLN A 408 -2.72 11.29 -14.87
N THR A 409 -1.83 12.23 -14.58
CA THR A 409 -1.13 13.01 -15.59
C THR A 409 0.35 12.63 -15.63
N VAL A 410 1.05 13.16 -16.63
CA VAL A 410 2.48 12.96 -16.79
C VAL A 410 3.15 14.33 -16.87
N LYS A 411 4.19 14.52 -16.08
CA LYS A 411 4.90 15.78 -15.95
C LYS A 411 6.01 15.90 -16.99
N PRO A 412 6.41 17.13 -17.32
CA PRO A 412 7.53 17.30 -18.26
C PRO A 412 8.88 16.99 -17.62
N GLY A 413 9.96 17.17 -18.37
CA GLY A 413 11.30 16.90 -17.89
C GLY A 413 11.94 18.11 -17.24
N ASN A 414 13.21 17.92 -16.84
CA ASN A 414 14.01 18.96 -16.23
C ASN A 414 15.15 19.34 -17.17
N PHE A 415 15.46 20.63 -17.22
CA PHE A 415 16.41 21.17 -18.18
C PHE A 415 17.77 21.35 -17.52
N ASN A 416 18.80 20.73 -18.10
CA ASN A 416 20.18 20.92 -17.67
C ASN A 416 20.77 22.06 -18.48
N LYS A 417 20.75 23.27 -17.91
CA LYS A 417 21.18 24.45 -18.64
C LYS A 417 22.69 24.54 -18.81
N ASP A 418 23.47 24.07 -17.83
CA ASP A 418 24.92 24.17 -17.91
C ASP A 418 25.47 23.36 -19.07
N PHE A 419 24.99 22.12 -19.22
CA PHE A 419 25.45 21.28 -20.33
C PHE A 419 25.03 21.88 -21.67
N TYR A 420 23.82 22.43 -21.76
CA TYR A 420 23.38 23.04 -23.01
C TYR A 420 24.24 24.24 -23.37
N ASP A 421 24.56 25.09 -22.39
CA ASP A 421 25.42 26.23 -22.65
C ASP A 421 26.82 25.79 -23.06
N PHE A 422 27.36 24.76 -22.39
CA PHE A 422 28.67 24.25 -22.74
C PHE A 422 28.70 23.72 -24.17
N ALA A 423 27.65 22.98 -24.55
CA ALA A 423 27.56 22.46 -25.91
C ALA A 423 27.43 23.58 -26.94
N VAL A 424 26.61 24.59 -26.64
CA VAL A 424 26.46 25.72 -27.55
C VAL A 424 27.75 26.51 -27.73
N SER A 425 28.52 26.68 -26.65
CA SER A 425 29.79 27.41 -26.73
C SER A 425 30.87 26.66 -27.48
N LYS A 426 30.57 25.48 -28.05
CA LYS A 426 31.54 24.70 -28.80
C LYS A 426 31.10 24.44 -30.24
N GLY A 427 30.19 25.26 -30.76
CA GLY A 427 29.78 25.13 -32.15
C GLY A 427 28.73 24.08 -32.42
N PHE A 428 27.85 23.81 -31.45
CA PHE A 428 26.77 22.85 -31.63
C PHE A 428 25.44 23.58 -31.84
N PHE A 429 24.47 22.84 -32.37
CA PHE A 429 23.11 23.33 -32.58
C PHE A 429 23.06 24.57 -33.47
N LYS A 430 23.90 24.61 -34.50
CA LYS A 430 23.82 25.68 -35.47
C LYS A 430 22.77 25.36 -36.54
N GLU A 431 22.38 26.38 -37.29
CA GLU A 431 21.38 26.21 -38.34
C GLU A 431 21.95 25.38 -39.48
N GLY A 432 21.13 24.46 -39.99
CA GLY A 432 21.55 23.60 -41.08
C GLY A 432 22.43 22.44 -40.68
N SER A 433 22.64 22.22 -39.39
CA SER A 433 23.47 21.12 -38.93
C SER A 433 22.74 19.79 -39.10
N SER A 434 23.50 18.70 -39.08
CA SER A 434 22.94 17.36 -39.23
C SER A 434 22.66 16.71 -37.88
N VAL A 435 22.90 17.41 -36.77
CA VAL A 435 22.66 16.89 -35.43
C VAL A 435 21.75 17.88 -34.72
N GLU A 436 20.57 17.41 -34.32
CA GLU A 436 19.59 18.25 -33.63
C GLU A 436 18.79 17.39 -32.66
N LEU A 437 18.16 18.07 -31.70
CA LEU A 437 17.42 17.39 -30.65
C LEU A 437 16.05 16.96 -31.17
N LYS A 438 15.74 15.67 -31.05
CA LYS A 438 14.41 15.15 -31.37
C LYS A 438 13.96 14.11 -30.35
N HIS A 439 14.52 14.16 -29.14
CA HIS A 439 14.12 13.27 -28.05
C HIS A 439 13.82 14.12 -26.83
N PHE A 440 12.57 14.11 -26.39
CA PHE A 440 12.12 14.96 -25.29
C PHE A 440 11.26 14.15 -24.33
N PHE A 441 10.93 14.78 -23.20
CA PHE A 441 9.93 14.26 -22.26
C PHE A 441 8.58 14.88 -22.62
N PHE A 442 7.65 14.06 -23.10
CA PHE A 442 6.33 14.55 -23.46
C PHE A 442 5.37 14.41 -22.28
N ALA A 443 4.49 15.39 -22.15
CA ALA A 443 3.51 15.44 -21.07
C ALA A 443 2.15 14.98 -21.57
N GLN A 444 1.36 14.41 -20.65
CA GLN A 444 0.06 13.87 -20.98
C GLN A 444 -0.98 14.44 -20.03
N ASP A 445 -2.22 14.51 -20.49
CA ASP A 445 -3.32 15.10 -19.73
C ASP A 445 -3.99 14.03 -18.87
N GLY A 446 -5.13 14.37 -18.27
CA GLY A 446 -5.73 13.47 -17.28
C GLY A 446 -6.21 12.15 -17.85
N ASN A 447 -6.92 12.18 -18.97
CA ASN A 447 -7.52 10.99 -19.56
C ASN A 447 -6.57 10.40 -20.60
N ALA A 448 -5.44 9.90 -20.14
CA ALA A 448 -4.46 9.25 -20.98
C ALA A 448 -4.33 7.76 -20.74
N ALA A 449 -4.42 7.33 -19.48
CA ALA A 449 -4.31 5.91 -19.15
C ALA A 449 -5.43 5.11 -19.80
N ILE A 450 -6.67 5.60 -19.68
CA ILE A 450 -7.80 4.90 -20.28
C ILE A 450 -7.74 4.96 -21.80
N SER A 451 -7.28 6.09 -22.36
CA SER A 451 -7.14 6.20 -23.80
C SER A 451 -6.12 5.21 -24.34
N ASP A 452 -5.03 4.98 -23.61
CA ASP A 452 -4.04 3.99 -24.00
C ASP A 452 -4.53 2.57 -23.78
N TYR A 453 -5.31 2.32 -22.72
CA TYR A 453 -5.87 1.00 -22.50
C TYR A 453 -6.88 0.65 -23.58
N ASP A 454 -7.56 1.65 -24.14
CA ASP A 454 -8.57 1.40 -25.17
C ASP A 454 -7.97 0.87 -26.48
N TYR A 455 -6.65 0.64 -26.58
CA TYR A 455 -6.05 0.09 -27.79
C TYR A 455 -6.18 -1.42 -27.88
N TYR A 456 -6.75 -2.06 -26.87
CA TYR A 456 -7.02 -3.50 -26.95
C TYR A 456 -8.17 -3.83 -27.89
N ARG A 457 -8.82 -2.83 -28.46
CA ARG A 457 -9.87 -3.05 -29.45
C ARG A 457 -9.33 -3.61 -30.76
N TYR A 458 -8.02 -3.64 -30.95
CA TYR A 458 -7.40 -4.23 -32.12
C TYR A 458 -7.22 -5.74 -31.99
N ASN A 459 -7.57 -6.32 -30.84
CA ASN A 459 -7.44 -7.75 -30.61
C ASN A 459 -8.77 -8.42 -30.96
N LEU A 460 -8.75 -9.24 -32.00
CA LEU A 460 -9.94 -9.93 -32.50
C LEU A 460 -9.77 -11.44 -32.41
N PRO A 461 -10.86 -12.18 -32.25
CA PRO A 461 -10.76 -13.65 -32.24
C PRO A 461 -10.35 -14.17 -33.61
N THR A 462 -9.32 -15.00 -33.64
CA THR A 462 -8.73 -15.47 -34.89
C THR A 462 -8.66 -16.99 -34.87
N MET A 463 -9.21 -17.61 -35.90
CA MET A 463 -9.08 -19.05 -36.11
C MET A 463 -7.88 -19.33 -37.00
N CYS A 464 -7.19 -20.42 -36.73
CA CYS A 464 -5.95 -20.75 -37.43
C CYS A 464 -6.14 -21.98 -38.32
N ASP A 465 -5.21 -22.14 -39.26
CA ASP A 465 -5.13 -23.35 -40.06
C ASP A 465 -4.40 -24.41 -39.25
N ILE A 466 -5.14 -25.36 -38.68
CA ILE A 466 -4.60 -26.25 -37.67
C ILE A 466 -3.59 -27.23 -38.24
N ARG A 467 -3.82 -27.75 -39.46
CA ARG A 467 -2.92 -28.73 -40.03
C ARG A 467 -1.55 -28.14 -40.37
N GLN A 468 -1.47 -26.82 -40.53
CA GLN A 468 -0.20 -26.16 -40.77
C GLN A 468 0.46 -25.69 -39.48
N LEU A 469 -0.34 -25.25 -38.50
CA LEU A 469 0.20 -24.89 -37.19
C LEU A 469 0.81 -26.11 -36.50
N LEU A 470 0.21 -27.29 -36.68
CA LEU A 470 0.73 -28.49 -36.04
C LEU A 470 2.09 -28.92 -36.59
N PHE A 471 2.50 -28.38 -37.74
CA PHE A 471 3.82 -28.63 -38.32
C PHE A 471 4.79 -27.49 -37.98
N VAL A 472 4.27 -26.26 -37.99
CA VAL A 472 5.09 -25.11 -37.59
C VAL A 472 5.54 -25.27 -36.14
N VAL A 473 4.68 -25.82 -35.28
CA VAL A 473 5.07 -26.01 -33.88
C VAL A 473 6.18 -27.04 -33.77
N GLU A 474 6.17 -28.09 -34.61
CA GLU A 474 7.25 -29.06 -34.60
C GLU A 474 8.56 -28.42 -35.03
N VAL A 475 8.53 -27.58 -36.06
CA VAL A 475 9.76 -26.92 -36.51
C VAL A 475 10.27 -25.97 -35.43
N VAL A 476 9.38 -25.25 -34.76
CA VAL A 476 9.79 -24.34 -33.69
C VAL A 476 10.42 -25.12 -32.54
N ASP A 477 9.82 -26.26 -32.18
CA ASP A 477 10.39 -27.09 -31.14
C ASP A 477 11.77 -27.61 -31.53
N LYS A 478 11.96 -27.92 -32.82
CA LYS A 478 13.31 -28.25 -33.30
C LYS A 478 14.27 -27.08 -33.08
N TYR A 479 13.79 -25.85 -33.31
CA TYR A 479 14.64 -24.68 -33.04
C TYR A 479 15.01 -24.60 -31.57
N PHE A 480 14.07 -24.86 -30.67
CA PHE A 480 14.33 -24.79 -29.22
C PHE A 480 14.75 -26.15 -28.65
N ASP A 481 15.92 -26.65 -29.04
CA ASP A 481 16.31 -28.01 -28.70
C ASP A 481 17.63 -28.14 -27.96
N CYS A 482 18.43 -27.08 -27.88
CA CYS A 482 19.77 -27.18 -27.31
C CYS A 482 19.82 -26.78 -25.83
N TYR A 483 18.68 -26.65 -25.18
CA TYR A 483 18.60 -26.19 -23.80
C TYR A 483 18.07 -27.31 -22.90
N ASP A 484 18.07 -27.04 -21.60
CA ASP A 484 17.50 -27.95 -20.62
C ASP A 484 16.68 -27.15 -19.63
N GLY A 485 15.67 -27.80 -19.03
CA GLY A 485 14.79 -27.11 -18.11
C GLY A 485 14.09 -28.09 -17.20
N GLY A 486 13.22 -27.54 -16.37
CA GLY A 486 12.49 -28.30 -15.40
C GLY A 486 12.10 -27.43 -14.22
N CYS A 487 11.66 -28.10 -13.15
CA CYS A 487 11.23 -27.42 -11.94
C CYS A 487 12.36 -27.36 -10.93
N ILE A 488 12.37 -26.30 -10.13
CA ILE A 488 13.37 -26.09 -9.09
C ILE A 488 12.67 -25.82 -7.77
N ASN A 489 13.40 -26.02 -6.67
CA ASN A 489 12.87 -25.79 -5.34
C ASN A 489 12.88 -24.30 -5.03
N ALA A 490 12.23 -23.93 -3.92
CA ALA A 490 12.10 -22.52 -3.55
C ALA A 490 13.41 -21.90 -3.09
N ASN A 491 14.42 -22.70 -2.76
CA ASN A 491 15.70 -22.19 -2.30
C ASN A 491 16.71 -22.01 -3.43
N GLN A 492 16.34 -22.34 -4.66
CA GLN A 492 17.20 -22.16 -5.82
C GLN A 492 16.77 -21.00 -6.70
N VAL A 493 15.80 -20.21 -6.27
CA VAL A 493 15.26 -19.11 -7.07
C VAL A 493 16.13 -17.88 -6.84
N ILE A 494 16.52 -17.22 -7.92
CA ILE A 494 17.35 -16.03 -7.89
C ILE A 494 16.48 -14.83 -8.23
N VAL A 495 16.46 -13.86 -7.32
CA VAL A 495 15.70 -12.62 -7.50
C VAL A 495 16.65 -11.44 -7.31
N ASN A 496 16.60 -10.48 -8.24
CA ASN A 496 17.38 -9.27 -8.15
C ASN A 496 16.44 -8.09 -7.94
N ASN A 497 16.89 -7.10 -7.16
CA ASN A 497 16.10 -5.91 -6.88
C ASN A 497 14.77 -6.26 -6.23
N LEU A 498 14.81 -6.80 -5.01
CA LEU A 498 13.61 -7.14 -4.25
C LEU A 498 12.88 -5.91 -3.73
N ASP A 499 13.24 -4.72 -4.19
CA ASP A 499 12.64 -3.47 -3.73
C ASP A 499 11.70 -2.89 -4.78
N LYS A 500 10.98 -3.74 -5.48
CA LYS A 500 10.04 -3.32 -6.51
C LYS A 500 8.63 -3.71 -6.12
N SER A 501 7.66 -3.18 -6.87
CA SER A 501 6.26 -3.28 -6.51
C SER A 501 5.78 -4.73 -6.56
N ALA A 502 4.75 -5.01 -5.76
CA ALA A 502 4.18 -6.35 -5.67
C ALA A 502 2.79 -6.45 -6.28
N GLY A 503 2.24 -5.37 -6.79
CA GLY A 503 0.95 -5.40 -7.45
C GLY A 503 -0.19 -5.02 -6.50
N PHE A 504 -1.40 -5.30 -6.96
CA PHE A 504 -2.62 -5.00 -6.23
C PHE A 504 -3.23 -6.27 -5.65
N PRO A 505 -3.73 -6.23 -4.42
CA PRO A 505 -3.73 -5.12 -3.46
C PRO A 505 -2.53 -5.14 -2.53
N PHE A 506 -1.47 -5.86 -2.91
CA PHE A 506 -0.33 -6.06 -2.02
C PHE A 506 0.55 -4.84 -1.89
N ASN A 507 0.32 -3.78 -2.67
CA ASN A 507 1.15 -2.58 -2.61
C ASN A 507 0.73 -1.63 -1.50
N LYS A 508 -0.29 -2.00 -0.72
CA LYS A 508 -0.71 -1.18 0.42
C LYS A 508 0.07 -1.50 1.69
N TRP A 509 0.92 -2.52 1.67
CA TRP A 509 1.61 -2.94 2.89
C TRP A 509 3.11 -3.12 2.73
N GLY A 510 3.65 -3.13 1.52
CA GLY A 510 5.07 -3.24 1.35
C GLY A 510 5.43 -3.66 -0.06
N LYS A 511 6.74 -3.84 -0.25
CA LYS A 511 7.30 -4.26 -1.53
C LYS A 511 7.42 -5.78 -1.56
N ALA A 512 8.11 -6.30 -2.57
CA ALA A 512 8.32 -7.74 -2.69
C ALA A 512 9.22 -8.31 -1.60
N ARG A 513 10.06 -7.47 -0.98
CA ARG A 513 10.91 -7.94 0.11
C ARG A 513 10.07 -8.43 1.29
N LEU A 514 8.99 -7.70 1.61
CA LEU A 514 8.15 -8.09 2.74
C LEU A 514 7.54 -9.47 2.52
N TYR A 515 7.10 -9.78 1.31
CA TYR A 515 6.47 -11.06 1.04
C TYR A 515 7.47 -12.18 0.78
N TYR A 516 8.69 -11.86 0.34
CA TYR A 516 9.72 -12.88 0.24
C TYR A 516 10.41 -13.16 1.56
N ASP A 517 10.25 -12.28 2.56
CA ASP A 517 10.81 -12.54 3.88
C ASP A 517 9.77 -13.20 4.79
N SER A 518 8.53 -12.72 4.75
CA SER A 518 7.47 -13.27 5.59
C SER A 518 7.11 -14.70 5.22
N MET A 519 7.41 -15.14 4.01
CA MET A 519 7.12 -16.50 3.57
C MET A 519 8.39 -17.34 3.64
N SER A 520 8.33 -18.42 4.42
CA SER A 520 9.45 -19.33 4.53
C SER A 520 9.44 -20.27 3.31
N TYR A 521 10.40 -21.21 3.28
CA TYR A 521 10.61 -22.02 2.09
C TYR A 521 9.51 -23.05 1.85
N GLU A 522 9.08 -23.79 2.87
CA GLU A 522 8.03 -24.78 2.63
C GLU A 522 6.68 -24.12 2.41
N ASP A 523 6.47 -22.90 2.90
CA ASP A 523 5.26 -22.16 2.53
C ASP A 523 5.24 -21.88 1.04
N GLN A 524 6.37 -21.43 0.48
CA GLN A 524 6.47 -21.20 -0.96
C GLN A 524 6.28 -22.50 -1.73
N ASP A 525 6.87 -23.59 -1.25
CA ASP A 525 6.72 -24.87 -1.92
C ASP A 525 5.27 -25.34 -1.92
N ALA A 526 4.57 -25.20 -0.78
CA ALA A 526 3.17 -25.58 -0.72
C ALA A 526 2.31 -24.70 -1.62
N LEU A 527 2.59 -23.40 -1.67
CA LEU A 527 1.86 -22.53 -2.58
C LEU A 527 2.09 -22.91 -4.03
N PHE A 528 3.33 -23.24 -4.40
CA PHE A 528 3.60 -23.65 -5.77
C PHE A 528 2.93 -24.97 -6.12
N ALA A 529 2.92 -25.92 -5.19
CA ALA A 529 2.24 -27.19 -5.40
C ALA A 529 0.72 -27.05 -5.36
N TYR A 530 0.21 -25.93 -4.84
CA TYR A 530 -1.24 -25.72 -4.81
C TYR A 530 -1.78 -25.39 -6.18
N THR A 531 -0.95 -24.81 -7.05
CA THR A 531 -1.40 -24.37 -8.38
C THR A 531 -1.31 -25.44 -9.44
N LYS A 532 -0.95 -26.67 -9.06
CA LYS A 532 -1.00 -27.80 -9.99
C LYS A 532 -2.30 -28.57 -9.86
N ARG A 533 -3.22 -28.13 -9.00
CA ARG A 533 -4.53 -28.73 -8.89
C ARG A 533 -5.64 -27.70 -8.81
N ASN A 534 -5.31 -26.41 -8.81
CA ASN A 534 -6.31 -25.36 -8.69
C ASN A 534 -5.93 -24.21 -9.61
N VAL A 535 -6.87 -23.29 -9.78
CA VAL A 535 -6.69 -22.10 -10.61
C VAL A 535 -6.86 -20.87 -9.73
N ILE A 536 -5.87 -19.97 -9.79
CA ILE A 536 -5.90 -18.75 -8.98
C ILE A 536 -5.93 -17.53 -9.90
N PRO A 537 -7.08 -16.91 -10.14
CA PRO A 537 -7.10 -15.67 -10.92
C PRO A 537 -6.63 -14.49 -10.09
N THR A 538 -5.91 -13.58 -10.75
CA THR A 538 -5.33 -12.43 -10.08
C THR A 538 -5.74 -11.12 -10.76
N ILE A 539 -5.15 -10.01 -10.30
CA ILE A 539 -5.46 -8.69 -10.82
C ILE A 539 -4.16 -8.02 -11.28
N THR A 540 -4.23 -7.36 -12.43
CA THR A 540 -3.09 -6.68 -13.02
C THR A 540 -3.32 -5.18 -12.98
N GLN A 541 -2.30 -4.42 -12.58
CA GLN A 541 -2.36 -2.98 -12.49
C GLN A 541 -1.60 -2.36 -13.65
N MET A 542 -2.15 -1.28 -14.20
CA MET A 542 -1.56 -0.58 -15.34
C MET A 542 -0.94 0.74 -14.87
N ASN A 543 0.30 0.97 -15.28
CA ASN A 543 1.04 2.16 -14.88
C ASN A 543 1.57 2.88 -16.11
N LEU A 544 1.76 4.20 -15.97
CA LEU A 544 2.29 5.03 -17.04
C LEU A 544 3.80 5.22 -16.84
N LYS A 545 4.53 5.27 -17.95
CA LYS A 545 5.97 5.40 -17.92
C LYS A 545 6.38 6.87 -17.95
N TYR A 546 7.57 7.13 -17.39
CA TYR A 546 8.15 8.47 -17.32
C TYR A 546 9.56 8.37 -17.87
N ALA A 547 9.70 8.49 -19.19
CA ALA A 547 10.99 8.28 -19.84
C ALA A 547 11.05 9.11 -21.11
N ILE A 548 12.27 9.25 -21.64
CA ILE A 548 12.52 10.00 -22.86
C ILE A 548 12.10 9.14 -24.05
N SER A 549 11.72 9.80 -25.14
CA SER A 549 11.26 9.12 -26.34
C SER A 549 11.28 10.12 -27.50
N ALA A 550 10.94 9.63 -28.68
CA ALA A 550 10.91 10.45 -29.89
C ALA A 550 9.51 10.71 -30.42
N LYS A 551 8.49 10.01 -29.91
CA LYS A 551 7.11 10.20 -30.33
C LYS A 551 6.26 10.50 -29.10
N ASN A 552 5.12 11.15 -29.35
CA ASN A 552 4.33 11.79 -28.30
C ASN A 552 3.10 10.98 -27.90
N ARG A 553 3.22 9.66 -27.86
CA ARG A 553 2.15 8.81 -27.38
C ARG A 553 2.52 8.23 -26.01
N ALA A 554 1.50 8.01 -25.19
CA ALA A 554 1.70 7.49 -23.84
C ALA A 554 2.10 6.02 -23.89
N ARG A 555 2.99 5.64 -22.99
CA ARG A 555 3.46 4.26 -22.87
C ARG A 555 3.03 3.69 -21.52
N THR A 556 2.61 2.43 -21.52
CA THR A 556 2.04 1.82 -20.33
C THR A 556 2.59 0.41 -20.17
N VAL A 557 2.94 0.05 -18.93
CA VAL A 557 3.38 -1.29 -18.60
C VAL A 557 2.38 -1.89 -17.60
N ALA A 558 2.47 -3.20 -17.44
CA ALA A 558 1.52 -3.96 -16.61
C ALA A 558 2.26 -4.48 -15.39
N GLY A 559 1.68 -4.24 -14.21
CA GLY A 559 2.23 -4.76 -12.97
C GLY A 559 1.50 -5.99 -12.47
N VAL A 560 2.12 -7.16 -12.63
CA VAL A 560 1.47 -8.41 -12.26
C VAL A 560 1.58 -8.62 -10.75
N SER A 561 0.63 -9.39 -10.20
CA SER A 561 0.59 -9.66 -8.78
C SER A 561 1.75 -10.57 -8.38
N ILE A 562 2.08 -10.55 -7.09
CA ILE A 562 3.19 -11.33 -6.57
C ILE A 562 2.91 -12.83 -6.58
N CYS A 563 1.66 -13.24 -6.35
CA CYS A 563 1.30 -14.65 -6.31
C CYS A 563 1.49 -15.35 -7.66
N SER A 564 1.48 -14.60 -8.76
CA SER A 564 1.71 -15.19 -10.08
C SER A 564 3.20 -15.27 -10.40
N THR A 565 3.94 -14.19 -10.14
CA THR A 565 5.38 -14.16 -10.41
C THR A 565 6.11 -15.18 -9.56
N MET A 566 5.72 -15.31 -8.28
CA MET A 566 6.42 -16.20 -7.36
C MET A 566 6.41 -17.64 -7.83
N THR A 567 5.31 -18.08 -8.45
CA THR A 567 5.21 -19.44 -8.97
C THR A 567 5.72 -19.56 -10.40
N ASN A 568 5.53 -18.54 -11.23
CA ASN A 568 6.05 -18.60 -12.59
C ASN A 568 7.57 -18.67 -12.59
N ARG A 569 8.23 -18.01 -11.62
CA ARG A 569 9.66 -18.13 -11.50
C ARG A 569 10.08 -19.57 -11.24
N GLN A 570 9.46 -20.21 -10.24
CA GLN A 570 9.79 -21.60 -9.95
C GLN A 570 9.49 -22.52 -11.13
N PHE A 571 8.51 -22.16 -11.95
CA PHE A 571 8.18 -23.01 -13.09
C PHE A 571 9.18 -22.84 -14.24
N HIS A 572 9.65 -21.62 -14.51
CA HIS A 572 10.33 -21.35 -15.78
C HIS A 572 11.79 -20.91 -15.64
N GLN A 573 12.29 -20.64 -14.43
CA GLN A 573 13.57 -19.97 -14.29
C GLN A 573 14.73 -20.82 -14.79
N LYS A 574 14.68 -22.13 -14.61
CA LYS A 574 15.79 -22.97 -15.06
C LYS A 574 15.97 -22.87 -16.57
N LEU A 575 14.89 -23.00 -17.32
CA LEU A 575 14.96 -22.88 -18.77
C LEU A 575 15.36 -21.46 -19.18
N LEU A 576 14.82 -20.45 -18.50
CA LEU A 576 15.16 -19.07 -18.86
C LEU A 576 16.65 -18.80 -18.65
N LYS A 577 17.21 -19.31 -17.56
CA LYS A 577 18.65 -19.13 -17.31
C LYS A 577 19.49 -19.95 -18.27
N SER A 578 19.03 -21.14 -18.65
CA SER A 578 19.78 -21.94 -19.62
C SER A 578 19.78 -21.31 -21.00
N ILE A 579 18.71 -20.61 -21.38
CA ILE A 579 18.67 -19.94 -22.68
C ILE A 579 19.63 -18.77 -22.71
N ALA A 580 19.71 -17.98 -21.64
CA ALA A 580 20.51 -16.76 -21.60
C ALA A 580 21.99 -17.03 -21.28
N ALA A 581 22.45 -18.27 -21.45
CA ALA A 581 23.85 -18.59 -21.21
C ALA A 581 24.51 -19.29 -22.39
N THR A 582 23.83 -19.43 -23.51
CA THR A 582 24.37 -20.11 -24.69
C THR A 582 24.79 -19.09 -25.74
N ARG A 583 25.94 -19.34 -26.35
CA ARG A 583 26.49 -18.48 -27.39
C ARG A 583 26.49 -19.24 -28.71
N GLY A 584 26.12 -18.54 -29.78
CA GLY A 584 26.08 -19.13 -31.10
C GLY A 584 24.77 -19.72 -31.53
N ALA A 585 23.68 -19.43 -30.82
CA ALA A 585 22.36 -19.96 -31.14
C ALA A 585 21.55 -18.90 -31.91
N THR A 586 20.31 -19.24 -32.26
CA THR A 586 19.44 -18.31 -32.96
C THR A 586 18.95 -17.18 -32.06
N VAL A 587 18.53 -17.50 -30.84
CA VAL A 587 18.13 -16.48 -29.88
C VAL A 587 19.39 -15.91 -29.22
N VAL A 588 19.52 -14.59 -29.26
CA VAL A 588 20.76 -13.95 -28.81
C VAL A 588 20.50 -13.19 -27.50
N ILE A 589 19.51 -13.64 -26.73
CA ILE A 589 19.28 -13.04 -25.42
C ILE A 589 20.38 -13.47 -24.48
N GLY A 590 21.08 -12.50 -23.87
CA GLY A 590 22.17 -12.76 -22.94
C GLY A 590 23.52 -12.34 -23.46
N THR A 591 23.70 -12.35 -24.78
CA THR A 591 24.98 -11.92 -25.36
C THR A 591 25.12 -10.41 -25.27
N SER A 592 26.31 -9.95 -24.88
CA SER A 592 26.61 -8.54 -24.78
C SER A 592 27.22 -8.04 -26.09
N LYS A 593 27.29 -6.72 -26.22
CA LYS A 593 27.87 -6.09 -27.39
C LYS A 593 29.28 -5.56 -27.17
N PHE A 594 29.79 -5.59 -25.94
CA PHE A 594 31.14 -5.15 -25.65
C PHE A 594 32.13 -6.31 -25.82
N TYR A 595 33.41 -5.95 -25.92
CA TYR A 595 34.51 -6.90 -25.99
C TYR A 595 34.36 -7.84 -27.19
N GLY A 596 33.88 -7.29 -28.31
CA GLY A 596 33.79 -8.04 -29.54
C GLY A 596 32.55 -8.89 -29.72
N GLY A 597 31.53 -8.72 -28.88
CA GLY A 597 30.32 -9.51 -29.00
C GLY A 597 29.54 -9.22 -30.26
N TRP A 598 29.45 -7.95 -30.65
CA TRP A 598 28.70 -7.57 -31.84
C TRP A 598 29.30 -8.22 -33.10
N HIS A 599 30.62 -8.19 -33.22
CA HIS A 599 31.28 -8.82 -34.36
C HIS A 599 31.02 -10.31 -34.39
N ASN A 600 31.06 -10.97 -33.23
CA ASN A 600 30.81 -12.40 -33.17
C ASN A 600 29.38 -12.73 -33.59
N MET A 601 28.40 -11.94 -33.12
CA MET A 601 27.02 -12.17 -33.53
C MET A 601 26.84 -11.98 -35.02
N LEU A 602 27.42 -10.91 -35.58
CA LEU A 602 27.29 -10.67 -37.01
C LEU A 602 27.95 -11.78 -37.83
N LYS A 603 29.12 -12.26 -37.41
CA LYS A 603 29.75 -13.37 -38.11
C LYS A 603 28.96 -14.67 -37.98
N THR A 604 28.32 -14.91 -36.83
CA THR A 604 27.49 -16.10 -36.68
C THR A 604 26.27 -16.04 -37.59
N VAL A 605 25.61 -14.89 -37.68
CA VAL A 605 24.39 -14.80 -38.48
C VAL A 605 24.70 -14.94 -39.97
N TYR A 606 25.89 -14.53 -40.40
CA TYR A 606 26.22 -14.66 -41.82
C TYR A 606 26.40 -16.10 -42.25
N SER A 607 26.77 -16.99 -41.33
CA SER A 607 26.98 -18.41 -41.60
C SER A 607 27.74 -18.66 -42.89
N ASP A 608 27.14 -19.42 -43.80
CA ASP A 608 27.75 -19.69 -45.10
C ASP A 608 26.67 -19.64 -46.18
N VAL A 609 25.81 -18.62 -46.12
CA VAL A 609 24.78 -18.42 -47.12
C VAL A 609 25.45 -18.11 -48.46
N GLU A 610 24.82 -18.53 -49.56
CA GLU A 610 25.46 -18.55 -50.87
C GLU A 610 25.37 -17.22 -51.61
N ASN A 611 24.19 -16.59 -51.62
CA ASN A 611 24.00 -15.30 -52.26
C ASN A 611 23.37 -14.36 -51.23
N PRO A 612 24.16 -13.89 -50.27
CA PRO A 612 23.58 -13.26 -49.08
C PRO A 612 23.02 -11.87 -49.34
N HIS A 613 21.80 -11.66 -48.83
CA HIS A 613 21.22 -10.34 -48.63
C HIS A 613 20.76 -10.25 -47.18
N LEU A 614 20.42 -9.05 -46.74
CA LEU A 614 19.94 -8.83 -45.39
C LEU A 614 18.57 -8.19 -45.43
N MET A 615 17.76 -8.50 -44.41
CA MET A 615 16.36 -8.07 -44.39
C MET A 615 15.89 -7.93 -42.95
N GLY A 616 15.04 -6.95 -42.71
CA GLY A 616 14.41 -6.77 -41.42
C GLY A 616 13.00 -6.26 -41.60
N TRP A 617 12.14 -6.58 -40.64
CA TRP A 617 10.72 -6.25 -40.74
C TRP A 617 10.27 -5.66 -39.40
N ASP A 618 8.97 -5.43 -39.27
CA ASP A 618 8.42 -4.75 -38.10
C ASP A 618 7.02 -5.26 -37.83
N TYR A 619 6.65 -5.34 -36.55
CA TYR A 619 5.32 -5.77 -36.14
C TYR A 619 4.50 -4.57 -35.67
N PRO A 620 3.46 -4.18 -36.38
CA PRO A 620 2.60 -3.08 -35.90
C PRO A 620 1.71 -3.54 -34.77
N LYS A 621 1.76 -2.83 -33.65
CA LYS A 621 0.98 -3.15 -32.46
C LYS A 621 1.19 -4.61 -32.04
N CYS A 622 2.45 -4.91 -31.69
CA CYS A 622 2.86 -6.30 -31.50
C CYS A 622 2.12 -6.96 -30.33
N ASP A 623 1.99 -6.27 -29.20
CA ASP A 623 1.41 -6.88 -28.01
C ASP A 623 -0.08 -6.67 -27.87
N ARG A 624 -0.66 -5.64 -28.52
CA ARG A 624 -2.10 -5.43 -28.45
C ARG A 624 -2.86 -6.30 -29.43
N ALA A 625 -2.18 -6.89 -30.42
CA ALA A 625 -2.87 -7.58 -31.51
C ALA A 625 -2.48 -9.04 -31.69
N MET A 626 -1.61 -9.58 -30.85
CA MET A 626 -1.23 -10.99 -30.98
C MET A 626 -2.39 -11.88 -30.60
N PRO A 627 -2.82 -12.80 -31.47
CA PRO A 627 -3.95 -13.68 -31.15
C PRO A 627 -3.63 -14.62 -30.01
N ASN A 628 -4.69 -15.10 -29.36
CA ASN A 628 -4.57 -15.97 -28.20
C ASN A 628 -3.94 -17.32 -28.53
N MET A 629 -4.25 -17.87 -29.72
CA MET A 629 -3.78 -19.21 -30.05
C MET A 629 -2.26 -19.27 -30.11
N LEU A 630 -1.61 -18.23 -30.65
CA LEU A 630 -0.16 -18.20 -30.68
C LEU A 630 0.46 -18.06 -29.30
N ARG A 631 -0.19 -17.33 -28.38
CA ARG A 631 0.29 -17.27 -27.01
C ARG A 631 0.17 -18.63 -26.33
N ILE A 632 -0.93 -19.34 -26.57
CA ILE A 632 -1.07 -20.70 -26.05
C ILE A 632 0.03 -21.60 -26.61
N MET A 633 0.32 -21.47 -27.90
CA MET A 633 1.36 -22.27 -28.52
C MET A 633 2.72 -21.97 -27.91
N ALA A 634 3.01 -20.69 -27.66
CA ALA A 634 4.29 -20.34 -27.03
C ALA A 634 4.41 -20.92 -25.64
N SER A 635 3.33 -20.84 -24.85
CA SER A 635 3.36 -21.44 -23.51
C SER A 635 3.58 -22.94 -23.58
N LEU A 636 2.89 -23.61 -24.52
CA LEU A 636 3.05 -25.06 -24.66
C LEU A 636 4.47 -25.43 -25.09
N VAL A 637 5.06 -24.65 -25.99
CA VAL A 637 6.43 -24.91 -26.43
C VAL A 637 7.40 -24.73 -25.27
N LEU A 638 7.22 -23.67 -24.47
CA LEU A 638 8.10 -23.47 -23.32
C LEU A 638 7.95 -24.58 -22.29
N ALA A 639 6.73 -25.09 -22.11
CA ALA A 639 6.45 -26.07 -21.08
C ALA A 639 6.74 -27.50 -21.53
N ARG A 640 7.49 -27.69 -22.61
CA ARG A 640 7.80 -29.03 -23.10
C ARG A 640 9.01 -29.65 -22.42
N LYS A 641 9.70 -28.91 -21.54
CA LYS A 641 10.86 -29.45 -20.84
C LYS A 641 10.49 -30.18 -19.56
N HIS A 642 9.20 -30.28 -19.23
CA HIS A 642 8.74 -30.86 -17.97
C HIS A 642 8.26 -32.30 -18.15
N THR A 643 8.91 -33.08 -19.00
CA THR A 643 8.46 -34.44 -19.31
C THR A 643 8.74 -35.43 -18.19
N THR A 644 9.50 -35.03 -17.16
CA THR A 644 9.83 -35.96 -16.09
C THR A 644 9.40 -35.43 -14.73
N CYS A 645 9.41 -34.11 -14.56
CA CYS A 645 9.09 -33.52 -13.27
C CYS A 645 7.61 -33.33 -13.05
N CYS A 646 6.80 -33.39 -14.11
CA CYS A 646 5.37 -33.07 -14.01
C CYS A 646 4.55 -34.14 -14.71
N SER A 647 3.33 -34.31 -14.21
CA SER A 647 2.37 -35.23 -14.83
C SER A 647 1.64 -34.54 -15.98
N LEU A 648 0.61 -35.19 -16.51
CA LEU A 648 -0.20 -34.61 -17.58
C LEU A 648 -1.26 -33.65 -17.09
N SER A 649 -1.83 -33.88 -15.90
CA SER A 649 -2.79 -32.95 -15.34
C SER A 649 -2.11 -31.72 -14.74
N HIS A 650 -0.91 -31.89 -14.17
CA HIS A 650 -0.19 -30.77 -13.61
C HIS A 650 0.14 -29.73 -14.67
N ARG A 651 0.59 -30.19 -15.85
CA ARG A 651 0.90 -29.28 -16.94
C ARG A 651 -0.33 -28.54 -17.43
N PHE A 652 -1.47 -29.22 -17.55
CA PHE A 652 -2.70 -28.55 -17.96
C PHE A 652 -3.11 -27.50 -16.95
N TYR A 653 -3.01 -27.82 -15.66
CA TYR A 653 -3.40 -26.83 -14.65
C TYR A 653 -2.45 -25.66 -14.61
N ARG A 654 -1.15 -25.88 -14.84
CA ARG A 654 -0.22 -24.76 -14.96
C ARG A 654 -0.56 -23.89 -16.16
N LEU A 655 -0.90 -24.50 -17.29
CA LEU A 655 -1.31 -23.73 -18.46
C LEU A 655 -2.57 -22.91 -18.17
N ALA A 656 -3.54 -23.53 -17.48
CA ALA A 656 -4.77 -22.81 -17.13
C ALA A 656 -4.48 -21.64 -16.21
N ASN A 657 -3.59 -21.83 -15.23
CA ASN A 657 -3.21 -20.73 -14.35
C ASN A 657 -2.56 -19.59 -15.12
N GLU A 658 -1.66 -19.93 -16.05
CA GLU A 658 -1.02 -18.89 -16.84
C GLU A 658 -2.04 -18.13 -17.69
N CYS A 659 -2.98 -18.86 -18.31
CA CYS A 659 -4.01 -18.20 -19.11
C CYS A 659 -4.89 -17.31 -18.26
N ALA A 660 -5.25 -17.76 -17.07
CA ALA A 660 -6.14 -16.99 -16.19
C ALA A 660 -5.43 -15.80 -15.56
N GLN A 661 -4.09 -15.79 -15.50
CA GLN A 661 -3.39 -14.68 -14.87
C GLN A 661 -2.80 -13.67 -15.85
N VAL A 662 -2.31 -14.09 -17.02
CA VAL A 662 -1.58 -13.15 -17.87
C VAL A 662 -2.08 -13.13 -19.30
N LEU A 663 -3.27 -13.69 -19.55
CA LEU A 663 -3.80 -13.66 -20.92
C LEU A 663 -5.17 -13.01 -20.98
N SER A 664 -6.03 -13.32 -20.02
CA SER A 664 -7.35 -12.71 -19.96
C SER A 664 -7.84 -12.64 -18.51
N GLU A 665 -7.66 -11.48 -17.88
CA GLU A 665 -7.97 -11.32 -16.47
C GLU A 665 -8.43 -9.88 -16.23
N MET A 666 -8.82 -9.60 -14.99
CA MET A 666 -9.23 -8.26 -14.62
C MET A 666 -8.02 -7.35 -14.50
N VAL A 667 -8.09 -6.18 -15.13
CA VAL A 667 -7.06 -5.16 -15.01
C VAL A 667 -7.66 -3.99 -14.24
N MET A 668 -6.79 -3.28 -13.51
CA MET A 668 -7.20 -2.19 -12.64
C MET A 668 -6.62 -0.89 -13.20
N CYS A 669 -7.40 -0.21 -14.03
CA CYS A 669 -7.02 1.07 -14.61
C CYS A 669 -7.77 2.20 -13.92
N GLY A 670 -7.04 3.21 -13.48
CA GLY A 670 -7.64 4.27 -12.70
C GLY A 670 -8.05 3.76 -11.32
N GLY A 671 -9.35 3.61 -11.11
CA GLY A 671 -9.84 3.01 -9.88
C GLY A 671 -10.96 2.02 -10.14
N SER A 672 -10.91 1.36 -11.31
CA SER A 672 -12.00 0.51 -11.74
C SER A 672 -11.43 -0.79 -12.31
N LEU A 673 -12.29 -1.81 -12.37
CA LEU A 673 -11.92 -3.12 -12.89
C LEU A 673 -12.50 -3.30 -14.29
N TYR A 674 -11.67 -3.73 -15.21
CA TYR A 674 -12.06 -4.00 -16.60
C TYR A 674 -11.69 -5.43 -16.96
N VAL A 675 -12.13 -5.85 -18.15
CA VAL A 675 -11.87 -7.20 -18.64
C VAL A 675 -10.95 -7.09 -19.85
N LYS A 676 -9.82 -7.79 -19.79
CA LYS A 676 -8.86 -7.80 -20.88
C LYS A 676 -9.29 -8.81 -21.94
N PRO A 677 -9.48 -8.39 -23.20
CA PRO A 677 -9.91 -9.34 -24.23
C PRO A 677 -8.87 -10.40 -24.53
N GLY A 678 -7.63 -9.98 -24.75
CA GLY A 678 -6.57 -10.91 -25.07
C GLY A 678 -5.23 -10.25 -25.25
N GLY A 679 -4.31 -10.91 -25.95
CA GLY A 679 -2.98 -10.37 -26.15
C GLY A 679 -2.05 -10.67 -24.99
N THR A 680 -0.86 -10.10 -25.06
CA THR A 680 0.15 -10.27 -24.03
C THR A 680 0.15 -9.08 -23.08
N SER A 681 0.44 -9.37 -21.81
CA SER A 681 0.57 -8.37 -20.77
C SER A 681 2.05 -8.20 -20.49
N SER A 682 2.69 -7.24 -21.15
CA SER A 682 4.14 -7.06 -21.08
C SER A 682 4.53 -6.73 -19.65
N GLY A 683 5.22 -7.66 -19.00
CA GLY A 683 5.52 -7.51 -17.59
C GLY A 683 5.37 -8.77 -16.77
N ASP A 684 5.12 -9.91 -17.40
CA ASP A 684 5.09 -11.18 -16.70
C ASP A 684 6.52 -11.70 -16.60
N ALA A 685 6.70 -12.95 -16.19
CA ALA A 685 8.02 -13.53 -15.97
C ALA A 685 8.62 -14.15 -17.22
N THR A 686 7.86 -14.18 -18.32
CA THR A 686 8.31 -14.85 -19.53
C THR A 686 7.97 -14.08 -20.79
N THR A 687 8.24 -12.77 -20.80
CA THR A 687 7.82 -11.93 -21.92
C THR A 687 8.70 -12.10 -23.15
N ALA A 688 9.99 -11.81 -23.01
CA ALA A 688 10.88 -11.76 -24.17
C ALA A 688 11.02 -13.12 -24.84
N TYR A 689 11.10 -14.20 -24.06
CA TYR A 689 11.25 -15.52 -24.63
C TYR A 689 10.00 -15.95 -25.41
N ALA A 690 8.82 -15.65 -24.87
CA ALA A 690 7.59 -15.91 -25.61
C ALA A 690 7.52 -15.08 -26.89
N ASN A 691 7.98 -13.82 -26.84
CA ASN A 691 8.03 -13.01 -28.05
C ASN A 691 8.96 -13.63 -29.09
N SER A 692 10.10 -14.15 -28.66
CA SER A 692 11.02 -14.82 -29.58
C SER A 692 10.39 -16.06 -30.20
N VAL A 693 9.67 -16.86 -29.40
CA VAL A 693 8.98 -18.02 -29.96
C VAL A 693 7.95 -17.60 -30.99
N PHE A 694 7.19 -16.54 -30.69
CA PHE A 694 6.19 -16.04 -31.64
C PHE A 694 6.83 -15.57 -32.94
N ASN A 695 7.96 -14.86 -32.84
CA ASN A 695 8.67 -14.39 -34.03
C ASN A 695 9.14 -15.55 -34.89
N ILE A 696 9.73 -16.58 -34.24
CA ILE A 696 10.19 -17.74 -35.00
C ILE A 696 9.01 -18.45 -35.67
N CYS A 697 7.88 -18.56 -34.96
CA CYS A 697 6.70 -19.20 -35.55
C CYS A 697 6.24 -18.44 -36.79
N GLN A 698 6.17 -17.11 -36.72
CA GLN A 698 5.75 -16.33 -37.88
C GLN A 698 6.72 -16.48 -39.05
N ALA A 699 8.03 -16.49 -38.79
CA ALA A 699 8.99 -16.69 -39.87
C ALA A 699 8.82 -18.06 -40.52
N VAL A 700 8.61 -19.09 -39.71
CA VAL A 700 8.45 -20.44 -40.26
C VAL A 700 7.20 -20.54 -41.12
N THR A 701 6.07 -19.98 -40.65
CA THR A 701 4.86 -20.08 -41.48
C THR A 701 4.98 -19.24 -42.74
N ALA A 702 5.70 -18.11 -42.68
CA ALA A 702 5.93 -17.35 -43.89
C ALA A 702 6.74 -18.15 -44.90
N ASN A 703 7.78 -18.87 -44.45
CA ASN A 703 8.54 -19.71 -45.36
C ASN A 703 7.68 -20.82 -45.95
N VAL A 704 6.83 -21.43 -45.12
CA VAL A 704 5.96 -22.52 -45.61
C VAL A 704 5.00 -22.00 -46.67
N ASN A 705 4.39 -20.84 -46.42
CA ASN A 705 3.48 -20.26 -47.40
C ASN A 705 4.20 -19.88 -48.67
N ALA A 706 5.42 -19.35 -48.56
CA ALA A 706 6.20 -19.02 -49.75
C ALA A 706 6.50 -20.25 -50.60
N LEU A 707 6.87 -21.36 -49.95
CA LEU A 707 7.23 -22.55 -50.71
C LEU A 707 6.02 -23.29 -51.29
N LEU A 708 4.91 -23.33 -50.57
CA LEU A 708 3.77 -24.13 -51.01
C LEU A 708 2.90 -23.44 -52.05
N SER A 709 3.17 -22.18 -52.39
CA SER A 709 2.35 -21.42 -53.32
C SER A 709 3.12 -21.07 -54.58
N THR A 710 3.90 -22.02 -55.08
CA THR A 710 4.72 -21.84 -56.27
C THR A 710 4.39 -22.92 -57.28
N ASP A 711 4.32 -22.53 -58.56
CA ASP A 711 4.06 -23.48 -59.64
C ASP A 711 5.18 -24.51 -59.68
N GLY A 712 4.86 -25.77 -59.36
CA GLY A 712 5.87 -26.80 -59.25
C GLY A 712 6.38 -27.32 -60.58
N ASN A 713 5.73 -26.91 -61.68
CA ASN A 713 6.14 -27.30 -63.01
C ASN A 713 7.31 -26.49 -63.55
N LYS A 714 7.69 -25.41 -62.86
CA LYS A 714 8.78 -24.55 -63.31
C LYS A 714 10.00 -24.60 -62.39
N ILE A 715 9.97 -25.45 -61.36
CA ILE A 715 11.14 -25.59 -60.49
C ILE A 715 12.17 -26.47 -61.18
N ALA A 716 13.32 -25.88 -61.52
CA ALA A 716 14.36 -26.59 -62.24
C ALA A 716 14.99 -27.69 -61.40
N ASP A 717 15.31 -27.41 -60.14
CA ASP A 717 15.90 -28.41 -59.27
C ASP A 717 14.85 -29.42 -58.84
N LYS A 718 15.22 -30.71 -58.91
CA LYS A 718 14.32 -31.79 -58.52
C LYS A 718 14.29 -32.05 -57.03
N TYR A 719 15.38 -31.73 -56.31
CA TYR A 719 15.38 -31.88 -54.86
C TYR A 719 14.34 -30.96 -54.21
N VAL A 720 14.27 -29.71 -54.67
CA VAL A 720 13.28 -28.79 -54.12
C VAL A 720 11.87 -29.22 -54.49
N ARG A 721 11.68 -29.77 -55.70
CA ARG A 721 10.37 -30.27 -56.10
C ARG A 721 9.92 -31.41 -55.21
N ASN A 722 10.82 -32.37 -54.93
CA ASN A 722 10.48 -33.45 -54.01
C ASN A 722 10.21 -32.92 -52.61
N LEU A 723 10.97 -31.91 -52.19
CA LEU A 723 10.75 -31.31 -50.88
C LEU A 723 9.36 -30.69 -50.79
N GLN A 724 8.93 -29.99 -51.84
CA GLN A 724 7.59 -29.41 -51.85
C GLN A 724 6.51 -30.48 -51.83
N HIS A 725 6.70 -31.55 -52.61
CA HIS A 725 5.74 -32.65 -52.61
C HIS A 725 5.60 -33.27 -51.22
N ARG A 726 6.74 -33.55 -50.58
CA ARG A 726 6.72 -34.12 -49.24
C ARG A 726 6.14 -33.14 -48.22
N LEU A 727 6.37 -31.83 -48.39
CA LEU A 727 5.80 -30.85 -47.48
C LEU A 727 4.28 -30.87 -47.56
N TYR A 728 3.72 -30.92 -48.77
CA TYR A 728 2.27 -31.01 -48.91
C TYR A 728 1.74 -32.29 -48.29
N GLU A 729 2.43 -33.42 -48.54
CA GLU A 729 2.00 -34.68 -47.97
C GLU A 729 2.01 -34.66 -46.44
N CYS A 730 3.05 -34.10 -45.85
CA CYS A 730 3.16 -34.03 -44.39
C CYS A 730 2.19 -33.03 -43.78
N LEU A 731 1.77 -32.02 -44.54
CA LEU A 731 0.80 -31.06 -44.01
C LEU A 731 -0.61 -31.60 -44.07
N TYR A 732 -1.08 -32.02 -45.25
CA TYR A 732 -2.49 -32.28 -45.45
C TYR A 732 -2.85 -33.75 -45.65
N ARG A 733 -1.88 -34.66 -45.64
CA ARG A 733 -2.17 -36.07 -45.86
C ARG A 733 -1.55 -36.99 -44.80
N ASN A 734 -0.95 -36.42 -43.74
CA ASN A 734 -0.35 -37.21 -42.68
C ASN A 734 -0.90 -36.72 -41.35
N ARG A 735 -1.30 -37.67 -40.50
CA ARG A 735 -1.94 -37.36 -39.23
C ARG A 735 -0.97 -37.26 -38.07
N ASP A 736 0.14 -37.99 -38.11
CA ASP A 736 1.12 -37.99 -37.03
C ASP A 736 2.41 -37.35 -37.50
N VAL A 737 3.31 -37.13 -36.54
CA VAL A 737 4.59 -36.46 -36.79
C VAL A 737 5.50 -37.35 -37.63
N ASP A 738 6.29 -36.75 -38.51
CA ASP A 738 7.28 -37.47 -39.31
C ASP A 738 8.62 -36.77 -39.06
N THR A 739 9.42 -37.33 -38.16
CA THR A 739 10.63 -36.67 -37.68
C THR A 739 11.69 -36.50 -38.76
N ASP A 740 11.81 -37.43 -39.70
CA ASP A 740 12.83 -37.31 -40.73
C ASP A 740 12.62 -36.09 -41.60
N PHE A 741 11.38 -35.85 -42.04
CA PHE A 741 11.11 -34.66 -42.83
C PHE A 741 11.21 -33.38 -42.02
N VAL A 742 10.88 -33.43 -40.73
CA VAL A 742 11.07 -32.26 -39.88
C VAL A 742 12.56 -31.89 -39.81
N ASN A 743 13.43 -32.89 -39.64
CA ASN A 743 14.86 -32.64 -39.63
C ASN A 743 15.33 -32.11 -40.99
N GLU A 744 14.82 -32.68 -42.08
CA GLU A 744 15.22 -32.22 -43.40
C GLU A 744 14.82 -30.77 -43.64
N PHE A 745 13.59 -30.41 -43.29
CA PHE A 745 13.12 -29.04 -43.46
C PHE A 745 13.89 -28.08 -42.56
N TYR A 746 14.20 -28.51 -41.33
CA TYR A 746 14.99 -27.67 -40.44
C TYR A 746 16.38 -27.41 -40.99
N ALA A 747 17.03 -28.44 -41.55
CA ALA A 747 18.34 -28.25 -42.16
C ALA A 747 18.26 -27.33 -43.37
N TYR A 748 17.23 -27.52 -44.21
CA TYR A 748 17.05 -26.66 -45.38
C TYR A 748 16.88 -25.20 -44.96
N LEU A 749 16.05 -24.96 -43.94
CA LEU A 749 15.83 -23.60 -43.47
C LEU A 749 17.09 -22.99 -42.89
N ARG A 750 17.83 -23.76 -42.10
CA ARG A 750 19.06 -23.21 -41.50
C ARG A 750 20.16 -22.98 -42.54
N LYS A 751 20.14 -23.72 -43.65
CA LYS A 751 21.12 -23.48 -44.69
C LYS A 751 20.76 -22.29 -45.58
N HIS A 752 19.48 -22.13 -45.93
CA HIS A 752 19.08 -21.09 -46.88
C HIS A 752 18.39 -19.90 -46.22
N PHE A 753 18.14 -19.94 -44.92
CA PHE A 753 17.44 -18.84 -44.25
C PHE A 753 17.93 -18.71 -42.81
N SER A 754 18.91 -17.83 -42.59
CA SER A 754 19.55 -17.68 -41.29
C SER A 754 18.93 -16.53 -40.52
N MET A 755 18.72 -16.74 -39.22
CA MET A 755 18.01 -15.78 -38.39
C MET A 755 18.83 -15.44 -37.15
N MET A 756 18.52 -14.26 -36.58
CA MET A 756 19.03 -13.88 -35.27
C MET A 756 17.91 -13.10 -34.59
N ILE A 757 17.42 -13.61 -33.47
CA ILE A 757 16.17 -13.16 -32.88
C ILE A 757 16.43 -12.65 -31.47
N LEU A 758 15.89 -11.46 -31.17
CA LEU A 758 15.90 -10.92 -29.80
C LEU A 758 14.53 -10.27 -29.56
N SER A 759 13.58 -11.07 -29.07
CA SER A 759 12.29 -10.59 -28.59
C SER A 759 11.60 -9.63 -29.56
N ASP A 760 11.20 -10.15 -30.73
CA ASP A 760 10.44 -9.46 -31.78
C ASP A 760 11.31 -8.52 -32.61
N ASP A 761 12.63 -8.57 -32.39
CA ASP A 761 13.59 -7.93 -33.29
C ASP A 761 14.43 -9.01 -33.97
N ALA A 762 14.61 -8.86 -35.27
CA ALA A 762 15.22 -9.93 -36.04
C ALA A 762 16.04 -9.37 -37.19
N VAL A 763 17.10 -10.11 -37.53
CA VAL A 763 17.91 -9.87 -38.72
C VAL A 763 18.07 -11.20 -39.45
N VAL A 764 17.85 -11.18 -40.76
CA VAL A 764 17.85 -12.40 -41.56
C VAL A 764 18.84 -12.25 -42.71
N CYS A 765 19.70 -13.25 -42.87
CA CYS A 765 20.58 -13.37 -44.03
C CYS A 765 20.09 -14.54 -44.85
N PHE A 766 19.61 -14.26 -46.06
CA PHE A 766 18.91 -15.25 -46.87
C PHE A 766 19.54 -15.36 -48.25
N ASN A 767 19.39 -16.53 -48.87
CA ASN A 767 19.80 -16.70 -50.26
C ASN A 767 18.90 -15.87 -51.16
N SER A 768 19.52 -15.09 -52.05
CA SER A 768 18.79 -14.12 -52.85
C SER A 768 18.17 -14.71 -54.11
N THR A 769 18.86 -15.60 -54.81
CA THR A 769 18.28 -16.18 -56.02
C THR A 769 17.12 -17.11 -55.68
N TYR A 770 17.19 -17.83 -54.57
CA TYR A 770 16.07 -18.66 -54.13
C TYR A 770 14.85 -17.80 -53.83
N ALA A 771 15.07 -16.67 -53.14
CA ALA A 771 13.97 -15.75 -52.87
C ALA A 771 13.39 -15.15 -54.14
N SER A 772 14.24 -14.84 -55.12
CA SER A 772 13.74 -14.33 -56.40
C SER A 772 12.92 -15.40 -57.12
N GLN A 773 13.34 -16.66 -57.06
CA GLN A 773 12.59 -17.73 -57.71
C GLN A 773 11.39 -18.20 -56.88
N GLY A 774 11.27 -17.76 -55.63
CA GLY A 774 10.12 -18.07 -54.81
C GLY A 774 10.26 -19.27 -53.91
N LEU A 775 11.47 -19.80 -53.71
CA LEU A 775 11.70 -20.96 -52.87
C LEU A 775 12.03 -20.56 -51.43
N VAL A 776 11.99 -19.27 -51.11
CA VAL A 776 12.32 -18.77 -49.79
C VAL A 776 11.50 -17.51 -49.55
N ALA A 777 11.11 -17.27 -48.31
CA ALA A 777 10.18 -16.19 -47.97
C ALA A 777 10.76 -14.82 -48.29
N SER A 778 9.87 -13.89 -48.61
CA SER A 778 10.23 -12.50 -48.88
C SER A 778 9.40 -11.56 -48.02
N ILE A 779 9.47 -10.27 -48.28
CA ILE A 779 8.74 -9.27 -47.50
C ILE A 779 7.25 -9.39 -47.80
N LYS A 780 6.91 -9.70 -49.06
CA LYS A 780 5.51 -9.85 -49.43
C LYS A 780 4.86 -11.01 -48.68
N ASN A 781 5.60 -12.11 -48.51
CA ASN A 781 5.07 -13.25 -47.76
C ASN A 781 4.80 -12.87 -46.31
N PHE A 782 5.71 -12.10 -45.70
CA PHE A 782 5.49 -11.62 -44.35
C PHE A 782 4.26 -10.72 -44.27
N LYS A 783 4.08 -9.85 -45.28
CA LYS A 783 2.91 -8.99 -45.31
C LYS A 783 1.63 -9.81 -45.37
N SER A 784 1.59 -10.81 -46.25
CA SER A 784 0.39 -11.63 -46.39
C SER A 784 0.11 -12.42 -45.12
N VAL A 785 1.14 -13.02 -44.52
CA VAL A 785 0.95 -13.80 -43.31
C VAL A 785 0.45 -12.91 -42.18
N LEU A 786 1.04 -11.72 -42.02
CA LEU A 786 0.56 -10.81 -40.99
C LEU A 786 -0.88 -10.38 -41.25
N TYR A 787 -1.24 -10.13 -42.51
CA TYR A 787 -2.61 -9.71 -42.81
C TYR A 787 -3.61 -10.79 -42.45
N TYR A 788 -3.32 -12.04 -42.79
CA TYR A 788 -4.35 -13.07 -42.60
C TYR A 788 -4.23 -13.81 -41.27
N GLN A 789 -3.18 -13.57 -40.48
CA GLN A 789 -3.01 -14.27 -39.22
C GLN A 789 -2.83 -13.35 -38.02
N ASN A 790 -2.68 -12.04 -38.23
CA ASN A 790 -2.44 -11.11 -37.13
C ASN A 790 -3.38 -9.92 -37.13
N ASN A 791 -4.23 -9.78 -38.15
CA ASN A 791 -5.24 -8.72 -38.20
C ASN A 791 -4.61 -7.32 -38.20
N VAL A 792 -3.45 -7.19 -38.84
CA VAL A 792 -2.78 -5.91 -38.99
C VAL A 792 -2.25 -5.80 -40.41
N PHE A 793 -1.98 -4.56 -40.83
CA PHE A 793 -1.37 -4.29 -42.13
C PHE A 793 0.04 -3.79 -41.91
N MET A 794 1.01 -4.45 -42.55
CA MET A 794 2.42 -4.16 -42.37
C MET A 794 2.91 -3.36 -43.57
N SER A 795 3.04 -2.05 -43.40
CA SER A 795 3.55 -1.19 -44.47
C SER A 795 5.03 -1.48 -44.70
N GLU A 796 5.43 -1.50 -45.97
CA GLU A 796 6.82 -1.84 -46.31
C GLU A 796 7.72 -0.62 -46.22
N ALA A 797 7.24 0.45 -45.60
CA ALA A 797 8.04 1.65 -45.34
C ALA A 797 8.78 1.57 -44.00
N LYS A 798 8.55 0.50 -43.23
CA LYS A 798 9.25 0.28 -41.97
C LYS A 798 10.17 -0.94 -42.06
N CYS A 799 10.45 -1.41 -43.26
CA CYS A 799 11.33 -2.55 -43.48
C CYS A 799 12.44 -2.15 -44.43
N TRP A 800 13.61 -2.77 -44.25
CA TRP A 800 14.79 -2.43 -45.02
C TRP A 800 15.35 -3.68 -45.69
N THR A 801 16.27 -3.45 -46.64
CA THR A 801 16.97 -4.52 -47.33
C THR A 801 18.36 -4.02 -47.69
N GLU A 802 19.36 -4.85 -47.43
CA GLU A 802 20.75 -4.47 -47.65
C GLU A 802 21.40 -5.53 -48.52
N THR A 803 21.96 -5.09 -49.66
CA THR A 803 22.57 -6.00 -50.63
C THR A 803 24.09 -6.00 -50.54
N ASP A 804 24.67 -5.25 -49.62
CA ASP A 804 26.12 -5.19 -49.43
C ASP A 804 26.42 -5.60 -48.00
N LEU A 805 27.18 -6.69 -47.84
CA LEU A 805 27.45 -7.23 -46.51
C LEU A 805 28.56 -6.52 -45.76
N THR A 806 29.38 -5.72 -46.46
CA THR A 806 30.42 -4.95 -45.78
C THR A 806 29.83 -3.89 -44.85
N LYS A 807 28.58 -3.49 -45.09
CA LYS A 807 27.81 -2.68 -44.14
C LYS A 807 26.75 -3.59 -43.55
N GLY A 808 26.72 -3.69 -42.22
CA GLY A 808 25.87 -4.63 -41.55
C GLY A 808 24.39 -4.29 -41.66
N PRO A 809 23.59 -4.82 -40.75
CA PRO A 809 22.15 -4.50 -40.76
C PRO A 809 21.92 -3.01 -40.58
N HIS A 810 20.90 -2.51 -41.27
CA HIS A 810 20.58 -1.09 -41.19
C HIS A 810 20.14 -0.68 -39.79
N GLU A 811 19.50 -1.57 -39.04
CA GLU A 811 19.11 -1.28 -37.67
C GLU A 811 18.84 -2.57 -36.90
N PHE A 812 19.51 -2.75 -35.77
CA PHE A 812 19.24 -3.85 -34.86
C PHE A 812 19.38 -3.34 -33.43
N CYS A 813 18.29 -3.45 -32.66
CA CYS A 813 18.25 -2.97 -31.28
C CYS A 813 18.63 -1.49 -31.19
N SER A 814 18.18 -0.70 -32.14
CA SER A 814 18.36 0.75 -32.24
C SER A 814 19.82 1.15 -32.45
N GLN A 815 20.65 0.29 -33.02
CA GLN A 815 22.05 0.60 -33.28
C GLN A 815 22.37 0.37 -34.75
N HIS A 816 23.20 1.25 -35.30
CA HIS A 816 23.73 1.08 -36.65
C HIS A 816 25.08 0.37 -36.57
N THR A 817 25.58 -0.07 -37.73
CA THR A 817 26.79 -0.86 -37.78
C THR A 817 27.77 -0.24 -38.77
N MET A 818 29.03 -0.18 -38.37
CA MET A 818 30.11 0.31 -39.22
C MET A 818 31.30 -0.63 -39.13
N LEU A 819 32.04 -0.75 -40.23
CA LEU A 819 33.20 -1.63 -40.32
C LEU A 819 34.45 -0.78 -40.25
N VAL A 820 35.11 -0.80 -39.09
CA VAL A 820 36.31 0.00 -38.86
C VAL A 820 37.52 -0.92 -38.77
N LYS A 821 38.70 -0.32 -38.88
CA LYS A 821 39.97 -1.03 -38.76
C LYS A 821 40.54 -0.73 -37.38
N GLN A 822 40.67 -1.76 -36.55
CA GLN A 822 41.31 -1.63 -35.25
C GLN A 822 42.40 -2.70 -35.15
N GLY A 823 43.53 -2.33 -34.59
CA GLY A 823 44.67 -3.23 -34.56
C GLY A 823 45.20 -3.50 -35.95
N ASP A 824 44.96 -4.70 -36.47
CA ASP A 824 45.39 -5.07 -37.81
C ASP A 824 44.21 -5.50 -38.68
N ASP A 825 43.11 -5.96 -38.07
CA ASP A 825 41.99 -6.53 -38.80
C ASP A 825 40.82 -5.55 -38.77
N TYR A 826 39.71 -5.94 -39.40
CA TYR A 826 38.52 -5.12 -39.50
C TYR A 826 37.40 -5.77 -38.69
N VAL A 827 36.70 -4.96 -37.90
CA VAL A 827 35.64 -5.45 -37.02
C VAL A 827 34.41 -4.58 -37.17
N TYR A 828 33.28 -5.10 -36.70
CA TYR A 828 32.00 -4.39 -36.71
C TYR A 828 31.75 -3.79 -35.34
N LEU A 829 31.37 -2.52 -35.32
CA LEU A 829 31.08 -1.80 -34.09
C LEU A 829 29.71 -1.15 -34.18
N PRO A 830 28.95 -1.13 -33.08
CA PRO A 830 27.67 -0.41 -33.09
C PRO A 830 27.79 1.01 -32.58
N TYR A 831 27.01 1.93 -33.15
CA TYR A 831 26.96 3.30 -32.66
C TYR A 831 25.51 3.75 -32.61
N PRO A 832 25.15 4.59 -31.63
CA PRO A 832 23.77 5.04 -31.51
C PRO A 832 23.48 6.30 -32.29
N ASP A 833 22.24 6.79 -32.19
CA ASP A 833 21.88 8.07 -32.78
C ASP A 833 22.41 9.20 -31.91
N PRO A 834 23.16 10.15 -32.47
CA PRO A 834 23.71 11.24 -31.64
C PRO A 834 22.66 12.06 -30.93
N SER A 835 21.48 12.23 -31.54
CA SER A 835 20.41 12.99 -30.92
C SER A 835 19.96 12.33 -29.62
N ARG A 836 19.92 11.00 -29.58
CA ARG A 836 19.56 10.30 -28.35
C ARG A 836 20.54 10.59 -27.22
N ILE A 837 21.84 10.55 -27.52
CA ILE A 837 22.86 10.82 -26.50
C ILE A 837 22.76 12.26 -26.00
N LEU A 838 22.62 13.21 -26.93
CA LEU A 838 22.52 14.61 -26.51
C LEU A 838 21.24 14.86 -25.71
N GLY A 839 20.12 14.25 -26.12
CA GLY A 839 18.89 14.41 -25.36
C GLY A 839 18.98 13.83 -23.97
N ALA A 840 19.64 12.68 -23.83
CA ALA A 840 19.92 12.14 -22.50
C ALA A 840 20.81 13.08 -21.69
N GLY A 841 21.74 13.77 -22.35
CA GLY A 841 22.56 14.73 -21.64
C GLY A 841 21.78 15.94 -21.14
N CYS A 842 20.86 16.45 -21.97
CA CYS A 842 20.23 17.74 -21.69
C CYS A 842 18.90 17.65 -20.93
N PHE A 843 18.19 16.53 -20.99
CA PHE A 843 16.88 16.43 -20.36
C PHE A 843 16.87 15.26 -19.37
N VAL A 844 16.61 15.58 -18.12
CA VAL A 844 16.64 14.59 -17.08
C VAL A 844 15.35 14.47 -16.34
N ASP A 845 15.11 13.40 -15.61
CA ASP A 845 13.99 13.28 -14.71
C ASP A 845 14.72 13.76 -13.50
N ASP A 846 14.18 13.88 -12.32
CA ASP A 846 14.88 14.51 -11.17
C ASP A 846 15.67 15.83 -11.26
N ILE A 847 15.62 16.60 -10.21
CA ILE A 847 16.19 17.91 -10.18
C ILE A 847 17.63 17.82 -9.80
N VAL A 848 18.01 16.78 -9.09
CA VAL A 848 19.34 16.65 -8.62
C VAL A 848 20.29 16.19 -9.67
N LYS A 849 19.87 16.11 -10.92
CA LYS A 849 20.73 15.68 -11.98
C LYS A 849 21.02 16.81 -12.97
N THR A 850 20.81 18.06 -12.54
CA THR A 850 21.03 19.38 -13.23
C THR A 850 22.19 20.09 -12.53
N ASP A 851 23.07 19.44 -11.84
CA ASP A 851 24.26 19.64 -11.02
C ASP A 851 25.18 18.45 -11.30
N GLY A 852 26.10 18.62 -12.25
CA GLY A 852 26.88 17.49 -12.72
C GLY A 852 27.83 16.94 -11.67
N THR A 853 28.31 17.80 -10.77
CA THR A 853 29.29 17.36 -9.77
C THR A 853 28.73 16.29 -8.85
N LEU A 854 27.42 16.30 -8.60
CA LEU A 854 26.81 15.29 -7.75
C LEU A 854 26.80 13.91 -8.39
N MET A 855 26.76 13.82 -9.73
CA MET A 855 26.78 12.55 -10.42
C MET A 855 27.63 12.64 -11.68
N ILE A 856 28.91 12.26 -11.57
CA ILE A 856 29.83 12.35 -12.69
C ILE A 856 29.82 11.01 -13.43
N GLU A 857 29.34 9.97 -12.76
CA GLU A 857 29.31 8.63 -13.33
C GLU A 857 28.20 8.45 -14.37
N ARG A 858 27.26 9.40 -14.46
CA ARG A 858 26.30 9.38 -15.55
C ARG A 858 27.00 9.66 -16.88
N PHE A 859 27.83 10.70 -16.92
CA PHE A 859 28.50 11.09 -18.15
C PHE A 859 29.58 10.09 -18.55
N VAL A 860 30.17 9.38 -17.62
CA VAL A 860 31.12 8.32 -17.96
C VAL A 860 30.42 7.21 -18.75
N SER A 861 29.26 6.77 -18.26
CA SER A 861 28.48 5.76 -18.99
C SER A 861 28.00 6.30 -20.33
N LEU A 862 27.55 7.55 -20.37
CA LEU A 862 27.08 8.13 -21.62
C LEU A 862 28.20 8.24 -22.65
N ALA A 863 29.43 8.54 -22.21
CA ALA A 863 30.58 8.55 -23.11
C ALA A 863 31.02 7.16 -23.50
N ILE A 864 30.83 6.16 -22.63
CA ILE A 864 31.07 4.79 -23.03
C ILE A 864 30.14 4.39 -24.17
N ASP A 865 28.86 4.78 -24.07
CA ASP A 865 27.90 4.45 -25.12
C ASP A 865 28.21 5.18 -26.42
N ALA A 866 28.87 6.34 -26.35
CA ALA A 866 29.06 7.20 -27.52
C ALA A 866 30.47 7.13 -28.10
N TYR A 867 31.28 6.18 -27.66
CA TYR A 867 32.65 6.09 -28.15
C TYR A 867 32.76 5.82 -29.65
N PRO A 868 32.05 4.82 -30.22
CA PRO A 868 32.33 4.45 -31.61
C PRO A 868 31.94 5.51 -32.63
N LEU A 869 31.46 6.66 -32.17
CA LEU A 869 31.13 7.76 -33.07
C LEU A 869 32.36 8.49 -33.60
N THR A 870 33.54 8.19 -33.08
CA THR A 870 34.77 8.85 -33.51
C THR A 870 35.32 8.27 -34.81
N LYS A 871 34.83 7.12 -35.26
CA LYS A 871 35.26 6.51 -36.51
C LYS A 871 34.31 6.82 -37.66
N HIS A 872 33.26 7.60 -37.41
CA HIS A 872 32.29 7.95 -38.43
C HIS A 872 32.87 9.00 -39.38
N PRO A 873 32.66 8.85 -40.69
CA PRO A 873 33.17 9.85 -41.63
C PRO A 873 32.62 11.25 -41.38
N ASN A 874 31.39 11.38 -40.89
CA ASN A 874 30.87 12.69 -40.55
C ASN A 874 31.58 13.24 -39.31
N GLN A 875 31.69 14.56 -39.23
CA GLN A 875 32.57 15.21 -38.27
C GLN A 875 31.93 15.57 -36.94
N GLU A 876 30.64 15.92 -36.91
CA GLU A 876 30.01 16.25 -35.63
C GLU A 876 29.88 15.02 -34.74
N TYR A 877 29.82 13.84 -35.35
CA TYR A 877 29.61 12.61 -34.59
C TYR A 877 30.75 12.35 -33.61
N ALA A 878 32.00 12.59 -34.05
CA ALA A 878 33.13 12.50 -33.14
C ALA A 878 33.16 13.66 -32.16
N ASP A 879 32.70 14.83 -32.60
CA ASP A 879 32.62 15.99 -31.72
C ASP A 879 31.72 15.74 -30.53
N VAL A 880 30.71 14.87 -30.66
CA VAL A 880 29.89 14.52 -29.50
C VAL A 880 30.75 13.88 -28.41
N PHE A 881 31.54 12.88 -28.79
CA PHE A 881 32.39 12.19 -27.81
C PHE A 881 33.43 13.13 -27.21
N HIS A 882 34.04 13.96 -28.06
CA HIS A 882 35.03 14.91 -27.53
C HIS A 882 34.39 15.90 -26.57
N LEU A 883 33.18 16.38 -26.89
CA LEU A 883 32.47 17.29 -25.99
C LEU A 883 32.18 16.63 -24.65
N TYR A 884 31.77 15.36 -24.68
CA TYR A 884 31.54 14.66 -23.42
C TYR A 884 32.83 14.55 -22.59
N LEU A 885 33.95 14.26 -23.23
CA LEU A 885 35.21 14.17 -22.49
C LEU A 885 35.59 15.51 -21.85
N GLN A 886 35.46 16.61 -22.63
CA GLN A 886 35.76 17.92 -22.06
C GLN A 886 34.82 18.29 -20.92
N TYR A 887 33.54 17.94 -21.04
CA TYR A 887 32.62 18.21 -19.94
C TYR A 887 32.98 17.43 -18.69
N ILE A 888 33.42 16.18 -18.86
CA ILE A 888 33.83 15.39 -17.69
C ILE A 888 35.02 16.05 -17.00
N ARG A 889 36.01 16.48 -17.79
CA ARG A 889 37.16 17.16 -17.18
C ARG A 889 36.75 18.43 -16.47
N LYS A 890 35.87 19.22 -17.10
CA LYS A 890 35.41 20.46 -16.47
C LYS A 890 34.69 20.18 -15.16
N LEU A 891 33.85 19.15 -15.13
CA LEU A 891 33.13 18.80 -13.90
C LEU A 891 34.10 18.40 -12.80
N HIS A 892 35.13 17.61 -13.13
CA HIS A 892 36.09 17.22 -12.11
C HIS A 892 36.84 18.43 -11.56
N ASP A 893 37.30 19.32 -12.45
CA ASP A 893 38.01 20.51 -11.99
C ASP A 893 37.10 21.38 -11.11
N GLU A 894 35.85 21.54 -11.53
CA GLU A 894 34.88 22.29 -10.74
C GLU A 894 34.74 21.69 -9.36
N LEU A 895 34.59 20.37 -9.27
CA LEU A 895 34.42 19.73 -7.97
C LEU A 895 35.62 20.00 -7.06
N THR A 896 36.84 19.76 -7.58
CA THR A 896 38.02 19.92 -6.74
C THR A 896 38.19 21.35 -6.25
N GLY A 897 38.14 22.32 -7.17
CA GLY A 897 38.31 23.71 -6.76
C GLY A 897 37.17 24.20 -5.87
N HIS A 898 35.93 23.89 -6.27
CA HIS A 898 34.72 24.28 -5.57
C HIS A 898 34.65 23.67 -4.17
N MET A 899 35.39 22.59 -3.91
CA MET A 899 35.46 22.00 -2.59
C MET A 899 36.67 22.49 -1.79
N LEU A 900 37.76 22.85 -2.49
CA LEU A 900 38.95 23.36 -1.82
C LEU A 900 38.67 24.77 -1.36
N ASP A 901 37.76 25.51 -1.99
CA ASP A 901 37.64 26.94 -1.68
C ASP A 901 37.02 27.26 -0.33
N MET A 902 35.73 26.96 -0.12
CA MET A 902 35.08 27.34 1.14
C MET A 902 35.54 26.46 2.29
N TYR A 903 35.58 25.14 2.07
CA TYR A 903 36.18 24.24 3.04
C TYR A 903 37.70 24.30 2.84
N SER A 904 38.44 23.45 3.53
CA SER A 904 39.90 23.45 3.35
C SER A 904 40.39 22.06 2.97
N VAL A 905 39.47 21.19 2.54
CA VAL A 905 39.86 19.84 2.15
C VAL A 905 40.57 19.91 0.80
N MET A 906 41.75 19.30 0.73
CA MET A 906 42.56 19.30 -0.49
C MET A 906 42.40 17.97 -1.21
N LEU A 907 42.04 18.03 -2.48
CA LEU A 907 41.79 16.84 -3.28
C LEU A 907 43.02 16.49 -4.12
N THR A 908 43.12 15.21 -4.47
CA THR A 908 44.20 14.70 -5.30
C THR A 908 43.64 14.19 -6.62
N ASN A 909 44.48 14.19 -7.65
CA ASN A 909 44.06 13.78 -8.97
C ASN A 909 44.71 12.45 -9.36
N ASP A 910 44.84 11.55 -8.39
CA ASP A 910 45.42 10.24 -8.63
C ASP A 910 44.41 9.38 -9.40
N ASN A 911 44.88 8.73 -10.47
CA ASN A 911 44.12 7.82 -11.34
C ASN A 911 42.67 8.27 -11.51
N THR A 912 42.51 9.57 -11.76
CA THR A 912 41.24 10.16 -12.14
C THR A 912 41.27 10.70 -13.56
N SER A 913 42.45 11.06 -14.06
CA SER A 913 42.59 11.55 -15.42
C SER A 913 42.29 10.48 -16.46
N ARG A 914 42.17 9.22 -16.06
CA ARG A 914 41.81 8.16 -17.00
C ARG A 914 40.44 8.37 -17.62
N TYR A 915 39.57 9.15 -16.97
CA TYR A 915 38.19 9.31 -17.42
C TYR A 915 38.04 10.34 -18.52
N TRP A 916 39.05 11.16 -18.78
CA TRP A 916 39.01 12.10 -19.90
C TRP A 916 40.12 11.86 -20.90
N GLU A 917 40.51 10.60 -21.07
CA GLU A 917 41.41 10.17 -22.13
C GLU A 917 40.79 8.98 -22.83
N PRO A 918 41.00 8.85 -24.14
CA PRO A 918 40.24 7.86 -24.93
C PRO A 918 40.62 6.41 -24.68
N GLU A 919 41.74 6.13 -24.03
CA GLU A 919 42.20 4.76 -23.84
C GLU A 919 41.35 3.96 -22.86
N PHE A 920 40.69 4.63 -21.90
CA PHE A 920 39.79 3.91 -21.00
C PHE A 920 38.55 3.41 -21.75
N TYR A 921 38.08 4.16 -22.73
CA TYR A 921 36.89 3.82 -23.49
C TYR A 921 37.18 2.93 -24.69
N GLU A 922 38.38 3.03 -25.26
CA GLU A 922 38.75 2.16 -26.38
C GLU A 922 38.85 0.70 -25.98
N ALA A 923 39.13 0.42 -24.71
CA ALA A 923 39.33 -0.95 -24.24
C ALA A 923 38.02 -1.71 -24.06
N MET A 924 36.88 -1.05 -24.14
CA MET A 924 35.59 -1.70 -23.98
C MET A 924 35.09 -2.35 -25.26
N TYR A 925 35.75 -2.10 -26.39
CA TYR A 925 35.34 -2.65 -27.68
C TYR A 925 36.43 -3.53 -28.31
N THR A 926 37.42 -3.94 -27.51
CA THR A 926 38.51 -4.80 -27.95
C THR A 926 38.38 -6.17 -27.30
N PRO A 927 38.44 -7.24 -28.08
CA PRO A 927 38.15 -8.57 -27.51
C PRO A 927 39.22 -8.99 -26.50
N HIS A 928 38.94 -8.71 -25.22
CA HIS A 928 39.63 -9.35 -24.11
C HIS A 928 38.77 -9.33 -22.85
N THR A 929 38.20 -10.48 -22.51
CA THR A 929 37.17 -10.53 -21.48
C THR A 929 37.63 -11.22 -20.21
N VAL A 930 37.40 -7.88 -19.53
CA VAL A 930 37.85 -7.99 -18.15
C VAL A 930 36.66 -7.76 -17.20
N LEU A 931 36.87 -8.05 -15.91
CA LEU A 931 35.78 -8.13 -14.93
C LEU A 931 34.70 -9.11 -15.40
N PHE B 6 42.23 -8.75 25.43
CA PHE B 6 43.46 -8.73 24.66
C PHE B 6 44.67 -8.52 25.57
N SER B 7 44.40 -8.25 26.84
CA SER B 7 45.46 -8.02 27.82
C SER B 7 45.37 -8.92 29.04
N SER B 8 44.28 -9.65 29.22
CA SER B 8 44.10 -10.54 30.36
C SER B 8 43.82 -11.97 29.90
N LEU B 9 44.50 -12.39 28.84
CA LEU B 9 44.36 -13.74 28.32
C LEU B 9 45.02 -14.73 29.29
N PRO B 10 44.61 -16.01 29.27
CA PRO B 10 45.17 -16.98 30.22
C PRO B 10 46.69 -17.12 30.14
N SER B 11 47.24 -17.05 28.93
CA SER B 11 48.68 -17.18 28.76
C SER B 11 49.43 -15.88 28.97
N TYR B 12 48.72 -14.76 29.12
CA TYR B 12 49.39 -13.46 29.25
C TYR B 12 50.23 -13.41 30.51
N ALA B 13 49.72 -13.94 31.62
CA ALA B 13 50.47 -13.90 32.87
C ALA B 13 51.79 -14.64 32.73
N ALA B 14 51.75 -15.87 32.20
CA ALA B 14 52.96 -16.65 32.04
C ALA B 14 53.93 -15.98 31.08
N PHE B 15 53.41 -15.47 29.95
CA PHE B 15 54.27 -14.83 28.96
C PHE B 15 54.96 -13.61 29.54
N ALA B 16 54.20 -12.74 30.21
CA ALA B 16 54.77 -11.52 30.76
C ALA B 16 55.76 -11.82 31.88
N THR B 17 55.44 -12.78 32.75
CA THR B 17 56.36 -13.12 33.84
C THR B 17 57.66 -13.70 33.28
N ALA B 18 57.56 -14.60 32.30
CA ALA B 18 58.77 -15.14 31.68
C ALA B 18 59.59 -14.06 31.00
N GLN B 19 58.93 -13.14 30.29
CA GLN B 19 59.66 -12.05 29.64
C GLN B 19 60.37 -11.17 30.66
N GLU B 20 59.68 -10.83 31.75
CA GLU B 20 60.29 -10.00 32.78
C GLU B 20 61.49 -10.68 33.42
N ALA B 21 61.34 -11.96 33.76
CA ALA B 21 62.45 -12.69 34.38
C ALA B 21 63.62 -12.83 33.42
N TYR B 22 63.36 -13.14 32.15
CA TYR B 22 64.42 -13.29 31.18
C TYR B 22 65.15 -11.97 30.95
N GLU B 23 64.41 -10.87 30.85
CA GLU B 23 65.07 -9.58 30.64
C GLU B 23 65.81 -9.11 31.88
N GLN B 24 65.33 -9.46 33.08
CA GLN B 24 66.11 -9.18 34.29
C GLN B 24 67.41 -9.96 34.28
N ALA B 25 67.37 -11.23 33.86
CA ALA B 25 68.58 -12.02 33.75
C ALA B 25 69.54 -11.42 32.73
N VAL B 26 69.00 -10.91 31.61
CA VAL B 26 69.83 -10.26 30.61
C VAL B 26 70.47 -9.00 31.17
N ALA B 27 69.71 -8.18 31.88
CA ALA B 27 70.22 -6.98 32.53
C ALA B 27 71.22 -7.29 33.64
N ASN B 28 71.22 -8.52 34.15
CA ASN B 28 72.21 -8.95 35.13
C ASN B 28 73.58 -9.16 34.52
N GLY B 29 73.69 -9.19 33.20
CA GLY B 29 74.97 -9.42 32.54
C GLY B 29 75.58 -10.76 32.80
N ASP B 30 74.80 -11.83 32.70
CA ASP B 30 75.26 -13.19 33.00
C ASP B 30 75.90 -13.78 31.73
N SER B 31 76.20 -15.07 31.67
CA SER B 31 76.90 -15.65 30.53
C SER B 31 75.95 -15.78 29.33
N GLU B 32 76.48 -16.36 28.26
CA GLU B 32 75.72 -16.55 27.03
C GLU B 32 74.69 -17.67 27.12
N VAL B 33 74.89 -18.63 28.03
CA VAL B 33 73.92 -19.71 28.19
C VAL B 33 72.57 -19.16 28.66
N VAL B 34 72.60 -18.22 29.61
CA VAL B 34 71.35 -17.60 30.06
C VAL B 34 70.69 -16.82 28.94
N LEU B 35 71.51 -16.24 28.04
CA LEU B 35 70.95 -15.52 26.90
C LEU B 35 70.26 -16.47 25.92
N LYS B 36 70.89 -17.62 25.67
CA LYS B 36 70.28 -18.62 24.78
C LYS B 36 68.98 -19.15 25.39
N LYS B 37 68.99 -19.41 26.70
CA LYS B 37 67.76 -19.86 27.36
C LYS B 37 66.68 -18.79 27.30
N LEU B 38 67.06 -17.52 27.50
CA LEU B 38 66.14 -16.41 27.34
C LEU B 38 65.51 -16.41 25.96
N LYS B 39 66.35 -16.51 24.91
CA LYS B 39 65.84 -16.46 23.56
C LYS B 39 64.88 -17.61 23.28
N LYS B 40 65.24 -18.84 23.68
CA LYS B 40 64.38 -19.98 23.43
C LYS B 40 63.05 -19.84 24.17
N SER B 41 63.11 -19.49 25.45
CA SER B 41 61.90 -19.38 26.26
C SER B 41 60.97 -18.29 25.73
N LEU B 42 61.53 -17.14 25.38
CA LEU B 42 60.71 -16.05 24.86
C LEU B 42 60.13 -16.39 23.49
N ASN B 43 60.90 -17.08 22.64
CA ASN B 43 60.38 -17.48 21.34
C ASN B 43 59.20 -18.43 21.49
N VAL B 44 59.35 -19.45 22.34
CA VAL B 44 58.23 -20.38 22.51
C VAL B 44 57.04 -19.70 23.20
N ALA B 45 57.31 -18.76 24.11
CA ALA B 45 56.22 -18.06 24.79
C ALA B 45 55.42 -17.21 23.81
N LYS B 46 56.10 -16.46 22.94
CA LYS B 46 55.38 -15.69 21.94
C LYS B 46 54.66 -16.61 20.94
N SER B 47 55.27 -17.75 20.60
CA SER B 47 54.63 -18.69 19.70
C SER B 47 53.32 -19.22 20.29
N GLU B 48 53.32 -19.51 21.59
CA GLU B 48 52.10 -20.02 22.21
C GLU B 48 51.08 -18.90 22.44
N PHE B 49 51.54 -17.67 22.63
CA PHE B 49 50.62 -16.54 22.74
C PHE B 49 49.95 -16.23 21.41
N ASP B 50 50.61 -16.57 20.30
CA ASP B 50 50.07 -16.23 18.98
C ASP B 50 48.69 -16.82 18.71
N ARG B 51 48.54 -18.14 18.87
CA ARG B 51 47.25 -18.74 18.61
C ARG B 51 46.20 -18.33 19.64
N ASP B 52 46.61 -18.13 20.88
CA ASP B 52 45.68 -17.63 21.89
C ASP B 52 45.19 -16.23 21.58
N ALA B 53 45.97 -15.45 20.81
CA ALA B 53 45.55 -14.12 20.41
C ALA B 53 44.79 -14.13 19.09
N ALA B 54 44.90 -15.21 18.31
CA ALA B 54 44.20 -15.27 17.03
C ALA B 54 42.83 -15.95 17.11
N MET B 55 42.77 -17.10 17.78
CA MET B 55 41.53 -17.85 17.87
C MET B 55 40.43 -17.07 18.57
N GLN B 56 40.76 -16.34 19.64
CA GLN B 56 39.77 -15.55 20.35
C GLN B 56 39.17 -14.49 19.44
N ARG B 57 40.01 -13.80 18.67
CA ARG B 57 39.52 -12.80 17.73
C ARG B 57 38.64 -13.40 16.63
N LYS B 58 38.96 -14.60 16.16
CA LYS B 58 38.06 -15.27 15.22
C LYS B 58 36.70 -15.57 15.86
N LEU B 59 36.72 -16.09 17.10
CA LEU B 59 35.48 -16.47 17.77
C LEU B 59 34.57 -15.28 18.03
N GLU B 60 35.13 -14.14 18.42
CA GLU B 60 34.28 -12.97 18.69
C GLU B 60 33.52 -12.53 17.45
N LYS B 61 34.20 -12.51 16.30
CA LYS B 61 33.52 -12.11 15.06
C LYS B 61 32.46 -13.14 14.66
N MET B 62 32.72 -14.43 14.88
CA MET B 62 31.70 -15.43 14.60
C MET B 62 30.46 -15.19 15.47
N ALA B 63 30.66 -14.92 16.75
CA ALA B 63 29.54 -14.67 17.66
C ALA B 63 28.75 -13.44 17.25
N ASP B 64 29.45 -12.37 16.86
CA ASP B 64 28.77 -11.16 16.43
C ASP B 64 27.91 -11.40 15.19
N GLN B 65 28.44 -12.15 14.22
CA GLN B 65 27.65 -12.46 13.04
C GLN B 65 26.39 -13.26 13.41
N ALA B 66 26.53 -14.24 14.31
CA ALA B 66 25.38 -15.01 14.74
C ALA B 66 24.32 -14.12 15.38
N MET B 67 24.74 -13.20 16.26
CA MET B 67 23.79 -12.30 16.89
C MET B 67 23.05 -11.44 15.86
N THR B 68 23.78 -10.90 14.90
CA THR B 68 23.14 -10.06 13.89
C THR B 68 22.10 -10.84 13.09
N GLN B 69 22.44 -12.07 12.70
CA GLN B 69 21.51 -12.87 11.92
C GLN B 69 20.25 -13.19 12.72
N MET B 70 20.40 -13.54 14.00
CA MET B 70 19.21 -13.84 14.79
C MET B 70 18.34 -12.60 15.01
N TYR B 71 18.96 -11.43 15.18
CA TYR B 71 18.18 -10.20 15.32
C TYR B 71 17.35 -9.92 14.08
N LYS B 72 17.97 -10.06 12.89
CA LYS B 72 17.21 -9.79 11.67
C LYS B 72 16.10 -10.81 11.47
N GLN B 73 16.32 -12.06 11.89
CA GLN B 73 15.25 -13.06 11.84
C GLN B 73 14.06 -12.64 12.70
N ALA B 74 14.34 -12.15 13.92
CA ALA B 74 13.26 -11.70 14.79
C ALA B 74 12.48 -10.54 14.17
N ARG B 75 13.19 -9.59 13.57
CA ARG B 75 12.51 -8.47 12.91
C ARG B 75 11.61 -8.96 11.78
N SER B 76 12.09 -9.92 10.98
CA SER B 76 11.28 -10.47 9.90
C SER B 76 10.01 -11.11 10.45
N GLU B 77 10.12 -11.85 11.56
CA GLU B 77 8.93 -12.46 12.13
C GLU B 77 7.92 -11.42 12.59
N ASP B 78 8.38 -10.34 13.21
CA ASP B 78 7.47 -9.28 13.64
C ASP B 78 6.73 -8.67 12.44
N LYS B 79 7.47 -8.41 11.36
CA LYS B 79 6.83 -7.85 10.16
C LYS B 79 5.79 -8.81 9.58
N ARG B 80 6.10 -10.11 9.58
CA ARG B 80 5.12 -11.09 9.10
C ARG B 80 3.84 -11.05 9.93
N ALA B 81 3.97 -10.99 11.26
CA ALA B 81 2.80 -10.95 12.11
C ALA B 81 1.93 -9.73 11.81
N LYS B 82 2.57 -8.56 11.67
CA LYS B 82 1.77 -7.37 11.40
C LYS B 82 1.10 -7.39 10.02
N VAL B 83 1.77 -7.94 8.99
CA VAL B 83 1.11 -8.01 7.68
C VAL B 83 -0.05 -8.99 7.72
N THR B 84 0.07 -10.08 8.48
CA THR B 84 -1.05 -11.01 8.63
C THR B 84 -2.25 -10.31 9.26
N SER B 85 -2.00 -9.54 10.32
CA SER B 85 -3.09 -8.81 10.96
C SER B 85 -3.76 -7.85 9.99
N ALA B 86 -2.95 -7.12 9.20
CA ALA B 86 -3.51 -6.17 8.25
C ALA B 86 -4.40 -6.86 7.21
N MET B 87 -3.93 -7.99 6.67
CA MET B 87 -4.73 -8.69 5.66
C MET B 87 -6.05 -9.20 6.25
N GLN B 88 -5.99 -9.76 7.47
CA GLN B 88 -7.21 -10.23 8.11
C GLN B 88 -8.20 -9.09 8.31
N THR B 89 -7.70 -7.93 8.77
CA THR B 89 -8.57 -6.78 8.98
C THR B 89 -9.21 -6.34 7.67
N MET B 90 -8.43 -6.29 6.60
CA MET B 90 -8.99 -5.85 5.31
C MET B 90 -10.10 -6.79 4.84
N LEU B 91 -9.86 -8.10 4.93
CA LEU B 91 -10.88 -9.06 4.49
C LEU B 91 -12.15 -8.93 5.31
N PHE B 92 -12.02 -8.89 6.64
CA PHE B 92 -13.22 -8.84 7.47
C PHE B 92 -13.93 -7.50 7.35
N THR B 93 -13.22 -6.44 7.01
CA THR B 93 -13.87 -5.16 6.76
C THR B 93 -14.65 -5.15 5.44
N MET B 94 -14.06 -5.67 4.36
CA MET B 94 -14.78 -5.71 3.10
C MET B 94 -15.89 -6.75 3.08
N LEU B 95 -15.90 -7.69 4.04
CA LEU B 95 -16.99 -8.65 4.12
C LEU B 95 -18.34 -7.99 4.40
N ARG B 96 -18.36 -6.89 5.15
CA ARG B 96 -19.58 -6.34 5.73
C ARG B 96 -20.45 -5.57 4.74
N LYS B 97 -20.23 -5.70 3.43
CA LYS B 97 -21.02 -4.98 2.45
C LYS B 97 -21.61 -5.91 1.37
N LEU B 98 -21.87 -7.17 1.71
CA LEU B 98 -22.24 -8.14 0.68
C LEU B 98 -23.71 -8.15 0.34
N ASP B 99 -24.56 -7.44 1.09
CA ASP B 99 -25.99 -7.39 0.82
C ASP B 99 -26.57 -8.81 0.82
N ASN B 100 -26.56 -9.46 1.97
CA ASN B 100 -26.67 -10.91 2.08
C ASN B 100 -28.08 -11.44 1.87
N ASP B 101 -28.99 -10.65 1.30
CA ASP B 101 -30.30 -11.17 0.93
C ASP B 101 -30.49 -11.32 -0.58
N ALA B 102 -30.07 -10.34 -1.37
CA ALA B 102 -30.11 -10.49 -2.82
C ALA B 102 -29.08 -11.52 -3.28
N LEU B 103 -27.89 -11.49 -2.67
CA LEU B 103 -26.86 -12.47 -3.01
C LEU B 103 -27.34 -13.88 -2.70
N ASN B 104 -27.96 -14.08 -1.54
CA ASN B 104 -28.53 -15.37 -1.20
C ASN B 104 -29.67 -15.75 -2.13
N ASN B 105 -30.48 -14.77 -2.54
CA ASN B 105 -31.59 -15.05 -3.44
C ASN B 105 -31.12 -15.52 -4.82
N ILE B 106 -30.04 -14.95 -5.34
CA ILE B 106 -29.53 -15.40 -6.64
C ILE B 106 -28.62 -16.62 -6.53
N ILE B 107 -28.01 -16.87 -5.36
CA ILE B 107 -27.20 -18.07 -5.20
C ILE B 107 -28.07 -19.31 -5.17
N ASN B 108 -29.19 -19.26 -4.44
CA ASN B 108 -30.06 -20.43 -4.31
C ASN B 108 -30.71 -20.81 -5.63
N ASN B 109 -30.87 -19.87 -6.56
CA ASN B 109 -31.46 -20.21 -7.86
C ASN B 109 -30.50 -21.02 -8.73
N ALA B 110 -29.21 -20.96 -8.45
CA ALA B 110 -28.24 -21.75 -9.20
C ALA B 110 -28.44 -23.24 -8.93
N ARG B 111 -28.20 -24.05 -9.95
CA ARG B 111 -28.43 -25.48 -9.89
C ARG B 111 -27.37 -26.23 -9.08
N ASP B 112 -26.20 -25.64 -8.86
CA ASP B 112 -25.20 -26.28 -8.01
C ASP B 112 -24.48 -25.33 -7.08
N GLY B 113 -24.83 -24.04 -7.06
CA GLY B 113 -24.17 -23.07 -6.20
C GLY B 113 -23.13 -22.21 -6.89
N CYS B 114 -22.81 -22.47 -8.15
CA CYS B 114 -21.81 -21.71 -8.88
C CYS B 114 -22.48 -20.73 -9.83
N VAL B 115 -21.98 -19.50 -9.83
CA VAL B 115 -22.50 -18.45 -10.71
C VAL B 115 -21.32 -17.67 -11.27
N PRO B 116 -21.44 -17.09 -12.48
CA PRO B 116 -20.37 -16.25 -13.00
C PRO B 116 -20.20 -14.99 -12.14
N LEU B 117 -18.95 -14.53 -12.04
CA LEU B 117 -18.64 -13.36 -11.24
C LEU B 117 -19.11 -12.06 -11.88
N ASN B 118 -19.25 -12.04 -13.20
CA ASN B 118 -19.59 -10.81 -13.92
C ASN B 118 -21.05 -10.39 -13.75
N ILE B 119 -21.89 -11.23 -13.17
CA ILE B 119 -23.31 -10.92 -13.03
C ILE B 119 -23.69 -10.65 -11.59
N ILE B 120 -22.73 -10.65 -10.67
CA ILE B 120 -23.02 -10.35 -9.27
C ILE B 120 -23.22 -8.85 -9.09
N PRO B 121 -22.29 -7.98 -9.51
CA PRO B 121 -22.59 -6.55 -9.46
C PRO B 121 -23.74 -6.13 -10.35
N LEU B 122 -23.99 -6.88 -11.43
CA LEU B 122 -25.05 -6.52 -12.36
C LEU B 122 -26.45 -6.72 -11.78
N THR B 123 -26.59 -7.60 -10.78
CA THR B 123 -27.90 -7.91 -10.23
C THR B 123 -28.03 -7.66 -8.73
N THR B 124 -26.94 -7.38 -8.03
CA THR B 124 -27.02 -7.17 -6.59
C THR B 124 -26.47 -5.83 -6.11
N ALA B 125 -25.83 -5.04 -6.97
CA ALA B 125 -25.27 -3.78 -6.53
C ALA B 125 -26.36 -2.76 -6.24
N ALA B 126 -26.07 -1.86 -5.31
CA ALA B 126 -27.01 -0.82 -4.91
C ALA B 126 -26.73 0.53 -5.56
N LYS B 127 -25.51 0.77 -6.02
CA LYS B 127 -25.13 2.04 -6.61
C LYS B 127 -24.56 1.81 -8.01
N LEU B 128 -24.77 2.81 -8.88
CA LEU B 128 -24.29 2.77 -10.24
C LEU B 128 -23.54 4.05 -10.56
N MET B 129 -22.41 3.91 -11.26
CA MET B 129 -21.58 5.04 -11.66
C MET B 129 -21.43 5.04 -13.17
N VAL B 130 -21.67 6.19 -13.80
CA VAL B 130 -21.59 6.34 -15.24
C VAL B 130 -20.62 7.45 -15.57
N VAL B 131 -19.73 7.20 -16.53
CA VAL B 131 -18.76 8.19 -17.01
C VAL B 131 -19.15 8.54 -18.44
N ILE B 132 -19.34 9.84 -18.70
CA ILE B 132 -19.90 10.32 -19.95
C ILE B 132 -18.85 11.18 -20.66
N PRO B 133 -18.47 10.84 -21.90
CA PRO B 133 -17.48 11.65 -22.63
C PRO B 133 -17.99 13.03 -23.02
N ASP B 134 -19.14 13.10 -23.67
CA ASP B 134 -19.64 14.36 -24.21
C ASP B 134 -21.16 14.42 -24.04
N TYR B 135 -21.78 15.48 -24.57
CA TYR B 135 -23.20 15.72 -24.41
C TYR B 135 -24.05 14.83 -25.31
N ASN B 136 -23.57 14.52 -26.50
CA ASN B 136 -24.31 13.65 -27.40
C ASN B 136 -24.50 12.28 -26.77
N THR B 137 -23.44 11.73 -26.16
CA THR B 137 -23.58 10.48 -25.43
C THR B 137 -24.46 10.63 -24.20
N TYR B 138 -24.38 11.80 -23.54
CA TYR B 138 -25.18 12.01 -22.32
C TYR B 138 -26.66 11.97 -22.61
N LYS B 139 -27.11 12.62 -23.69
CA LYS B 139 -28.53 12.72 -23.97
C LYS B 139 -29.11 11.40 -24.47
N ASN B 140 -28.27 10.41 -24.76
CA ASN B 140 -28.73 9.09 -25.17
C ASN B 140 -28.68 8.06 -24.05
N THR B 141 -28.05 8.36 -22.91
CA THR B 141 -27.89 7.36 -21.86
C THR B 141 -28.65 7.72 -20.59
N CYS B 142 -28.38 8.91 -20.04
CA CYS B 142 -28.95 9.27 -18.74
C CYS B 142 -29.74 10.57 -18.80
N ASP B 143 -30.50 10.77 -19.87
CA ASP B 143 -31.32 11.96 -19.99
C ASP B 143 -32.46 11.95 -18.98
N GLY B 144 -32.73 13.11 -18.39
CA GLY B 144 -33.80 13.22 -17.42
C GLY B 144 -33.33 13.03 -15.99
N THR B 145 -34.20 12.47 -15.15
CA THR B 145 -33.86 12.19 -13.75
C THR B 145 -33.85 10.71 -13.43
N THR B 146 -34.56 9.88 -14.18
CA THR B 146 -34.52 8.44 -14.02
C THR B 146 -34.33 7.79 -15.38
N PHE B 147 -33.49 6.77 -15.43
CA PHE B 147 -33.20 6.04 -16.65
C PHE B 147 -33.20 4.55 -16.37
N THR B 148 -33.16 3.75 -17.44
CA THR B 148 -33.20 2.30 -17.33
C THR B 148 -31.92 1.72 -17.90
N TYR B 149 -31.31 0.79 -17.16
CA TYR B 149 -30.11 0.11 -17.61
C TYR B 149 -30.04 -1.23 -16.91
N ALA B 150 -29.61 -2.26 -17.64
CA ALA B 150 -29.49 -3.63 -17.14
C ALA B 150 -30.82 -4.15 -16.59
N SER B 151 -31.92 -3.83 -17.29
CA SER B 151 -33.25 -4.29 -16.94
C SER B 151 -33.62 -3.87 -15.50
N ALA B 152 -33.27 -2.64 -15.15
CA ALA B 152 -33.58 -2.07 -13.85
C ALA B 152 -33.79 -0.57 -14.01
N LEU B 153 -34.38 0.05 -12.99
CA LEU B 153 -34.66 1.48 -13.00
C LEU B 153 -33.76 2.16 -11.97
N TRP B 154 -33.05 3.19 -12.42
CA TRP B 154 -32.15 3.97 -11.59
C TRP B 154 -32.59 5.42 -11.58
N GLU B 155 -32.37 6.10 -10.46
CA GLU B 155 -32.67 7.51 -10.34
C GLU B 155 -31.42 8.26 -9.90
N ILE B 156 -31.16 9.40 -10.54
CA ILE B 156 -29.92 10.15 -10.36
C ILE B 156 -29.87 10.72 -8.94
N GLN B 157 -28.66 10.80 -8.37
CA GLN B 157 -28.49 11.28 -7.01
C GLN B 157 -27.50 12.44 -6.95
N GLN B 158 -26.56 12.48 -7.88
CA GLN B 158 -25.51 13.49 -7.87
C GLN B 158 -24.77 13.44 -9.21
N VAL B 159 -24.26 14.60 -9.63
CA VAL B 159 -23.43 14.70 -10.82
C VAL B 159 -22.23 15.59 -10.52
N VAL B 160 -21.03 15.09 -10.78
CA VAL B 160 -19.81 15.87 -10.60
C VAL B 160 -19.05 15.89 -11.93
N ASP B 161 -17.96 16.66 -11.97
CA ASP B 161 -17.16 16.80 -13.19
C ASP B 161 -15.76 16.25 -12.92
N ALA B 162 -14.87 16.45 -13.90
CA ALA B 162 -13.51 15.93 -13.79
C ALA B 162 -12.74 16.55 -12.62
N ASP B 163 -13.14 17.74 -12.18
CA ASP B 163 -12.50 18.39 -11.03
C ASP B 163 -13.19 18.08 -9.71
N SER B 164 -14.18 17.17 -9.72
CA SER B 164 -14.91 16.76 -8.52
C SER B 164 -15.64 17.94 -7.89
N LYS B 165 -16.42 18.66 -8.68
CA LYS B 165 -17.27 19.74 -8.19
C LYS B 165 -18.70 19.48 -8.63
N ILE B 166 -19.65 19.84 -7.77
CA ILE B 166 -21.06 19.53 -7.99
C ILE B 166 -21.58 20.26 -9.23
N VAL B 167 -22.36 19.55 -10.05
CA VAL B 167 -22.97 20.11 -11.24
C VAL B 167 -24.46 19.80 -11.21
N GLN B 168 -25.29 20.82 -11.42
CA GLN B 168 -26.73 20.66 -11.43
C GLN B 168 -27.22 20.36 -12.83
N LEU B 169 -28.26 19.53 -12.93
CA LEU B 169 -28.76 19.09 -14.22
C LEU B 169 -29.37 20.22 -15.05
N SER B 170 -29.69 21.36 -14.43
CA SER B 170 -30.28 22.47 -15.16
C SER B 170 -29.28 23.14 -16.10
N GLU B 171 -27.98 22.93 -15.91
CA GLU B 171 -26.98 23.56 -16.75
C GLU B 171 -26.26 22.58 -17.67
N ILE B 172 -26.69 21.32 -17.72
CA ILE B 172 -26.16 20.39 -18.72
C ILE B 172 -27.02 20.49 -19.97
N SER B 173 -26.70 21.45 -20.82
CA SER B 173 -27.46 21.69 -22.04
C SER B 173 -26.52 21.72 -23.23
N MET B 174 -27.08 21.87 -24.44
CA MET B 174 -26.28 21.95 -25.64
C MET B 174 -25.51 23.26 -25.75
N ASP B 175 -26.11 24.37 -25.33
CA ASP B 175 -25.42 25.66 -25.39
C ASP B 175 -24.33 25.76 -24.34
N ASN B 176 -24.60 25.27 -23.13
CA ASN B 176 -23.67 25.39 -22.02
C ASN B 176 -22.68 24.24 -21.96
N SER B 177 -22.71 23.33 -22.93
CA SER B 177 -21.78 22.18 -22.91
C SER B 177 -20.32 22.59 -22.91
N PRO B 178 -19.86 23.57 -23.71
CA PRO B 178 -18.41 23.83 -23.78
C PRO B 178 -17.85 24.57 -22.55
N ASN B 179 -18.63 24.66 -21.47
CA ASN B 179 -18.17 25.32 -20.26
C ASN B 179 -18.01 24.38 -19.08
N LEU B 180 -17.91 23.08 -19.32
CA LEU B 180 -17.79 22.09 -18.26
C LEU B 180 -16.59 21.19 -18.50
N ALA B 181 -15.93 20.79 -17.41
CA ALA B 181 -14.95 19.71 -17.50
C ALA B 181 -15.67 18.41 -17.79
N TRP B 182 -15.61 17.98 -19.05
CA TRP B 182 -16.63 17.09 -19.60
C TRP B 182 -16.66 15.65 -19.07
N PRO B 183 -15.55 15.05 -18.62
CA PRO B 183 -15.68 13.67 -18.09
C PRO B 183 -16.55 13.64 -16.85
N LEU B 184 -17.85 13.78 -17.05
CA LEU B 184 -18.85 13.83 -15.99
C LEU B 184 -19.07 12.45 -15.40
N ILE B 185 -19.35 12.39 -14.11
CA ILE B 185 -19.60 11.14 -13.40
C ILE B 185 -20.97 11.25 -12.76
N VAL B 186 -21.86 10.32 -13.11
CA VAL B 186 -23.24 10.31 -12.62
C VAL B 186 -23.41 9.17 -11.64
N THR B 187 -24.05 9.46 -10.51
CA THR B 187 -24.30 8.49 -9.46
C THR B 187 -25.80 8.30 -9.31
N ALA B 188 -26.26 7.05 -9.28
CA ALA B 188 -27.67 6.72 -9.18
C ALA B 188 -27.88 5.61 -8.15
N LEU B 189 -29.14 5.43 -7.76
CA LEU B 189 -29.55 4.39 -6.84
C LEU B 189 -30.58 3.49 -7.51
N ARG B 190 -30.58 2.23 -7.12
CA ARG B 190 -31.56 1.27 -7.62
C ARG B 190 -32.94 1.65 -7.07
N ALA B 191 -33.93 1.79 -7.91
CA ALA B 191 -35.18 2.21 -7.40
C ALA B 191 -35.98 1.02 -7.16
N ASN B 192 -36.75 1.01 -6.09
CA ASN B 192 -37.62 -0.10 -5.71
C ASN B 192 -36.96 -1.39 -5.33
N SER B 193 -35.64 -1.46 -5.43
CA SER B 193 -34.94 -2.70 -5.16
C SER B 193 -33.88 -2.65 -4.06
N ALA B 194 -32.69 -2.16 -4.36
CA ALA B 194 -31.61 -2.07 -3.37
C ALA B 194 -31.16 -0.64 -3.30
N VAL B 195 -31.63 0.09 -2.30
CA VAL B 195 -31.28 1.52 -2.10
C VAL B 195 -31.93 2.43 -3.14
N SER C 1 19.59 27.46 -34.15
CA SER C 1 19.85 27.77 -32.76
C SER C 1 18.70 28.57 -32.15
N LYS C 2 17.89 29.18 -33.01
CA LYS C 2 16.71 29.91 -32.57
C LYS C 2 15.51 29.00 -32.34
N MET C 3 15.62 27.72 -32.65
CA MET C 3 14.52 26.78 -32.47
C MET C 3 14.71 25.93 -31.22
N SER C 4 15.92 25.40 -31.01
CA SER C 4 16.21 24.68 -29.77
C SER C 4 16.06 25.58 -28.56
N ASP C 5 16.39 26.87 -28.70
CA ASP C 5 16.20 27.82 -27.60
C ASP C 5 14.73 27.91 -27.21
N VAL C 6 13.85 28.01 -28.20
CA VAL C 6 12.43 28.13 -27.89
C VAL C 6 11.89 26.82 -27.34
N LYS C 7 12.40 25.67 -27.79
CA LYS C 7 11.95 24.40 -27.20
C LYS C 7 12.37 24.27 -25.74
N CYS C 8 13.61 24.64 -25.42
CA CYS C 8 14.05 24.61 -24.03
C CYS C 8 13.25 25.59 -23.18
N THR C 9 12.98 26.79 -23.70
CA THR C 9 12.19 27.76 -22.98
C THR C 9 10.77 27.25 -22.73
N SER C 10 10.19 26.56 -23.72
CA SER C 10 8.86 25.97 -23.54
C SER C 10 8.87 24.90 -22.46
N VAL C 11 9.91 24.06 -22.42
CA VAL C 11 9.99 23.05 -21.37
C VAL C 11 10.05 23.71 -20.00
N VAL C 12 10.88 24.74 -19.86
CA VAL C 12 11.00 25.42 -18.58
C VAL C 12 9.69 26.09 -18.20
N LEU C 13 9.01 26.70 -19.17
CA LEU C 13 7.73 27.35 -18.91
C LEU C 13 6.68 26.35 -18.44
N LEU C 14 6.62 25.18 -19.08
CA LEU C 14 5.66 24.18 -18.62
C LEU C 14 5.98 23.68 -17.23
N SER C 15 7.27 23.54 -16.90
CA SER C 15 7.63 23.16 -15.54
C SER C 15 7.17 24.22 -14.53
N VAL C 16 7.40 25.49 -14.85
CA VAL C 16 6.99 26.57 -13.95
C VAL C 16 5.47 26.57 -13.79
N LEU C 17 4.74 26.39 -14.89
CA LEU C 17 3.28 26.35 -14.81
C LEU C 17 2.80 25.18 -13.97
N GLN C 18 3.43 24.01 -14.10
CA GLN C 18 3.04 22.86 -13.29
C GLN C 18 3.33 23.10 -11.81
N GLN C 19 4.38 23.85 -11.50
CA GLN C 19 4.69 24.11 -10.09
C GLN C 19 3.61 24.95 -9.41
N LEU C 20 2.83 25.71 -10.17
CA LEU C 20 1.82 26.60 -9.62
C LEU C 20 0.44 25.96 -9.48
N ARG C 21 0.37 24.63 -9.45
CA ARG C 21 -0.88 23.89 -9.29
C ARG C 21 -1.89 24.27 -10.37
N VAL C 22 -1.44 24.14 -11.63
CA VAL C 22 -2.32 24.38 -12.77
C VAL C 22 -3.12 23.15 -13.16
N GLU C 23 -2.58 21.95 -12.96
CA GLU C 23 -3.26 20.71 -13.30
C GLU C 23 -4.47 20.42 -12.42
N SER C 24 -4.84 21.34 -11.53
CA SER C 24 -6.07 21.25 -10.77
C SER C 24 -7.26 21.81 -11.54
N SER C 25 -7.03 22.22 -12.79
CA SER C 25 -8.06 22.68 -13.72
C SER C 25 -7.83 21.92 -15.03
N SER C 26 -8.73 20.98 -15.31
CA SER C 26 -8.50 20.02 -16.37
C SER C 26 -8.39 20.68 -17.75
N LYS C 27 -9.26 21.65 -18.04
CA LYS C 27 -9.26 22.29 -19.35
C LYS C 27 -7.97 23.07 -19.59
N LEU C 28 -7.57 23.89 -18.61
CA LEU C 28 -6.36 24.67 -18.74
C LEU C 28 -5.13 23.77 -18.88
N TRP C 29 -5.06 22.71 -18.07
CA TRP C 29 -3.94 21.79 -18.15
C TRP C 29 -3.90 21.07 -19.49
N ALA C 30 -5.06 20.67 -20.01
CA ALA C 30 -5.09 20.02 -21.32
C ALA C 30 -4.61 20.96 -22.42
N GLN C 31 -5.06 22.22 -22.39
CA GLN C 31 -4.60 23.18 -23.39
C GLN C 31 -3.10 23.41 -23.29
N CYS C 32 -2.59 23.56 -22.07
CA CYS C 32 -1.16 23.78 -21.88
C CYS C 32 -0.34 22.60 -22.37
N VAL C 33 -0.80 21.38 -22.06
CA VAL C 33 -0.10 20.19 -22.51
C VAL C 33 -0.10 20.10 -24.03
N GLN C 34 -1.24 20.40 -24.66
CA GLN C 34 -1.32 20.38 -26.12
C GLN C 34 -0.34 21.37 -26.74
N LEU C 35 -0.31 22.59 -26.20
CA LEU C 35 0.61 23.60 -26.74
C LEU C 35 2.06 23.17 -26.58
N HIS C 36 2.41 22.68 -25.39
CA HIS C 36 3.79 22.27 -25.12
C HIS C 36 4.22 21.13 -26.03
N ASN C 37 3.34 20.13 -26.22
CA ASN C 37 3.66 19.02 -27.10
C ASN C 37 3.72 19.45 -28.56
N ASP C 38 2.93 20.44 -28.97
CA ASP C 38 2.98 20.94 -30.33
C ASP C 38 4.25 21.74 -30.62
N ILE C 39 4.77 22.48 -29.63
CA ILE C 39 5.99 23.26 -29.86
C ILE C 39 7.17 22.35 -30.14
N LEU C 40 7.30 21.26 -29.35
CA LEU C 40 8.46 20.39 -29.49
C LEU C 40 8.49 19.65 -30.82
N LEU C 41 7.36 19.52 -31.52
CA LEU C 41 7.28 18.84 -32.79
C LEU C 41 7.36 19.78 -33.98
N ALA C 42 7.56 21.08 -33.75
CA ALA C 42 7.57 22.05 -34.83
C ALA C 42 8.79 21.87 -35.72
N LYS C 43 8.69 22.41 -36.94
CA LYS C 43 9.78 22.31 -37.91
C LYS C 43 10.23 23.69 -38.36
N ASP C 44 9.33 24.67 -38.32
CA ASP C 44 9.65 26.05 -38.66
C ASP C 44 9.40 26.94 -37.45
N THR C 45 10.05 28.09 -37.45
CA THR C 45 10.20 28.91 -36.25
C THR C 45 9.27 30.12 -36.25
N THR C 46 8.05 29.96 -36.74
CA THR C 46 7.04 31.01 -36.61
C THR C 46 5.83 30.47 -35.84
N GLU C 47 5.40 29.26 -36.20
CA GLU C 47 4.35 28.59 -35.46
C GLU C 47 4.77 28.34 -34.02
N ALA C 48 6.02 27.96 -33.82
CA ALA C 48 6.54 27.77 -32.46
C ALA C 48 6.46 29.07 -31.66
N PHE C 49 6.75 30.20 -32.29
CA PHE C 49 6.71 31.47 -31.57
C PHE C 49 5.28 31.89 -31.24
N GLU C 50 4.32 31.70 -32.16
CA GLU C 50 2.95 32.06 -31.80
C GLU C 50 2.40 31.15 -30.71
N LYS C 51 2.71 29.85 -30.79
CA LYS C 51 2.30 28.95 -29.71
C LYS C 51 2.98 29.32 -28.40
N MET C 52 4.22 29.81 -28.47
CA MET C 52 4.91 30.27 -27.27
C MET C 52 4.23 31.49 -26.66
N VAL C 53 3.77 32.42 -27.50
CA VAL C 53 3.01 33.56 -27.00
C VAL C 53 1.72 33.09 -26.32
N SER C 54 1.01 32.15 -26.96
CA SER C 54 -0.22 31.63 -26.38
C SER C 54 0.05 30.95 -25.03
N LEU C 55 1.13 30.19 -24.93
CA LEU C 55 1.44 29.49 -23.69
C LEU C 55 1.87 30.46 -22.60
N LEU C 56 2.64 31.50 -22.94
CA LEU C 56 3.05 32.48 -21.94
C LEU C 56 1.89 33.32 -21.43
N SER C 57 0.89 33.55 -22.29
CA SER C 57 -0.31 34.25 -21.85
C SER C 57 -1.00 33.55 -20.68
N VAL C 58 -0.88 32.23 -20.59
CA VAL C 58 -1.47 31.51 -19.46
C VAL C 58 -0.81 31.90 -18.15
N LEU C 59 0.52 31.97 -18.12
CA LEU C 59 1.23 32.39 -16.93
C LEU C 59 1.01 33.87 -16.62
N LEU C 60 0.95 34.71 -17.63
CA LEU C 60 0.77 36.15 -17.38
C LEU C 60 -0.61 36.48 -16.81
N SER C 61 -1.63 35.70 -17.14
CA SER C 61 -3.00 35.98 -16.68
C SER C 61 -3.30 35.24 -15.39
N MET C 62 -2.41 35.41 -14.42
CA MET C 62 -2.61 34.88 -13.06
C MET C 62 -2.02 35.91 -12.11
N GLN C 63 -2.90 36.67 -11.45
CA GLN C 63 -2.52 37.88 -10.72
C GLN C 63 -1.53 37.61 -9.61
N GLY C 64 -1.91 36.82 -8.61
CA GLY C 64 -1.04 36.54 -7.48
C GLY C 64 0.24 35.83 -7.90
N ALA C 65 0.08 34.57 -8.33
CA ALA C 65 1.12 33.70 -8.87
C ALA C 65 2.55 34.14 -8.58
N VAL C 66 3.10 34.95 -9.49
CA VAL C 66 4.49 35.42 -9.38
C VAL C 66 4.50 36.93 -9.46
N ASP C 67 5.69 37.50 -9.21
CA ASP C 67 5.92 38.93 -9.28
C ASP C 67 6.69 39.22 -10.57
N ILE C 68 6.00 39.80 -11.55
CA ILE C 68 6.60 40.09 -12.84
C ILE C 68 7.66 41.17 -12.66
N ASN C 69 7.40 42.14 -11.80
CA ASN C 69 8.25 43.30 -11.64
C ASN C 69 9.53 43.00 -10.87
N LYS C 70 9.45 42.21 -9.80
CA LYS C 70 10.65 41.82 -9.07
C LYS C 70 11.52 40.93 -9.95
N LEU C 71 10.91 39.94 -10.61
CA LEU C 71 11.62 39.07 -11.53
C LEU C 71 12.13 39.79 -12.77
N CYS C 72 11.76 41.05 -12.96
CA CYS C 72 12.30 41.88 -14.04
C CYS C 72 13.37 42.85 -13.56
N GLU C 73 13.52 43.02 -12.25
CA GLU C 73 14.50 43.94 -11.68
C GLU C 73 15.74 43.24 -11.15
N GLU C 74 15.85 41.92 -11.33
CA GLU C 74 16.96 41.15 -10.80
C GLU C 74 18.03 40.93 -11.87
N MET C 75 18.24 41.93 -12.73
CA MET C 75 19.05 41.77 -13.94
C MET C 75 18.48 40.64 -14.80
N LEU C 76 17.14 40.60 -14.86
CA LEU C 76 16.40 39.61 -15.63
C LEU C 76 15.44 40.35 -16.56
N ASP C 77 14.43 39.64 -17.07
CA ASP C 77 13.61 40.04 -18.21
C ASP C 77 13.30 41.54 -18.30
N ASN C 78 13.36 42.07 -19.51
CA ASN C 78 13.04 43.48 -19.74
C ASN C 78 11.62 43.63 -20.27
N PHE D 6 55.57 10.44 6.27
CA PHE D 6 55.16 10.12 7.63
C PHE D 6 56.35 10.24 8.60
N SER D 7 56.65 11.47 8.98
CA SER D 7 57.77 11.75 9.88
C SER D 7 57.31 12.37 11.20
N SER D 8 56.12 11.99 11.67
CA SER D 8 55.58 12.53 12.90
C SER D 8 55.14 11.43 13.86
N LEU D 9 55.81 10.28 13.82
CA LEU D 9 55.47 9.16 14.68
C LEU D 9 56.70 8.68 15.43
N PRO D 10 56.55 8.16 16.65
CA PRO D 10 57.73 7.64 17.37
C PRO D 10 58.43 6.51 16.65
N SER D 11 57.70 5.70 15.88
CA SER D 11 58.32 4.64 15.10
C SER D 11 59.33 5.22 14.11
N TYR D 12 59.00 6.34 13.47
CA TYR D 12 59.93 6.97 12.57
C TYR D 12 61.19 7.40 13.30
N ALA D 13 61.05 7.95 14.51
CA ALA D 13 62.21 8.39 15.28
C ALA D 13 63.11 7.21 15.63
N ALA D 14 62.51 6.13 16.12
CA ALA D 14 63.30 4.95 16.47
C ALA D 14 64.01 4.37 15.25
N PHE D 15 63.29 4.27 14.12
CA PHE D 15 63.88 3.74 12.91
C PHE D 15 65.01 4.63 12.41
N ALA D 16 64.85 5.95 12.51
CA ALA D 16 65.88 6.86 12.05
C ALA D 16 67.13 6.76 12.92
N THR D 17 66.96 6.67 14.24
CA THR D 17 68.11 6.53 15.12
C THR D 17 68.84 5.22 14.86
N ALA D 18 68.08 4.13 14.70
CA ALA D 18 68.72 2.85 14.39
C ALA D 18 69.44 2.89 13.05
N GLN D 19 68.83 3.52 12.04
CA GLN D 19 69.45 3.64 10.73
C GLN D 19 70.76 4.40 10.84
N GLU D 20 70.75 5.55 11.53
CA GLU D 20 71.97 6.34 11.67
C GLU D 20 73.06 5.55 12.40
N ALA D 21 72.70 4.90 13.50
CA ALA D 21 73.70 4.16 14.28
C ALA D 21 74.31 3.03 13.46
N TYR D 22 73.46 2.24 12.79
CA TYR D 22 73.98 1.13 11.99
C TYR D 22 74.83 1.64 10.84
N GLU D 23 74.40 2.70 10.17
CA GLU D 23 75.15 3.23 9.04
C GLU D 23 76.52 3.73 9.48
N GLN D 24 76.56 4.46 10.60
CA GLN D 24 77.83 4.96 11.11
C GLN D 24 78.76 3.80 11.49
N ALA D 25 78.22 2.79 12.17
CA ALA D 25 79.04 1.66 12.58
C ALA D 25 79.58 0.90 11.37
N VAL D 26 78.75 0.72 10.34
CA VAL D 26 79.19 -0.02 9.16
C VAL D 26 80.22 0.78 8.37
N ALA D 27 79.99 2.08 8.20
CA ALA D 27 80.94 2.92 7.49
C ALA D 27 82.27 2.99 8.22
N ASN D 28 82.25 2.93 9.56
CA ASN D 28 83.50 2.89 10.31
C ASN D 28 84.25 1.57 10.07
N GLY D 29 83.55 0.52 9.67
CA GLY D 29 84.17 -0.76 9.45
C GLY D 29 84.22 -1.60 10.71
N ASP D 30 83.70 -2.83 10.64
CA ASP D 30 83.62 -3.67 11.84
C ASP D 30 83.48 -5.15 11.48
N SER D 31 83.20 -5.98 12.50
CA SER D 31 83.11 -7.42 12.33
C SER D 31 81.71 -7.85 11.91
N GLU D 32 81.44 -9.16 11.96
CA GLU D 32 80.17 -9.73 11.52
C GLU D 32 79.10 -9.70 12.60
N VAL D 33 79.47 -10.00 13.85
CA VAL D 33 78.49 -10.09 14.93
C VAL D 33 77.83 -8.74 15.17
N VAL D 34 78.59 -7.65 15.09
CA VAL D 34 78.02 -6.32 15.29
C VAL D 34 77.01 -6.01 14.21
N LEU D 35 77.33 -6.33 12.95
CA LEU D 35 76.39 -6.12 11.86
C LEU D 35 75.12 -6.94 12.07
N LYS D 36 75.26 -8.20 12.47
CA LYS D 36 74.10 -9.05 12.70
C LYS D 36 73.20 -8.49 13.80
N LYS D 37 73.81 -8.09 14.92
CA LYS D 37 73.02 -7.53 16.03
C LYS D 37 72.34 -6.23 15.61
N LEU D 38 73.06 -5.38 14.88
CA LEU D 38 72.48 -4.10 14.45
C LEU D 38 71.31 -4.32 13.51
N LYS D 39 71.44 -5.24 12.56
CA LYS D 39 70.32 -5.50 11.66
C LYS D 39 69.15 -6.17 12.37
N LYS D 40 69.40 -7.01 13.36
CA LYS D 40 68.30 -7.65 14.16
C LYS D 40 67.60 -6.66 15.03
N SER D 41 68.30 -5.60 15.44
CA SER D 41 67.62 -4.52 16.16
C SER D 41 67.05 -3.45 15.24
N LEU D 42 67.42 -3.47 13.95
CA LEU D 42 66.96 -2.46 13.00
C LEU D 42 65.69 -2.89 12.25
N ASN D 43 65.62 -4.16 11.86
CA ASN D 43 64.55 -4.59 10.97
C ASN D 43 63.18 -4.52 11.64
N VAL D 44 63.11 -4.78 12.95
CA VAL D 44 61.84 -4.70 13.65
C VAL D 44 61.32 -3.27 13.65
N ALA D 45 62.20 -2.30 13.89
CA ALA D 45 61.80 -0.89 13.83
C ALA D 45 61.42 -0.48 12.42
N LYS D 46 62.13 -1.01 11.42
CA LYS D 46 61.79 -0.70 10.03
C LYS D 46 60.38 -1.20 9.68
N SER D 47 60.05 -2.42 10.10
CA SER D 47 58.70 -2.94 9.86
C SER D 47 57.65 -2.13 10.63
N GLU D 48 57.98 -1.76 11.87
CA GLU D 48 57.09 -0.91 12.66
C GLU D 48 56.77 0.39 11.94
N PHE D 49 57.79 1.02 11.34
CA PHE D 49 57.57 2.25 10.58
C PHE D 49 56.74 1.98 9.33
N ASP D 50 57.12 0.95 8.57
CA ASP D 50 56.51 0.66 7.27
C ASP D 50 55.04 0.29 7.37
N ARG D 51 54.59 -0.34 8.45
CA ARG D 51 53.15 -0.60 8.60
C ARG D 51 52.33 0.67 8.71
N ASP D 52 52.73 1.56 9.63
CA ASP D 52 52.00 2.80 9.83
C ASP D 52 52.11 3.71 8.62
N ALA D 53 53.24 3.63 7.88
CA ALA D 53 53.42 4.48 6.71
C ALA D 53 52.31 4.30 5.67
N ALA D 54 51.72 3.12 5.58
CA ALA D 54 50.58 2.88 4.71
C ALA D 54 49.24 2.96 5.41
N MET D 55 49.18 2.58 6.69
CA MET D 55 47.92 2.69 7.41
C MET D 55 47.45 4.15 7.49
N GLN D 56 48.38 5.07 7.74
CA GLN D 56 48.03 6.49 7.80
C GLN D 56 47.51 6.99 6.46
N ARG D 57 48.14 6.58 5.35
CA ARG D 57 47.69 7.00 4.03
C ARG D 57 46.27 6.51 3.75
N LYS D 58 46.00 5.25 4.07
CA LYS D 58 44.65 4.73 3.83
C LYS D 58 43.63 5.47 4.69
N LEU D 59 43.97 5.76 5.95
CA LEU D 59 43.07 6.50 6.81
C LEU D 59 42.78 7.88 6.26
N GLU D 60 43.82 8.58 5.79
CA GLU D 60 43.65 9.95 5.29
C GLU D 60 42.76 9.97 4.05
N LYS D 61 43.04 9.07 3.09
CA LYS D 61 42.23 9.07 1.88
C LYS D 61 40.77 8.68 2.17
N MET D 62 40.56 7.75 3.11
CA MET D 62 39.21 7.37 3.48
C MET D 62 38.45 8.54 4.13
N ALA D 63 39.14 9.29 5.00
CA ALA D 63 38.51 10.47 5.60
C ALA D 63 38.14 11.50 4.54
N ASP D 64 39.04 11.72 3.58
CA ASP D 64 38.75 12.67 2.50
C ASP D 64 37.51 12.24 1.71
N GLN D 65 37.42 10.95 1.39
CA GLN D 65 36.26 10.46 0.65
C GLN D 65 34.97 10.64 1.46
N ALA D 66 35.02 10.36 2.76
CA ALA D 66 33.83 10.54 3.60
C ALA D 66 33.37 12.00 3.64
N MET D 67 34.31 12.94 3.78
CA MET D 67 33.93 14.35 3.77
C MET D 67 33.34 14.74 2.41
N THR D 68 33.90 14.20 1.33
CA THR D 68 33.35 14.45 0.00
C THR D 68 31.90 13.99 -0.07
N GLN D 69 31.63 12.77 0.41
CA GLN D 69 30.28 12.22 0.31
C GLN D 69 29.30 13.04 1.13
N MET D 70 29.69 13.45 2.33
CA MET D 70 28.79 14.26 3.14
C MET D 70 28.53 15.63 2.52
N TYR D 71 29.54 16.25 1.91
CA TYR D 71 29.30 17.51 1.21
C TYR D 71 28.31 17.32 0.08
N LYS D 72 28.46 16.23 -0.69
CA LYS D 72 27.54 15.99 -1.80
C LYS D 72 26.11 15.81 -1.31
N GLN D 73 25.92 15.04 -0.23
CA GLN D 73 24.58 14.84 0.29
C GLN D 73 23.96 16.16 0.77
N ALA D 74 24.74 16.97 1.50
CA ALA D 74 24.22 18.24 1.97
C ALA D 74 23.83 19.15 0.82
N ARG D 75 24.68 19.21 -0.22
CA ARG D 75 24.38 20.07 -1.36
C ARG D 75 23.14 19.60 -2.11
N SER D 76 22.96 18.29 -2.28
CA SER D 76 21.75 17.81 -2.95
C SER D 76 20.50 18.15 -2.15
N GLU D 77 20.56 17.95 -0.83
CA GLU D 77 19.41 18.30 0.01
C GLU D 77 19.09 19.78 -0.05
N ASP D 78 20.12 20.63 -0.10
CA ASP D 78 19.89 22.07 -0.24
C ASP D 78 19.25 22.37 -1.59
N LYS D 79 19.80 21.81 -2.66
CA LYS D 79 19.36 22.12 -4.01
C LYS D 79 17.91 21.74 -4.24
N ARG D 80 17.47 20.61 -3.68
CA ARG D 80 16.10 20.17 -3.92
C ARG D 80 15.08 20.94 -3.09
N ALA D 81 15.44 22.08 -2.51
CA ALA D 81 14.54 22.87 -1.68
C ALA D 81 14.41 24.32 -2.14
N LYS D 82 14.93 24.67 -3.33
CA LYS D 82 14.81 26.02 -3.86
C LYS D 82 14.34 26.02 -5.31
N VAL D 83 13.63 24.95 -5.71
CA VAL D 83 13.36 24.69 -7.11
C VAL D 83 12.43 25.75 -7.71
N THR D 84 11.44 26.22 -6.96
CA THR D 84 10.49 27.19 -7.52
C THR D 84 11.20 28.47 -7.93
N SER D 85 11.97 29.06 -7.00
CA SER D 85 12.68 30.30 -7.31
C SER D 85 13.73 30.07 -8.39
N ALA D 86 14.46 28.96 -8.33
CA ALA D 86 15.48 28.69 -9.34
C ALA D 86 14.85 28.60 -10.73
N MET D 87 13.72 27.89 -10.83
CA MET D 87 13.07 27.71 -12.12
C MET D 87 12.51 29.02 -12.64
N GLN D 88 11.92 29.86 -11.77
CA GLN D 88 11.39 31.14 -12.23
C GLN D 88 12.51 32.05 -12.73
N THR D 89 13.63 32.12 -11.99
CA THR D 89 14.74 32.95 -12.42
C THR D 89 15.31 32.45 -13.74
N MET D 90 15.47 31.13 -13.88
CA MET D 90 15.98 30.57 -15.12
C MET D 90 15.05 30.87 -16.29
N LEU D 91 13.73 30.71 -16.08
CA LEU D 91 12.78 30.95 -17.15
C LEU D 91 12.83 32.39 -17.62
N PHE D 92 12.89 33.34 -16.70
CA PHE D 92 12.96 34.73 -17.13
C PHE D 92 14.30 35.08 -17.77
N THR D 93 15.39 34.42 -17.37
CA THR D 93 16.66 34.62 -18.05
C THR D 93 16.59 34.15 -19.51
N MET D 94 16.05 32.96 -19.74
CA MET D 94 15.90 32.49 -21.12
C MET D 94 14.95 33.38 -21.91
N LEU D 95 13.89 33.87 -21.26
CA LEU D 95 12.97 34.76 -21.94
C LEU D 95 13.65 36.06 -22.36
N ARG D 96 14.54 36.60 -21.51
CA ARG D 96 15.42 37.67 -21.96
C ARG D 96 16.21 37.27 -23.18
N LYS D 97 16.92 36.13 -23.12
CA LYS D 97 17.84 35.76 -24.18
C LYS D 97 17.13 35.51 -25.52
N LEU D 98 15.85 35.12 -25.49
CA LEU D 98 15.13 34.85 -26.73
C LEU D 98 15.02 36.11 -27.60
N ASP D 99 14.71 37.26 -26.98
CA ASP D 99 14.66 38.56 -27.67
C ASP D 99 13.66 38.55 -28.83
N ASN D 100 12.39 38.39 -28.49
CA ASN D 100 11.30 38.50 -29.45
C ASN D 100 10.46 39.73 -29.16
N ASP D 101 9.92 40.33 -30.22
CA ASP D 101 9.15 41.56 -30.09
C ASP D 101 7.78 41.34 -29.46
N ALA D 102 7.06 40.29 -29.84
CA ALA D 102 5.75 40.03 -29.26
C ALA D 102 5.87 39.66 -27.78
N LEU D 103 6.82 38.79 -27.45
CA LEU D 103 7.03 38.42 -26.06
C LEU D 103 7.45 39.62 -25.22
N ASN D 104 8.35 40.45 -25.76
CA ASN D 104 8.76 41.65 -25.04
C ASN D 104 7.57 42.59 -24.83
N ASN D 105 6.74 42.74 -25.86
CA ASN D 105 5.57 43.60 -25.77
C ASN D 105 4.64 43.15 -24.65
N ILE D 106 4.27 41.86 -24.65
CA ILE D 106 3.35 41.38 -23.63
C ILE D 106 3.98 41.37 -22.25
N ILE D 107 5.28 41.12 -22.14
CA ILE D 107 5.93 41.14 -20.83
C ILE D 107 5.96 42.55 -20.26
N ASN D 108 6.30 43.55 -21.08
CA ASN D 108 6.26 44.93 -20.61
C ASN D 108 4.84 45.36 -20.25
N ASN D 109 3.86 44.95 -21.06
CA ASN D 109 2.47 45.29 -20.78
C ASN D 109 2.01 44.71 -19.45
N ALA D 110 2.36 43.44 -19.19
CA ALA D 110 2.04 42.84 -17.90
C ALA D 110 2.82 43.49 -16.77
N ARG D 111 4.04 43.94 -17.02
CA ARG D 111 4.84 44.61 -16.00
C ARG D 111 4.29 45.98 -15.63
N ASP D 112 3.60 46.65 -16.57
CA ASP D 112 2.99 47.94 -16.27
C ASP D 112 1.56 47.83 -15.77
N GLY D 113 0.92 46.69 -15.97
CA GLY D 113 -0.39 46.47 -15.39
C GLY D 113 -1.46 45.94 -16.32
N CYS D 114 -1.17 45.88 -17.62
CA CYS D 114 -2.17 45.45 -18.61
C CYS D 114 -1.97 43.96 -18.90
N VAL D 115 -2.68 43.14 -18.14
CA VAL D 115 -2.61 41.69 -18.27
C VAL D 115 -3.83 41.17 -19.00
N PRO D 116 -3.77 40.01 -19.65
CA PRO D 116 -4.96 39.44 -20.28
C PRO D 116 -5.84 38.70 -19.28
N LEU D 117 -7.00 38.21 -19.75
CA LEU D 117 -7.90 37.44 -18.90
C LEU D 117 -8.12 36.00 -19.37
N ASN D 118 -7.70 35.66 -20.58
CA ASN D 118 -7.83 34.29 -21.09
C ASN D 118 -6.63 34.00 -21.98
N ILE D 119 -6.65 32.84 -22.62
CA ILE D 119 -5.58 32.44 -23.53
C ILE D 119 -5.68 33.28 -24.79
N ILE D 120 -4.55 33.82 -25.24
CA ILE D 120 -4.52 34.64 -26.45
C ILE D 120 -4.84 33.75 -27.65
N PRO D 121 -5.88 34.05 -28.41
CA PRO D 121 -6.22 33.21 -29.57
C PRO D 121 -5.29 33.48 -30.75
N LEU D 122 -5.23 32.50 -31.65
CA LEU D 122 -4.40 32.58 -32.83
C LEU D 122 -5.19 32.70 -34.12
N THR D 123 -6.47 32.34 -34.11
CA THR D 123 -7.28 32.36 -35.32
C THR D 123 -7.63 33.80 -35.69
N THR D 124 -8.23 33.95 -36.88
CA THR D 124 -8.76 35.24 -37.32
C THR D 124 -10.03 35.63 -36.59
N ALA D 125 -10.40 34.88 -35.55
CA ALA D 125 -11.63 35.10 -34.79
C ALA D 125 -11.35 34.90 -33.31
N ALA D 126 -12.41 34.73 -32.51
CA ALA D 126 -12.35 34.46 -31.08
C ALA D 126 -12.00 35.71 -30.29
N LYS D 127 -12.51 35.79 -29.06
CA LYS D 127 -12.47 37.00 -28.27
C LYS D 127 -11.27 37.04 -27.33
N LEU D 128 -10.73 38.24 -27.13
CA LEU D 128 -9.65 38.48 -26.19
C LEU D 128 -10.05 39.61 -25.24
N MET D 129 -9.77 39.42 -23.95
CA MET D 129 -10.14 40.39 -22.93
C MET D 129 -8.90 40.76 -22.13
N VAL D 130 -8.64 42.06 -22.01
CA VAL D 130 -7.53 42.57 -21.22
C VAL D 130 -8.06 43.58 -20.21
N VAL D 131 -7.21 44.00 -19.27
CA VAL D 131 -7.60 45.00 -18.27
C VAL D 131 -6.66 46.19 -18.41
N ILE D 132 -7.23 47.38 -18.52
CA ILE D 132 -6.47 48.62 -18.66
C ILE D 132 -6.69 49.47 -17.42
N PRO D 133 -5.70 49.60 -16.53
CA PRO D 133 -5.93 50.23 -15.23
C PRO D 133 -5.76 51.74 -15.17
N ASP D 134 -5.18 52.37 -16.19
CA ASP D 134 -4.95 53.81 -16.17
C ASP D 134 -5.17 54.38 -17.56
N TYR D 135 -5.19 55.71 -17.64
CA TYR D 135 -5.41 56.37 -18.92
C TYR D 135 -4.17 56.33 -19.81
N ASN D 136 -2.97 56.30 -19.22
CA ASN D 136 -1.76 56.27 -20.03
C ASN D 136 -1.65 54.99 -20.85
N THR D 137 -1.98 53.85 -20.27
CA THR D 137 -1.96 52.60 -21.03
C THR D 137 -2.99 52.64 -22.17
N TYR D 138 -4.17 53.21 -21.90
CA TYR D 138 -5.17 53.36 -22.94
C TYR D 138 -4.65 54.27 -24.06
N LYS D 139 -3.93 55.33 -23.70
CA LYS D 139 -3.36 56.23 -24.70
C LYS D 139 -2.33 55.51 -25.56
N ASN D 140 -1.48 54.70 -24.93
CA ASN D 140 -0.43 54.00 -25.68
C ASN D 140 -1.03 52.95 -26.60
N THR D 141 -1.87 52.07 -26.08
CA THR D 141 -2.39 50.95 -26.87
C THR D 141 -3.58 51.36 -27.74
N CYS D 142 -4.66 51.83 -27.13
CA CYS D 142 -5.89 52.08 -27.87
C CYS D 142 -5.90 53.49 -28.44
N ASP D 143 -5.86 53.59 -29.76
CA ASP D 143 -5.99 54.87 -30.45
C ASP D 143 -6.92 54.69 -31.64
N GLY D 144 -8.04 55.41 -31.63
CA GLY D 144 -9.05 55.21 -32.65
C GLY D 144 -10.00 54.11 -32.24
N THR D 145 -10.21 53.14 -33.14
CA THR D 145 -11.05 51.99 -32.85
C THR D 145 -10.28 50.68 -33.02
N THR D 146 -8.96 50.75 -33.14
CA THR D 146 -8.13 49.57 -33.30
C THR D 146 -7.29 49.36 -32.05
N PHE D 147 -6.88 48.10 -31.84
CA PHE D 147 -6.14 47.70 -30.66
C PHE D 147 -4.87 46.99 -31.08
N THR D 148 -3.74 47.41 -30.51
CA THR D 148 -2.44 46.81 -30.82
C THR D 148 -1.94 46.08 -29.57
N TYR D 149 -1.84 44.75 -29.68
CA TYR D 149 -1.42 43.92 -28.57
C TYR D 149 -0.71 42.69 -29.12
N ALA D 150 0.40 42.31 -28.46
CA ALA D 150 1.18 41.14 -28.84
C ALA D 150 1.64 41.21 -30.30
N SER D 151 2.04 42.40 -30.75
CA SER D 151 2.50 42.63 -32.12
C SER D 151 1.45 42.20 -33.14
N ALA D 152 0.20 42.56 -32.86
CA ALA D 152 -0.92 42.24 -33.73
C ALA D 152 -1.87 43.44 -33.75
N LEU D 153 -3.00 43.28 -34.43
CA LEU D 153 -4.01 44.32 -34.52
C LEU D 153 -5.38 43.75 -34.17
N TRP D 154 -6.10 44.46 -33.31
CA TRP D 154 -7.41 44.03 -32.84
C TRP D 154 -8.40 45.19 -32.94
N GLU D 155 -9.68 44.85 -32.96
CA GLU D 155 -10.75 45.83 -33.13
C GLU D 155 -11.65 45.85 -31.90
N ILE D 156 -11.67 46.99 -31.20
CA ILE D 156 -12.48 47.12 -30.00
C ILE D 156 -13.97 47.01 -30.35
N GLN D 157 -14.71 46.32 -29.48
CA GLN D 157 -16.15 46.18 -29.66
C GLN D 157 -16.93 46.39 -28.37
N GLN D 158 -16.24 46.51 -27.23
CA GLN D 158 -16.94 46.63 -25.95
C GLN D 158 -15.97 47.14 -24.90
N VAL D 159 -16.48 48.02 -24.03
CA VAL D 159 -15.74 48.55 -22.90
C VAL D 159 -16.62 48.45 -21.66
N VAL D 160 -16.07 47.83 -20.61
CA VAL D 160 -16.82 47.58 -19.38
C VAL D 160 -15.98 48.04 -18.19
N ASP D 161 -16.62 48.64 -17.20
CA ASP D 161 -15.91 49.26 -16.08
C ASP D 161 -16.05 48.33 -14.88
N ALA D 162 -15.53 48.77 -13.73
CA ALA D 162 -15.64 47.96 -12.52
C ALA D 162 -17.08 47.85 -12.05
N ASP D 163 -17.94 48.77 -12.47
CA ASP D 163 -19.36 48.71 -12.17
C ASP D 163 -20.17 48.01 -13.24
N SER D 164 -19.49 47.43 -14.24
CA SER D 164 -20.07 46.64 -15.33
C SER D 164 -21.01 47.43 -16.22
N LYS D 165 -20.88 48.76 -16.29
CA LYS D 165 -21.70 49.55 -17.19
C LYS D 165 -20.93 49.84 -18.47
N ILE D 166 -21.62 49.76 -19.61
CA ILE D 166 -20.98 49.98 -20.89
C ILE D 166 -20.56 51.44 -21.04
N VAL D 167 -19.33 51.65 -21.50
CA VAL D 167 -18.81 53.00 -21.76
C VAL D 167 -18.47 53.09 -23.24
N GLN D 168 -19.03 54.09 -23.91
CA GLN D 168 -18.76 54.30 -25.32
C GLN D 168 -17.37 54.87 -25.52
N LEU D 169 -16.79 54.62 -26.70
CA LEU D 169 -15.40 55.00 -26.96
C LEU D 169 -15.21 56.52 -26.93
N SER D 170 -16.22 57.27 -27.38
CA SER D 170 -16.09 58.72 -27.44
C SER D 170 -15.97 59.34 -26.06
N GLU D 171 -16.47 58.65 -25.03
CA GLU D 171 -16.45 59.17 -23.67
C GLU D 171 -15.03 59.37 -23.15
N ILE D 172 -14.12 58.43 -23.41
CA ILE D 172 -12.80 58.44 -22.81
C ILE D 172 -11.99 59.59 -23.40
N SER D 173 -11.47 60.45 -22.53
CA SER D 173 -10.66 61.59 -22.93
C SER D 173 -9.79 61.99 -21.74
N MET D 174 -8.88 62.93 -21.96
CA MET D 174 -7.91 63.31 -20.94
C MET D 174 -8.59 63.73 -19.64
N ASP D 175 -9.36 64.83 -19.67
CA ASP D 175 -10.00 65.30 -18.45
C ASP D 175 -11.37 64.68 -18.25
N ASN D 176 -11.92 64.05 -19.29
CA ASN D 176 -13.25 63.47 -19.20
C ASN D 176 -13.21 62.08 -18.58
N SER D 177 -12.04 61.49 -18.42
CA SER D 177 -11.90 60.16 -17.84
C SER D 177 -11.95 60.14 -16.31
N PRO D 178 -11.27 61.05 -15.58
CA PRO D 178 -11.15 60.87 -14.13
C PRO D 178 -12.45 61.07 -13.37
N ASN D 179 -13.52 60.45 -13.84
CA ASN D 179 -14.76 60.32 -13.09
C ASN D 179 -15.36 58.95 -13.32
N LEU D 180 -14.51 57.93 -13.44
CA LEU D 180 -14.92 56.62 -13.91
C LEU D 180 -14.29 55.54 -13.06
N ALA D 181 -14.90 54.36 -13.08
CA ALA D 181 -14.25 53.16 -12.55
C ALA D 181 -13.22 52.68 -13.56
N TRP D 182 -11.95 52.83 -13.22
CA TRP D 182 -10.86 52.73 -14.19
C TRP D 182 -10.50 51.33 -14.68
N PRO D 183 -10.55 50.27 -13.86
CA PRO D 183 -10.13 48.96 -14.37
C PRO D 183 -11.04 48.47 -15.49
N LEU D 184 -10.89 49.08 -16.66
CA LEU D 184 -11.69 48.78 -17.84
C LEU D 184 -11.38 47.39 -18.37
N ILE D 185 -12.30 46.83 -19.16
CA ILE D 185 -12.12 45.50 -19.75
C ILE D 185 -12.45 45.55 -21.23
N VAL D 186 -11.40 45.60 -22.07
CA VAL D 186 -11.62 45.65 -23.51
C VAL D 186 -11.76 44.25 -24.08
N THR D 187 -12.79 44.06 -24.91
CA THR D 187 -13.02 42.80 -25.62
C THR D 187 -12.95 43.07 -27.11
N ALA D 188 -11.95 42.50 -27.77
CA ALA D 188 -11.69 42.70 -29.19
C ALA D 188 -11.52 41.37 -29.89
N LEU D 189 -11.49 41.41 -31.21
CA LEU D 189 -11.22 40.25 -32.05
C LEU D 189 -10.03 40.55 -32.97
N ARG D 190 -9.34 39.49 -33.38
CA ARG D 190 -8.10 39.63 -34.14
C ARG D 190 -8.39 40.11 -35.56
N ALA D 191 -7.84 41.26 -35.93
CA ALA D 191 -7.99 41.77 -37.29
C ALA D 191 -7.22 40.89 -38.26
N ASN D 192 -7.71 40.81 -39.50
CA ASN D 192 -7.09 39.99 -40.53
C ASN D 192 -5.66 40.43 -40.82
N ALA E 1 8.68 -13.59 20.15
CA ALA E 1 9.99 -14.15 20.41
C ALA E 1 10.87 -13.15 21.14
N VAL E 2 10.36 -11.93 21.32
CA VAL E 2 11.10 -10.87 22.00
C VAL E 2 10.18 -10.20 23.02
N GLY E 3 10.69 -10.02 24.24
CA GLY E 3 9.92 -9.39 25.30
C GLY E 3 10.69 -9.26 26.58
N ALA E 4 9.99 -9.04 27.70
CA ALA E 4 10.62 -8.79 28.99
C ALA E 4 10.60 -10.07 29.83
N CYS E 5 11.70 -10.29 30.55
CA CYS E 5 11.80 -11.45 31.42
C CYS E 5 11.02 -11.22 32.71
N VAL E 6 10.53 -12.32 33.28
CA VAL E 6 9.55 -12.23 34.36
C VAL E 6 10.15 -11.70 35.66
N LEU E 7 11.46 -11.55 35.74
CA LEU E 7 12.09 -11.05 36.96
C LEU E 7 12.73 -9.69 36.79
N CYS E 8 13.65 -9.53 35.85
CA CYS E 8 14.32 -8.25 35.64
C CYS E 8 13.55 -7.30 34.75
N ASN E 9 12.51 -7.77 34.07
CA ASN E 9 11.77 -7.01 33.07
C ASN E 9 12.65 -6.53 31.92
N SER E 10 13.85 -7.09 31.79
CA SER E 10 14.74 -6.72 30.69
C SER E 10 14.39 -7.52 29.44
N GLN E 11 14.81 -6.98 28.29
CA GLN E 11 14.52 -7.59 27.01
C GLN E 11 15.30 -8.88 26.85
N THR E 12 14.63 -9.91 26.34
CA THR E 12 15.25 -11.23 26.20
C THR E 12 14.70 -11.87 24.92
N SER E 13 15.25 -13.04 24.59
CA SER E 13 14.79 -13.82 23.45
C SER E 13 14.78 -15.31 23.78
N LEU E 14 14.96 -15.63 25.06
CA LEU E 14 15.10 -17.01 25.50
C LEU E 14 13.83 -17.46 26.20
N ARG E 15 13.31 -18.61 25.80
CA ARG E 15 12.17 -19.24 26.44
C ARG E 15 12.59 -20.56 27.07
N CYS E 16 12.25 -20.75 28.34
CA CYS E 16 12.50 -22.04 28.98
C CYS E 16 11.59 -23.10 28.37
N GLY E 17 12.16 -24.27 28.13
CA GLY E 17 11.42 -25.32 27.46
C GLY E 17 10.90 -26.41 28.37
N ALA E 18 11.35 -26.43 29.62
CA ALA E 18 10.92 -27.44 30.59
C ALA E 18 9.78 -26.96 31.47
N CYS E 19 9.36 -25.71 31.34
CA CYS E 19 8.18 -25.20 32.03
C CYS E 19 6.99 -25.23 31.08
N ILE E 20 5.85 -25.71 31.58
CA ILE E 20 4.68 -25.93 30.74
C ILE E 20 4.16 -24.66 30.10
N ARG E 21 4.40 -23.50 30.72
CA ARG E 21 3.88 -22.24 30.20
C ARG E 21 4.89 -21.46 29.37
N ARG E 22 6.12 -21.95 29.24
CA ARG E 22 7.17 -21.33 28.43
C ARG E 22 7.37 -19.86 28.79
N PRO E 23 7.82 -19.56 29.99
CA PRO E 23 7.99 -18.15 30.38
C PRO E 23 9.18 -17.51 29.69
N PHE E 24 9.21 -16.19 29.71
CA PHE E 24 10.31 -15.41 29.17
C PHE E 24 11.36 -15.23 30.26
N LEU E 25 12.57 -15.76 30.03
CA LEU E 25 13.62 -15.78 31.04
C LEU E 25 14.80 -14.94 30.60
N CYS E 26 15.36 -14.18 31.54
CA CYS E 26 16.55 -13.39 31.31
C CYS E 26 17.77 -14.31 31.23
N CYS E 27 18.81 -13.86 30.53
CA CYS E 27 19.96 -14.72 30.26
C CYS E 27 20.61 -15.20 31.55
N LYS E 28 20.91 -14.27 32.46
CA LYS E 28 21.40 -14.66 33.78
C LYS E 28 20.36 -15.49 34.53
N CYS E 29 19.10 -15.05 34.47
CA CYS E 29 18.02 -15.85 35.06
C CYS E 29 17.93 -17.22 34.41
N CYS E 30 18.15 -17.27 33.09
CA CYS E 30 18.13 -18.56 32.40
C CYS E 30 19.22 -19.48 32.93
N TYR E 31 20.43 -18.96 33.11
CA TYR E 31 21.52 -19.77 33.65
C TYR E 31 21.20 -20.25 35.06
N ASP E 32 20.71 -19.35 35.92
CA ASP E 32 20.40 -19.72 37.29
C ASP E 32 19.29 -20.77 37.34
N HIS E 33 18.28 -20.63 36.48
CA HIS E 33 17.17 -21.57 36.46
C HIS E 33 17.56 -22.91 35.86
N VAL E 34 18.53 -22.94 34.93
CA VAL E 34 18.94 -24.19 34.31
C VAL E 34 20.00 -24.92 35.14
N ILE E 35 20.73 -24.22 36.00
CA ILE E 35 21.78 -24.83 36.81
C ILE E 35 21.21 -25.44 38.09
N SER E 36 20.41 -24.67 38.83
CA SER E 36 19.86 -25.14 40.10
C SER E 36 18.59 -25.98 39.94
N THR E 37 18.27 -26.49 38.74
CA THR E 37 17.04 -27.21 38.51
C THR E 37 17.22 -28.10 37.29
N SER E 38 16.52 -29.24 37.28
CA SER E 38 16.54 -30.14 36.14
C SER E 38 15.60 -29.64 35.05
N HIS E 39 15.76 -28.38 34.66
CA HIS E 39 15.05 -27.79 33.52
C HIS E 39 16.12 -27.49 32.48
N LYS E 40 16.38 -28.46 31.60
CA LYS E 40 17.55 -28.41 30.75
C LYS E 40 17.19 -28.20 29.28
N LEU E 41 16.21 -27.34 29.01
CA LEU E 41 15.84 -27.04 27.63
C LEU E 41 15.56 -25.54 27.53
N VAL E 42 16.11 -24.93 26.48
CA VAL E 42 15.98 -23.49 26.27
C VAL E 42 15.61 -23.25 24.82
N LEU E 43 14.62 -22.38 24.61
CA LEU E 43 14.16 -22.05 23.27
C LEU E 43 14.50 -20.60 22.94
N SER E 44 14.93 -20.38 21.71
CA SER E 44 15.22 -19.05 21.18
C SER E 44 14.45 -18.87 19.87
N VAL E 45 14.80 -17.86 19.09
CA VAL E 45 14.23 -17.66 17.76
C VAL E 45 14.34 -18.96 16.97
N ASN E 46 15.38 -19.74 17.27
CA ASN E 46 15.51 -21.12 16.83
C ASN E 46 15.80 -21.98 18.05
N PRO E 47 15.38 -23.24 18.05
CA PRO E 47 15.58 -24.08 19.24
C PRO E 47 17.06 -24.33 19.51
N TYR E 48 17.38 -24.45 20.79
CA TYR E 48 18.76 -24.70 21.22
C TYR E 48 18.98 -26.21 21.38
N VAL E 49 18.90 -26.90 20.25
CA VAL E 49 19.10 -28.35 20.19
C VAL E 49 20.12 -28.65 19.11
N CYS E 50 20.83 -29.78 19.25
CA CYS E 50 21.85 -30.15 18.29
C CYS E 50 21.22 -30.45 16.94
N ASN E 51 21.74 -29.80 15.89
CA ASN E 51 21.19 -29.94 14.55
C ASN E 51 21.98 -30.92 13.69
N ALA E 52 22.93 -31.65 14.27
CA ALA E 52 23.70 -32.64 13.54
C ALA E 52 22.78 -33.75 13.05
N PRO E 53 22.81 -34.09 11.77
CA PRO E 53 21.93 -35.14 11.26
C PRO E 53 22.20 -36.48 11.94
N GLY E 54 21.12 -37.17 12.31
CA GLY E 54 21.23 -38.42 13.04
C GLY E 54 21.50 -38.29 14.52
N CYS E 55 21.72 -37.08 15.01
CA CYS E 55 22.00 -36.86 16.42
C CYS E 55 20.75 -36.39 17.15
N ASP E 56 20.71 -36.66 18.45
CA ASP E 56 19.55 -36.26 19.27
C ASP E 56 20.05 -35.94 20.68
N VAL E 57 20.33 -34.66 20.92
CA VAL E 57 20.63 -34.14 22.25
C VAL E 57 19.81 -32.89 22.47
N THR E 58 19.18 -32.79 23.65
CA THR E 58 18.29 -31.69 23.96
C THR E 58 18.76 -30.89 25.17
N ASP E 59 20.05 -30.98 25.52
CA ASP E 59 20.59 -30.21 26.63
C ASP E 59 20.89 -28.79 26.16
N VAL E 60 21.34 -27.96 27.11
CA VAL E 60 21.84 -26.63 26.80
C VAL E 60 23.30 -26.52 27.23
N THR E 61 23.63 -27.12 28.38
CA THR E 61 24.98 -27.11 28.92
C THR E 61 25.92 -28.03 28.16
N GLN E 62 25.43 -28.71 27.12
CA GLN E 62 26.20 -29.72 26.40
C GLN E 62 26.56 -29.28 24.98
N LEU E 63 25.88 -28.30 24.42
CA LEU E 63 26.02 -27.92 23.03
C LEU E 63 27.13 -26.91 22.83
N TYR E 64 27.68 -26.91 21.61
CA TYR E 64 28.72 -25.98 21.18
C TYR E 64 28.25 -25.29 19.91
N LEU E 65 28.52 -23.98 19.82
CA LEU E 65 28.15 -23.23 18.63
C LEU E 65 29.27 -23.30 17.60
N GLY E 66 28.92 -23.68 16.38
CA GLY E 66 29.89 -23.76 15.30
C GLY E 66 29.31 -23.43 13.95
N GLY E 67 29.99 -22.58 13.20
CA GLY E 67 29.47 -22.14 11.92
C GLY E 67 28.25 -21.27 12.07
N MET E 68 27.08 -21.80 11.70
CA MET E 68 25.81 -21.12 11.91
C MET E 68 24.82 -21.93 12.73
N SER E 69 24.98 -23.25 12.79
CA SER E 69 24.09 -24.11 13.57
C SER E 69 24.65 -24.35 14.97
N TYR E 70 24.03 -25.28 15.70
CA TYR E 70 24.49 -25.68 17.03
C TYR E 70 24.87 -27.14 17.01
N TYR E 71 25.98 -27.46 17.68
CA TYR E 71 26.53 -28.81 17.64
C TYR E 71 26.90 -29.25 19.05
N CYS E 72 27.14 -30.55 19.18
CA CYS E 72 27.44 -31.20 20.45
C CYS E 72 28.93 -31.57 20.49
N LYS E 73 29.32 -32.26 21.57
CA LYS E 73 30.70 -32.71 21.69
C LYS E 73 31.07 -33.70 20.60
N SER E 74 30.13 -34.53 20.16
CA SER E 74 30.42 -35.53 19.14
C SER E 74 30.44 -34.95 17.73
N HIS E 75 29.99 -33.70 17.54
CA HIS E 75 30.01 -33.11 16.21
C HIS E 75 30.49 -31.66 16.22
N LYS E 76 31.19 -31.22 17.25
CA LYS E 76 31.70 -29.85 17.26
C LYS E 76 32.78 -29.69 16.19
N PRO E 77 32.70 -28.67 15.35
CA PRO E 77 33.75 -28.43 14.36
C PRO E 77 35.02 -27.93 15.03
N PRO E 78 36.12 -27.79 14.29
CA PRO E 78 37.32 -27.16 14.88
C PRO E 78 37.05 -25.74 15.37
N ILE E 79 36.14 -25.04 14.72
CA ILE E 79 35.75 -23.68 15.16
C ILE E 79 34.49 -23.86 16.00
N SER E 80 34.69 -24.04 17.30
CA SER E 80 33.56 -24.28 18.21
C SER E 80 33.51 -23.24 19.31
N PHE E 81 32.35 -23.13 19.95
CA PHE E 81 32.10 -22.14 20.99
C PHE E 81 30.98 -22.65 21.89
N PRO E 82 31.24 -22.85 23.18
CA PRO E 82 30.18 -23.36 24.07
C PRO E 82 29.13 -22.30 24.38
N LEU E 83 27.86 -22.70 24.24
CA LEU E 83 26.75 -21.79 24.53
C LEU E 83 26.69 -21.46 26.01
N CYS E 84 26.78 -22.49 26.86
CA CYS E 84 26.65 -22.32 28.31
C CYS E 84 28.02 -22.03 28.89
N ALA E 85 28.31 -20.75 29.10
CA ALA E 85 29.60 -20.33 29.65
C ALA E 85 29.42 -18.99 30.34
N ASN E 86 30.40 -18.66 31.20
CA ASN E 86 30.44 -17.40 31.93
C ASN E 86 29.23 -17.19 32.81
N GLY E 87 28.51 -18.27 33.13
CA GLY E 87 27.29 -18.13 33.92
C GLY E 87 26.23 -17.28 33.24
N GLN E 88 26.15 -17.37 31.92
CA GLN E 88 25.23 -16.53 31.15
C GLN E 88 25.00 -17.14 29.77
N VAL E 89 23.74 -17.45 29.46
CA VAL E 89 23.42 -18.13 28.21
C VAL E 89 23.51 -17.13 27.04
N PHE E 90 23.77 -17.67 25.86
CA PHE E 90 24.03 -16.86 24.67
C PHE E 90 22.69 -16.50 24.01
N GLY E 91 22.39 -15.21 23.96
CA GLY E 91 21.16 -14.74 23.36
C GLY E 91 21.21 -13.25 23.11
N LEU E 92 20.11 -12.74 22.56
CA LEU E 92 20.00 -11.31 22.27
C LEU E 92 19.98 -10.48 23.55
N TYR E 93 20.44 -9.23 23.42
CA TYR E 93 20.53 -8.30 24.53
C TYR E 93 21.33 -8.86 25.71
N LYS E 94 22.40 -9.58 25.42
CA LYS E 94 23.21 -10.19 26.47
C LYS E 94 23.99 -9.16 27.28
N ASN E 95 24.22 -7.96 26.75
CA ASN E 95 24.98 -6.94 27.44
C ASN E 95 24.12 -5.96 28.23
N THR E 96 22.79 -6.08 28.16
CA THR E 96 21.92 -5.15 28.86
C THR E 96 21.05 -5.90 29.85
N CYS E 97 21.65 -6.81 30.61
CA CYS E 97 20.96 -7.53 31.67
C CYS E 97 21.39 -7.00 33.03
N VAL E 98 20.56 -7.26 34.04
CA VAL E 98 20.85 -6.80 35.40
C VAL E 98 20.82 -7.98 36.35
N GLY E 99 20.12 -9.04 35.97
CA GLY E 99 19.98 -10.20 36.83
C GLY E 99 19.03 -9.93 37.98
N SER E 100 18.86 -10.95 38.81
CA SER E 100 17.97 -10.87 39.98
C SER E 100 18.40 -11.94 40.97
N ASP E 101 17.97 -11.78 42.21
CA ASP E 101 18.27 -12.74 43.27
C ASP E 101 17.07 -13.57 43.68
N ASN E 102 15.87 -13.22 43.20
CA ASN E 102 14.67 -14.00 43.50
C ASN E 102 14.59 -15.21 42.57
N VAL E 103 15.62 -16.06 42.61
CA VAL E 103 15.65 -17.22 41.73
C VAL E 103 15.25 -18.50 42.45
N THR E 104 15.51 -18.59 43.76
CA THR E 104 15.13 -19.78 44.52
C THR E 104 13.62 -19.93 44.59
N ASP E 105 12.90 -18.85 44.90
CA ASP E 105 11.45 -18.92 44.94
C ASP E 105 10.86 -19.12 43.55
N PHE E 106 11.46 -18.50 42.52
CA PHE E 106 11.01 -18.76 41.15
C PHE E 106 11.23 -20.22 40.78
N ASN E 107 12.37 -20.79 41.17
CA ASN E 107 12.61 -22.22 40.94
C ASN E 107 11.58 -23.07 41.65
N ALA E 108 11.25 -22.73 42.90
CA ALA E 108 10.26 -23.48 43.65
C ALA E 108 8.90 -23.42 42.97
N ILE E 109 8.52 -22.23 42.50
CA ILE E 109 7.24 -22.09 41.77
C ILE E 109 7.26 -22.96 40.53
N ALA E 110 8.36 -22.90 39.77
CA ALA E 110 8.45 -23.70 38.55
C ALA E 110 8.49 -25.19 38.86
N THR E 111 9.24 -25.59 39.89
CA THR E 111 9.41 -27.00 40.20
C THR E 111 8.25 -27.59 40.98
N CYS E 112 7.38 -26.76 41.57
CA CYS E 112 6.30 -27.25 42.40
C CYS E 112 5.27 -27.95 41.52
N ASP E 113 5.17 -29.26 41.66
CA ASP E 113 4.16 -30.04 40.95
C ASP E 113 2.78 -29.95 41.58
N TRP E 114 2.58 -29.02 42.51
CA TRP E 114 1.28 -28.74 43.11
C TRP E 114 0.73 -29.99 43.84
N THR E 115 1.44 -30.35 44.91
CA THR E 115 1.08 -31.51 45.71
C THR E 115 0.55 -31.16 47.09
N ASN E 116 1.27 -30.35 47.86
CA ASN E 116 0.97 -30.14 49.26
C ASN E 116 0.57 -28.69 49.53
N ALA E 117 0.40 -28.38 50.82
CA ALA E 117 -0.05 -27.05 51.22
C ALA E 117 0.98 -25.98 50.88
N GLY E 118 2.27 -26.29 51.05
CA GLY E 118 3.31 -25.33 50.75
C GLY E 118 3.26 -24.82 49.32
N ASP E 119 2.70 -25.63 48.42
CA ASP E 119 2.48 -25.20 47.05
C ASP E 119 1.67 -23.91 47.01
N TYR E 120 0.51 -23.91 47.66
CA TYR E 120 -0.32 -22.70 47.71
C TYR E 120 0.25 -21.64 48.65
N ILE E 121 0.97 -22.05 49.70
CA ILE E 121 1.62 -21.07 50.56
C ILE E 121 2.57 -20.19 49.75
N LEU E 122 3.44 -20.82 48.96
CA LEU E 122 4.36 -20.05 48.14
C LEU E 122 3.72 -19.47 46.89
N ALA E 123 2.59 -20.03 46.44
CA ALA E 123 1.82 -19.41 45.37
C ALA E 123 1.28 -18.05 45.81
N ASN E 124 0.82 -17.96 47.06
CA ASN E 124 0.32 -16.72 47.63
C ASN E 124 1.42 -15.92 48.33
N THR E 125 2.65 -16.44 48.37
CA THR E 125 3.78 -15.75 48.99
C THR E 125 4.88 -15.58 47.94
N CYS E 126 4.78 -14.51 47.15
CA CYS E 126 5.77 -14.15 46.15
C CYS E 126 5.47 -12.77 45.59
N THR E 127 6.25 -12.32 44.61
CA THR E 127 6.01 -11.02 43.99
C THR E 127 4.98 -11.17 42.88
N GLU E 128 4.49 -10.03 42.36
CA GLU E 128 3.29 -9.97 41.52
C GLU E 128 3.32 -10.91 40.32
N ARG E 129 4.34 -10.78 39.47
CA ARG E 129 4.38 -11.63 38.29
C ARG E 129 4.52 -13.09 38.64
N LEU E 130 5.16 -13.41 39.77
CA LEU E 130 5.19 -14.80 40.22
C LEU E 130 3.81 -15.27 40.67
N LYS E 131 3.01 -14.41 41.30
CA LYS E 131 1.61 -14.76 41.58
C LYS E 131 0.86 -15.07 40.29
N LEU E 132 1.03 -14.21 39.28
CA LEU E 132 0.34 -14.42 38.02
C LEU E 132 0.76 -15.73 37.37
N PHE E 133 2.08 -16.00 37.34
CA PHE E 133 2.60 -17.21 36.73
C PHE E 133 2.12 -18.45 37.48
N ALA E 134 2.13 -18.39 38.82
CA ALA E 134 1.66 -19.52 39.61
C ALA E 134 0.18 -19.80 39.38
N ALA E 135 -0.65 -18.77 39.34
CA ALA E 135 -2.08 -18.98 39.07
C ALA E 135 -2.29 -19.56 37.68
N GLU E 136 -1.56 -19.03 36.69
CA GLU E 136 -1.69 -19.52 35.32
C GLU E 136 -1.31 -20.99 35.23
N THR E 137 -0.17 -21.36 35.84
CA THR E 137 0.27 -22.75 35.74
C THR E 137 -0.58 -23.67 36.60
N LEU E 138 -1.18 -23.17 37.69
CA LEU E 138 -2.12 -23.98 38.45
C LEU E 138 -3.36 -24.31 37.64
N LYS E 139 -3.93 -23.31 36.98
CA LYS E 139 -5.08 -23.61 36.12
C LYS E 139 -4.66 -24.50 34.96
N ALA E 140 -3.44 -24.32 34.44
CA ALA E 140 -2.96 -25.16 33.35
C ALA E 140 -2.87 -26.62 33.78
N THR E 141 -2.29 -26.88 34.96
CA THR E 141 -2.15 -28.27 35.38
C THR E 141 -3.50 -28.89 35.72
N GLU E 142 -4.42 -28.12 36.32
CA GLU E 142 -5.73 -28.70 36.62
C GLU E 142 -6.51 -28.99 35.35
N GLU E 143 -6.40 -28.12 34.33
CA GLU E 143 -7.12 -28.38 33.09
C GLU E 143 -6.49 -29.53 32.33
N THR E 144 -5.16 -29.69 32.40
CA THR E 144 -4.54 -30.87 31.80
C THR E 144 -4.99 -32.14 32.52
N PHE E 145 -5.09 -32.09 33.84
CA PHE E 145 -5.54 -33.24 34.61
C PHE E 145 -6.96 -33.63 34.22
N LYS E 146 -7.85 -32.64 34.08
CA LYS E 146 -9.23 -32.98 33.73
C LYS E 146 -9.38 -33.36 32.27
N LEU E 147 -8.50 -32.87 31.39
CA LEU E 147 -8.55 -33.33 30.00
C LEU E 147 -7.90 -34.69 29.84
N SER E 148 -7.15 -35.15 30.84
CA SER E 148 -6.63 -36.51 30.82
C SER E 148 -7.73 -37.48 31.21
N TYR E 149 -8.85 -37.41 30.50
CA TYR E 149 -10.02 -38.25 30.74
C TYR E 149 -10.57 -38.73 29.39
N GLY E 150 -11.35 -39.80 29.45
CA GLY E 150 -11.85 -40.41 28.23
C GLY E 150 -12.98 -39.65 27.56
N ILE E 151 -13.51 -40.20 26.48
CA ILE E 151 -14.62 -39.63 25.73
C ILE E 151 -15.85 -40.48 25.99
N ALA E 152 -16.96 -39.83 26.31
CA ALA E 152 -18.20 -40.52 26.65
C ALA E 152 -18.80 -41.13 25.38
N THR E 153 -18.50 -42.40 25.16
CA THR E 153 -19.06 -43.11 24.02
C THR E 153 -20.55 -43.36 24.21
N VAL E 154 -21.36 -42.71 23.38
CA VAL E 154 -22.81 -42.82 23.45
C VAL E 154 -23.35 -43.17 22.06
N ARG E 155 -24.20 -44.20 22.01
CA ARG E 155 -24.85 -44.59 20.76
C ARG E 155 -26.37 -44.62 20.83
N GLU E 156 -26.98 -44.49 22.01
CA GLU E 156 -28.43 -44.49 22.13
C GLU E 156 -28.82 -43.83 23.44
N VAL E 157 -30.11 -43.49 23.54
CA VAL E 157 -30.66 -42.84 24.72
C VAL E 157 -32.01 -43.48 25.05
N LEU E 158 -32.24 -43.76 26.34
CA LEU E 158 -33.51 -44.33 26.77
C LEU E 158 -34.62 -43.29 26.73
N SER E 159 -34.50 -42.25 27.57
CA SER E 159 -35.53 -41.22 27.69
C SER E 159 -35.01 -40.06 28.54
N ASP E 160 -35.89 -39.11 28.85
CA ASP E 160 -35.53 -38.07 29.80
C ASP E 160 -35.27 -38.69 31.17
N ARG E 161 -34.30 -38.11 31.89
CA ARG E 161 -33.89 -38.60 33.20
C ARG E 161 -33.36 -40.03 33.12
N GLU E 162 -32.81 -40.40 31.97
CA GLU E 162 -32.23 -41.73 31.76
C GLU E 162 -31.19 -41.63 30.67
N LEU E 163 -30.16 -42.45 30.77
CA LEU E 163 -29.06 -42.43 29.80
C LEU E 163 -28.16 -43.63 30.01
N HIS E 164 -27.71 -44.21 28.90
CA HIS E 164 -26.59 -45.14 28.89
C HIS E 164 -25.40 -44.44 28.24
N LEU E 165 -24.30 -44.34 29.00
CA LEU E 165 -23.14 -43.60 28.54
C LEU E 165 -21.90 -44.30 29.07
N SER E 166 -20.91 -44.47 28.21
CA SER E 166 -19.72 -45.23 28.54
C SER E 166 -18.48 -44.37 28.37
N TRP E 167 -17.59 -44.45 29.36
CA TRP E 167 -16.30 -43.77 29.30
C TRP E 167 -15.32 -44.61 28.49
N GLU E 168 -14.04 -44.26 28.51
CA GLU E 168 -13.03 -44.99 27.78
C GLU E 168 -12.42 -46.06 28.68
N VAL E 169 -11.60 -46.93 28.08
CA VAL E 169 -10.95 -48.01 28.80
C VAL E 169 -9.73 -47.44 29.51
N GLY E 170 -9.60 -47.73 30.80
CA GLY E 170 -8.53 -47.21 31.61
C GLY E 170 -8.76 -45.82 32.17
N LYS E 171 -9.96 -45.26 31.98
CA LYS E 171 -10.30 -43.93 32.47
C LYS E 171 -11.43 -44.03 33.48
N PRO E 172 -11.30 -43.39 34.64
CA PRO E 172 -12.33 -43.51 35.67
C PRO E 172 -13.50 -42.55 35.45
N ARG E 173 -14.53 -42.66 36.28
CA ARG E 173 -15.68 -41.79 36.18
C ARG E 173 -15.30 -40.37 36.57
N PRO E 174 -15.56 -39.37 35.73
CA PRO E 174 -15.17 -38.00 36.05
C PRO E 174 -16.03 -37.43 37.16
N PRO E 175 -15.63 -36.29 37.75
CA PRO E 175 -16.45 -35.67 38.80
C PRO E 175 -17.89 -35.38 38.35
N LEU E 176 -18.78 -35.27 39.32
CA LEU E 176 -20.21 -35.45 39.08
C LEU E 176 -20.94 -34.21 38.56
N ASN E 177 -20.98 -33.14 39.36
CA ASN E 177 -22.00 -32.11 39.18
C ASN E 177 -21.51 -31.00 38.25
N ARG E 178 -22.26 -29.90 38.22
CA ARG E 178 -22.03 -28.80 37.30
C ARG E 178 -20.76 -28.03 37.61
N ASN E 179 -20.14 -28.31 38.76
CA ASN E 179 -18.83 -27.76 39.05
C ASN E 179 -17.79 -28.20 38.02
N TYR E 180 -18.07 -29.28 37.30
CA TYR E 180 -17.23 -29.82 36.23
C TYR E 180 -18.17 -30.00 35.04
N VAL E 181 -18.27 -28.97 34.21
CA VAL E 181 -19.33 -28.88 33.22
C VAL E 181 -19.15 -29.94 32.13
N PHE E 182 -20.25 -30.54 31.71
CA PHE E 182 -20.26 -31.52 30.63
C PHE E 182 -20.81 -30.84 29.37
N THR E 183 -19.92 -30.49 28.44
CA THR E 183 -20.29 -29.90 27.17
C THR E 183 -19.53 -30.63 26.06
N GLY E 184 -20.25 -31.41 25.26
CA GLY E 184 -19.65 -32.25 24.25
C GLY E 184 -20.02 -31.84 22.83
N TYR E 185 -19.46 -32.57 21.88
CA TYR E 185 -19.70 -32.32 20.46
C TYR E 185 -19.58 -33.60 19.65
N ARG E 186 -20.66 -34.02 19.01
CA ARG E 186 -20.70 -35.25 18.24
C ARG E 186 -20.33 -34.96 16.79
N VAL E 187 -20.26 -36.00 15.95
CA VAL E 187 -19.94 -35.85 14.53
C VAL E 187 -20.98 -36.62 13.72
N THR E 188 -21.28 -36.08 12.52
CA THR E 188 -22.21 -36.75 11.62
C THR E 188 -21.40 -37.42 10.52
N LYS E 189 -20.69 -36.69 9.68
CA LYS E 189 -19.88 -37.30 8.63
C LYS E 189 -18.47 -36.72 8.52
N ASN E 190 -18.33 -35.40 8.68
CA ASN E 190 -17.07 -34.72 8.35
C ASN E 190 -16.61 -33.75 9.42
N SER E 191 -17.53 -33.19 10.22
CA SER E 191 -17.17 -32.24 11.25
C SER E 191 -17.94 -32.52 12.53
N LYS E 192 -17.86 -31.61 13.50
CA LYS E 192 -18.50 -31.79 14.79
C LYS E 192 -19.87 -31.13 14.79
N VAL E 193 -20.78 -31.70 15.58
CA VAL E 193 -22.14 -31.20 15.68
C VAL E 193 -22.49 -30.99 17.15
N GLN E 194 -23.49 -30.14 17.38
CA GLN E 194 -23.85 -29.71 18.72
C GLN E 194 -24.53 -30.84 19.51
N ILE E 195 -24.26 -30.88 20.80
CA ILE E 195 -24.88 -31.86 21.70
C ILE E 195 -25.72 -31.14 22.74
N GLY E 196 -25.08 -30.32 23.57
CA GLY E 196 -25.78 -29.61 24.62
C GLY E 196 -24.96 -29.42 25.89
N GLU E 197 -25.23 -28.34 26.61
CA GLU E 197 -24.56 -28.07 27.89
C GLU E 197 -25.30 -28.82 28.99
N TYR E 198 -24.64 -29.82 29.58
CA TYR E 198 -25.30 -30.77 30.45
C TYR E 198 -24.45 -31.05 31.69
N THR E 199 -25.05 -31.84 32.58
CA THR E 199 -24.36 -32.41 33.74
C THR E 199 -25.13 -33.67 34.15
N PHE E 200 -24.40 -34.63 34.71
CA PHE E 200 -24.97 -35.94 34.99
C PHE E 200 -25.34 -36.05 36.48
N GLU E 201 -26.36 -36.86 36.76
CA GLU E 201 -26.88 -36.98 38.12
C GLU E 201 -26.26 -38.15 38.88
N LYS E 202 -26.42 -39.37 38.37
CA LYS E 202 -25.84 -40.54 39.03
C LYS E 202 -25.54 -41.64 38.02
N GLY E 203 -25.29 -42.85 38.51
CA GLY E 203 -25.01 -43.98 37.65
C GLY E 203 -26.07 -45.06 37.72
N ALA E 208 -29.10 -45.36 36.09
CA ALA E 208 -29.96 -44.17 36.04
C ALA E 208 -29.12 -42.90 35.90
N VAL E 209 -29.41 -42.11 34.87
CA VAL E 209 -28.72 -40.83 34.66
C VAL E 209 -29.75 -39.73 34.44
N VAL E 210 -30.11 -39.03 35.51
CA VAL E 210 -31.02 -37.90 35.37
C VAL E 210 -30.24 -36.69 34.83
N TYR E 211 -30.96 -35.81 34.15
CA TYR E 211 -30.37 -34.64 33.51
C TYR E 211 -30.66 -33.41 34.37
N ARG E 212 -29.61 -32.82 34.95
CA ARG E 212 -29.70 -31.54 35.65
C ARG E 212 -29.35 -30.37 34.76
N GLY E 213 -29.37 -30.56 33.43
CA GLY E 213 -29.04 -29.52 32.49
C GLY E 213 -30.21 -28.59 32.21
N THR E 214 -30.13 -27.92 31.06
CA THR E 214 -31.13 -26.93 30.68
C THR E 214 -31.55 -27.02 29.21
N THR E 215 -31.48 -28.21 28.61
CA THR E 215 -31.96 -28.41 27.25
C THR E 215 -32.23 -29.89 27.03
N THR E 216 -32.75 -30.21 25.85
CA THR E 216 -33.04 -31.60 25.48
C THR E 216 -32.83 -31.74 23.97
N TYR E 217 -31.90 -32.61 23.59
CA TYR E 217 -31.54 -32.82 22.20
C TYR E 217 -31.88 -34.25 21.79
N LYS E 218 -31.99 -34.47 20.48
CA LYS E 218 -32.21 -35.81 19.95
C LYS E 218 -30.93 -36.63 20.09
N LEU E 219 -30.62 -37.02 21.32
CA LEU E 219 -29.35 -37.64 21.62
C LEU E 219 -29.40 -39.14 21.33
N ASN E 220 -28.39 -39.63 20.61
CA ASN E 220 -28.21 -41.06 20.40
C ASN E 220 -26.83 -41.41 19.84
N VAL E 221 -26.71 -41.46 18.51
CA VAL E 221 -25.55 -42.07 17.86
C VAL E 221 -24.37 -41.12 17.85
N GLY E 222 -23.18 -41.68 18.02
CA GLY E 222 -21.92 -40.97 17.87
C GLY E 222 -21.75 -39.78 18.79
N ASP E 223 -22.43 -39.79 19.93
CA ASP E 223 -22.40 -38.66 20.85
C ASP E 223 -21.14 -38.69 21.70
N TYR E 224 -20.49 -37.53 21.83
CA TYR E 224 -19.23 -37.39 22.54
C TYR E 224 -19.41 -36.36 23.66
N PHE E 225 -19.81 -36.81 24.84
CA PHE E 225 -19.82 -35.94 26.01
C PHE E 225 -18.42 -35.81 26.57
N VAL E 226 -17.97 -34.57 26.79
CA VAL E 226 -16.64 -34.31 27.30
C VAL E 226 -16.69 -33.10 28.23
N LEU E 227 -15.81 -33.10 29.22
CA LEU E 227 -15.56 -31.91 30.05
C LEU E 227 -14.56 -31.07 29.28
N THR E 228 -15.07 -30.13 28.49
CA THR E 228 -14.25 -29.38 27.54
C THR E 228 -13.15 -28.62 28.24
N SER E 229 -11.91 -29.02 27.97
CA SER E 229 -10.74 -28.30 28.46
C SER E 229 -10.42 -27.16 27.50
N HIS E 230 -10.26 -25.96 28.04
CA HIS E 230 -10.06 -24.77 27.24
C HIS E 230 -8.62 -24.28 27.39
N THR E 231 -8.08 -23.80 26.27
CA THR E 231 -6.75 -23.20 26.28
C THR E 231 -6.77 -21.92 27.12
N VAL E 232 -5.76 -21.75 27.96
CA VAL E 232 -5.71 -20.60 28.88
C VAL E 232 -4.90 -19.50 28.20
N MET E 233 -5.47 -18.29 28.13
CA MET E 233 -4.75 -17.15 27.62
C MET E 233 -3.88 -16.53 28.70
N PRO E 234 -2.76 -15.92 28.34
CA PRO E 234 -1.89 -15.30 29.35
C PRO E 234 -2.52 -14.05 29.94
N LEU E 235 -2.13 -13.77 31.18
CA LEU E 235 -2.66 -12.64 31.93
C LEU E 235 -1.97 -11.34 31.54
N SER E 236 -2.64 -10.21 31.75
CA SER E 236 -2.06 -8.91 31.44
C SER E 236 -1.94 -8.06 32.71
N ALA E 237 -3.05 -7.93 33.44
CA ALA E 237 -3.10 -7.07 34.61
C ALA E 237 -2.81 -7.86 35.88
N PRO E 238 -2.34 -7.19 36.95
CA PRO E 238 -2.12 -7.89 38.22
C PRO E 238 -3.41 -8.29 38.90
N THR E 239 -3.30 -8.97 40.04
CA THR E 239 -4.49 -9.43 40.75
C THR E 239 -5.28 -8.26 41.36
N LEU E 240 -4.59 -7.24 41.85
CA LEU E 240 -5.25 -6.05 42.37
C LEU E 240 -4.39 -4.82 42.08
N VAL E 241 -5.05 -3.68 42.06
CA VAL E 241 -4.39 -2.38 41.87
C VAL E 241 -4.31 -1.69 43.22
N PRO E 242 -3.13 -1.23 43.64
CA PRO E 242 -3.02 -0.56 44.95
C PRO E 242 -3.88 0.69 45.01
N GLN E 243 -4.73 0.76 46.03
CA GLN E 243 -5.69 1.85 46.15
C GLN E 243 -5.06 3.07 46.81
N GLU E 244 -5.69 4.22 46.57
CA GLU E 244 -5.32 5.48 47.19
C GLU E 244 -6.58 6.29 47.40
N HIS E 245 -6.84 6.72 48.64
CA HIS E 245 -8.09 7.38 48.98
C HIS E 245 -8.11 8.77 48.36
N TYR E 246 -9.07 8.99 47.45
CA TYR E 246 -9.19 10.27 46.76
C TYR E 246 -9.68 11.38 47.68
N VAL E 247 -9.48 12.62 47.26
CA VAL E 247 -10.08 13.78 47.89
C VAL E 247 -11.21 14.35 47.04
N ARG E 248 -11.03 14.37 45.72
CA ARG E 248 -12.09 14.74 44.78
C ARG E 248 -12.90 13.51 44.42
N ILE E 249 -14.21 13.69 44.32
CA ILE E 249 -15.10 12.64 43.79
C ILE E 249 -15.20 12.90 42.29
N THR E 250 -14.24 12.35 41.54
CA THR E 250 -14.19 12.59 40.10
C THR E 250 -15.19 11.70 39.38
N GLY E 251 -16.09 12.32 38.63
CA GLY E 251 -17.08 11.58 37.89
C GLY E 251 -18.28 11.16 38.71
N LEU E 252 -18.04 10.83 39.98
CA LEU E 252 -19.12 10.40 40.87
C LEU E 252 -19.97 11.59 41.28
N TYR E 253 -21.28 11.42 41.20
CA TYR E 253 -22.24 12.50 41.44
C TYR E 253 -23.28 12.09 42.47
N PRO E 254 -23.06 12.39 43.75
CA PRO E 254 -24.13 12.25 44.73
C PRO E 254 -25.30 13.15 44.39
N THR E 255 -26.48 12.57 44.17
CA THR E 255 -27.62 13.32 43.69
C THR E 255 -28.12 14.30 44.76
N LEU E 256 -28.90 15.28 44.31
CA LEU E 256 -29.47 16.26 45.22
C LEU E 256 -30.37 15.60 46.25
N ASN E 257 -31.21 14.67 45.82
CA ASN E 257 -32.08 13.91 46.71
C ASN E 257 -31.37 12.64 47.17
N ILE E 258 -32.02 11.93 48.07
CA ILE E 258 -31.51 10.68 48.60
C ILE E 258 -32.40 9.55 48.08
N SER E 259 -31.84 8.73 47.19
CA SER E 259 -32.53 7.54 46.69
C SER E 259 -32.46 6.49 47.79
N ASP E 260 -33.38 6.60 48.74
CA ASP E 260 -33.32 5.81 49.97
C ASP E 260 -33.84 4.38 49.71
N GLU E 261 -33.01 3.62 49.00
CA GLU E 261 -33.23 2.18 48.90
C GLU E 261 -32.94 1.57 50.26
N PHE E 262 -31.72 1.77 50.76
CA PHE E 262 -31.31 1.37 52.09
C PHE E 262 -30.77 2.58 52.84
N SER E 263 -30.82 2.51 54.17
CA SER E 263 -30.43 3.63 55.02
C SER E 263 -28.92 3.83 55.03
N SER E 264 -28.16 2.80 55.39
CA SER E 264 -26.70 2.89 55.49
C SER E 264 -26.00 2.90 54.14
N ASN E 265 -26.77 2.85 53.05
CA ASN E 265 -26.17 2.94 51.73
C ASN E 265 -25.51 4.29 51.49
N VAL E 266 -25.97 5.34 52.20
CA VAL E 266 -25.30 6.62 52.11
C VAL E 266 -23.86 6.51 52.62
N ALA E 267 -23.66 5.85 53.76
CA ALA E 267 -22.30 5.60 54.24
C ALA E 267 -21.54 4.69 53.28
N ASN E 268 -22.23 3.69 52.73
CA ASN E 268 -21.67 2.85 51.66
C ASN E 268 -20.96 3.74 50.64
N TYR E 269 -21.73 4.63 50.01
CA TYR E 269 -21.17 5.54 49.01
C TYR E 269 -20.06 6.38 49.62
N GLN E 270 -20.28 6.87 50.84
CA GLN E 270 -19.37 7.78 51.53
C GLN E 270 -17.95 7.22 51.58
N LYS E 271 -17.80 5.92 51.81
CA LYS E 271 -16.42 5.42 51.86
C LYS E 271 -16.05 4.57 50.65
N VAL E 272 -16.99 4.27 49.74
CA VAL E 272 -16.56 3.57 48.53
C VAL E 272 -16.25 4.56 47.42
N GLY E 273 -16.55 5.85 47.62
CA GLY E 273 -16.28 6.82 46.58
C GLY E 273 -14.87 7.33 46.47
N MET E 274 -13.97 6.95 47.37
CA MET E 274 -12.64 7.57 47.39
C MET E 274 -11.49 6.59 47.16
N GLN E 275 -11.65 5.32 47.51
CA GLN E 275 -10.59 4.34 47.39
C GLN E 275 -10.78 3.52 46.12
N LYS E 276 -9.65 3.09 45.54
CA LYS E 276 -9.67 2.49 44.20
C LYS E 276 -10.41 1.16 44.16
N TYR E 277 -10.68 0.55 45.31
CA TYR E 277 -11.53 -0.64 45.35
C TYR E 277 -12.20 -0.69 46.70
N SER E 278 -13.15 -1.62 46.85
CA SER E 278 -13.79 -1.91 48.12
C SER E 278 -14.26 -3.35 48.10
N THR E 279 -15.06 -3.75 49.09
CA THR E 279 -15.60 -5.10 49.08
C THR E 279 -16.87 -5.13 49.91
N LEU E 280 -17.87 -5.88 49.45
CA LEU E 280 -19.11 -6.03 50.18
C LEU E 280 -19.01 -7.27 51.07
N GLN E 281 -18.55 -7.06 52.30
CA GLN E 281 -18.39 -8.15 53.27
C GLN E 281 -19.78 -8.50 53.79
N GLY E 282 -20.43 -9.44 53.10
CA GLY E 282 -21.80 -9.76 53.40
C GLY E 282 -22.01 -11.19 53.87
N PRO E 283 -22.47 -11.33 55.11
CA PRO E 283 -23.05 -12.61 55.53
C PRO E 283 -24.31 -12.91 54.72
N PRO E 284 -24.71 -14.17 54.63
CA PRO E 284 -25.84 -14.52 53.75
C PRO E 284 -27.12 -13.80 54.16
N GLY E 285 -27.78 -13.19 53.17
CA GLY E 285 -29.02 -12.47 53.40
C GLY E 285 -28.87 -11.31 54.35
N THR E 286 -27.80 -10.52 54.20
CA THR E 286 -27.49 -9.42 55.10
C THR E 286 -27.11 -8.17 54.28
N GLY E 287 -27.93 -7.87 53.28
CA GLY E 287 -27.62 -6.78 52.38
C GLY E 287 -26.61 -7.11 51.30
N LYS E 288 -26.35 -8.39 51.08
CA LYS E 288 -25.42 -8.84 50.05
C LYS E 288 -25.97 -8.70 48.65
N SER E 289 -27.17 -8.14 48.48
CA SER E 289 -27.88 -8.18 47.21
C SER E 289 -28.12 -6.82 46.57
N HIS E 290 -28.74 -5.88 47.29
CA HIS E 290 -29.29 -4.70 46.65
C HIS E 290 -28.67 -3.39 47.14
N PHE E 291 -27.56 -3.45 47.88
CA PHE E 291 -26.82 -2.23 48.16
C PHE E 291 -26.28 -1.63 46.85
N ALA E 292 -25.83 -2.49 45.94
CA ALA E 292 -25.46 -2.03 44.61
C ALA E 292 -26.67 -1.50 43.85
N ILE E 293 -27.86 -2.07 44.11
CA ILE E 293 -29.07 -1.56 43.48
C ILE E 293 -29.35 -0.13 43.92
N GLY E 294 -29.18 0.14 45.21
CA GLY E 294 -29.30 1.51 45.70
C GLY E 294 -28.22 2.43 45.13
N LEU E 295 -26.99 1.92 45.04
CA LEU E 295 -25.91 2.67 44.41
C LEU E 295 -26.22 3.00 42.95
N ALA E 296 -27.04 2.16 42.30
CA ALA E 296 -27.37 2.36 40.90
C ALA E 296 -28.06 3.69 40.67
N LEU E 297 -28.98 4.07 41.57
CA LEU E 297 -29.69 5.33 41.43
C LEU E 297 -29.12 6.47 42.26
N TYR E 298 -28.37 6.19 43.33
CA TYR E 298 -27.71 7.29 44.02
C TYR E 298 -26.55 7.82 43.20
N TYR E 299 -25.87 6.94 42.47
CA TYR E 299 -24.82 7.32 41.54
C TYR E 299 -25.27 6.97 40.12
N PRO E 300 -26.31 7.64 39.60
CA PRO E 300 -26.87 7.20 38.32
C PRO E 300 -26.02 7.60 37.12
N SER E 301 -25.21 8.66 37.28
CA SER E 301 -24.35 9.15 36.21
C SER E 301 -22.96 8.53 36.26
N ALA E 302 -22.83 7.35 36.88
CA ALA E 302 -21.57 6.65 36.98
C ALA E 302 -21.69 5.31 36.27
N ARG E 303 -20.71 4.99 35.43
CA ARG E 303 -20.68 3.72 34.71
C ARG E 303 -20.44 2.60 35.71
N ILE E 304 -21.45 1.75 35.90
CA ILE E 304 -21.41 0.73 36.94
C ILE E 304 -21.46 -0.64 36.29
N VAL E 305 -20.53 -1.51 36.70
CA VAL E 305 -20.41 -2.87 36.19
C VAL E 305 -20.76 -3.87 37.28
N TYR E 306 -21.44 -4.93 36.87
CA TYR E 306 -21.80 -6.03 37.76
C TYR E 306 -21.28 -7.34 37.18
N THR E 307 -20.75 -8.20 38.05
CA THR E 307 -20.23 -9.48 37.61
C THR E 307 -20.21 -10.45 38.79
N ALA E 308 -20.05 -11.73 38.46
CA ALA E 308 -19.93 -12.80 39.44
C ALA E 308 -18.87 -13.76 38.94
N CYS E 309 -18.80 -14.95 39.57
CA CYS E 309 -17.80 -15.94 39.20
C CYS E 309 -18.37 -17.11 38.41
N SER E 310 -19.65 -17.43 38.58
CA SER E 310 -20.25 -18.56 37.89
C SER E 310 -21.59 -18.15 37.32
N HIS E 311 -21.99 -18.84 36.25
CA HIS E 311 -23.26 -18.57 35.59
C HIS E 311 -24.44 -19.00 36.46
N ALA E 312 -24.18 -19.83 37.48
CA ALA E 312 -25.24 -20.29 38.35
C ALA E 312 -25.69 -19.19 39.32
N ALA E 313 -24.72 -18.47 39.90
CA ALA E 313 -25.01 -17.44 40.89
C ALA E 313 -25.33 -16.08 40.27
N VAL E 314 -26.40 -15.99 39.48
CA VAL E 314 -26.79 -14.75 38.83
C VAL E 314 -28.15 -14.30 39.34
N ASP E 315 -28.62 -14.94 40.42
CA ASP E 315 -29.98 -14.69 40.89
C ASP E 315 -30.18 -13.24 41.28
N ALA E 316 -29.47 -12.78 42.32
CA ALA E 316 -29.53 -11.38 42.73
C ALA E 316 -28.83 -10.48 41.73
N LEU E 317 -27.97 -11.06 40.88
CA LEU E 317 -27.34 -10.29 39.81
C LEU E 317 -28.40 -9.76 38.84
N CYS E 318 -29.42 -10.56 38.58
CA CYS E 318 -30.37 -10.26 37.51
C CYS E 318 -31.77 -9.90 37.99
N GLU E 319 -32.15 -10.21 39.23
CA GLU E 319 -33.55 -10.02 39.58
C GLU E 319 -33.91 -8.57 39.89
N LYS E 320 -33.32 -8.00 40.94
CA LYS E 320 -33.72 -6.67 41.37
C LYS E 320 -33.33 -5.58 40.37
N ALA E 321 -32.32 -5.85 39.54
CA ALA E 321 -31.90 -4.91 38.50
C ALA E 321 -33.06 -4.55 37.59
N LEU E 322 -33.74 -5.58 37.04
CA LEU E 322 -34.93 -5.32 36.25
C LEU E 322 -36.14 -5.03 37.13
N LYS E 323 -36.18 -5.56 38.35
CA LYS E 323 -37.34 -5.36 39.22
C LYS E 323 -37.56 -3.90 39.58
N TYR E 324 -36.50 -3.18 39.93
CA TYR E 324 -36.64 -1.79 40.38
C TYR E 324 -35.86 -0.77 39.56
N LEU E 325 -34.72 -1.15 38.98
CA LEU E 325 -34.07 -0.10 38.20
C LEU E 325 -34.77 0.07 36.85
N PRO E 326 -34.62 1.24 36.21
CA PRO E 326 -35.29 1.48 34.92
C PRO E 326 -34.90 0.47 33.85
N ILE E 327 -35.83 0.21 32.92
CA ILE E 327 -35.68 -0.89 31.98
C ILE E 327 -34.46 -0.67 31.08
N ASP E 328 -34.32 0.54 30.54
CA ASP E 328 -33.30 0.78 29.52
C ASP E 328 -31.91 0.82 30.12
N LYS E 329 -31.79 1.23 31.39
CA LYS E 329 -30.48 1.41 32.01
C LYS E 329 -29.72 0.09 32.18
N CYS E 330 -30.41 -1.03 32.12
CA CYS E 330 -29.77 -2.34 32.26
C CYS E 330 -29.30 -2.85 30.90
N SER E 331 -28.40 -3.84 30.95
CA SER E 331 -27.84 -4.43 29.74
C SER E 331 -27.41 -5.87 30.03
N ARG E 332 -27.49 -6.72 29.02
CA ARG E 332 -27.23 -8.14 29.18
C ARG E 332 -26.05 -8.58 28.33
N ILE E 333 -25.23 -9.46 28.90
CA ILE E 333 -24.10 -10.06 28.18
C ILE E 333 -24.16 -11.57 28.43
N ILE E 334 -24.43 -12.34 27.39
CA ILE E 334 -24.50 -13.79 27.49
C ILE E 334 -23.92 -14.42 26.23
N PRO E 335 -22.99 -15.36 26.36
CA PRO E 335 -22.46 -16.04 25.18
C PRO E 335 -23.51 -16.91 24.52
N ALA E 336 -23.42 -17.05 23.20
CA ALA E 336 -24.35 -17.86 22.44
C ALA E 336 -23.73 -18.32 21.12
N VAL E 340 -23.93 -20.86 29.16
CA VAL E 340 -24.83 -20.73 28.02
C VAL E 340 -26.24 -20.37 28.48
N GLU E 341 -26.93 -21.34 29.06
CA GLU E 341 -28.29 -21.13 29.54
C GLU E 341 -28.25 -20.31 30.82
N CYS E 342 -28.81 -19.10 30.77
CA CYS E 342 -28.79 -18.19 31.90
C CYS E 342 -29.88 -17.14 31.69
N PHE E 343 -29.91 -16.16 32.59
CA PHE E 343 -30.92 -15.10 32.54
C PHE E 343 -30.58 -14.14 31.42
N ASP E 344 -31.46 -14.05 30.43
CA ASP E 344 -31.35 -13.08 29.33
C ASP E 344 -32.35 -11.95 29.46
N LYS E 345 -32.59 -11.49 30.70
CA LYS E 345 -33.66 -10.54 30.97
C LYS E 345 -33.40 -9.16 30.37
N PHE E 346 -32.15 -8.70 30.35
CA PHE E 346 -31.84 -7.40 29.75
C PHE E 346 -31.49 -7.56 28.27
N LYS E 347 -30.94 -6.52 27.66
CA LYS E 347 -30.70 -6.48 26.22
C LYS E 347 -29.27 -6.93 25.91
N VAL E 348 -29.16 -7.95 25.05
CA VAL E 348 -27.86 -8.35 24.51
C VAL E 348 -27.55 -7.51 23.28
N ASN E 349 -26.24 -7.43 22.95
CA ASN E 349 -25.75 -6.64 21.82
C ASN E 349 -26.10 -5.16 22.07
N SER E 350 -25.48 -4.59 23.08
CA SER E 350 -25.62 -3.16 23.37
C SER E 350 -24.37 -2.66 24.09
N THR E 351 -23.55 -1.86 23.40
CA THR E 351 -22.28 -1.42 23.97
C THR E 351 -22.44 -0.24 24.90
N LEU E 352 -23.35 0.68 24.61
CA LEU E 352 -23.55 1.87 25.42
C LEU E 352 -24.62 1.61 26.47
N GLU E 353 -24.21 1.58 27.73
CA GLU E 353 -25.11 1.42 28.87
C GLU E 353 -24.33 1.69 30.14
N GLN E 354 -25.05 1.92 31.23
CA GLN E 354 -24.45 2.24 32.51
C GLN E 354 -24.54 1.11 33.53
N TYR E 355 -25.24 0.02 33.21
CA TYR E 355 -25.42 -1.10 34.14
C TYR E 355 -25.37 -2.39 33.34
N VAL E 356 -24.18 -2.99 33.26
CA VAL E 356 -23.96 -4.25 32.57
C VAL E 356 -23.90 -5.38 33.59
N PHE E 357 -24.64 -6.45 33.33
CA PHE E 357 -24.74 -7.57 34.25
C PHE E 357 -24.31 -8.84 33.53
N CYS E 358 -23.29 -9.51 34.07
CA CYS E 358 -22.73 -10.70 33.42
C CYS E 358 -21.82 -11.48 34.36
N THR E 359 -21.11 -12.46 33.81
CA THR E 359 -20.05 -13.17 34.49
C THR E 359 -18.73 -12.84 33.80
N VAL E 360 -17.62 -13.31 34.39
CA VAL E 360 -16.29 -12.98 33.90
C VAL E 360 -15.93 -13.84 32.68
N ASN E 361 -16.88 -14.64 32.21
CA ASN E 361 -16.59 -15.55 31.09
C ASN E 361 -16.27 -14.76 29.83
N ALA E 362 -17.09 -13.76 29.50
CA ALA E 362 -16.97 -13.02 28.25
C ALA E 362 -17.72 -11.70 28.34
N LEU E 363 -17.03 -10.59 28.08
CA LEU E 363 -17.62 -9.26 28.18
C LEU E 363 -17.23 -8.44 26.96
N PRO E 364 -18.01 -7.39 26.63
CA PRO E 364 -17.61 -6.51 25.59
C PRO E 364 -16.61 -5.40 25.91
N GLU E 365 -15.37 -5.66 25.52
CA GLU E 365 -14.21 -4.97 26.07
C GLU E 365 -14.42 -3.46 26.15
N THR E 366 -14.41 -2.94 27.38
CA THR E 366 -14.57 -1.53 27.65
C THR E 366 -14.05 -1.25 29.05
N THR E 367 -13.88 0.03 29.35
CA THR E 367 -13.44 0.49 30.67
C THR E 367 -14.53 1.30 31.33
N ALA E 368 -14.49 1.33 32.67
CA ALA E 368 -15.53 1.98 33.46
C ALA E 368 -14.91 2.74 34.63
N ASP E 369 -15.73 3.11 35.61
CA ASP E 369 -15.23 3.78 36.80
C ASP E 369 -15.82 3.17 38.07
N ILE E 370 -16.92 2.42 37.95
CA ILE E 370 -17.50 1.66 39.04
C ILE E 370 -17.79 0.24 38.57
N VAL E 371 -17.38 -0.74 39.38
CA VAL E 371 -17.67 -2.15 39.12
C VAL E 371 -18.14 -2.78 40.43
N VAL E 372 -18.93 -3.85 40.31
CA VAL E 372 -19.23 -4.72 41.43
C VAL E 372 -18.88 -6.15 41.02
N PHE E 373 -18.36 -6.93 41.97
CA PHE E 373 -17.84 -8.27 41.69
C PHE E 373 -18.29 -9.20 42.81
N ASP E 374 -18.99 -10.27 42.46
CA ASP E 374 -19.58 -11.13 43.46
C ASP E 374 -18.75 -12.41 43.65
N GLU E 375 -19.02 -13.11 44.76
CA GLU E 375 -18.49 -14.43 45.05
C GLU E 375 -16.97 -14.46 45.13
N ILE E 376 -16.40 -13.69 46.06
CA ILE E 376 -14.96 -13.67 46.26
C ILE E 376 -14.42 -14.96 46.88
N SER E 377 -15.26 -15.77 47.55
CA SER E 377 -14.75 -16.93 48.25
C SER E 377 -14.18 -17.97 47.30
N MET E 378 -14.86 -18.24 46.19
CA MET E 378 -14.39 -19.20 45.19
C MET E 378 -13.72 -18.49 44.02
N ALA E 379 -13.05 -17.37 44.29
CA ALA E 379 -12.37 -16.59 43.28
C ALA E 379 -10.87 -16.66 43.51
N THR E 380 -10.13 -17.00 42.45
CA THR E 380 -8.69 -17.07 42.49
C THR E 380 -8.08 -15.78 41.94
N ASN E 381 -6.77 -15.65 42.12
CA ASN E 381 -6.07 -14.47 41.61
C ASN E 381 -6.15 -14.36 40.10
N TYR E 382 -6.33 -15.48 39.40
CA TYR E 382 -6.51 -15.44 37.95
C TYR E 382 -7.78 -14.68 37.58
N ASP E 383 -8.88 -14.95 38.29
CA ASP E 383 -10.13 -14.23 38.03
C ASP E 383 -10.03 -12.76 38.40
N LEU E 384 -9.35 -12.44 39.50
CA LEU E 384 -9.14 -11.04 39.85
C LEU E 384 -8.32 -10.32 38.78
N SER E 385 -7.27 -10.98 38.27
CA SER E 385 -6.47 -10.38 37.21
C SER E 385 -7.27 -10.20 35.93
N VAL E 386 -8.10 -11.18 35.56
CA VAL E 386 -8.85 -11.03 34.31
C VAL E 386 -9.92 -9.96 34.43
N VAL E 387 -10.55 -9.83 35.61
CA VAL E 387 -11.54 -8.77 35.76
C VAL E 387 -10.86 -7.40 35.83
N ASN E 388 -9.65 -7.33 36.38
CA ASN E 388 -8.90 -6.08 36.38
C ASN E 388 -8.37 -5.73 35.00
N ALA E 389 -8.17 -6.71 34.13
CA ALA E 389 -7.66 -6.47 32.77
C ALA E 389 -8.80 -6.08 31.84
N ARG E 390 -9.88 -6.87 31.83
CA ARG E 390 -11.03 -6.56 30.99
C ARG E 390 -11.65 -5.23 31.39
N LEU E 391 -11.79 -4.99 32.69
CA LEU E 391 -12.35 -3.76 33.22
C LEU E 391 -11.29 -3.01 34.00
N ARG E 392 -11.00 -1.78 33.57
CA ARG E 392 -10.07 -0.89 34.27
C ARG E 392 -10.88 0.28 34.79
N ALA E 393 -11.28 0.20 36.05
CA ALA E 393 -12.20 1.18 36.64
C ALA E 393 -11.49 2.02 37.68
N LYS E 394 -12.26 2.92 38.30
CA LYS E 394 -11.76 3.81 39.34
C LYS E 394 -12.04 3.28 40.74
N HIS E 395 -13.21 2.71 40.97
CA HIS E 395 -13.53 2.04 42.23
C HIS E 395 -14.38 0.81 41.91
N TYR E 396 -14.26 -0.22 42.74
CA TYR E 396 -15.10 -1.40 42.60
C TYR E 396 -15.18 -2.13 43.93
N VAL E 397 -16.17 -3.01 44.04
CA VAL E 397 -16.42 -3.76 45.27
C VAL E 397 -16.41 -5.24 44.95
N TYR E 398 -15.76 -6.04 45.79
CA TYR E 398 -15.79 -7.50 45.66
C TYR E 398 -16.79 -8.05 46.67
N ILE E 399 -18.01 -8.33 46.19
CA ILE E 399 -19.02 -8.93 47.04
C ILE E 399 -18.62 -10.36 47.39
N GLY E 400 -18.72 -10.70 48.68
CA GLY E 400 -18.33 -12.00 49.15
C GLY E 400 -17.76 -11.96 50.56
N ASP E 401 -17.70 -13.11 51.22
CA ASP E 401 -17.26 -13.17 52.61
C ASP E 401 -16.33 -14.36 52.80
N PRO E 402 -15.31 -14.23 53.65
CA PRO E 402 -14.46 -15.39 53.96
C PRO E 402 -15.22 -16.55 54.59
N ALA E 403 -16.35 -16.27 55.25
CA ALA E 403 -17.15 -17.33 55.85
C ALA E 403 -18.00 -18.02 54.80
N GLN E 404 -17.35 -18.53 53.75
CA GLN E 404 -18.02 -19.23 52.66
C GLN E 404 -17.12 -20.36 52.16
N LEU E 405 -17.41 -20.87 50.96
CA LEU E 405 -16.75 -22.07 50.46
C LEU E 405 -15.58 -21.73 49.55
N PRO E 406 -14.53 -22.56 49.54
CA PRO E 406 -13.43 -22.34 48.58
C PRO E 406 -13.80 -22.75 47.18
N ALA E 407 -12.95 -22.39 46.21
CA ALA E 407 -13.09 -22.83 44.83
C ALA E 407 -12.83 -24.32 44.76
N PRO E 408 -13.32 -24.99 43.70
CA PRO E 408 -13.12 -26.45 43.61
C PRO E 408 -11.66 -26.82 43.40
N ARG E 409 -10.85 -26.60 44.43
CA ARG E 409 -9.43 -26.90 44.38
C ARG E 409 -9.18 -28.37 44.77
N THR E 410 -9.61 -29.25 43.88
CA THR E 410 -9.44 -30.69 44.08
C THR E 410 -7.97 -31.08 44.00
N LEU E 411 -7.14 -30.15 43.56
CA LEU E 411 -5.71 -30.39 43.45
C LEU E 411 -5.09 -30.70 44.81
N LEU E 412 -5.46 -29.96 45.85
CA LEU E 412 -4.92 -30.16 47.19
C LEU E 412 -5.68 -31.31 47.86
N THR E 413 -4.93 -32.22 48.49
CA THR E 413 -5.52 -33.36 49.17
C THR E 413 -5.16 -33.44 50.65
N LYS E 414 -3.99 -32.96 51.05
CA LYS E 414 -3.54 -33.10 52.43
C LYS E 414 -4.15 -32.03 53.33
N GLY E 415 -3.85 -30.76 53.05
CA GLY E 415 -4.32 -29.69 53.91
C GLY E 415 -5.42 -28.88 53.26
N THR E 416 -6.42 -28.52 54.05
CA THR E 416 -7.51 -27.68 53.57
C THR E 416 -7.00 -26.26 53.32
N LEU E 417 -7.64 -25.60 52.36
CA LEU E 417 -7.29 -24.24 51.99
C LEU E 417 -8.16 -23.28 52.81
N GLU E 418 -7.53 -22.56 53.73
CA GLU E 418 -8.19 -21.74 54.73
C GLU E 418 -8.49 -20.35 54.19
N PRO E 419 -9.20 -19.49 54.95
CA PRO E 419 -9.47 -18.12 54.46
C PRO E 419 -8.24 -17.34 54.02
N GLU E 420 -7.11 -17.55 54.70
CA GLU E 420 -5.90 -16.80 54.36
C GLU E 420 -5.35 -17.19 53.00
N TYR E 421 -5.84 -18.29 52.44
CA TYR E 421 -5.32 -18.81 51.18
C TYR E 421 -6.32 -18.82 50.04
N PHE E 422 -7.45 -18.13 50.15
CA PHE E 422 -8.40 -18.04 49.05
C PHE E 422 -7.76 -17.34 47.87
N ASN E 423 -7.40 -16.07 48.05
CA ASN E 423 -6.72 -15.29 47.03
C ASN E 423 -6.02 -14.12 47.71
N SER E 424 -5.37 -13.29 46.89
CA SER E 424 -4.65 -12.14 47.43
C SER E 424 -5.57 -11.16 48.14
N VAL E 425 -6.73 -10.83 47.54
CA VAL E 425 -7.63 -9.87 48.16
C VAL E 425 -8.28 -10.46 49.41
N CYS E 426 -8.65 -11.74 49.39
CA CYS E 426 -9.35 -12.36 50.50
C CYS E 426 -8.52 -12.40 51.78
N ARG E 427 -7.19 -12.36 51.67
CA ARG E 427 -6.35 -12.11 52.83
C ARG E 427 -5.95 -10.65 52.97
N LEU E 428 -6.03 -9.87 51.89
CA LEU E 428 -5.81 -8.43 51.98
C LEU E 428 -6.80 -7.79 52.96
N MET E 429 -8.06 -8.20 52.88
CA MET E 429 -9.02 -7.74 53.88
C MET E 429 -8.94 -8.52 55.18
N LYS E 430 -8.14 -9.58 55.23
CA LYS E 430 -7.97 -10.34 56.47
C LYS E 430 -6.87 -9.75 57.35
N THR E 431 -5.78 -9.29 56.74
CA THR E 431 -4.67 -8.73 57.50
C THR E 431 -4.97 -7.30 57.97
N ILE E 432 -5.24 -6.39 57.04
CA ILE E 432 -5.45 -5.00 57.41
C ILE E 432 -6.90 -4.70 57.78
N GLY E 433 -7.82 -5.63 57.54
CA GLY E 433 -9.21 -5.42 57.86
C GLY E 433 -10.05 -5.22 56.62
N PRO E 434 -11.33 -5.58 56.69
CA PRO E 434 -12.20 -5.44 55.53
C PRO E 434 -12.48 -3.98 55.20
N ASP E 435 -12.71 -3.73 53.91
CA ASP E 435 -13.12 -2.40 53.47
C ASP E 435 -14.48 -2.04 54.07
N MET E 436 -15.37 -3.02 54.18
CA MET E 436 -16.70 -2.84 54.74
C MET E 436 -17.03 -3.98 55.69
N PHE E 437 -17.90 -3.68 56.66
CA PHE E 437 -18.37 -4.69 57.61
C PHE E 437 -19.82 -4.37 57.97
N LEU E 438 -20.74 -5.23 57.53
CA LEU E 438 -22.15 -5.06 57.84
C LEU E 438 -22.51 -5.86 59.10
N GLY E 439 -23.63 -5.49 59.71
CA GLY E 439 -24.13 -6.23 60.86
C GLY E 439 -25.64 -6.32 60.90
N THR E 440 -26.27 -6.24 59.72
CA THR E 440 -27.73 -6.20 59.60
C THR E 440 -28.19 -7.39 58.77
N CYS E 441 -28.71 -8.41 59.44
CA CYS E 441 -29.31 -9.55 58.75
C CYS E 441 -30.73 -9.18 58.30
N ARG E 442 -31.00 -9.35 57.00
CA ARG E 442 -32.29 -8.91 56.46
C ARG E 442 -33.45 -9.71 57.04
N ARG E 443 -33.38 -11.03 56.99
CA ARG E 443 -34.47 -11.87 57.46
C ARG E 443 -33.91 -13.19 57.99
N CYS E 444 -33.60 -13.23 59.29
CA CYS E 444 -33.00 -14.43 59.88
C CYS E 444 -33.03 -14.37 61.40
N PRO E 445 -33.52 -15.42 62.07
CA PRO E 445 -33.34 -15.51 63.52
C PRO E 445 -31.89 -15.50 63.95
N ALA E 446 -31.63 -15.44 65.25
CA ALA E 446 -30.30 -15.23 65.78
C ALA E 446 -29.48 -16.52 65.92
N GLU E 447 -29.93 -17.65 65.35
CA GLU E 447 -29.11 -18.86 65.42
C GLU E 447 -27.80 -18.68 64.67
N ILE E 448 -27.88 -18.25 63.41
CA ILE E 448 -26.67 -17.97 62.65
C ILE E 448 -25.88 -16.85 63.29
N VAL E 449 -26.57 -15.88 63.89
CA VAL E 449 -25.93 -14.80 64.62
C VAL E 449 -24.99 -15.40 65.66
N ASP E 450 -25.55 -16.16 66.61
CA ASP E 450 -24.75 -16.76 67.67
C ASP E 450 -23.63 -17.62 67.10
N THR E 451 -23.97 -18.55 66.21
CA THR E 451 -23.01 -19.52 65.70
C THR E 451 -21.84 -18.83 65.00
N VAL E 452 -22.10 -18.13 63.90
CA VAL E 452 -21.01 -17.60 63.10
C VAL E 452 -20.41 -16.34 63.71
N SER E 453 -21.08 -15.70 64.68
CA SER E 453 -20.48 -14.62 65.44
C SER E 453 -19.51 -15.13 66.49
N ALA E 454 -19.79 -16.28 67.11
CA ALA E 454 -18.80 -16.89 67.99
C ALA E 454 -17.67 -17.49 67.19
N LEU E 455 -17.94 -17.93 65.96
CA LEU E 455 -16.89 -18.55 65.16
C LEU E 455 -15.99 -17.53 64.45
N VAL E 456 -16.54 -16.76 63.51
CA VAL E 456 -15.73 -15.88 62.68
C VAL E 456 -16.27 -14.46 62.57
N TYR E 457 -17.55 -14.21 62.81
CA TYR E 457 -18.06 -12.85 62.64
C TYR E 457 -17.68 -11.91 63.79
N ASP E 458 -17.13 -12.44 64.88
CA ASP E 458 -16.65 -11.64 66.01
C ASP E 458 -17.78 -10.84 66.67
N ASN E 459 -19.02 -11.26 66.45
CA ASN E 459 -20.21 -10.70 67.10
C ASN E 459 -20.33 -9.19 66.87
N LYS E 460 -20.16 -8.78 65.61
CA LYS E 460 -20.52 -7.44 65.20
C LYS E 460 -21.97 -7.34 64.73
N LEU E 461 -22.61 -8.48 64.47
CA LEU E 461 -24.03 -8.56 64.19
C LEU E 461 -24.71 -9.37 65.29
N LYS E 462 -25.88 -8.90 65.72
CA LYS E 462 -26.57 -9.50 66.86
C LYS E 462 -28.02 -9.80 66.48
N ALA E 463 -28.81 -10.18 67.49
CA ALA E 463 -30.17 -10.67 67.27
C ALA E 463 -31.09 -9.62 66.67
N HIS E 464 -31.52 -9.84 65.43
CA HIS E 464 -32.54 -9.01 64.80
C HIS E 464 -33.91 -9.69 64.90
N LYS E 465 -33.97 -10.97 64.59
CA LYS E 465 -35.18 -11.78 64.76
C LYS E 465 -35.01 -12.69 65.95
N ASP E 466 -36.11 -13.00 66.62
CA ASP E 466 -36.06 -13.74 67.88
C ASP E 466 -35.64 -15.19 67.64
N LYS E 467 -35.09 -15.80 68.68
CA LYS E 467 -34.65 -17.19 68.68
C LYS E 467 -35.69 -18.03 69.43
N SER E 468 -36.55 -18.70 68.69
CA SER E 468 -37.55 -19.59 69.28
C SER E 468 -37.03 -20.99 69.51
N ALA E 469 -35.82 -21.29 69.03
CA ALA E 469 -35.17 -22.59 69.25
C ALA E 469 -36.03 -23.75 68.73
N GLN E 470 -36.55 -23.58 67.52
CA GLN E 470 -37.23 -24.66 66.81
C GLN E 470 -36.25 -25.53 66.04
N CYS E 471 -35.10 -24.98 65.68
CA CYS E 471 -34.04 -25.75 65.02
C CYS E 471 -33.60 -26.91 65.90
N PHE E 472 -33.17 -27.99 65.24
CA PHE E 472 -32.88 -29.24 65.94
C PHE E 472 -31.49 -29.73 65.58
N LYS E 473 -30.77 -30.19 66.61
CA LYS E 473 -29.49 -30.86 66.44
C LYS E 473 -29.48 -32.05 67.40
N MET E 474 -29.05 -33.21 66.90
N MET E 474 -29.05 -33.20 66.91
CA MET E 474 -29.18 -34.44 67.66
CA MET E 474 -29.20 -34.45 67.66
C MET E 474 -27.82 -35.02 68.02
C MET E 474 -27.82 -35.02 67.99
N PHE E 475 -27.82 -36.19 68.63
CA PHE E 475 -26.60 -36.85 69.11
C PHE E 475 -26.11 -37.91 68.14
N TYR E 476 -26.73 -38.04 66.98
CA TYR E 476 -26.41 -39.08 66.01
C TYR E 476 -25.04 -38.80 65.39
N LYS E 477 -24.29 -39.87 65.10
CA LYS E 477 -22.93 -39.75 64.60
C LYS E 477 -22.79 -40.17 63.14
N GLY E 478 -23.20 -41.38 62.79
CA GLY E 478 -23.16 -41.83 61.43
C GLY E 478 -21.93 -42.70 61.15
N VAL E 479 -21.99 -43.41 60.02
CA VAL E 479 -20.93 -44.34 59.61
C VAL E 479 -20.63 -44.08 58.13
N ILE E 480 -19.35 -44.06 57.77
CA ILE E 480 -18.89 -43.66 56.44
C ILE E 480 -18.30 -44.87 55.73
N THR E 481 -18.55 -44.97 54.42
CA THR E 481 -18.03 -46.05 53.60
C THR E 481 -17.73 -45.53 52.19
N HIS E 482 -16.52 -45.81 51.71
CA HIS E 482 -16.12 -45.38 50.37
C HIS E 482 -16.35 -46.50 49.35
N ASP E 483 -16.89 -46.12 48.20
CA ASP E 483 -16.99 -47.03 47.06
C ASP E 483 -16.17 -46.53 45.87
N VAL E 484 -16.47 -45.31 45.43
CA VAL E 484 -15.88 -44.70 44.24
C VAL E 484 -15.56 -43.26 44.65
N SER E 485 -15.19 -42.41 43.69
CA SER E 485 -14.90 -40.99 43.99
C SER E 485 -16.09 -40.27 44.65
N SER E 486 -17.24 -40.94 44.74
CA SER E 486 -18.33 -40.51 45.60
C SER E 486 -18.65 -41.67 46.55
N ALA E 487 -19.16 -41.34 47.72
CA ALA E 487 -19.37 -42.34 48.76
C ALA E 487 -20.87 -42.38 49.10
N ILE E 488 -21.22 -43.25 50.04
CA ILE E 488 -22.61 -43.46 50.41
C ILE E 488 -22.69 -43.54 51.94
N ASN E 489 -23.90 -43.58 52.48
CA ASN E 489 -24.08 -43.60 53.93
C ASN E 489 -25.28 -44.45 54.32
N ARG E 490 -25.03 -45.66 54.85
CA ARG E 490 -26.13 -46.44 55.41
C ARG E 490 -26.81 -45.69 56.54
N PRO E 491 -26.09 -45.03 57.48
CA PRO E 491 -26.78 -44.13 58.41
C PRO E 491 -27.09 -42.80 57.74
N GLN E 492 -27.52 -42.86 56.50
CA GLN E 492 -28.36 -41.88 55.85
C GLN E 492 -29.54 -42.52 55.14
N ILE E 493 -29.33 -43.68 54.50
CA ILE E 493 -30.44 -44.41 53.90
C ILE E 493 -31.44 -44.80 54.97
N GLY E 494 -30.97 -45.15 56.17
CA GLY E 494 -31.89 -45.39 57.26
C GLY E 494 -32.20 -44.14 58.06
N VAL E 495 -31.25 -43.20 58.07
CA VAL E 495 -31.36 -42.04 58.95
C VAL E 495 -32.38 -41.02 58.43
N VAL E 496 -32.57 -40.89 57.12
CA VAL E 496 -33.61 -40.01 56.61
C VAL E 496 -34.98 -40.44 57.16
N ARG E 497 -35.27 -41.74 57.06
CA ARG E 497 -36.52 -42.26 57.61
C ARG E 497 -36.57 -42.09 59.13
N GLU E 498 -35.46 -42.42 59.81
CA GLU E 498 -35.44 -42.33 61.27
C GLU E 498 -35.62 -40.90 61.76
N PHE E 499 -35.24 -39.91 60.96
CA PHE E 499 -35.38 -38.51 61.33
C PHE E 499 -36.67 -37.88 60.83
N LEU E 500 -37.33 -38.49 59.85
CA LEU E 500 -38.70 -38.08 59.50
C LEU E 500 -39.75 -38.94 60.19
N THR E 501 -39.33 -39.79 61.14
CA THR E 501 -40.23 -40.67 61.88
C THR E 501 -41.50 -39.96 62.35
N ARG E 502 -41.36 -38.90 63.14
CA ARG E 502 -42.53 -38.18 63.61
C ARG E 502 -42.43 -36.67 63.48
N ASN E 503 -41.23 -36.09 63.34
CA ASN E 503 -41.11 -34.65 63.21
C ASN E 503 -41.76 -34.21 61.90
N PRO E 504 -42.77 -33.32 61.94
CA PRO E 504 -43.51 -32.99 60.71
C PRO E 504 -43.01 -31.73 60.01
N ALA E 505 -41.96 -31.12 60.53
CA ALA E 505 -41.58 -29.79 60.05
C ALA E 505 -40.52 -29.82 58.95
N TRP E 506 -39.63 -30.82 58.92
CA TRP E 506 -38.54 -30.83 57.96
C TRP E 506 -38.82 -31.78 56.79
N ARG E 507 -40.10 -31.98 56.43
CA ARG E 507 -40.41 -32.78 55.24
C ARG E 507 -40.19 -31.99 53.96
N LYS E 508 -40.20 -30.66 54.05
CA LYS E 508 -40.04 -29.81 52.87
C LYS E 508 -38.74 -29.03 53.07
N ALA E 509 -37.69 -29.74 53.47
CA ALA E 509 -36.38 -29.13 53.66
C ALA E 509 -35.49 -29.41 52.46
N VAL E 510 -34.33 -28.76 52.44
CA VAL E 510 -33.39 -28.86 51.33
C VAL E 510 -32.16 -29.62 51.80
N PHE E 511 -31.57 -30.38 50.88
CA PHE E 511 -30.55 -31.38 51.16
C PHE E 511 -29.17 -30.89 50.74
N ILE E 512 -28.39 -30.39 51.71
CA ILE E 512 -26.99 -30.09 51.46
C ILE E 512 -26.29 -31.38 51.06
N SER E 513 -25.34 -31.28 50.11
CA SER E 513 -24.82 -32.44 49.40
C SER E 513 -23.30 -32.50 49.45
N PRO E 514 -22.71 -32.84 50.61
CA PRO E 514 -21.28 -33.15 50.61
C PRO E 514 -20.93 -34.29 49.66
N TYR E 515 -21.84 -35.24 49.49
CA TYR E 515 -21.73 -36.28 48.46
C TYR E 515 -22.97 -36.19 47.59
N ASN E 516 -22.78 -35.86 46.31
CA ASN E 516 -23.91 -35.72 45.40
C ASN E 516 -24.56 -37.06 45.07
N SER E 517 -23.76 -38.14 45.02
CA SER E 517 -24.33 -39.46 44.80
C SER E 517 -25.25 -39.88 45.94
N GLN E 518 -24.89 -39.53 47.17
CA GLN E 518 -25.78 -39.81 48.30
C GLN E 518 -27.10 -39.05 48.17
N ASN E 519 -27.04 -37.80 47.71
CA ASN E 519 -28.27 -37.04 47.47
C ASN E 519 -29.10 -37.67 46.35
N ALA E 520 -28.43 -38.18 45.32
CA ALA E 520 -29.15 -38.88 44.26
C ALA E 520 -29.85 -40.14 44.79
N VAL E 521 -29.16 -40.90 45.65
CA VAL E 521 -29.79 -42.07 46.24
C VAL E 521 -30.95 -41.67 47.15
N ALA E 522 -30.80 -40.58 47.90
CA ALA E 522 -31.89 -40.10 48.75
C ALA E 522 -33.10 -39.71 47.92
N SER E 523 -32.87 -39.03 46.78
CA SER E 523 -33.95 -38.72 45.86
C SER E 523 -34.58 -39.96 45.26
N LYS E 524 -33.79 -40.99 44.97
CA LYS E 524 -34.35 -42.23 44.40
C LYS E 524 -35.19 -42.98 45.42
N ILE E 525 -34.78 -42.97 46.69
CA ILE E 525 -35.44 -43.75 47.73
C ILE E 525 -36.60 -42.98 48.35
N LEU E 526 -36.33 -41.86 49.01
CA LEU E 526 -37.35 -41.06 49.65
C LEU E 526 -37.71 -39.81 48.85
N GLY E 527 -36.74 -38.99 48.49
CA GLY E 527 -36.96 -37.86 47.62
C GLY E 527 -36.85 -36.51 48.28
N LEU E 528 -35.69 -35.87 48.11
CA LEU E 528 -35.43 -34.51 48.54
C LEU E 528 -34.75 -33.78 47.40
N PRO E 529 -34.98 -32.47 47.26
CA PRO E 529 -34.28 -31.71 46.23
C PRO E 529 -32.78 -31.72 46.45
N THR E 530 -32.03 -31.78 45.37
CA THR E 530 -30.58 -31.78 45.42
C THR E 530 -30.09 -30.34 45.53
N GLN E 531 -29.25 -30.07 46.52
CA GLN E 531 -28.71 -28.74 46.77
C GLN E 531 -27.20 -28.81 46.71
N THR E 532 -26.61 -28.13 45.73
CA THR E 532 -25.17 -28.06 45.60
C THR E 532 -24.59 -27.32 46.82
N VAL E 533 -23.30 -27.52 47.06
CA VAL E 533 -22.62 -26.91 48.21
C VAL E 533 -21.96 -25.60 47.83
N ASP E 534 -21.09 -25.61 46.81
CA ASP E 534 -20.30 -24.44 46.47
C ASP E 534 -21.14 -23.37 45.78
N SER E 535 -21.72 -23.70 44.62
CA SER E 535 -22.45 -22.72 43.84
C SER E 535 -23.94 -22.76 44.13
N SER E 536 -24.31 -22.66 45.40
CA SER E 536 -25.72 -22.65 45.77
C SER E 536 -26.00 -21.64 46.88
N GLN E 537 -25.44 -20.44 46.76
CA GLN E 537 -25.73 -19.35 47.68
C GLN E 537 -26.81 -18.45 47.09
N GLY E 538 -27.83 -18.18 47.89
CA GLY E 538 -28.99 -17.44 47.43
C GLY E 538 -30.11 -18.30 46.90
N SER E 539 -29.85 -19.57 46.58
CA SER E 539 -30.89 -20.49 46.15
C SER E 539 -31.53 -21.23 47.31
N GLU E 540 -31.06 -20.99 48.54
CA GLU E 540 -31.64 -21.64 49.71
C GLU E 540 -33.07 -21.16 49.92
N TYR E 541 -33.91 -22.09 50.39
CA TYR E 541 -35.31 -21.83 50.69
C TYR E 541 -35.42 -21.40 52.16
N ASP E 542 -36.65 -21.27 52.66
CA ASP E 542 -36.88 -20.89 54.04
C ASP E 542 -36.61 -22.02 55.03
N TYR E 543 -36.48 -23.27 54.55
CA TYR E 543 -36.45 -24.43 55.41
C TYR E 543 -35.51 -25.47 54.81
N VAL E 544 -34.51 -25.91 55.58
CA VAL E 544 -33.42 -26.74 55.07
C VAL E 544 -33.02 -27.73 56.15
N ILE E 545 -32.60 -28.92 55.73
CA ILE E 545 -31.96 -29.90 56.62
C ILE E 545 -30.46 -29.93 56.33
N PHE E 546 -29.65 -29.80 57.38
CA PHE E 546 -28.24 -30.13 57.32
C PHE E 546 -28.10 -31.58 57.74
N THR E 547 -27.68 -32.44 56.81
CA THR E 547 -27.60 -33.86 57.03
C THR E 547 -26.16 -34.25 57.37
N GLN E 548 -25.99 -35.48 57.86
CA GLN E 548 -24.68 -35.94 58.31
C GLN E 548 -23.73 -36.11 57.14
N THR E 549 -24.00 -37.11 56.30
CA THR E 549 -23.44 -37.25 54.96
C THR E 549 -21.93 -37.45 54.93
N THR E 550 -21.25 -37.29 56.07
CA THR E 550 -19.79 -37.36 56.10
C THR E 550 -19.27 -37.23 57.53
N GLU E 551 -18.07 -37.75 57.74
CA GLU E 551 -17.34 -37.56 59.00
C GLU E 551 -15.89 -37.16 58.75
N THR E 552 -15.40 -37.41 57.54
CA THR E 552 -13.98 -37.20 57.26
C THR E 552 -13.68 -35.72 57.04
N ALA E 553 -12.47 -35.45 56.57
CA ALA E 553 -12.02 -34.08 56.34
C ALA E 553 -12.49 -33.57 54.99
N HIS E 554 -13.52 -34.21 54.43
CA HIS E 554 -14.06 -33.76 53.15
C HIS E 554 -14.59 -32.33 53.23
N SER E 555 -15.37 -32.02 54.27
CA SER E 555 -16.08 -30.75 54.28
C SER E 555 -16.00 -30.01 55.60
N CYS E 556 -15.79 -30.73 56.71
CA CYS E 556 -16.01 -30.18 58.04
C CYS E 556 -14.70 -29.86 58.72
N ASN E 557 -14.14 -28.67 58.44
CA ASN E 557 -13.19 -28.11 59.39
C ASN E 557 -13.70 -26.80 59.98
N VAL E 558 -13.85 -25.77 59.14
CA VAL E 558 -14.59 -24.57 59.54
C VAL E 558 -15.51 -24.12 58.42
N ASN E 559 -14.94 -23.88 57.24
CA ASN E 559 -15.57 -23.04 56.22
C ASN E 559 -16.21 -23.87 55.11
N ARG E 560 -17.23 -24.64 55.49
CA ARG E 560 -18.19 -25.09 54.48
C ARG E 560 -19.60 -24.97 55.03
N PHE E 561 -19.73 -25.00 56.36
CA PHE E 561 -21.02 -24.91 57.02
C PHE E 561 -21.35 -23.50 57.49
N ASN E 562 -20.44 -22.54 57.32
CA ASN E 562 -20.74 -21.17 57.74
C ASN E 562 -21.90 -20.60 56.96
N VAL E 563 -22.06 -20.99 55.70
CA VAL E 563 -23.25 -20.63 54.93
C VAL E 563 -24.35 -21.69 55.04
N ALA E 564 -23.98 -22.95 55.25
CA ALA E 564 -24.98 -24.01 55.38
C ALA E 564 -25.86 -23.83 56.61
N ILE E 565 -25.35 -23.20 57.66
CA ILE E 565 -26.17 -22.87 58.83
C ILE E 565 -27.19 -21.79 58.51
N THR E 566 -27.00 -21.03 57.43
CA THR E 566 -27.91 -19.97 57.03
C THR E 566 -28.86 -20.37 55.90
N ARG E 567 -28.80 -21.61 55.42
CA ARG E 567 -29.68 -22.02 54.33
C ARG E 567 -31.14 -21.92 54.74
N ALA E 568 -31.50 -22.53 55.86
CA ALA E 568 -32.83 -22.37 56.43
C ALA E 568 -32.87 -21.11 57.29
N LYS E 569 -34.08 -20.61 57.53
CA LYS E 569 -34.23 -19.37 58.28
C LYS E 569 -34.64 -19.63 59.73
N VAL E 570 -35.75 -20.34 59.95
CA VAL E 570 -36.22 -20.61 61.30
C VAL E 570 -35.86 -22.04 61.67
N GLY E 571 -36.25 -23.00 60.83
CA GLY E 571 -36.00 -24.40 61.11
C GLY E 571 -34.73 -24.95 60.51
N ILE E 572 -33.58 -24.57 61.07
CA ILE E 572 -32.29 -25.04 60.57
C ILE E 572 -31.86 -26.29 61.32
N LEU E 573 -32.22 -27.45 60.79
CA LEU E 573 -31.79 -28.72 61.38
C LEU E 573 -30.34 -28.97 61.02
N CYS E 574 -29.42 -28.59 61.91
CA CYS E 574 -27.99 -28.80 61.71
C CYS E 574 -27.53 -29.78 62.79
N ILE E 575 -27.69 -31.07 62.52
CA ILE E 575 -27.28 -32.10 63.47
C ILE E 575 -25.76 -32.15 63.55
N MET E 576 -25.24 -32.45 64.73
CA MET E 576 -23.79 -32.61 64.89
C MET E 576 -23.39 -33.90 64.18
N SER E 577 -22.53 -33.78 63.17
CA SER E 577 -22.19 -34.93 62.34
C SER E 577 -20.88 -35.56 62.77
N ASP E 578 -19.84 -34.74 62.97
CA ASP E 578 -18.49 -35.20 63.20
C ASP E 578 -17.79 -34.19 64.09
N ARG E 579 -16.46 -34.11 64.02
CA ARG E 579 -15.71 -33.26 64.95
C ARG E 579 -16.03 -31.80 64.65
N ASP E 580 -17.27 -31.43 64.93
CA ASP E 580 -17.83 -30.13 64.61
C ASP E 580 -17.65 -29.19 65.81
N LEU E 581 -18.35 -28.07 65.91
CA LEU E 581 -18.17 -27.08 66.96
C LEU E 581 -19.16 -27.33 68.09
N TYR E 582 -19.39 -28.62 68.41
CA TYR E 582 -20.39 -29.10 69.36
C TYR E 582 -20.51 -28.23 70.60
N ASP E 583 -19.46 -28.16 71.41
CA ASP E 583 -19.54 -27.53 72.73
C ASP E 583 -19.21 -26.04 72.59
N LYS E 584 -20.10 -25.33 71.92
CA LYS E 584 -19.94 -23.90 71.72
C LYS E 584 -21.20 -23.11 72.00
N LEU E 585 -22.38 -23.73 71.87
CA LEU E 585 -23.63 -22.99 71.92
C LEU E 585 -24.78 -23.78 72.52
N GLN E 586 -26.00 -23.28 72.33
CA GLN E 586 -27.22 -23.92 72.81
C GLN E 586 -28.05 -24.35 71.62
N PHE E 587 -28.47 -25.61 71.59
CA PHE E 587 -29.26 -26.14 70.50
C PHE E 587 -30.27 -27.13 71.04
N THR E 588 -31.49 -27.06 70.53
CA THR E 588 -32.54 -27.99 70.93
C THR E 588 -32.32 -29.35 70.29
N SER E 589 -32.82 -30.38 70.97
CA SER E 589 -32.57 -31.76 70.56
C SER E 589 -33.78 -32.62 70.83
N LEU E 590 -34.05 -33.57 69.94
CA LEU E 590 -35.03 -34.62 70.17
C LEU E 590 -34.37 -35.95 69.89
N GLU E 591 -34.56 -36.91 70.79
CA GLU E 591 -33.91 -38.21 70.69
C GLU E 591 -34.79 -39.17 69.89
N ILE E 592 -34.19 -39.83 68.91
CA ILE E 592 -34.92 -40.80 68.09
C ILE E 592 -35.26 -42.01 68.96
N PRO E 593 -36.41 -42.66 68.74
CA PRO E 593 -36.81 -43.86 69.51
C PRO E 593 -35.88 -45.03 69.29
N ALA F 1 20.17 22.24 7.02
CA ALA F 1 21.36 21.49 7.43
C ALA F 1 22.51 22.44 7.79
N VAL F 2 23.04 23.12 6.78
CA VAL F 2 24.16 24.04 6.98
C VAL F 2 23.65 25.35 7.57
N GLY F 3 23.85 25.54 8.87
CA GLY F 3 23.46 26.76 9.53
C GLY F 3 24.65 27.65 9.85
N ALA F 4 24.71 28.18 11.08
CA ALA F 4 25.77 29.12 11.43
C ALA F 4 25.96 29.17 12.93
N CYS F 5 27.18 28.82 13.37
CA CYS F 5 27.65 29.17 14.70
C CYS F 5 28.51 30.43 14.60
N VAL F 6 28.16 31.44 15.39
CA VAL F 6 28.63 32.79 15.09
C VAL F 6 29.62 33.29 16.15
N LEU F 7 29.52 32.80 17.37
CA LEU F 7 30.50 33.19 18.38
C LEU F 7 31.90 32.77 17.96
N CYS F 8 32.04 31.58 17.39
CA CYS F 8 33.27 31.12 16.78
C CYS F 8 33.31 31.47 15.28
N ASN F 9 32.27 32.16 14.81
CA ASN F 9 32.12 32.55 13.41
C ASN F 9 32.40 31.35 12.53
N SER F 10 31.56 30.32 12.63
CA SER F 10 31.82 29.05 11.96
C SER F 10 30.52 28.51 11.40
N GLN F 11 30.43 28.40 10.08
CA GLN F 11 29.38 27.61 9.48
C GLN F 11 29.48 26.17 9.97
N THR F 12 28.34 25.55 10.20
CA THR F 12 28.34 24.23 10.84
C THR F 12 27.24 23.37 10.22
N SER F 13 27.37 22.06 10.38
CA SER F 13 26.32 21.11 10.02
C SER F 13 25.96 20.29 11.25
N LEU F 14 26.67 20.53 12.35
CA LEU F 14 26.46 19.83 13.60
C LEU F 14 25.46 20.56 14.48
N ARG F 15 24.92 19.84 15.46
CA ARG F 15 24.00 20.40 16.45
C ARG F 15 23.96 19.47 17.65
N CYS F 16 23.72 20.02 18.82
CA CYS F 16 23.69 19.23 20.05
C CYS F 16 22.45 18.34 20.06
N GLY F 17 22.64 17.07 20.38
CA GLY F 17 21.53 16.12 20.34
C GLY F 17 20.49 16.37 21.41
N ALA F 18 20.91 16.69 22.62
CA ALA F 18 20.01 16.88 23.77
C ALA F 18 20.19 18.31 24.28
N CYS F 19 19.40 19.24 23.76
CA CYS F 19 19.50 20.63 24.18
C CYS F 19 18.19 21.36 23.87
N ILE F 20 18.22 22.69 23.94
CA ILE F 20 16.99 23.48 23.90
C ILE F 20 16.41 23.59 22.49
N ARG F 21 17.16 24.18 21.56
CA ARG F 21 16.69 24.50 20.22
C ARG F 21 17.40 23.71 19.15
N ARG F 22 18.01 22.57 19.46
CA ARG F 22 18.96 21.91 18.57
C ARG F 22 19.99 22.96 18.18
N PRO F 23 20.73 23.51 19.13
CA PRO F 23 21.63 24.63 18.83
C PRO F 23 22.81 24.20 17.99
N PHE F 24 23.36 25.16 17.25
CA PHE F 24 24.40 24.88 16.28
C PHE F 24 25.76 25.21 16.87
N LEU F 25 26.63 24.18 16.92
CA LEU F 25 27.94 24.33 17.55
C LEU F 25 28.99 23.71 16.63
N CYS F 26 30.05 24.46 16.38
CA CYS F 26 31.13 23.98 15.51
C CYS F 26 31.94 22.89 16.21
N CYS F 27 32.92 22.35 15.50
CA CYS F 27 33.70 21.20 15.95
C CYS F 27 34.28 21.42 17.35
N LYS F 28 35.18 22.39 17.49
CA LYS F 28 35.72 22.71 18.81
C LYS F 28 34.63 23.27 19.72
N CYS F 29 33.66 23.97 19.14
CA CYS F 29 32.59 24.56 19.91
C CYS F 29 31.63 23.49 20.44
N CYS F 30 31.30 22.50 19.62
CA CYS F 30 30.59 21.33 20.13
C CYS F 30 31.43 20.57 21.14
N TYR F 31 32.75 20.55 20.96
CA TYR F 31 33.61 19.84 21.90
C TYR F 31 33.53 20.46 23.30
N ASP F 32 33.73 21.77 23.42
CA ASP F 32 33.68 22.37 24.75
C ASP F 32 32.23 22.53 25.22
N HIS F 33 31.27 22.34 24.32
CA HIS F 33 29.90 22.14 24.78
C HIS F 33 29.69 20.76 25.38
N VAL F 34 30.48 19.76 24.98
CA VAL F 34 30.25 18.39 25.44
C VAL F 34 31.30 17.96 26.46
N ILE F 35 32.19 18.87 26.85
CA ILE F 35 33.11 18.51 27.94
C ILE F 35 32.89 19.42 29.14
N SER F 36 32.44 20.65 28.91
CA SER F 36 32.09 21.56 29.99
C SER F 36 30.78 21.18 30.66
N THR F 37 29.92 20.45 29.97
CA THR F 37 28.69 19.89 30.51
C THR F 37 28.51 18.46 30.00
N SER F 38 27.32 17.89 30.19
CA SER F 38 27.07 16.51 29.77
C SER F 38 26.03 16.54 28.66
N HIS F 39 26.49 16.46 27.42
CA HIS F 39 25.65 16.48 26.22
C HIS F 39 26.12 15.44 25.22
N LYS F 40 26.39 14.22 25.70
CA LYS F 40 27.10 13.21 24.91
C LYS F 40 26.17 12.63 23.84
N LEU F 41 25.75 13.51 22.92
CA LEU F 41 25.03 13.10 21.71
C LEU F 41 24.94 14.30 20.77
N VAL F 42 25.24 14.10 19.49
CA VAL F 42 25.25 15.17 18.51
C VAL F 42 24.47 14.71 17.28
N LEU F 43 24.04 15.68 16.47
CA LEU F 43 23.32 15.41 15.23
C LEU F 43 24.00 16.16 14.10
N SER F 44 24.25 15.46 13.00
CA SER F 44 24.86 15.97 11.79
C SER F 44 23.86 15.79 10.64
N VAL F 45 24.31 15.99 9.40
CA VAL F 45 23.50 15.66 8.22
C VAL F 45 22.84 14.29 8.42
N ASN F 46 23.60 13.33 8.94
CA ASN F 46 23.05 12.08 9.42
C ASN F 46 23.39 11.93 10.89
N PRO F 47 22.55 11.26 11.68
CA PRO F 47 22.86 11.11 13.12
C PRO F 47 23.94 10.07 13.36
N TYR F 48 24.81 10.33 14.34
CA TYR F 48 25.92 9.43 14.63
C TYR F 48 25.43 8.30 15.53
N VAL F 49 25.43 7.08 14.98
CA VAL F 49 24.98 5.89 15.71
C VAL F 49 25.48 4.67 14.93
N CYS F 50 25.83 3.60 15.64
CA CYS F 50 26.27 2.38 14.99
C CYS F 50 25.20 1.87 14.04
N ASN F 51 25.63 1.46 12.84
CA ASN F 51 24.72 1.09 11.77
C ASN F 51 24.51 -0.41 11.65
N ALA F 52 25.12 -1.20 12.53
CA ALA F 52 24.74 -2.60 12.39
C ALA F 52 23.34 -2.82 12.97
N PRO F 53 22.55 -3.70 12.36
CA PRO F 53 21.19 -3.94 12.87
C PRO F 53 21.22 -4.46 14.30
N GLY F 54 20.33 -3.91 15.14
CA GLY F 54 20.20 -4.34 16.51
C GLY F 54 21.13 -3.67 17.48
N CYS F 55 22.07 -2.85 17.02
CA CYS F 55 23.04 -2.24 17.90
C CYS F 55 22.50 -0.90 18.43
N ASP F 56 22.99 -0.49 19.60
CA ASP F 56 22.49 0.70 20.26
C ASP F 56 23.58 1.41 21.06
N VAL F 57 24.05 2.55 20.55
CA VAL F 57 25.03 3.37 21.23
C VAL F 57 24.62 4.84 21.09
N THR F 58 24.25 5.46 22.21
CA THR F 58 23.89 6.88 22.19
C THR F 58 25.12 7.77 22.14
N ASP F 59 26.20 7.33 22.78
CA ASP F 59 27.39 8.16 22.92
C ASP F 59 28.10 8.34 21.57
N VAL F 60 28.88 9.41 21.48
CA VAL F 60 29.62 9.74 20.28
C VAL F 60 31.13 9.71 20.53
N THR F 61 31.55 9.82 21.79
CA THR F 61 32.97 9.88 22.12
C THR F 61 33.72 8.60 21.77
N GLN F 62 33.01 7.50 21.52
CA GLN F 62 33.65 6.24 21.19
C GLN F 62 33.22 5.66 19.85
N LEU F 63 32.42 6.36 19.06
CA LEU F 63 32.08 5.88 17.73
C LEU F 63 33.26 6.05 16.77
N TYR F 64 33.26 5.24 15.72
CA TYR F 64 34.28 5.30 14.68
C TYR F 64 33.60 5.49 13.33
N LEU F 65 34.32 6.11 12.41
CA LEU F 65 33.86 6.34 11.04
C LEU F 65 34.41 5.20 10.18
N GLY F 66 33.57 4.26 9.83
CA GLY F 66 33.97 3.06 9.11
C GLY F 66 33.84 3.20 7.61
N GLY F 67 33.25 2.18 6.99
CA GLY F 67 33.08 2.14 5.55
C GLY F 67 31.90 2.94 5.05
N MET F 68 32.05 4.26 4.98
CA MET F 68 30.97 5.18 4.64
C MET F 68 29.83 5.07 5.64
N SER F 69 30.16 4.81 6.90
CA SER F 69 29.18 4.67 7.95
C SER F 69 29.81 4.90 9.32
N TYR F 70 29.09 4.58 10.39
CA TYR F 70 29.60 4.75 11.75
C TYR F 70 29.41 3.45 12.52
N TYR F 71 30.42 3.09 13.32
CA TYR F 71 30.39 1.91 14.15
C TYR F 71 30.89 2.29 15.55
N CYS F 72 30.86 1.33 16.47
CA CYS F 72 30.88 1.71 17.89
C CYS F 72 31.85 0.91 18.75
N LYS F 73 31.68 1.05 20.07
CA LYS F 73 32.60 0.52 21.06
C LYS F 73 32.27 -0.90 21.49
N SER F 74 31.07 -1.10 22.04
CA SER F 74 30.69 -2.45 22.50
C SER F 74 30.64 -3.42 21.33
N HIS F 75 30.10 -2.99 20.21
CA HIS F 75 30.08 -3.76 18.96
C HIS F 75 31.09 -3.08 18.04
N LYS F 76 32.31 -3.60 18.01
CA LYS F 76 33.45 -2.86 17.50
C LYS F 76 34.08 -3.52 16.29
N PRO F 77 33.72 -3.15 15.06
CA PRO F 77 34.70 -3.21 13.96
C PRO F 77 35.56 -1.95 13.98
N PRO F 78 36.77 -2.03 14.54
CA PRO F 78 37.59 -0.81 14.64
C PRO F 78 38.61 -0.62 13.53
N ILE F 79 38.21 -0.74 12.26
CA ILE F 79 39.10 -0.32 11.19
C ILE F 79 38.73 1.11 10.81
N SER F 80 39.20 2.07 11.60
CA SER F 80 38.79 3.46 11.47
C SER F 80 39.67 4.40 12.28
N PHE F 81 39.24 5.66 12.39
CA PHE F 81 39.78 6.61 13.35
C PHE F 81 38.62 7.13 14.18
N PRO F 82 38.85 7.48 15.45
CA PRO F 82 37.73 7.89 16.31
C PRO F 82 37.09 9.18 15.82
N LEU F 83 35.78 9.29 16.06
CA LEU F 83 35.03 10.48 15.67
C LEU F 83 35.44 11.68 16.52
N CYS F 84 35.51 11.50 17.83
CA CYS F 84 35.88 12.59 18.73
C CYS F 84 37.35 12.45 19.12
N ALA F 85 38.19 13.33 18.59
CA ALA F 85 39.62 13.28 18.87
C ALA F 85 40.25 14.60 18.45
N ASN F 86 41.40 14.89 19.06
CA ASN F 86 42.22 16.07 18.77
C ASN F 86 41.41 17.36 18.88
N GLY F 87 40.82 17.61 20.05
CA GLY F 87 40.15 18.88 20.32
C GLY F 87 39.05 19.26 19.36
N GLN F 88 38.44 18.28 18.70
CA GLN F 88 37.48 18.58 17.65
C GLN F 88 36.53 17.39 17.46
N VAL F 89 35.43 17.65 16.76
CA VAL F 89 34.47 16.63 16.36
C VAL F 89 34.42 16.59 14.85
N PHE F 90 34.39 15.39 14.28
CA PHE F 90 34.47 15.23 12.83
C PHE F 90 33.23 15.79 12.16
N GLY F 91 33.43 16.61 11.13
CA GLY F 91 32.35 17.16 10.34
C GLY F 91 32.94 18.07 9.29
N LEU F 92 32.06 18.68 8.49
CA LEU F 92 32.50 19.73 7.59
C LEU F 92 32.94 20.95 8.41
N TYR F 93 33.70 21.82 7.75
CA TYR F 93 34.26 23.01 8.40
C TYR F 93 35.17 22.61 9.56
N LYS F 94 35.81 21.45 9.45
CA LYS F 94 36.73 21.00 10.47
C LYS F 94 38.03 21.80 10.50
N ASN F 95 38.29 22.60 9.47
CA ASN F 95 39.49 23.42 9.38
C ASN F 95 39.21 24.89 9.60
N THR F 96 38.11 25.40 9.05
CA THR F 96 37.75 26.82 9.18
C THR F 96 36.88 26.99 10.42
N CYS F 97 37.51 26.81 11.58
CA CYS F 97 36.84 27.00 12.87
C CYS F 97 37.75 27.81 13.77
N VAL F 98 37.14 28.54 14.70
CA VAL F 98 37.89 29.46 15.55
C VAL F 98 37.87 28.96 17.00
N GLY F 99 36.68 28.80 17.56
CA GLY F 99 36.51 28.43 18.94
C GLY F 99 35.90 29.56 19.74
N SER F 100 35.79 29.34 21.05
CA SER F 100 35.17 30.32 21.94
C SER F 100 36.07 30.57 23.14
N ASP F 101 36.25 31.84 23.47
CA ASP F 101 36.98 32.21 24.68
C ASP F 101 36.09 32.06 25.92
N ASN F 102 34.89 32.64 25.87
CA ASN F 102 33.89 32.45 26.91
C ASN F 102 33.29 31.06 26.73
N VAL F 103 33.84 30.08 27.47
CA VAL F 103 33.47 28.68 27.28
C VAL F 103 32.07 28.35 27.75
N THR F 104 31.51 29.12 28.67
CA THR F 104 30.35 28.69 29.44
C THR F 104 29.12 29.57 29.19
N ASP F 105 28.95 30.04 27.95
CA ASP F 105 27.71 30.75 27.63
C ASP F 105 26.53 29.78 27.61
N PHE F 106 26.56 28.80 26.71
CA PHE F 106 25.59 27.71 26.75
C PHE F 106 25.70 26.93 28.06
N ASN F 107 26.94 26.67 28.48
CA ASN F 107 27.16 25.88 29.69
C ASN F 107 26.60 26.57 30.93
N ALA F 108 26.32 27.87 30.85
CA ALA F 108 25.74 28.60 31.98
C ALA F 108 24.23 28.77 31.81
N ILE F 109 23.80 29.32 30.67
CA ILE F 109 22.40 29.72 30.55
C ILE F 109 21.54 28.71 29.78
N ALA F 110 22.14 27.86 28.95
CA ALA F 110 21.40 26.79 28.29
C ALA F 110 21.35 25.51 29.10
N THR F 111 21.96 25.51 30.30
CA THR F 111 22.01 24.33 31.14
C THR F 111 21.07 24.40 32.34
N CYS F 112 20.51 25.57 32.64
CA CYS F 112 19.51 25.71 33.69
C CYS F 112 18.12 25.65 33.05
N ASP F 113 17.10 25.63 33.92
CA ASP F 113 15.73 25.38 33.47
C ASP F 113 15.07 26.64 32.94
N TRP F 114 15.87 27.65 32.59
CA TRP F 114 15.39 28.83 31.86
C TRP F 114 14.32 29.60 32.64
N THR F 115 14.49 29.66 33.96
CA THR F 115 13.56 30.40 34.80
C THR F 115 14.23 31.32 35.82
N ASN F 116 15.54 31.20 36.04
CA ASN F 116 16.24 32.05 37.00
C ASN F 116 16.51 33.42 36.38
N ALA F 117 16.75 34.41 37.24
CA ALA F 117 17.07 35.75 36.77
C ALA F 117 18.42 35.80 36.08
N GLY F 118 19.30 34.84 36.38
CA GLY F 118 20.61 34.82 35.75
C GLY F 118 20.55 34.69 34.25
N ASP F 119 19.53 33.98 33.74
CA ASP F 119 19.31 33.89 32.30
C ASP F 119 19.18 35.27 31.68
N TYR F 120 18.29 36.09 32.23
CA TYR F 120 18.08 37.42 31.68
C TYR F 120 19.27 38.32 31.94
N ILE F 121 19.95 38.14 33.08
CA ILE F 121 21.16 38.89 33.40
C ILE F 121 22.18 38.69 32.29
N LEU F 122 22.51 37.43 32.00
CA LEU F 122 23.49 37.17 30.96
C LEU F 122 22.97 37.58 29.60
N ALA F 123 21.66 37.45 29.36
CA ALA F 123 21.09 37.87 28.08
C ALA F 123 21.33 39.35 27.83
N ASN F 124 21.20 40.18 28.88
CA ASN F 124 21.56 41.58 28.75
C ASN F 124 23.07 41.81 28.72
N THR F 125 23.86 40.91 29.31
CA THR F 125 25.31 40.95 29.10
C THR F 125 25.72 40.10 27.90
N CYS F 126 25.11 40.36 26.75
CA CYS F 126 25.39 39.61 25.53
C CYS F 126 25.63 40.54 24.35
N THR F 127 25.76 39.97 23.16
CA THR F 127 25.76 40.72 21.92
C THR F 127 24.36 40.72 21.33
N GLU F 128 24.22 41.34 20.15
CA GLU F 128 22.91 41.37 19.50
C GLU F 128 22.44 39.98 19.12
N ARG F 129 23.32 39.19 18.50
CA ARG F 129 22.94 37.84 18.07
C ARG F 129 22.87 36.88 19.24
N LEU F 130 23.78 37.03 20.22
CA LEU F 130 23.72 36.20 21.40
C LEU F 130 22.43 36.44 22.18
N LYS F 131 22.03 37.71 22.30
CA LYS F 131 20.75 38.02 22.94
C LYS F 131 19.56 37.63 22.07
N LEU F 132 19.75 37.54 20.75
CA LEU F 132 18.70 36.96 19.90
C LEU F 132 18.50 35.50 20.23
N PHE F 133 19.60 34.74 20.32
CA PHE F 133 19.54 33.36 20.78
C PHE F 133 18.84 33.28 22.13
N ALA F 134 19.18 34.21 23.02
CA ALA F 134 18.54 34.26 24.33
C ALA F 134 17.04 34.44 24.22
N ALA F 135 16.58 35.42 23.44
CA ALA F 135 15.15 35.71 23.35
C ALA F 135 14.39 34.55 22.72
N GLU F 136 14.96 33.95 21.67
CA GLU F 136 14.31 32.80 21.06
C GLU F 136 14.25 31.62 22.04
N THR F 137 15.28 31.45 22.86
CA THR F 137 15.23 30.38 23.86
C THR F 137 14.24 30.67 24.98
N LEU F 138 14.05 31.94 25.34
CA LEU F 138 12.96 32.30 26.24
C LEU F 138 11.58 32.00 25.66
N LYS F 139 11.33 32.31 24.40
CA LYS F 139 10.06 31.90 23.81
C LYS F 139 9.92 30.39 23.79
N ALA F 140 11.01 29.68 23.46
CA ALA F 140 10.97 28.22 23.43
C ALA F 140 10.67 27.64 24.81
N THR F 141 11.28 28.20 25.86
CA THR F 141 11.04 27.65 27.19
C THR F 141 9.64 28.03 27.69
N GLU F 142 9.14 29.21 27.31
CA GLU F 142 7.76 29.58 27.61
C GLU F 142 6.81 28.53 27.05
N GLU F 143 6.96 28.20 25.76
CA GLU F 143 6.03 27.23 25.17
C GLU F 143 6.26 25.83 25.74
N THR F 144 7.53 25.46 25.99
CA THR F 144 7.82 24.08 26.40
C THR F 144 7.44 23.82 27.86
N PHE F 145 7.30 24.88 28.67
CA PHE F 145 6.77 24.71 30.01
C PHE F 145 5.30 25.11 30.12
N LYS F 146 4.73 25.72 29.08
CA LYS F 146 3.29 25.82 28.99
C LYS F 146 2.66 24.50 28.54
N LEU F 147 3.35 23.74 27.69
CA LEU F 147 2.85 22.43 27.25
C LEU F 147 3.14 21.33 28.29
N SER F 148 2.86 21.63 29.56
CA SER F 148 3.02 20.65 30.63
C SER F 148 1.85 20.70 31.60
N TYR F 149 0.72 21.27 31.18
CA TYR F 149 -0.47 21.37 32.01
C TYR F 149 -1.66 20.79 31.25
N GLY F 150 -2.84 20.90 31.87
CA GLY F 150 -4.00 20.18 31.43
C GLY F 150 -4.81 20.83 30.32
N ILE F 151 -5.82 20.11 29.87
CA ILE F 151 -6.72 20.54 28.82
C ILE F 151 -8.14 20.45 29.39
N ALA F 152 -8.81 21.60 29.51
CA ALA F 152 -10.16 21.64 30.02
C ALA F 152 -11.15 21.16 28.97
N THR F 153 -12.25 20.56 29.43
CA THR F 153 -13.26 20.03 28.52
C THR F 153 -14.61 20.02 29.23
N VAL F 154 -15.66 20.25 28.43
CA VAL F 154 -17.04 20.23 28.89
C VAL F 154 -17.70 18.98 28.30
N ARG F 155 -18.10 18.05 29.16
CA ARG F 155 -18.60 16.75 28.70
C ARG F 155 -20.13 16.68 28.77
N GLU F 156 -20.72 17.10 29.89
CA GLU F 156 -22.15 17.45 29.89
C GLU F 156 -22.27 18.97 30.02
N VAL F 157 -23.14 19.55 29.20
CA VAL F 157 -23.24 21.00 29.11
C VAL F 157 -24.39 21.50 29.99
N LEU F 158 -24.22 22.73 30.49
CA LEU F 158 -25.27 23.42 31.24
C LEU F 158 -25.58 24.74 30.54
N SER F 159 -26.34 25.60 31.20
CA SER F 159 -26.63 26.92 30.64
C SER F 159 -25.34 27.71 30.46
N ASP F 160 -25.29 28.51 29.40
CA ASP F 160 -24.07 29.25 29.09
C ASP F 160 -23.72 30.20 30.23
N ARG F 161 -22.41 30.44 30.39
CA ARG F 161 -21.84 31.24 31.47
C ARG F 161 -21.99 30.57 32.83
N GLU F 162 -22.55 29.36 32.88
CA GLU F 162 -22.51 28.55 34.09
C GLU F 162 -22.57 27.06 33.74
N LEU F 163 -21.40 26.42 33.63
CA LEU F 163 -21.29 25.07 33.13
C LEU F 163 -20.60 24.18 34.16
N HIS F 164 -20.24 22.97 33.76
CA HIS F 164 -19.39 22.08 34.53
C HIS F 164 -18.13 21.77 33.73
N LEU F 165 -17.05 21.46 34.45
CA LEU F 165 -15.75 21.32 33.80
C LEU F 165 -14.90 20.30 34.55
N SER F 166 -14.57 19.19 33.89
CA SER F 166 -13.51 18.30 34.31
C SER F 166 -12.29 18.51 33.42
N TRP F 167 -11.13 18.14 33.94
CA TRP F 167 -9.88 18.50 33.28
C TRP F 167 -9.10 17.28 32.79
N GLU F 168 -7.92 17.04 33.36
CA GLU F 168 -7.01 16.05 32.80
C GLU F 168 -6.51 15.06 33.85
N VAL F 169 -5.52 14.25 33.48
CA VAL F 169 -5.00 13.17 34.30
C VAL F 169 -3.77 13.69 35.04
N GLY F 170 -3.93 13.99 36.32
CA GLY F 170 -2.80 14.20 37.22
C GLY F 170 -2.03 15.50 37.10
N LYS F 171 -2.15 16.18 35.96
CA LYS F 171 -1.37 17.39 35.74
C LYS F 171 -1.89 18.53 36.62
N PRO F 172 -1.05 19.51 36.92
CA PRO F 172 -1.52 20.70 37.63
C PRO F 172 -2.21 21.67 36.68
N ARG F 173 -2.78 22.73 37.26
CA ARG F 173 -3.47 23.75 36.50
C ARG F 173 -2.70 25.06 36.53
N PRO F 174 -2.63 25.79 35.42
CA PRO F 174 -1.89 27.05 35.37
C PRO F 174 -2.65 28.15 36.09
N PRO F 175 -2.14 29.39 36.08
CA PRO F 175 -2.94 30.52 36.60
C PRO F 175 -4.32 30.62 35.97
N LEU F 176 -5.17 31.46 36.57
CA LEU F 176 -6.61 31.32 36.44
C LEU F 176 -7.27 32.35 35.53
N ASN F 177 -6.67 33.53 35.35
CA ASN F 177 -7.37 34.58 34.61
C ASN F 177 -7.38 34.30 33.12
N ARG F 178 -7.83 35.28 32.32
CA ARG F 178 -7.93 35.13 30.88
C ARG F 178 -6.59 35.23 30.17
N ASN F 179 -5.48 35.13 30.91
CA ASN F 179 -4.16 35.15 30.29
C ASN F 179 -3.99 33.98 29.33
N TYR F 180 -4.46 32.80 29.71
CA TYR F 180 -4.39 31.61 28.87
C TYR F 180 -5.74 31.39 28.22
N VAL F 181 -5.80 31.60 26.91
CA VAL F 181 -7.05 31.41 26.17
C VAL F 181 -7.28 29.93 25.95
N PHE F 182 -8.46 29.44 26.35
CA PHE F 182 -8.82 28.03 26.21
C PHE F 182 -9.48 27.83 24.85
N THR F 183 -8.64 27.80 23.82
CA THR F 183 -9.09 27.63 22.44
C THR F 183 -8.55 26.29 21.94
N GLY F 184 -9.33 25.22 22.12
CA GLY F 184 -8.90 23.90 21.77
C GLY F 184 -9.50 23.39 20.47
N TYR F 185 -10.00 22.16 20.48
CA TYR F 185 -10.67 21.58 19.32
C TYR F 185 -11.65 20.52 19.78
N ARG F 186 -12.60 20.18 18.90
CA ARG F 186 -13.57 19.13 19.18
C ARG F 186 -13.32 17.93 18.28
N VAL F 187 -13.60 16.74 18.82
CA VAL F 187 -13.36 15.48 18.13
C VAL F 187 -14.69 14.77 17.93
N THR F 188 -15.02 14.48 16.68
CA THR F 188 -16.21 13.68 16.40
C THR F 188 -15.91 12.19 16.56
N LYS F 189 -15.02 11.64 15.73
CA LYS F 189 -14.47 10.32 16.00
C LYS F 189 -12.96 10.22 15.84
N ASN F 190 -12.35 10.93 14.88
CA ASN F 190 -10.91 10.89 14.71
C ASN F 190 -10.35 12.27 14.36
N SER F 191 -11.21 13.20 13.96
CA SER F 191 -10.80 14.47 13.39
C SER F 191 -11.03 15.60 14.38
N LYS F 192 -10.56 16.79 14.00
CA LYS F 192 -10.74 18.00 14.79
C LYS F 192 -11.85 18.85 14.18
N VAL F 193 -12.67 19.45 15.04
CA VAL F 193 -13.91 20.10 14.62
C VAL F 193 -14.01 21.47 15.29
N GLN F 194 -14.57 22.43 14.54
CA GLN F 194 -14.80 23.80 14.98
C GLN F 194 -15.26 23.89 16.43
N ILE F 195 -14.56 24.70 17.23
CA ILE F 195 -14.88 24.83 18.65
C ILE F 195 -15.09 26.29 19.04
N GLY F 196 -14.18 27.17 18.65
CA GLY F 196 -14.21 28.55 19.07
C GLY F 196 -13.15 28.86 20.12
N GLU F 197 -13.27 30.06 20.69
CA GLU F 197 -12.32 30.56 21.68
C GLU F 197 -13.02 30.77 23.02
N TYR F 198 -12.42 30.24 24.09
CA TYR F 198 -13.03 30.24 25.40
C TYR F 198 -12.01 30.71 26.43
N THR F 199 -12.46 30.87 27.67
CA THR F 199 -11.59 31.26 28.77
C THR F 199 -12.26 30.88 30.08
N PHE F 200 -11.53 30.17 30.94
CA PHE F 200 -12.07 29.71 32.22
C PHE F 200 -11.48 30.50 33.39
N GLU F 201 -12.33 31.22 34.11
CA GLU F 201 -11.89 31.85 35.34
C GLU F 201 -12.71 31.42 36.55
N LYS F 202 -14.04 31.47 36.46
CA LYS F 202 -14.88 31.26 37.63
C LYS F 202 -15.49 29.87 37.62
N GLY F 203 -15.37 29.16 38.74
CA GLY F 203 -15.94 27.83 38.88
C GLY F 203 -16.55 27.61 40.26
N ALA F 208 -20.63 23.82 38.62
CA ALA F 208 -20.77 25.25 38.45
C ALA F 208 -19.47 25.86 37.92
N VAL F 209 -19.46 26.23 36.64
CA VAL F 209 -18.29 26.84 36.02
C VAL F 209 -18.72 28.05 35.19
N VAL F 210 -18.37 29.25 35.65
CA VAL F 210 -18.76 30.48 34.98
C VAL F 210 -17.70 30.80 33.92
N TYR F 211 -18.14 31.00 32.68
CA TYR F 211 -17.26 31.29 31.56
C TYR F 211 -17.54 32.69 31.02
N ARG F 212 -16.50 33.30 30.44
CA ARG F 212 -16.61 34.56 29.73
C ARG F 212 -16.66 34.28 28.24
N GLY F 213 -17.61 34.89 27.55
CA GLY F 213 -17.81 34.61 26.15
C GLY F 213 -17.09 35.54 25.20
N THR F 214 -15.93 35.10 24.68
CA THR F 214 -15.36 35.77 23.53
C THR F 214 -16.24 35.63 22.30
N THR F 215 -17.09 34.61 22.28
CA THR F 215 -18.11 34.42 21.27
C THR F 215 -19.29 33.70 21.92
N THR F 216 -20.42 33.71 21.25
CA THR F 216 -21.59 32.97 21.72
C THR F 216 -21.55 31.55 21.19
N TYR F 217 -21.73 30.58 22.09
CA TYR F 217 -21.44 29.20 21.79
C TYR F 217 -22.63 28.31 22.12
N LYS F 218 -22.69 27.17 21.42
CA LYS F 218 -23.62 26.08 21.70
C LYS F 218 -22.77 24.84 21.91
N LEU F 219 -22.33 24.64 23.15
CA LEU F 219 -21.38 23.59 23.47
C LEU F 219 -22.04 22.22 23.42
N ASN F 220 -21.32 21.24 22.88
CA ASN F 220 -21.78 19.87 22.74
C ASN F 220 -20.97 18.96 23.67
N VAL F 221 -21.17 17.66 23.57
CA VAL F 221 -20.53 16.68 24.43
C VAL F 221 -19.03 16.61 24.09
N GLY F 222 -18.22 16.59 25.14
CA GLY F 222 -16.79 16.32 24.99
C GLY F 222 -15.87 17.46 24.59
N ASP F 223 -16.44 18.61 24.20
CA ASP F 223 -15.70 19.74 23.68
C ASP F 223 -14.48 20.10 24.53
N TYR F 224 -13.30 20.10 23.91
CA TYR F 224 -12.03 20.27 24.63
C TYR F 224 -11.46 21.66 24.34
N PHE F 225 -10.96 22.32 25.38
CA PHE F 225 -10.39 23.66 25.26
C PHE F 225 -9.00 23.67 25.86
N VAL F 226 -7.99 23.98 25.02
CA VAL F 226 -6.62 24.19 25.50
C VAL F 226 -5.81 24.88 24.43
N LEU F 227 -4.77 25.61 24.83
CA LEU F 227 -3.89 26.26 23.87
C LEU F 227 -2.92 25.24 23.30
N THR F 228 -3.03 24.98 22.00
CA THR F 228 -2.10 24.11 21.27
C THR F 228 -1.10 25.01 20.56
N SER F 229 0.18 24.86 20.90
CA SER F 229 1.20 25.80 20.49
C SER F 229 2.19 25.16 19.50
N HIS F 230 2.62 25.98 18.54
CA HIS F 230 3.75 25.65 17.68
C HIS F 230 5.03 26.22 18.27
N THR F 231 6.12 26.19 17.51
CA THR F 231 7.38 26.77 17.98
C THR F 231 7.77 27.91 17.07
N VAL F 232 8.16 29.04 17.68
CA VAL F 232 8.54 30.23 16.94
C VAL F 232 9.80 29.96 16.13
N MET F 233 9.75 30.25 14.85
CA MET F 233 10.86 29.99 13.96
C MET F 233 12.01 30.93 14.28
N PRO F 234 13.22 30.57 13.91
CA PRO F 234 14.33 31.53 13.99
C PRO F 234 14.06 32.75 13.11
N LEU F 235 14.56 33.90 13.55
CA LEU F 235 14.39 35.16 12.85
C LEU F 235 15.69 35.55 12.18
N SER F 236 15.60 36.30 11.09
CA SER F 236 16.75 36.61 10.25
C SER F 236 17.14 38.08 10.26
N ALA F 237 16.49 38.92 11.06
CA ALA F 237 16.83 40.34 11.06
C ALA F 237 17.05 40.84 12.48
N PRO F 238 17.94 41.81 12.67
CA PRO F 238 18.24 42.29 14.03
C PRO F 238 17.06 43.01 14.64
N THR F 239 17.04 43.03 15.98
CA THR F 239 15.96 43.69 16.70
C THR F 239 16.08 45.20 16.63
N LEU F 240 17.17 45.74 17.18
CA LEU F 240 17.42 47.17 17.15
C LEU F 240 18.37 47.52 16.01
N VAL F 241 18.21 48.73 15.49
CA VAL F 241 19.08 49.25 14.44
C VAL F 241 20.12 50.15 15.09
N PRO F 242 21.37 50.09 14.65
CA PRO F 242 22.45 50.88 15.28
C PRO F 242 22.18 52.38 15.13
N GLN F 243 22.57 53.15 16.15
CA GLN F 243 22.28 54.57 16.19
C GLN F 243 23.16 55.36 15.22
N GLU F 244 22.56 55.84 14.14
CA GLU F 244 23.22 56.73 13.19
C GLU F 244 22.31 57.89 12.86
N HIS F 245 22.72 59.09 13.26
CA HIS F 245 21.93 60.30 13.06
C HIS F 245 22.11 60.80 11.64
N TYR F 246 21.05 61.41 11.10
CA TYR F 246 21.02 61.76 9.69
C TYR F 246 21.86 63.00 9.40
N VAL F 247 22.42 63.03 8.19
CA VAL F 247 23.20 64.19 7.76
C VAL F 247 22.31 65.42 7.66
N ARG F 248 21.13 65.27 7.07
CA ARG F 248 20.23 66.40 6.85
C ARG F 248 18.79 65.92 6.91
N ILE F 249 17.86 66.72 6.38
CA ILE F 249 16.46 66.34 6.30
C ILE F 249 16.21 65.86 4.87
N THR F 250 17.29 65.40 4.22
CA THR F 250 17.22 64.90 2.86
C THR F 250 16.25 63.72 2.77
N GLY F 251 15.49 63.69 1.68
CA GLY F 251 14.56 62.60 1.44
C GLY F 251 13.24 62.70 2.16
N LEU F 252 12.88 63.87 2.67
CA LEU F 252 11.61 64.06 3.37
C LEU F 252 10.66 64.90 2.53
N TYR F 253 9.37 64.76 2.80
CA TYR F 253 8.33 65.53 2.11
C TYR F 253 7.78 66.58 3.07
N PRO F 254 8.40 67.75 3.15
CA PRO F 254 8.03 68.71 4.20
C PRO F 254 6.66 69.32 3.96
N THR F 255 6.08 69.83 5.04
CA THR F 255 4.79 70.50 5.03
C THR F 255 4.98 71.96 5.43
N LEU F 256 3.93 72.75 5.18
CA LEU F 256 3.96 74.18 5.47
C LEU F 256 3.33 74.53 6.81
N ASN F 257 2.20 73.93 7.16
CA ASN F 257 1.53 74.25 8.41
C ASN F 257 2.24 73.57 9.58
N ILE F 258 1.99 74.11 10.77
CA ILE F 258 2.61 73.62 12.00
C ILE F 258 1.51 73.32 13.02
N SER F 259 1.59 72.17 13.67
CA SER F 259 0.61 71.77 14.67
C SER F 259 0.60 72.78 15.82
N ASP F 260 -0.59 73.18 16.25
CA ASP F 260 -0.75 74.16 17.30
C ASP F 260 -1.47 73.62 18.54
N GLU F 261 -2.45 72.73 18.35
CA GLU F 261 -3.17 72.17 19.50
C GLU F 261 -2.26 71.35 20.40
N PHE F 262 -1.17 70.81 19.85
CA PHE F 262 -0.19 70.04 20.61
C PHE F 262 0.98 70.98 20.88
N SER F 263 1.28 71.24 22.15
CA SER F 263 2.22 72.27 22.55
C SER F 263 3.66 71.77 22.66
N SER F 264 3.91 70.49 22.41
CA SER F 264 5.26 69.95 22.48
C SER F 264 5.55 69.10 21.25
N ASN F 265 5.25 69.63 20.06
CA ASN F 265 5.31 68.83 18.85
C ASN F 265 6.36 69.29 17.84
N VAL F 266 6.65 70.58 17.74
CA VAL F 266 7.48 71.10 16.64
C VAL F 266 8.94 70.66 16.78
N ALA F 267 9.51 70.82 17.97
CA ALA F 267 10.90 70.40 18.18
C ALA F 267 11.05 68.90 17.98
N ASN F 268 10.06 68.12 18.40
CA ASN F 268 10.11 66.68 18.20
C ASN F 268 9.90 66.32 16.73
N TYR F 269 9.12 67.14 16.00
CA TYR F 269 9.03 66.99 14.56
C TYR F 269 10.40 67.14 13.92
N GLN F 270 11.13 68.17 14.30
CA GLN F 270 12.49 68.34 13.79
C GLN F 270 13.37 67.16 14.21
N LYS F 271 13.17 66.66 15.42
CA LYS F 271 13.92 65.50 15.89
C LYS F 271 13.71 64.30 14.96
N VAL F 272 12.45 63.96 14.70
CA VAL F 272 12.14 62.94 13.70
C VAL F 272 12.78 63.32 12.36
N GLY F 273 12.94 64.62 12.11
CA GLY F 273 13.69 65.06 10.96
C GLY F 273 15.12 64.55 10.95
N MET F 274 15.79 64.52 12.11
CA MET F 274 17.14 63.96 12.13
C MET F 274 17.36 62.95 13.25
N GLN F 275 16.36 62.19 13.66
CA GLN F 275 16.53 61.09 14.59
C GLN F 275 16.15 59.78 13.91
N LYS F 276 16.92 58.73 14.17
CA LYS F 276 16.75 57.49 13.44
C LYS F 276 15.86 56.52 14.22
N TYR F 277 16.06 56.43 15.54
CA TYR F 277 15.19 55.66 16.42
C TYR F 277 14.78 56.47 17.63
N SER F 278 13.61 56.16 18.17
CA SER F 278 12.96 57.04 19.14
C SER F 278 12.19 56.20 20.16
N THR F 279 12.69 56.14 21.40
CA THR F 279 11.94 55.53 22.48
C THR F 279 11.92 56.46 23.67
N LEU F 280 10.79 56.41 24.38
CA LEU F 280 10.57 57.23 25.56
C LEU F 280 9.92 56.35 26.63
N GLN F 281 9.80 56.90 27.83
CA GLN F 281 9.37 56.16 29.00
C GLN F 281 8.19 56.91 29.61
N GLY F 282 6.97 56.48 29.31
CA GLY F 282 5.81 57.25 29.69
C GLY F 282 4.57 56.45 30.02
N PRO F 283 3.81 56.92 30.99
CA PRO F 283 2.49 56.33 31.27
C PRO F 283 1.48 56.76 30.21
N PRO F 284 0.21 56.37 30.34
CA PRO F 284 -0.82 56.93 29.47
C PRO F 284 -0.81 58.45 29.52
N GLY F 285 -1.00 59.06 28.34
CA GLY F 285 -0.82 60.49 28.23
C GLY F 285 0.64 60.86 28.11
N THR F 286 1.29 60.40 27.04
CA THR F 286 2.67 60.81 26.76
C THR F 286 2.91 61.00 25.27
N GLY F 287 1.91 61.48 24.53
CA GLY F 287 1.98 61.57 23.09
C GLY F 287 1.48 60.36 22.35
N LYS F 288 1.34 59.22 23.03
CA LYS F 288 0.76 58.04 22.41
C LYS F 288 -0.66 58.28 21.90
N SER F 289 -1.36 59.27 22.45
CA SER F 289 -2.72 59.59 22.06
C SER F 289 -2.79 60.54 20.88
N HIS F 290 -1.89 61.53 20.80
CA HIS F 290 -1.99 62.57 19.78
C HIS F 290 -0.72 62.79 18.99
N PHE F 291 0.46 62.42 19.49
CA PHE F 291 1.68 62.73 18.76
C PHE F 291 1.81 61.88 17.50
N ALA F 292 1.30 60.64 17.53
CA ALA F 292 1.30 59.82 16.32
C ALA F 292 0.52 60.50 15.21
N ILE F 293 -0.65 61.04 15.54
CA ILE F 293 -1.43 61.80 14.56
C ILE F 293 -0.69 63.08 14.17
N GLY F 294 0.02 63.67 15.13
CA GLY F 294 0.82 64.85 14.80
C GLY F 294 1.86 64.59 13.73
N LEU F 295 2.59 63.48 13.85
CA LEU F 295 3.50 63.07 12.78
C LEU F 295 2.74 62.71 11.51
N ALA F 296 1.57 62.07 11.64
CA ALA F 296 0.79 61.69 10.47
C ALA F 296 0.41 62.90 9.62
N LEU F 297 -0.04 63.97 10.27
CA LEU F 297 -0.37 65.19 9.55
C LEU F 297 0.86 66.00 9.17
N TYR F 298 1.93 65.90 9.97
CA TYR F 298 3.11 66.71 9.72
C TYR F 298 3.95 66.15 8.58
N TYR F 299 3.95 64.83 8.39
CA TYR F 299 4.40 64.25 7.13
C TYR F 299 3.29 63.37 6.55
N PRO F 300 2.63 63.82 5.48
CA PRO F 300 1.46 63.09 4.97
C PRO F 300 1.77 61.77 4.30
N SER F 301 2.73 61.75 3.38
CA SER F 301 2.93 60.59 2.53
C SER F 301 3.99 59.62 3.05
N ALA F 302 4.60 59.91 4.20
CA ALA F 302 5.62 59.02 4.73
C ALA F 302 5.01 57.68 5.13
N ARG F 303 5.71 56.60 4.77
CA ARG F 303 5.26 55.27 5.18
C ARG F 303 5.50 55.10 6.67
N ILE F 304 4.46 55.33 7.47
CA ILE F 304 4.52 55.25 8.92
C ILE F 304 3.65 54.08 9.37
N VAL F 305 4.25 53.18 10.16
CA VAL F 305 3.60 51.95 10.58
C VAL F 305 3.37 52.07 12.08
N TYR F 306 2.16 51.73 12.52
CA TYR F 306 1.82 51.68 13.94
C TYR F 306 1.47 50.25 14.34
N THR F 307 1.66 49.95 15.61
CA THR F 307 1.32 48.62 16.12
C THR F 307 1.20 48.58 17.65
N ALA F 308 0.19 47.87 18.13
CA ALA F 308 0.04 47.51 19.52
C ALA F 308 -0.23 46.01 19.64
N CYS F 309 0.07 45.45 20.81
CA CYS F 309 0.04 44.00 20.95
C CYS F 309 -1.37 43.44 20.83
N SER F 310 -2.39 44.27 21.03
CA SER F 310 -3.77 43.85 20.87
C SER F 310 -4.54 44.93 20.11
N HIS F 311 -5.57 44.50 19.38
CA HIS F 311 -6.29 45.40 18.49
C HIS F 311 -7.05 46.49 19.25
N ALA F 312 -7.44 46.25 20.50
CA ALA F 312 -8.16 47.29 21.24
C ALA F 312 -7.26 48.44 21.66
N ALA F 313 -5.94 48.24 21.65
CA ALA F 313 -4.99 49.32 21.87
C ALA F 313 -4.55 49.98 20.57
N VAL F 314 -4.50 49.24 19.47
CA VAL F 314 -4.37 49.85 18.15
C VAL F 314 -5.55 50.76 17.88
N ASP F 315 -6.74 50.35 18.34
CA ASP F 315 -7.97 51.10 18.17
C ASP F 315 -7.91 52.46 18.86
N ALA F 316 -7.20 52.56 19.99
CA ALA F 316 -7.11 53.83 20.71
C ALA F 316 -6.59 54.96 19.84
N LEU F 317 -5.77 54.64 18.83
CA LEU F 317 -5.34 55.61 17.83
C LEU F 317 -6.15 55.51 16.54
N CYS F 318 -6.47 54.29 16.11
CA CYS F 318 -7.09 54.11 14.79
C CYS F 318 -8.53 54.61 14.76
N GLU F 319 -9.15 54.81 15.92
CA GLU F 319 -10.55 55.22 15.95
C GLU F 319 -10.73 56.60 15.34
N LYS F 320 -9.75 57.48 15.51
CA LYS F 320 -9.78 58.79 14.88
C LYS F 320 -8.56 59.06 14.01
N ALA F 321 -7.70 58.06 13.78
CA ALA F 321 -6.68 58.21 12.75
C ALA F 321 -7.29 58.39 11.36
N LEU F 322 -8.53 57.95 11.17
CA LEU F 322 -9.26 58.20 9.94
C LEU F 322 -10.12 59.46 10.00
N LYS F 323 -10.26 60.07 11.18
CA LYS F 323 -11.05 61.29 11.30
C LYS F 323 -10.17 62.54 11.24
N TYR F 324 -9.06 62.53 11.97
CA TYR F 324 -8.12 63.65 11.93
C TYR F 324 -7.57 63.85 10.51
N LEU F 325 -7.20 62.76 9.85
CA LEU F 325 -6.71 62.78 8.49
C LEU F 325 -7.52 61.78 7.65
N PRO F 326 -7.54 61.94 6.31
CA PRO F 326 -8.40 61.10 5.46
C PRO F 326 -8.32 59.59 5.73
N ILE F 327 -9.44 58.92 5.45
CA ILE F 327 -9.56 57.48 5.74
C ILE F 327 -8.63 56.67 4.85
N ASP F 328 -8.43 57.11 3.61
CA ASP F 328 -7.80 56.30 2.56
C ASP F 328 -6.35 55.93 2.84
N LYS F 329 -5.82 56.31 4.01
CA LYS F 329 -4.39 56.19 4.25
C LYS F 329 -4.04 55.47 5.56
N CYS F 330 -4.90 54.58 6.05
CA CYS F 330 -4.53 53.70 7.16
C CYS F 330 -5.24 52.36 7.02
N SER F 331 -4.68 51.34 7.65
CA SER F 331 -5.28 50.01 7.69
C SER F 331 -4.56 49.14 8.71
N ARG F 332 -5.28 48.13 9.21
CA ARG F 332 -4.67 47.00 9.88
C ARG F 332 -5.51 45.75 9.61
N ILE F 333 -4.84 44.61 9.43
CA ILE F 333 -5.47 43.40 8.96
C ILE F 333 -5.87 42.54 10.17
N ILE F 334 -7.02 41.90 10.07
CA ILE F 334 -7.65 41.19 11.17
C ILE F 334 -7.63 39.70 10.85
N PRO F 335 -7.00 38.87 11.68
CA PRO F 335 -7.07 37.42 11.45
C PRO F 335 -8.25 36.77 12.14
N ALA F 336 -8.68 35.61 11.65
CA ALA F 336 -9.80 34.90 12.25
C ALA F 336 -9.72 33.40 11.93
N VAL F 340 -10.50 35.50 17.28
CA VAL F 340 -9.55 36.44 17.84
C VAL F 340 -10.17 37.84 17.88
N GLU F 341 -10.03 38.52 19.02
CA GLU F 341 -10.62 39.82 19.23
C GLU F 341 -9.81 40.86 18.46
N CYS F 342 -10.32 41.27 17.31
CA CYS F 342 -9.68 42.29 16.49
C CYS F 342 -10.77 43.17 15.88
N PHE F 343 -10.44 44.44 15.67
CA PHE F 343 -11.42 45.46 15.28
C PHE F 343 -11.30 45.75 13.79
N ASP F 344 -12.42 45.68 13.08
CA ASP F 344 -12.45 45.78 11.62
C ASP F 344 -12.73 47.21 11.14
N LYS F 345 -12.32 48.21 11.91
CA LYS F 345 -12.65 49.59 11.57
C LYS F 345 -12.01 50.01 10.25
N PHE F 346 -10.73 49.70 10.06
CA PHE F 346 -9.99 50.20 8.90
C PHE F 346 -10.23 49.34 7.66
N LYS F 347 -9.43 49.56 6.62
CA LYS F 347 -9.55 48.82 5.36
C LYS F 347 -8.80 47.51 5.54
N VAL F 348 -9.53 46.47 5.93
CA VAL F 348 -8.96 45.18 6.30
C VAL F 348 -8.79 44.36 5.03
N ASN F 349 -7.91 43.34 5.08
CA ASN F 349 -7.52 42.57 3.91
C ASN F 349 -6.97 43.48 2.80
N SER F 350 -6.17 44.48 3.18
CA SER F 350 -5.63 45.45 2.24
C SER F 350 -4.18 45.75 2.64
N THR F 351 -3.24 45.10 1.96
CA THR F 351 -1.82 45.38 2.20
C THR F 351 -1.46 46.79 1.75
N LEU F 352 -2.01 47.23 0.62
CA LEU F 352 -1.70 48.55 0.06
C LEU F 352 -2.35 49.64 0.89
N GLU F 353 -1.52 50.46 1.55
CA GLU F 353 -1.99 51.60 2.33
C GLU F 353 -0.80 52.51 2.62
N GLN F 354 -1.00 53.51 3.46
CA GLN F 354 0.05 54.43 3.81
C GLN F 354 0.44 54.31 5.29
N TYR F 355 -0.53 54.53 6.17
CA TYR F 355 -0.29 54.42 7.61
C TYR F 355 -0.78 53.09 8.13
N VAL F 356 -0.07 52.01 7.82
CA VAL F 356 -0.50 50.67 8.18
C VAL F 356 -0.43 50.51 9.69
N PHE F 357 -1.57 50.46 10.35
CA PHE F 357 -1.60 50.00 11.73
C PHE F 357 -1.37 48.50 11.75
N CYS F 358 -1.02 47.97 12.92
CA CYS F 358 -0.59 46.58 12.94
C CYS F 358 -0.79 46.00 14.35
N THR F 359 -0.63 44.69 14.46
CA THR F 359 -0.59 43.99 15.74
C THR F 359 0.59 43.03 15.67
N VAL F 360 1.34 42.94 16.77
CA VAL F 360 2.58 42.17 16.82
C VAL F 360 2.33 40.73 16.37
N ASN F 361 1.10 40.25 16.56
CA ASN F 361 0.76 38.88 16.20
C ASN F 361 0.84 38.60 14.70
N ALA F 362 0.50 39.56 13.84
CA ALA F 362 0.48 39.28 12.41
C ALA F 362 0.50 40.53 11.53
N LEU F 363 1.44 40.57 10.57
CA LEU F 363 1.46 41.52 9.48
C LEU F 363 2.49 41.05 8.44
N PRO F 364 2.17 41.06 7.16
CA PRO F 364 3.15 40.70 6.13
C PRO F 364 4.08 41.87 5.83
N GLU F 365 5.08 41.59 4.99
CA GLU F 365 6.13 42.53 4.65
C GLU F 365 6.06 42.93 3.18
N THR F 366 5.84 44.21 2.93
CA THR F 366 6.02 44.71 1.57
C THR F 366 7.13 45.77 1.50
N THR F 367 6.93 46.88 2.21
CA THR F 367 7.89 47.97 2.30
C THR F 367 7.36 49.08 3.20
N ALA F 368 8.26 49.87 3.78
CA ALA F 368 7.90 51.08 4.50
C ALA F 368 9.17 51.88 4.76
N ASP F 369 9.01 53.07 5.34
CA ASP F 369 10.13 54.00 5.46
C ASP F 369 10.28 54.62 6.84
N ILE F 370 9.19 54.69 7.62
CA ILE F 370 9.22 55.35 8.93
C ILE F 370 8.53 54.45 9.94
N VAL F 371 9.12 54.32 11.12
CA VAL F 371 8.62 53.46 12.19
C VAL F 371 8.03 54.35 13.27
N VAL F 372 6.75 54.15 13.59
CA VAL F 372 6.16 54.68 14.82
C VAL F 372 5.35 53.57 15.47
N PHE F 373 6.00 52.81 16.35
CA PHE F 373 5.39 51.65 17.00
C PHE F 373 5.11 51.92 18.47
N ASP F 374 3.92 51.50 18.91
CA ASP F 374 3.49 51.66 20.29
C ASP F 374 4.12 50.57 21.16
N GLU F 375 3.55 50.35 22.35
CA GLU F 375 4.17 49.61 23.44
C GLU F 375 4.94 48.38 22.98
N ILE F 376 6.09 48.17 23.62
CA ILE F 376 7.06 47.12 23.26
C ILE F 376 7.26 46.25 24.50
N SER F 377 6.21 46.12 25.31
CA SER F 377 6.36 45.66 26.68
C SER F 377 6.34 44.14 26.84
N MET F 378 5.23 43.49 26.49
CA MET F 378 5.00 42.11 26.93
C MET F 378 5.44 41.10 25.86
N ALA F 379 6.74 41.15 25.58
CA ALA F 379 7.41 40.15 24.74
C ALA F 379 8.92 40.36 24.78
N THR F 380 9.69 39.32 24.44
CA THR F 380 11.14 39.45 24.33
C THR F 380 11.48 40.07 22.98
N ASN F 381 12.75 39.99 22.58
CA ASN F 381 13.22 40.64 21.37
C ASN F 381 12.46 40.22 20.11
N TYR F 382 11.56 39.24 20.22
CA TYR F 382 10.69 38.86 19.12
C TYR F 382 9.91 40.06 18.58
N ASP F 383 9.35 40.87 19.48
CA ASP F 383 8.53 42.00 19.03
C ASP F 383 9.37 42.99 18.23
N LEU F 384 10.55 43.36 18.76
CA LEU F 384 11.41 44.31 18.08
C LEU F 384 11.91 43.77 16.75
N SER F 385 12.34 42.50 16.71
CA SER F 385 12.89 41.91 15.51
C SER F 385 11.86 41.68 14.42
N VAL F 386 10.65 41.23 14.75
CA VAL F 386 9.65 41.00 13.71
C VAL F 386 9.27 42.33 13.05
N VAL F 387 9.26 43.42 13.82
CA VAL F 387 8.83 44.69 13.25
C VAL F 387 9.96 45.38 12.51
N ASN F 388 11.22 45.18 12.93
CA ASN F 388 12.33 45.69 12.13
C ASN F 388 12.63 44.84 10.90
N ALA F 389 12.19 43.59 10.87
CA ALA F 389 12.20 42.78 9.67
C ALA F 389 11.04 43.11 8.75
N ARG F 390 9.90 43.50 9.34
CA ARG F 390 8.70 43.90 8.62
C ARG F 390 8.99 44.98 7.60
N LEU F 391 9.89 45.91 7.94
CA LEU F 391 10.18 47.04 7.07
C LEU F 391 11.62 47.47 7.27
N ARG F 392 12.27 47.86 6.17
CA ARG F 392 13.55 48.53 6.22
C ARG F 392 13.30 50.04 6.21
N ALA F 393 13.24 50.64 7.40
CA ALA F 393 12.72 51.99 7.55
C ALA F 393 13.87 52.98 7.74
N LYS F 394 13.63 54.21 7.29
CA LYS F 394 14.58 55.31 7.45
C LYS F 394 14.45 56.02 8.79
N HIS F 395 13.31 55.88 9.46
CA HIS F 395 13.07 56.55 10.74
C HIS F 395 12.35 55.57 11.67
N TYR F 396 12.68 55.62 12.97
CA TYR F 396 12.04 54.73 13.93
C TYR F 396 11.52 55.55 15.11
N VAL F 397 10.32 55.18 15.59
CA VAL F 397 9.80 55.72 16.83
C VAL F 397 9.25 54.56 17.66
N TYR F 398 10.06 54.08 18.60
CA TYR F 398 9.68 52.95 19.46
C TYR F 398 8.96 53.47 20.71
N ILE F 399 7.72 53.92 20.51
CA ILE F 399 6.90 54.26 21.67
C ILE F 399 6.76 53.02 22.53
N GLY F 400 6.90 53.21 23.84
CA GLY F 400 6.92 52.07 24.74
C GLY F 400 7.29 52.47 26.15
N ASP F 401 7.65 51.48 26.97
CA ASP F 401 8.11 51.69 28.34
C ASP F 401 8.56 50.35 28.89
N PRO F 402 9.72 50.29 29.57
CA PRO F 402 10.03 49.07 30.33
C PRO F 402 9.02 48.79 31.42
N ALA F 403 8.28 49.80 31.87
CA ALA F 403 7.09 49.62 32.71
C ALA F 403 5.91 50.25 31.99
N GLN F 404 5.35 49.50 31.03
CA GLN F 404 4.06 49.83 30.44
C GLN F 404 3.11 48.66 30.65
N LEU F 405 3.56 47.47 30.21
CA LEU F 405 2.94 46.19 30.49
C LEU F 405 4.05 45.17 30.62
N PRO F 406 4.89 45.27 31.66
CA PRO F 406 6.09 44.42 31.74
C PRO F 406 5.77 42.94 31.67
N ALA F 407 6.36 42.25 30.69
CA ALA F 407 6.09 40.85 30.38
C ALA F 407 6.21 39.98 31.62
N PRO F 408 5.10 39.38 32.08
CA PRO F 408 5.18 38.43 33.18
C PRO F 408 6.09 37.25 32.79
N ARG F 409 7.03 36.94 33.68
CA ARG F 409 8.04 35.93 33.40
C ARG F 409 7.54 34.55 33.79
N THR F 410 6.42 34.17 33.16
CA THR F 410 5.68 32.94 33.42
C THR F 410 5.63 32.60 34.91
N LEU F 411 6.20 31.46 35.32
CA LEU F 411 6.22 31.07 36.73
C LEU F 411 7.45 31.70 37.37
N LEU F 412 7.27 32.88 37.95
CA LEU F 412 8.36 33.55 38.65
C LEU F 412 8.74 32.76 39.91
N THR F 413 10.05 32.65 40.14
CA THR F 413 10.53 31.91 41.29
C THR F 413 11.57 32.71 42.06
N LYS F 414 12.32 33.58 41.37
CA LYS F 414 13.46 34.28 41.97
C LYS F 414 13.36 35.77 41.69
N GLY F 415 12.63 36.49 42.54
CA GLY F 415 12.65 37.95 42.56
C GLY F 415 12.21 38.65 41.30
N THR F 416 12.31 39.98 41.31
CA THR F 416 12.01 40.80 40.15
C THR F 416 13.24 41.58 39.73
N LEU F 417 13.58 41.49 38.44
CA LEU F 417 14.78 42.14 37.93
C LEU F 417 14.54 43.64 37.77
N GLU F 418 15.64 44.37 37.51
CA GLU F 418 15.55 45.80 37.30
C GLU F 418 14.70 46.09 36.05
N PRO F 419 13.80 47.08 36.11
CA PRO F 419 12.94 47.35 34.95
C PRO F 419 13.71 47.72 33.69
N GLU F 420 14.88 48.36 33.85
CA GLU F 420 15.63 48.83 32.70
C GLU F 420 15.97 47.69 31.75
N TYR F 421 16.20 46.50 32.29
CA TYR F 421 16.68 45.35 31.52
C TYR F 421 15.58 44.70 30.70
N PHE F 422 15.00 45.46 29.77
CA PHE F 422 14.09 44.90 28.76
C PHE F 422 14.84 44.39 27.54
N ASN F 423 14.10 44.20 26.45
CA ASN F 423 14.52 43.40 25.30
C ASN F 423 15.86 43.83 24.73
N SER F 424 15.90 45.01 24.10
CA SER F 424 17.16 45.56 23.62
C SER F 424 17.31 47.07 23.77
N VAL F 425 16.24 47.82 24.02
CA VAL F 425 16.27 49.27 23.94
C VAL F 425 16.05 49.95 25.29
N CYS F 426 15.48 49.26 26.27
CA CYS F 426 15.13 49.94 27.52
C CYS F 426 16.34 50.08 28.44
N ARG F 427 17.29 49.15 28.37
CA ARG F 427 18.53 49.38 29.11
C ARG F 427 19.38 50.45 28.47
N LEU F 428 19.33 50.50 27.14
CA LEU F 428 19.93 51.56 26.35
C LEU F 428 19.27 52.90 26.63
N MET F 429 18.01 52.85 27.07
CA MET F 429 17.09 53.98 27.09
C MET F 429 17.51 55.09 28.04
N LYS F 430 17.81 54.76 29.30
CA LYS F 430 18.19 55.80 30.25
C LYS F 430 19.65 55.66 30.65
N THR F 431 20.43 54.96 29.82
CA THR F 431 21.88 55.04 29.87
C THR F 431 22.44 55.96 28.81
N ILE F 432 21.66 56.24 27.77
CA ILE F 432 22.02 57.18 26.71
C ILE F 432 21.06 58.36 26.64
N GLY F 433 19.91 58.28 27.34
CA GLY F 433 18.99 59.39 27.41
C GLY F 433 17.74 59.18 26.58
N PRO F 434 16.65 59.84 26.98
CA PRO F 434 15.41 59.74 26.20
C PRO F 434 15.58 60.34 24.81
N ASP F 435 14.99 59.67 23.84
CA ASP F 435 15.16 60.03 22.44
C ASP F 435 14.41 61.29 22.03
N MET F 436 13.23 61.54 22.61
CA MET F 436 12.51 62.78 22.40
C MET F 436 12.28 63.52 23.71
N PHE F 437 12.09 64.83 23.57
CA PHE F 437 11.52 65.71 24.59
C PHE F 437 10.01 65.69 24.40
N LEU F 438 9.30 65.03 25.32
CA LEU F 438 7.88 64.78 25.12
C LEU F 438 7.24 64.41 26.44
N GLY F 439 6.22 65.18 26.82
CA GLY F 439 5.35 64.83 27.93
C GLY F 439 3.97 65.43 27.69
N THR F 440 2.93 64.61 27.70
CA THR F 440 1.60 65.04 27.28
C THR F 440 0.58 64.62 28.35
N CYS F 441 0.50 65.42 29.40
CA CYS F 441 -0.40 65.12 30.52
C CYS F 441 -1.75 65.83 30.38
N ARG F 442 -2.39 65.66 29.22
CA ARG F 442 -3.68 66.29 28.96
C ARG F 442 -4.85 65.38 29.29
N ARG F 443 -4.58 64.15 29.74
CA ARG F 443 -5.63 63.36 30.38
C ARG F 443 -5.27 63.05 31.82
N CYS F 444 -4.04 62.57 32.04
CA CYS F 444 -3.63 62.18 33.39
C CYS F 444 -3.40 63.42 34.25
N PRO F 445 -3.89 63.44 35.50
CA PRO F 445 -3.70 64.62 36.35
C PRO F 445 -2.35 64.62 37.05
N ALA F 446 -2.12 65.61 37.92
CA ALA F 446 -0.87 65.72 38.65
C ALA F 446 -0.83 64.85 39.91
N GLU F 447 -1.99 64.42 40.39
CA GLU F 447 -2.03 63.62 41.61
C GLU F 447 -1.32 62.29 41.42
N ILE F 448 -1.38 61.71 40.22
CA ILE F 448 -0.62 60.51 39.92
C ILE F 448 0.81 60.85 39.52
N VAL F 449 0.96 61.91 38.73
CA VAL F 449 2.26 62.30 38.18
C VAL F 449 3.26 62.55 39.30
N ASP F 450 2.83 63.23 40.36
CA ASP F 450 3.69 63.51 41.51
C ASP F 450 4.42 62.25 41.97
N THR F 451 3.67 61.25 42.43
CA THR F 451 4.29 60.03 42.95
C THR F 451 5.01 59.25 41.85
N VAL F 452 4.41 59.13 40.67
CA VAL F 452 4.96 58.21 39.68
C VAL F 452 6.29 58.74 39.13
N SER F 453 6.37 60.07 38.92
CA SER F 453 7.60 60.72 38.48
C SER F 453 8.61 60.86 39.60
N ALA F 454 8.17 61.02 40.84
CA ALA F 454 9.12 60.97 41.95
C ALA F 454 9.69 59.57 42.14
N LEU F 455 9.00 58.54 41.63
CA LEU F 455 9.54 57.19 41.75
C LEU F 455 10.46 56.85 40.59
N VAL F 456 9.95 56.79 39.35
CA VAL F 456 10.80 56.25 38.29
C VAL F 456 10.91 57.16 37.07
N TYR F 457 9.86 57.91 36.75
CA TYR F 457 9.89 58.74 35.56
C TYR F 457 10.22 60.19 35.88
N ASP F 458 11.49 60.43 36.22
CA ASP F 458 11.91 61.70 36.81
C ASP F 458 11.82 62.85 35.80
N ASN F 459 11.12 63.91 36.20
CA ASN F 459 11.16 65.23 35.56
C ASN F 459 10.77 65.21 34.09
N LYS F 460 10.12 64.16 33.61
CA LYS F 460 9.74 64.13 32.21
C LYS F 460 8.28 64.50 31.99
N LEU F 461 7.40 64.04 32.87
CA LEU F 461 5.98 64.36 32.78
C LEU F 461 5.64 65.54 33.67
N LYS F 462 4.68 66.34 33.23
CA LYS F 462 4.34 67.59 33.89
C LYS F 462 3.18 67.40 34.86
N ALA F 463 3.13 68.29 35.87
CA ALA F 463 1.99 68.38 36.78
C ALA F 463 0.93 69.29 36.14
N HIS F 464 0.34 68.77 35.07
CA HIS F 464 -0.45 69.62 34.18
C HIS F 464 -1.78 70.05 34.79
N LYS F 465 -2.52 69.12 35.39
CA LYS F 465 -3.85 69.41 35.91
C LYS F 465 -3.91 69.19 37.41
N ASP F 466 -4.60 70.10 38.09
CA ASP F 466 -4.71 70.09 39.54
C ASP F 466 -5.82 69.13 39.99
N LYS F 467 -6.01 68.98 41.29
CA LYS F 467 -7.00 68.05 41.84
C LYS F 467 -7.88 68.81 42.82
N SER F 468 -9.14 68.36 42.94
CA SER F 468 -10.11 69.05 43.77
C SER F 468 -10.31 68.36 45.11
N ALA F 469 -9.24 67.74 45.63
CA ALA F 469 -9.22 67.11 46.96
C ALA F 469 -10.33 66.07 47.10
N GLN F 470 -10.37 65.17 46.11
CA GLN F 470 -11.30 64.04 46.21
C GLN F 470 -10.54 62.71 46.22
N CYS F 471 -9.25 62.71 45.95
CA CYS F 471 -8.42 61.51 45.98
C CYS F 471 -8.52 60.85 47.34
N PHE F 472 -8.56 59.52 47.34
CA PHE F 472 -9.04 58.75 48.48
C PHE F 472 -7.88 58.15 49.26
N LYS F 473 -7.87 58.37 50.58
CA LYS F 473 -6.97 57.69 51.48
C LYS F 473 -7.73 57.10 52.67
N MET F 474 -7.34 55.88 53.03
N MET F 474 -7.34 55.88 53.03
CA MET F 474 -7.86 55.26 54.25
CA MET F 474 -7.86 55.26 54.25
C MET F 474 -6.87 54.20 54.73
C MET F 474 -6.87 54.20 54.73
N PHE F 475 -6.23 54.45 55.88
CA PHE F 475 -5.22 53.55 56.40
C PHE F 475 -5.80 52.17 56.67
N TYR F 476 -5.14 51.14 56.14
CA TYR F 476 -5.65 49.78 56.19
C TYR F 476 -4.51 48.80 56.00
N LYS F 477 -4.49 47.74 56.80
CA LYS F 477 -3.48 46.70 56.68
C LYS F 477 -3.99 45.56 55.81
N GLY F 478 -5.10 44.96 56.21
CA GLY F 478 -5.75 43.95 55.38
C GLY F 478 -5.37 42.52 55.71
N VAL F 479 -6.25 41.59 55.30
CA VAL F 479 -6.02 40.15 55.47
C VAL F 479 -6.16 39.50 54.11
N ILE F 480 -5.52 38.35 53.94
CA ILE F 480 -5.44 37.69 52.64
C ILE F 480 -6.03 36.29 52.74
N THR F 481 -6.47 35.80 51.58
CA THR F 481 -6.98 34.44 51.44
C THR F 481 -6.80 34.03 49.98
N HIS F 482 -5.92 33.06 49.75
CA HIS F 482 -5.50 32.70 48.39
C HIS F 482 -6.09 31.36 47.98
N ASP F 483 -6.09 31.14 46.67
CA ASP F 483 -6.55 29.90 46.06
C ASP F 483 -5.38 29.25 45.32
N VAL F 484 -5.69 28.20 44.55
CA VAL F 484 -4.65 27.49 43.81
C VAL F 484 -4.04 28.36 42.72
N SER F 485 -4.82 29.27 42.13
CA SER F 485 -4.32 30.12 41.06
C SER F 485 -4.67 31.59 41.18
N SER F 486 -5.52 31.97 42.13
CA SER F 486 -5.90 33.36 42.36
C SER F 486 -6.16 33.55 43.85
N ALA F 487 -6.83 34.64 44.20
CA ALA F 487 -7.16 34.95 45.57
C ALA F 487 -8.37 35.88 45.59
N ILE F 488 -9.20 35.74 46.62
CA ILE F 488 -10.38 36.56 46.82
C ILE F 488 -10.23 37.32 48.13
N ASN F 489 -10.62 38.58 48.13
CA ASN F 489 -10.28 39.51 49.20
C ASN F 489 -11.48 39.82 50.08
N ARG F 490 -11.30 39.60 51.37
CA ARG F 490 -12.33 40.00 52.33
C ARG F 490 -12.25 41.48 52.70
N PRO F 491 -11.14 41.92 53.34
CA PRO F 491 -11.15 43.19 53.89
C PRO F 491 -11.13 44.44 53.00
N GLN F 492 -10.22 44.59 52.01
CA GLN F 492 -10.28 45.80 51.21
C GLN F 492 -11.43 45.76 50.23
N ILE F 493 -11.94 44.58 49.89
CA ILE F 493 -13.19 44.49 49.12
C ILE F 493 -14.36 45.04 49.94
N GLY F 494 -14.46 44.63 51.20
CA GLY F 494 -15.53 45.15 52.05
C GLY F 494 -15.39 46.65 52.27
N VAL F 495 -14.14 47.12 52.41
CA VAL F 495 -13.90 48.55 52.63
C VAL F 495 -14.25 49.33 51.36
N VAL F 496 -13.99 48.75 50.20
CA VAL F 496 -14.36 49.39 48.93
C VAL F 496 -15.88 49.46 48.80
N ARG F 497 -16.56 48.37 49.15
CA ARG F 497 -18.03 48.38 49.17
C ARG F 497 -18.55 49.51 50.04
N GLU F 498 -18.20 49.49 51.33
CA GLU F 498 -18.70 50.48 52.27
C GLU F 498 -18.17 51.88 52.00
N PHE F 499 -17.14 52.03 51.17
CA PHE F 499 -16.73 53.34 50.69
C PHE F 499 -17.62 53.84 49.56
N LEU F 500 -17.94 52.97 48.60
CA LEU F 500 -18.86 53.33 47.53
C LEU F 500 -20.28 53.56 48.03
N THR F 501 -20.63 53.01 49.19
CA THR F 501 -21.93 53.32 49.79
C THR F 501 -22.00 54.72 50.41
N ARG F 502 -20.87 55.43 50.50
CA ARG F 502 -20.89 56.76 51.08
C ARG F 502 -21.07 57.87 50.04
N ASN F 503 -20.44 57.74 48.88
CA ASN F 503 -20.47 58.76 47.85
C ASN F 503 -21.49 58.41 46.77
N PRO F 504 -22.36 59.35 46.39
CA PRO F 504 -23.39 59.07 45.38
C PRO F 504 -22.82 58.74 44.01
N ALA F 505 -21.98 59.63 43.48
CA ALA F 505 -21.49 59.49 42.11
C ALA F 505 -20.17 58.73 42.05
N TRP F 506 -20.13 57.53 42.61
CA TRP F 506 -18.94 56.68 42.52
C TRP F 506 -19.23 55.34 41.87
N ARG F 507 -20.49 55.03 41.56
CA ARG F 507 -20.84 53.78 40.89
C ARG F 507 -20.81 53.96 39.37
N LYS F 508 -19.73 54.58 38.88
CA LYS F 508 -19.48 54.69 37.45
C LYS F 508 -18.00 54.40 37.20
N ALA F 509 -17.46 53.41 37.90
CA ALA F 509 -16.04 53.10 37.83
C ALA F 509 -15.81 51.69 37.31
N VAL F 510 -14.54 51.26 37.30
CA VAL F 510 -14.17 49.93 36.83
C VAL F 510 -13.73 49.11 38.04
N PHE F 511 -13.71 47.79 37.87
CA PHE F 511 -13.44 46.87 38.97
C PHE F 511 -12.31 45.91 38.64
N ILE F 512 -11.18 46.46 38.17
CA ILE F 512 -10.08 45.60 37.74
C ILE F 512 -9.55 44.77 38.90
N SER F 513 -8.93 43.64 38.55
CA SER F 513 -8.53 42.64 39.52
C SER F 513 -7.19 42.02 39.12
N PRO F 514 -6.31 41.73 40.08
CA PRO F 514 -5.08 41.01 39.74
C PRO F 514 -5.34 39.68 39.04
N TYR F 515 -6.40 38.99 39.44
CA TYR F 515 -6.92 37.84 38.70
C TYR F 515 -8.44 37.98 38.65
N ASN F 516 -9.03 37.51 37.55
CA ASN F 516 -10.44 37.76 37.25
C ASN F 516 -11.39 37.22 38.32
N SER F 517 -10.85 36.43 39.26
CA SER F 517 -11.67 35.87 40.33
C SER F 517 -12.35 36.95 41.17
N GLN F 518 -11.70 38.09 41.37
CA GLN F 518 -12.28 39.14 42.22
C GLN F 518 -13.58 39.67 41.63
N ASN F 519 -13.54 40.10 40.36
CA ASN F 519 -14.76 40.59 39.71
C ASN F 519 -15.74 39.46 39.46
N ALA F 520 -15.24 38.23 39.25
CA ALA F 520 -16.13 37.10 39.07
C ALA F 520 -16.97 36.85 40.34
N VAL F 521 -16.34 36.96 41.50
CA VAL F 521 -17.07 36.80 42.76
C VAL F 521 -17.99 38.00 42.99
N ALA F 522 -17.51 39.21 42.69
CA ALA F 522 -18.31 40.41 42.91
C ALA F 522 -19.52 40.50 41.99
N SER F 523 -19.47 39.89 40.81
CA SER F 523 -20.59 39.98 39.88
C SER F 523 -21.81 39.25 40.39
N LYS F 524 -21.63 38.29 41.29
CA LYS F 524 -22.73 37.51 41.82
C LYS F 524 -23.66 38.31 42.73
N ILE F 525 -23.16 39.34 43.42
CA ILE F 525 -23.97 40.07 44.37
C ILE F 525 -24.07 41.56 44.05
N LEU F 526 -23.10 42.14 43.33
CA LEU F 526 -23.31 43.51 42.86
C LEU F 526 -23.37 43.58 41.34
N GLY F 527 -22.34 43.09 40.66
CA GLY F 527 -22.37 43.00 39.22
C GLY F 527 -21.60 44.07 38.45
N LEU F 528 -20.46 44.50 38.97
CA LEU F 528 -19.64 45.45 38.24
C LEU F 528 -18.95 44.75 37.07
N PRO F 529 -18.65 45.46 35.99
CA PRO F 529 -18.14 44.80 34.78
C PRO F 529 -16.78 44.14 34.99
N THR F 530 -16.54 43.11 34.19
CA THR F 530 -15.29 42.36 34.24
C THR F 530 -14.13 43.20 33.72
N GLN F 531 -13.01 43.12 34.43
CA GLN F 531 -11.79 43.84 34.05
C GLN F 531 -10.59 42.99 34.42
N THR F 532 -9.56 43.04 33.57
CA THR F 532 -8.34 42.26 33.77
C THR F 532 -7.13 43.17 33.76
N VAL F 533 -6.13 42.81 34.58
CA VAL F 533 -4.90 43.58 34.69
C VAL F 533 -3.97 43.22 33.55
N ASP F 534 -4.38 42.28 32.71
CA ASP F 534 -3.57 41.84 31.58
C ASP F 534 -3.29 43.00 30.64
N SER F 535 -4.32 43.54 30.01
CA SER F 535 -4.19 44.66 29.09
C SER F 535 -5.52 45.39 29.00
N SER F 536 -5.62 46.54 29.67
CA SER F 536 -6.73 47.45 29.44
C SER F 536 -6.44 48.24 28.17
N GLN F 537 -6.52 47.55 27.03
CA GLN F 537 -5.99 48.05 25.76
C GLN F 537 -6.67 49.34 25.31
N GLY F 538 -5.94 50.45 25.38
CA GLY F 538 -6.43 51.73 24.88
C GLY F 538 -7.73 52.21 25.51
N SER F 539 -8.03 51.76 26.73
CA SER F 539 -9.27 52.11 27.41
C SER F 539 -8.91 52.67 28.78
N GLU F 540 -8.77 53.99 28.86
CA GLU F 540 -8.42 54.67 30.10
C GLU F 540 -9.57 55.60 30.48
N TYR F 541 -10.03 55.49 31.72
CA TYR F 541 -11.17 56.25 32.21
C TYR F 541 -10.84 56.86 33.56
N ASP F 542 -11.60 57.89 33.93
CA ASP F 542 -11.26 58.73 35.08
C ASP F 542 -11.50 58.03 36.41
N TYR F 543 -12.76 57.71 36.70
CA TYR F 543 -13.09 57.12 37.99
C TYR F 543 -12.92 55.61 37.95
N VAL F 544 -12.30 55.07 38.99
CA VAL F 544 -11.77 53.70 38.96
C VAL F 544 -11.80 53.13 40.37
N ILE F 545 -12.10 51.85 40.47
CA ILE F 545 -11.91 51.09 41.70
C ILE F 545 -10.82 50.06 41.43
N PHE F 546 -9.68 50.22 42.11
CA PHE F 546 -8.57 49.30 41.96
C PHE F 546 -8.46 48.40 43.19
N THR F 547 -8.06 47.16 42.96
CA THR F 547 -7.97 46.16 44.01
C THR F 547 -6.70 45.35 43.83
N GLN F 548 -6.21 44.78 44.93
CA GLN F 548 -4.95 44.03 44.94
C GLN F 548 -5.06 42.62 45.50
N THR F 549 -5.96 42.39 46.47
CA THR F 549 -6.10 41.10 47.14
C THR F 549 -4.76 40.63 47.71
N THR F 550 -4.06 39.77 46.98
CA THR F 550 -2.75 39.28 47.37
C THR F 550 -1.69 39.97 46.54
N GLU F 551 -0.73 40.62 47.20
CA GLU F 551 0.34 41.36 46.54
C GLU F 551 1.66 41.03 47.24
N THR F 552 2.33 39.98 46.76
CA THR F 552 3.60 39.57 47.35
C THR F 552 4.77 39.85 46.41
N ALA F 553 4.71 39.33 45.19
CA ALA F 553 5.83 39.42 44.25
C ALA F 553 5.42 39.94 42.88
N HIS F 554 4.14 39.82 42.51
CA HIS F 554 3.71 40.29 41.20
C HIS F 554 3.16 41.71 41.23
N SER F 555 2.74 42.22 42.38
CA SER F 555 2.08 43.53 42.38
C SER F 555 2.86 44.60 43.12
N CYS F 556 3.14 44.39 44.40
CA CYS F 556 3.67 45.45 45.26
C CYS F 556 5.19 45.39 45.33
N ASN F 557 5.81 45.32 44.15
CA ASN F 557 7.26 45.24 44.09
C ASN F 557 7.90 46.45 43.40
N VAL F 558 7.54 46.65 42.14
CA VAL F 558 8.13 47.68 41.29
C VAL F 558 6.99 48.19 40.41
N ASN F 559 7.30 49.03 39.42
CA ASN F 559 6.26 49.58 38.55
C ASN F 559 5.72 48.54 37.57
N ARG F 560 5.25 47.40 38.09
CA ARG F 560 4.56 46.43 37.26
C ARG F 560 3.26 47.00 36.72
N PHE F 561 2.55 47.77 37.54
CA PHE F 561 1.31 48.41 37.12
C PHE F 561 1.23 49.85 37.61
N ASN F 562 2.37 50.53 37.77
CA ASN F 562 2.32 51.94 38.13
C ASN F 562 1.68 52.77 37.03
N VAL F 563 1.69 52.28 35.80
CA VAL F 563 0.86 52.84 34.74
C VAL F 563 -0.62 52.57 34.99
N ALA F 564 -0.97 51.40 35.53
CA ALA F 564 -2.32 51.15 35.99
C ALA F 564 -2.66 51.94 37.24
N ILE F 565 -1.68 52.60 37.85
CA ILE F 565 -1.95 53.61 38.85
C ILE F 565 -2.22 54.96 38.19
N THR F 566 -1.80 55.14 36.94
CA THR F 566 -2.16 56.33 36.18
C THR F 566 -3.55 56.17 35.60
N ARG F 567 -4.52 55.85 36.46
CA ARG F 567 -5.87 55.54 36.01
C ARG F 567 -6.60 56.80 35.54
N ALA F 568 -6.52 57.86 36.34
CA ALA F 568 -7.56 58.86 36.41
C ALA F 568 -7.33 60.03 35.47
N LYS F 569 -8.29 60.95 35.47
CA LYS F 569 -8.15 62.27 34.87
C LYS F 569 -8.40 63.40 35.85
N VAL F 570 -9.44 63.31 36.69
CA VAL F 570 -9.68 64.30 37.73
C VAL F 570 -9.98 63.63 39.07
N GLY F 571 -9.76 62.30 39.16
CA GLY F 571 -10.03 61.62 40.40
C GLY F 571 -9.89 60.11 40.37
N ILE F 572 -9.30 59.53 41.42
CA ILE F 572 -8.81 58.16 41.40
C ILE F 572 -9.18 57.43 42.69
N LEU F 573 -9.15 56.10 42.61
CA LEU F 573 -9.00 55.22 43.77
C LEU F 573 -7.94 54.18 43.43
N CYS F 574 -7.00 53.97 44.33
CA CYS F 574 -5.92 52.98 44.13
C CYS F 574 -5.65 52.32 45.49
N ILE F 575 -6.26 51.16 45.70
CA ILE F 575 -6.11 50.47 46.97
C ILE F 575 -4.71 49.85 47.05
N MET F 576 -4.04 50.07 48.17
CA MET F 576 -2.72 49.51 48.42
C MET F 576 -2.70 48.98 49.85
N SER F 577 -2.43 47.68 49.99
CA SER F 577 -2.52 47.02 51.28
C SER F 577 -1.16 46.85 51.96
N ASP F 578 -0.12 47.45 51.41
CA ASP F 578 1.22 47.41 51.98
C ASP F 578 1.66 48.83 52.33
N ARG F 579 2.85 48.94 52.92
CA ARG F 579 3.37 50.19 53.45
C ARG F 579 4.67 50.61 52.76
N ASP F 580 4.73 50.47 51.44
CA ASP F 580 5.92 50.86 50.67
C ASP F 580 5.60 52.00 49.72
N LEU F 581 4.57 51.89 48.90
CA LEU F 581 4.23 52.93 47.93
C LEU F 581 3.31 54.01 48.51
N TYR F 582 3.69 54.57 49.67
CA TYR F 582 2.97 55.69 50.26
C TYR F 582 3.92 56.72 50.87
N ASP F 583 5.23 56.50 50.80
CA ASP F 583 6.25 57.24 51.51
C ASP F 583 5.97 58.74 51.61
N LYS F 584 5.62 59.37 50.49
CA LYS F 584 5.26 60.79 50.50
C LYS F 584 3.93 61.07 49.79
N LEU F 585 3.15 60.03 49.48
CA LEU F 585 1.83 60.23 48.92
C LEU F 585 0.93 60.95 49.92
N GLN F 586 0.20 61.95 49.44
CA GLN F 586 -0.57 62.85 50.30
C GLN F 586 -2.06 62.80 49.97
N PHE F 587 -2.61 61.60 49.80
CA PHE F 587 -4.05 61.47 49.59
C PHE F 587 -4.79 61.93 50.84
N THR F 588 -6.00 62.44 50.64
CA THR F 588 -6.75 63.07 51.73
C THR F 588 -7.04 62.06 52.84
N SER F 589 -6.57 62.37 54.04
CA SER F 589 -6.66 61.44 55.18
C SER F 589 -8.07 61.48 55.75
N LEU F 590 -8.78 60.37 55.63
CA LEU F 590 -10.10 60.19 56.23
C LEU F 590 -10.18 58.82 56.88
N GLU F 591 -10.90 58.76 58.00
CA GLU F 591 -10.93 57.56 58.82
C GLU F 591 -11.83 56.49 58.21
N ILE F 592 -11.64 55.25 58.67
CA ILE F 592 -12.45 54.13 58.23
C ILE F 592 -13.86 54.32 58.78
N PRO F 593 -14.91 53.86 58.07
CA PRO F 593 -16.28 53.98 58.56
C PRO F 593 -16.66 52.83 59.50
N ASN G 1 -7.27 -31.83 -60.59
CA ASN G 1 -6.73 -33.07 -60.09
C ASN G 1 -6.23 -33.44 -58.71
N ASN G 2 -7.00 -34.09 -57.88
CA ASN G 2 -6.52 -34.34 -56.51
C ASN G 2 -6.80 -35.74 -56.40
N GLU G 3 -5.79 -36.56 -56.55
CA GLU G 3 -5.99 -37.94 -56.61
C GLU G 3 -5.88 -38.62 -55.30
N LEU G 4 -6.43 -39.81 -55.17
CA LEU G 4 -6.45 -40.51 -53.90
C LEU G 4 -5.43 -41.57 -53.83
N SER G 5 -4.13 -41.31 -53.80
CA SER G 5 -3.01 -42.23 -53.60
C SER G 5 -2.62 -42.98 -54.87
N PRO G 6 -1.97 -42.19 -55.82
CA PRO G 6 -1.51 -42.82 -57.07
C PRO G 6 -0.61 -44.04 -56.89
N VAL G 7 0.50 -43.84 -56.20
CA VAL G 7 1.36 -44.95 -55.94
C VAL G 7 0.61 -45.76 -54.91
N ALA G 8 0.39 -47.03 -55.20
CA ALA G 8 -0.38 -47.86 -54.32
C ALA G 8 0.39 -48.45 -53.18
N LEU G 9 -0.01 -49.64 -52.75
CA LEU G 9 0.62 -50.27 -51.62
C LEU G 9 0.70 -51.79 -51.89
N ARG G 10 1.28 -52.57 -50.98
CA ARG G 10 1.44 -54.04 -51.18
C ARG G 10 1.23 -55.08 -50.05
N GLN G 11 0.46 -56.15 -50.28
CA GLN G 11 0.28 -57.30 -49.31
C GLN G 11 -0.90 -57.56 -48.33
N MET G 12 -1.21 -58.85 -48.08
CA MET G 12 -2.32 -59.26 -47.23
C MET G 12 -2.20 -60.68 -46.64
N SER G 13 -1.86 -60.85 -45.33
CA SER G 13 -1.64 -62.19 -44.73
C SER G 13 -1.73 -62.31 -43.20
N CYS G 14 -1.99 -63.51 -42.62
CA CYS G 14 -1.98 -63.81 -41.11
C CYS G 14 -3.08 -64.40 -40.15
N ALA G 15 -4.07 -63.68 -39.54
CA ALA G 15 -5.06 -64.30 -38.53
C ALA G 15 -6.23 -63.50 -37.91
N ALA G 16 -7.12 -64.19 -37.15
CA ALA G 16 -8.30 -63.53 -36.45
C ALA G 16 -9.18 -64.35 -35.46
N GLY G 17 -10.01 -63.73 -34.61
CA GLY G 17 -10.93 -64.39 -33.70
C GLY G 17 -12.11 -63.53 -33.30
N THR G 18 -12.79 -63.92 -32.23
CA THR G 18 -13.95 -63.16 -31.75
C THR G 18 -13.88 -62.82 -30.27
N THR G 19 -13.10 -63.55 -29.45
CA THR G 19 -12.99 -63.28 -28.02
C THR G 19 -11.51 -63.38 -27.65
N GLN G 20 -10.80 -62.25 -27.74
CA GLN G 20 -9.40 -62.14 -27.33
C GLN G 20 -8.52 -63.17 -28.02
N THR G 21 -8.26 -64.29 -27.33
CA THR G 21 -7.34 -65.32 -27.80
C THR G 21 -8.00 -66.29 -28.78
N ALA G 22 -9.11 -65.91 -29.41
CA ALA G 22 -9.78 -66.80 -30.36
C ALA G 22 -9.05 -66.88 -31.70
N CYS G 23 -8.02 -66.07 -31.91
CA CYS G 23 -7.26 -66.08 -33.16
C CYS G 23 -6.35 -67.30 -33.17
N THR G 24 -6.71 -68.32 -33.96
CA THR G 24 -5.97 -69.57 -33.89
C THR G 24 -4.87 -69.67 -34.95
N ASP G 25 -5.23 -69.73 -36.23
CA ASP G 25 -4.19 -69.85 -37.25
C ASP G 25 -4.21 -68.72 -38.26
N ASP G 26 -5.30 -68.61 -39.03
CA ASP G 26 -5.44 -67.57 -40.04
C ASP G 26 -6.88 -67.49 -40.52
N ASN G 27 -7.57 -66.38 -40.23
CA ASN G 27 -8.96 -66.20 -40.66
C ASN G 27 -9.15 -64.75 -41.10
N ALA G 28 -8.21 -64.23 -41.89
CA ALA G 28 -8.34 -62.86 -42.36
C ALA G 28 -7.47 -62.58 -43.59
N LEU G 29 -7.99 -61.83 -44.52
CA LEU G 29 -7.16 -61.40 -45.58
C LEU G 29 -6.87 -60.02 -44.95
N ALA G 30 -5.99 -59.98 -43.95
CA ALA G 30 -5.62 -58.71 -43.38
C ALA G 30 -4.82 -57.95 -44.40
N TYR G 31 -5.39 -56.96 -45.04
CA TYR G 31 -4.74 -56.16 -46.07
C TYR G 31 -3.76 -55.00 -45.85
N TYR G 32 -2.81 -54.79 -46.78
CA TYR G 32 -1.84 -53.65 -46.87
C TYR G 32 -0.82 -52.95 -46.00
N ASN G 33 -0.01 -52.13 -46.66
CA ASN G 33 1.03 -51.33 -46.01
C ASN G 33 2.10 -51.79 -45.11
N THR G 34 3.33 -51.62 -45.59
CA THR G 34 4.49 -51.91 -44.78
C THR G 34 5.13 -50.55 -44.75
N THR G 35 4.82 -49.72 -43.77
CA THR G 35 5.31 -48.32 -43.71
C THR G 35 6.82 -48.19 -43.58
N LYS G 36 7.35 -46.97 -43.58
CA LYS G 36 8.80 -46.91 -43.57
C LYS G 36 9.38 -47.18 -42.18
N GLY G 37 8.62 -46.91 -41.12
CA GLY G 37 9.03 -47.27 -39.78
C GLY G 37 8.71 -48.68 -39.36
N GLY G 38 7.92 -49.41 -40.13
CA GLY G 38 7.57 -50.77 -39.80
C GLY G 38 6.23 -51.16 -40.40
N ARG G 39 5.93 -52.46 -40.29
CA ARG G 39 4.69 -53.00 -40.83
C ARG G 39 3.49 -52.50 -40.05
N PHE G 40 2.57 -51.81 -40.72
CA PHE G 40 1.37 -51.24 -40.09
C PHE G 40 0.21 -51.52 -41.04
N VAL G 41 -0.65 -52.46 -40.65
CA VAL G 41 -1.72 -52.95 -41.50
C VAL G 41 -2.84 -51.92 -41.54
N LEU G 42 -3.59 -51.91 -42.64
CA LEU G 42 -4.70 -50.97 -42.82
C LEU G 42 -6.05 -51.65 -42.87
N ALA G 43 -6.25 -52.61 -43.77
CA ALA G 43 -7.58 -53.16 -44.05
C ALA G 43 -7.63 -54.65 -43.73
N LEU G 44 -8.83 -55.10 -43.34
CA LEU G 44 -9.08 -56.50 -43.00
C LEU G 44 -10.26 -57.03 -43.81
N LEU G 45 -10.08 -58.20 -44.40
CA LEU G 45 -11.13 -58.87 -45.16
C LEU G 45 -11.33 -60.27 -44.59
N SER G 46 -12.57 -60.75 -44.63
CA SER G 46 -12.92 -61.97 -43.89
C SER G 46 -13.85 -62.82 -44.75
N ASP G 47 -13.33 -63.97 -45.22
CA ASP G 47 -14.18 -64.96 -45.88
C ASP G 47 -15.24 -65.51 -44.94
N LEU G 48 -15.06 -65.32 -43.63
CA LEU G 48 -16.04 -65.72 -42.63
C LEU G 48 -17.16 -64.69 -42.57
N GLN G 49 -18.01 -64.78 -41.55
CA GLN G 49 -19.19 -63.91 -41.47
C GLN G 49 -19.26 -63.06 -40.22
N ASP G 50 -18.49 -63.35 -39.17
CA ASP G 50 -18.58 -62.58 -37.94
C ASP G 50 -17.29 -62.71 -37.16
N LEU G 51 -16.54 -61.62 -37.04
CA LEU G 51 -15.34 -61.59 -36.22
C LEU G 51 -15.24 -60.21 -35.57
N LYS G 52 -14.77 -60.21 -34.33
CA LYS G 52 -14.51 -58.95 -33.65
C LYS G 52 -13.03 -58.78 -33.32
N TRP G 53 -12.16 -59.72 -33.66
CA TRP G 53 -10.81 -59.70 -33.11
C TRP G 53 -9.84 -60.29 -34.11
N ALA G 54 -8.56 -59.95 -33.95
CA ALA G 54 -7.51 -60.47 -34.81
C ALA G 54 -6.18 -60.35 -34.07
N ARG G 55 -5.12 -60.93 -34.65
CA ARG G 55 -3.79 -60.84 -34.06
C ARG G 55 -2.72 -60.87 -35.14
N PHE G 56 -2.21 -59.70 -35.52
CA PHE G 56 -1.20 -59.64 -36.57
C PHE G 56 0.20 -59.76 -35.98
N PRO G 57 1.00 -60.73 -36.41
CA PRO G 57 2.38 -60.83 -35.93
C PRO G 57 3.33 -59.92 -36.70
N LYS G 58 4.36 -59.40 -36.04
CA LYS G 58 5.27 -58.48 -36.69
C LYS G 58 6.61 -58.46 -35.95
N SER G 59 7.67 -58.21 -36.70
CA SER G 59 9.03 -57.98 -36.21
C SER G 59 9.43 -58.91 -35.08
N ASP G 60 9.19 -58.48 -33.83
CA ASP G 60 9.67 -59.20 -32.67
C ASP G 60 8.90 -60.50 -32.42
N GLY G 61 7.67 -60.59 -32.92
CA GLY G 61 6.86 -61.76 -32.66
C GLY G 61 6.19 -61.69 -31.31
N THR G 62 6.98 -61.42 -30.26
CA THR G 62 6.40 -61.17 -28.95
C THR G 62 5.46 -59.98 -28.96
N GLY G 63 5.75 -58.97 -29.76
CA GLY G 63 4.82 -57.87 -29.92
C GLY G 63 3.89 -58.12 -31.08
N THR G 64 2.69 -58.63 -30.78
CA THR G 64 1.64 -58.86 -31.77
C THR G 64 0.32 -58.48 -31.12
N ILE G 65 -0.33 -57.45 -31.66
CA ILE G 65 -1.36 -56.73 -30.93
C ILE G 65 -2.72 -57.39 -31.14
N TYR G 66 -3.52 -57.48 -30.07
CA TYR G 66 -4.89 -57.95 -30.16
C TYR G 66 -5.77 -56.77 -30.55
N THR G 67 -6.00 -56.64 -31.85
CA THR G 67 -6.67 -55.47 -32.42
C THR G 67 -8.18 -55.53 -32.17
N GLU G 68 -8.78 -54.39 -31.85
CA GLU G 68 -10.24 -54.26 -31.73
C GLU G 68 -10.82 -53.84 -33.08
N LEU G 69 -11.75 -54.62 -33.61
CA LEU G 69 -12.34 -54.32 -34.91
C LEU G 69 -13.63 -53.51 -34.76
N GLU G 70 -14.38 -53.37 -35.86
CA GLU G 70 -15.60 -52.55 -35.87
C GLU G 70 -16.67 -53.34 -36.60
N PRO G 71 -17.94 -52.94 -36.47
CA PRO G 71 -19.03 -53.63 -37.18
C PRO G 71 -18.77 -53.70 -38.68
N PRO G 72 -19.07 -54.85 -39.29
CA PRO G 72 -18.62 -55.08 -40.68
C PRO G 72 -19.59 -54.54 -41.72
N CYS G 73 -19.12 -54.58 -42.96
CA CYS G 73 -19.92 -54.38 -44.17
C CYS G 73 -19.72 -55.58 -45.08
N ARG G 74 -20.64 -55.77 -46.03
CA ARG G 74 -20.66 -56.96 -46.86
C ARG G 74 -20.75 -56.60 -48.34
N PHE G 75 -20.06 -57.37 -49.19
CA PHE G 75 -20.19 -57.20 -50.63
C PHE G 75 -19.75 -58.48 -51.34
N VAL G 76 -20.13 -58.60 -52.60
CA VAL G 76 -19.78 -59.75 -53.42
C VAL G 76 -18.77 -59.28 -54.45
N THR G 77 -17.90 -60.19 -54.88
CA THR G 77 -16.75 -59.84 -55.71
C THR G 77 -16.84 -60.47 -57.09
N ASP G 78 -16.32 -59.75 -58.09
CA ASP G 78 -16.24 -60.26 -59.46
C ASP G 78 -14.91 -60.97 -59.69
N THR G 79 -14.66 -62.03 -58.91
CA THR G 79 -13.46 -62.82 -59.10
C THR G 79 -13.68 -63.82 -60.24
N PRO G 80 -12.61 -64.32 -60.85
CA PRO G 80 -12.76 -65.42 -61.82
C PRO G 80 -13.33 -66.68 -61.17
N LYS G 81 -13.25 -66.78 -59.84
CA LYS G 81 -13.83 -67.91 -59.13
C LYS G 81 -15.34 -67.95 -59.28
N GLY G 82 -15.99 -66.80 -59.24
CA GLY G 82 -17.42 -66.72 -59.35
C GLY G 82 -18.04 -66.18 -58.09
N PRO G 83 -18.93 -66.96 -57.48
CA PRO G 83 -19.56 -66.50 -56.23
C PRO G 83 -18.57 -66.55 -55.10
N LYS G 84 -18.17 -65.38 -54.60
CA LYS G 84 -17.23 -65.26 -53.48
C LYS G 84 -17.70 -64.09 -52.63
N VAL G 85 -17.90 -64.35 -51.34
CA VAL G 85 -18.43 -63.37 -50.39
C VAL G 85 -17.47 -63.23 -49.21
N LYS G 86 -17.14 -61.99 -48.87
CA LYS G 86 -16.49 -61.66 -47.61
C LYS G 86 -17.29 -60.59 -46.89
N TYR G 87 -16.85 -60.32 -45.66
CA TYR G 87 -17.42 -59.30 -44.81
C TYR G 87 -16.29 -58.34 -44.44
N LEU G 88 -16.40 -57.09 -44.90
CA LEU G 88 -15.32 -56.14 -44.80
C LEU G 88 -15.19 -55.60 -43.37
N TYR G 89 -13.95 -55.38 -42.95
CA TYR G 89 -13.65 -54.72 -41.68
C TYR G 89 -12.51 -53.74 -41.87
N PHE G 90 -12.49 -52.71 -41.02
CA PHE G 90 -11.33 -51.86 -40.84
C PHE G 90 -10.91 -51.88 -39.38
N ILE G 91 -9.61 -51.75 -39.14
CA ILE G 91 -9.09 -51.57 -37.78
C ILE G 91 -9.71 -50.31 -37.21
N LYS G 92 -10.14 -50.36 -35.96
CA LYS G 92 -10.85 -49.24 -35.36
C LYS G 92 -9.95 -48.01 -35.26
N GLY G 93 -10.55 -46.84 -35.41
CA GLY G 93 -9.81 -45.59 -35.41
C GLY G 93 -9.14 -45.23 -36.72
N LEU G 94 -9.31 -46.03 -37.76
CA LEU G 94 -8.71 -45.73 -39.06
C LEU G 94 -9.38 -44.49 -39.65
N ASN G 95 -8.57 -43.48 -39.94
CA ASN G 95 -9.09 -42.21 -40.43
C ASN G 95 -9.62 -42.36 -41.85
N ASN G 96 -10.33 -41.34 -42.31
CA ASN G 96 -11.05 -41.40 -43.59
C ASN G 96 -10.10 -41.59 -44.77
N LEU G 97 -8.95 -40.92 -44.75
CA LEU G 97 -8.04 -40.99 -45.88
C LEU G 97 -7.51 -42.40 -46.10
N ASN G 98 -7.21 -43.13 -45.03
CA ASN G 98 -6.70 -44.49 -45.18
C ASN G 98 -7.75 -45.42 -45.76
N ARG G 99 -8.99 -45.33 -45.26
CA ARG G 99 -10.05 -46.15 -45.83
C ARG G 99 -10.28 -45.81 -47.30
N GLY G 100 -10.25 -44.52 -47.64
CA GLY G 100 -10.34 -44.14 -49.05
C GLY G 100 -9.22 -44.74 -49.87
N MET G 101 -8.01 -44.73 -49.32
CA MET G 101 -6.86 -45.31 -50.03
C MET G 101 -7.08 -46.79 -50.32
N VAL G 102 -7.41 -47.57 -49.30
CA VAL G 102 -7.54 -49.01 -49.49
C VAL G 102 -8.75 -49.33 -50.37
N LEU G 103 -9.86 -48.61 -50.19
CA LEU G 103 -11.04 -48.86 -51.03
C LEU G 103 -10.75 -48.54 -52.49
N GLY G 104 -10.11 -47.40 -52.75
CA GLY G 104 -9.78 -47.05 -54.12
C GLY G 104 -8.85 -48.04 -54.77
N SER G 105 -7.80 -48.45 -54.04
CA SER G 105 -6.86 -49.39 -54.61
C SER G 105 -7.52 -50.74 -54.88
N LEU G 106 -8.30 -51.24 -53.93
CA LEU G 106 -8.98 -52.51 -54.07
C LEU G 106 -9.97 -52.48 -55.23
N ALA G 107 -10.69 -51.37 -55.39
CA ALA G 107 -11.70 -51.28 -56.44
C ALA G 107 -11.10 -51.03 -57.82
N ALA G 108 -9.98 -50.31 -57.91
CA ALA G 108 -9.42 -49.91 -59.20
C ALA G 108 -8.35 -50.85 -59.71
N THR G 109 -7.70 -51.62 -58.85
CA THR G 109 -6.70 -52.60 -59.28
C THR G 109 -7.28 -53.99 -59.48
N VAL G 110 -8.18 -54.43 -58.59
CA VAL G 110 -8.84 -55.71 -58.70
C VAL G 110 -10.34 -55.46 -58.85
N ARG G 111 -11.01 -56.34 -59.58
CA ARG G 111 -12.42 -56.18 -59.88
C ARG G 111 -13.27 -56.69 -58.72
N LEU G 112 -14.31 -55.92 -58.37
CA LEU G 112 -15.27 -56.28 -57.35
C LEU G 112 -16.67 -56.09 -57.90
N GLN G 113 -17.67 -56.46 -57.10
CA GLN G 113 -19.05 -56.10 -57.40
C GLN G 113 -19.66 -55.36 -56.21
ZN ZN K . -8.79 -32.70 -27.23
ZN ZN L . 7.89 -29.40 -14.02
PG GNP M . -11.15 -31.35 -64.05
O1G GNP M . -12.33 -31.28 -64.86
O2G GNP M . -9.99 -30.68 -64.95
O3G GNP M . -10.85 -32.89 -63.63
N3B GNP M . -11.35 -30.52 -62.51
PB GNP M . -11.57 -28.82 -62.15
O1B GNP M . -11.29 -28.59 -60.73
O2B GNP M . -10.61 -27.94 -63.09
O3A GNP M . -13.08 -28.39 -62.42
PA GNP M . -13.66 -28.27 -63.90
O1A GNP M . -12.56 -28.27 -64.90
O2A GNP M . -14.76 -29.28 -64.00
O5' GNP M . -14.29 -26.79 -63.84
C5' GNP M . -13.70 -25.65 -64.47
C4' GNP M . -12.60 -25.00 -63.63
O4' GNP M . -12.15 -23.80 -64.29
C3' GNP M . -13.03 -24.63 -62.21
O3' GNP M . -12.42 -25.47 -61.23
C2' GNP M . -12.63 -23.17 -62.04
O2' GNP M . -11.51 -23.00 -61.16
C1' GNP M . -12.34 -22.66 -63.45
N9 GNP M . -13.42 -21.82 -64.06
C8 GNP M . -13.30 -21.31 -65.31
N7 GNP M . -14.38 -20.59 -65.68
C5 GNP M . -15.24 -20.62 -64.65
C6 GNP M . -16.58 -20.06 -64.38
O6 GNP M . -17.19 -19.37 -65.21
N1 GNP M . -17.15 -20.32 -63.21
C2 GNP M . -16.58 -21.05 -62.25
N2 GNP M . -17.26 -21.23 -61.10
N3 GNP M . -15.35 -21.60 -62.43
C4 GNP M . -14.63 -21.43 -63.58
MG MG N . -10.51 -28.19 -64.83
ZN ZN O . 12.01 -24.22 33.39
ZN ZN P . 16.27 -11.35 33.84
ZN ZN Q . 25.20 -33.88 17.89
ZN ZN R . 23.61 21.07 24.36
ZN ZN S . 31.20 27.41 17.90
ZN ZN T . 27.81 -1.33 17.29
#